data_2LRT
#
_entry.id   2LRT
#
_entity_poly.entity_id   1
_entity_poly.type   'polypeptide(L)'
_entity_poly.pdbx_seq_one_letter_code
;MSLEIPEDKIKEASIIDIQLKDLKGNTRSLTDLKGKVVLIDFTVYNNAMSAAHNLALRELYNKYASQGFEIYQISLDGDE
HFWKTSADNLPWVCVRDANGAYSSYISLYNVTNLPSVFLVNRNNELSARGENIKDLDEAIKKLLEGHHHHHH
;
_entity_poly.pdbx_strand_id   A
#
# COMPACT_ATOMS: atom_id res chain seq x y z
N MET A 1 -3.23 13.83 -2.44
CA MET A 1 -3.09 15.21 -2.95
C MET A 1 -4.29 15.57 -3.83
N SER A 2 -4.41 14.88 -4.96
CA SER A 2 -5.50 15.14 -5.90
C SER A 2 -5.50 14.07 -6.98
N LEU A 3 -6.65 13.86 -7.61
CA LEU A 3 -6.76 12.87 -8.66
C LEU A 3 -6.66 13.53 -10.03
N GLU A 4 -5.48 13.46 -10.63
CA GLU A 4 -5.26 13.99 -11.95
C GLU A 4 -4.87 12.85 -12.89
N ILE A 5 -5.13 13.00 -14.17
CA ILE A 5 -4.83 11.96 -15.14
C ILE A 5 -3.62 12.34 -16.00
N PRO A 6 -2.42 11.84 -15.63
CA PRO A 6 -1.21 12.06 -16.42
C PRO A 6 -0.98 10.94 -17.43
N GLU A 7 -0.18 11.23 -18.43
CA GLU A 7 0.11 10.27 -19.49
C GLU A 7 1.40 10.62 -20.21
N ASP A 8 1.93 9.65 -20.94
CA ASP A 8 3.12 9.83 -21.78
C ASP A 8 3.56 8.50 -22.34
N LYS A 9 3.47 7.50 -21.50
CA LYS A 9 3.92 6.15 -21.80
C LYS A 9 3.09 5.15 -21.02
N ILE A 10 3.17 3.87 -21.41
CA ILE A 10 2.49 2.79 -20.71
C ILE A 10 0.98 2.95 -20.77
N LYS A 11 0.45 3.62 -19.78
CA LYS A 11 -0.97 3.91 -19.72
C LYS A 11 -1.19 5.18 -18.90
N GLU A 12 -2.23 5.92 -19.26
CA GLU A 12 -2.60 7.13 -18.53
C GLU A 12 -3.33 6.78 -17.25
N ALA A 13 -3.22 7.65 -16.25
CA ALA A 13 -3.85 7.44 -14.95
C ALA A 13 -3.45 6.08 -14.38
N SER A 14 -2.18 5.74 -14.52
CA SER A 14 -1.68 4.43 -14.12
C SER A 14 -1.54 4.32 -12.61
N ILE A 15 -1.57 5.45 -11.92
CA ILE A 15 -1.47 5.44 -10.46
C ILE A 15 -2.69 6.08 -9.82
N ILE A 16 -3.24 5.40 -8.83
CA ILE A 16 -4.36 5.92 -8.06
C ILE A 16 -3.84 6.56 -6.79
N ASP A 17 -4.15 7.83 -6.58
CA ASP A 17 -3.75 8.52 -5.35
C ASP A 17 -4.82 8.27 -4.30
N ILE A 18 -4.49 7.43 -3.34
CA ILE A 18 -5.45 7.00 -2.34
C ILE A 18 -5.42 7.94 -1.16
N GLN A 19 -6.49 8.70 -1.00
CA GLN A 19 -6.56 9.66 0.09
C GLN A 19 -7.50 9.18 1.18
N LEU A 20 -6.90 8.62 2.22
CA LEU A 20 -7.63 8.19 3.41
C LEU A 20 -6.79 8.56 4.62
N LYS A 21 -7.42 8.82 5.74
CA LYS A 21 -6.69 9.30 6.89
C LYS A 21 -6.21 8.16 7.75
N ASP A 22 -5.16 8.43 8.49
CA ASP A 22 -4.50 7.43 9.30
C ASP A 22 -5.07 7.41 10.71
N LEU A 23 -4.43 6.63 11.58
CA LEU A 23 -4.89 6.43 12.95
C LEU A 23 -5.02 7.74 13.72
N LYS A 24 -4.23 8.73 13.33
CA LYS A 24 -4.19 10.00 14.05
C LYS A 24 -5.11 11.02 13.39
N GLY A 25 -5.55 10.70 12.19
CA GLY A 25 -6.45 11.59 11.48
C GLY A 25 -5.79 12.26 10.30
N ASN A 26 -4.49 12.02 10.13
CA ASN A 26 -3.75 12.62 9.04
C ASN A 26 -4.16 11.97 7.73
N THR A 27 -4.71 12.75 6.82
CA THR A 27 -5.18 12.20 5.58
C THR A 27 -4.00 11.82 4.68
N ARG A 28 -3.76 10.53 4.57
CA ARG A 28 -2.64 10.03 3.81
C ARG A 28 -3.01 9.84 2.36
N SER A 29 -2.09 10.15 1.49
CA SER A 29 -2.26 9.90 0.08
C SER A 29 -0.97 9.29 -0.45
N LEU A 30 -1.05 8.63 -1.59
CA LEU A 30 0.11 7.96 -2.13
C LEU A 30 1.09 8.98 -2.68
N THR A 31 0.57 10.16 -2.98
CA THR A 31 1.39 11.29 -3.35
C THR A 31 2.15 11.86 -2.16
N ASP A 32 1.71 11.48 -0.95
CA ASP A 32 2.34 11.93 0.29
C ASP A 32 3.47 10.98 0.65
N LEU A 33 3.23 9.70 0.44
CA LEU A 33 4.18 8.66 0.78
C LEU A 33 5.18 8.43 -0.36
N LYS A 34 5.24 9.37 -1.29
CA LYS A 34 6.11 9.28 -2.47
C LYS A 34 7.59 9.30 -2.08
N GLY A 35 7.86 9.65 -0.83
CA GLY A 35 9.23 9.69 -0.34
C GLY A 35 9.86 8.31 -0.27
N LYS A 36 9.03 7.28 -0.24
CA LYS A 36 9.49 5.90 -0.21
C LYS A 36 8.79 5.08 -1.27
N VAL A 37 9.14 3.80 -1.37
CA VAL A 37 8.34 2.88 -2.15
C VAL A 37 7.16 2.43 -1.31
N VAL A 38 5.97 2.54 -1.87
CA VAL A 38 4.75 2.37 -1.10
C VAL A 38 4.13 1.00 -1.29
N LEU A 39 3.98 0.27 -0.20
CA LEU A 39 3.26 -0.99 -0.22
C LEU A 39 1.78 -0.75 0.00
N ILE A 40 0.96 -1.06 -0.98
CA ILE A 40 -0.47 -0.83 -0.85
C ILE A 40 -1.14 -2.07 -0.26
N ASP A 41 -1.52 -1.99 1.00
CA ASP A 41 -2.12 -3.13 1.67
C ASP A 41 -3.61 -2.93 1.87
N PHE A 42 -4.39 -3.93 1.49
CA PHE A 42 -5.83 -3.91 1.69
C PHE A 42 -6.25 -5.10 2.54
N THR A 43 -6.48 -4.88 3.82
CA THR A 43 -6.86 -5.96 4.71
C THR A 43 -7.81 -5.47 5.80
N VAL A 44 -8.28 -6.38 6.64
CA VAL A 44 -9.20 -6.04 7.71
C VAL A 44 -8.53 -6.19 9.08
N TYR A 45 -8.45 -5.09 9.80
CA TYR A 45 -7.97 -5.11 11.17
C TYR A 45 -9.04 -5.71 12.06
N ASN A 46 -9.08 -7.01 12.11
CA ASN A 46 -10.20 -7.71 12.71
C ASN A 46 -10.00 -9.21 12.59
N ASN A 47 -9.48 -9.59 11.44
CA ASN A 47 -9.45 -10.96 11.01
C ASN A 47 -8.12 -11.61 11.37
N ALA A 48 -8.18 -12.88 11.76
CA ALA A 48 -7.00 -13.64 12.12
C ALA A 48 -6.01 -13.72 10.95
N MET A 49 -6.53 -13.66 9.73
CA MET A 49 -5.69 -13.72 8.54
C MET A 49 -4.80 -12.49 8.43
N SER A 50 -5.20 -11.40 9.09
CA SER A 50 -4.46 -10.17 9.04
C SER A 50 -3.18 -10.28 9.87
N ALA A 51 -3.23 -11.12 10.90
CA ALA A 51 -2.09 -11.31 11.80
C ALA A 51 -0.91 -11.91 11.05
N ALA A 52 -1.15 -13.02 10.36
CA ALA A 52 -0.10 -13.69 9.60
C ALA A 52 0.32 -12.84 8.41
N HIS A 53 -0.64 -12.17 7.80
CA HIS A 53 -0.37 -11.29 6.67
C HIS A 53 0.51 -10.12 7.09
N ASN A 54 0.27 -9.62 8.30
CA ASN A 54 1.03 -8.51 8.84
C ASN A 54 2.47 -8.90 9.09
N LEU A 55 2.70 -10.17 9.44
CA LEU A 55 4.05 -10.67 9.69
C LEU A 55 4.86 -10.63 8.41
N ALA A 56 4.24 -11.04 7.31
CA ALA A 56 4.90 -10.99 6.00
C ALA A 56 5.28 -9.56 5.65
N LEU A 57 4.42 -8.63 6.04
CA LEU A 57 4.66 -7.20 5.84
C LEU A 57 5.81 -6.75 6.73
N ARG A 58 5.81 -7.26 7.96
CA ARG A 58 6.82 -6.94 8.95
C ARG A 58 8.21 -7.34 8.47
N GLU A 59 8.26 -8.39 7.65
CA GLU A 59 9.52 -8.95 7.21
C GLU A 59 10.06 -8.05 6.15
N LEU A 60 9.19 -7.79 5.20
CA LEU A 60 9.47 -6.92 4.10
C LEU A 60 9.88 -5.53 4.58
N TYR A 61 9.39 -5.14 5.74
CA TYR A 61 9.69 -3.83 6.29
C TYR A 61 11.11 -3.82 6.85
N ASN A 62 11.44 -4.85 7.63
CA ASN A 62 12.77 -4.98 8.20
C ASN A 62 13.82 -5.11 7.10
N LYS A 63 13.37 -5.54 5.93
CA LYS A 63 14.23 -5.73 4.78
C LYS A 63 14.58 -4.41 4.10
N TYR A 64 13.57 -3.69 3.61
CA TYR A 64 13.82 -2.60 2.67
C TYR A 64 13.45 -1.22 3.21
N ALA A 65 12.80 -1.15 4.38
CA ALA A 65 12.35 0.14 4.91
C ALA A 65 13.51 1.09 5.13
N SER A 66 14.64 0.53 5.55
CA SER A 66 15.84 1.31 5.83
C SER A 66 16.39 1.98 4.58
N GLN A 67 16.00 1.48 3.40
CA GLN A 67 16.51 1.99 2.14
C GLN A 67 15.49 2.88 1.46
N GLY A 68 14.35 3.09 2.11
CA GLY A 68 13.32 3.94 1.53
C GLY A 68 12.08 3.15 1.15
N PHE A 69 11.52 2.45 2.11
CA PHE A 69 10.30 1.67 1.90
C PHE A 69 9.29 1.95 3.00
N GLU A 70 8.01 1.99 2.63
CA GLU A 70 6.95 2.25 3.59
C GLU A 70 5.75 1.38 3.26
N ILE A 71 5.01 0.99 4.26
CA ILE A 71 3.80 0.22 4.05
C ILE A 71 2.58 1.09 4.33
N TYR A 72 1.78 1.28 3.30
CA TYR A 72 0.54 2.03 3.43
C TYR A 72 -0.60 1.03 3.56
N GLN A 73 -1.03 0.81 4.79
CA GLN A 73 -2.00 -0.23 5.06
C GLN A 73 -3.39 0.36 5.27
N ILE A 74 -4.33 -0.12 4.48
CA ILE A 74 -5.70 0.35 4.54
C ILE A 74 -6.59 -0.69 5.21
N SER A 75 -7.30 -0.28 6.25
CA SER A 75 -8.25 -1.14 6.92
C SER A 75 -9.61 -1.13 6.23
N LEU A 76 -10.06 -2.31 5.79
CA LEU A 76 -11.34 -2.44 5.11
C LEU A 76 -12.37 -3.08 6.02
N ASP A 77 -11.96 -3.29 7.27
CA ASP A 77 -12.81 -3.94 8.26
C ASP A 77 -14.00 -3.06 8.63
N GLY A 78 -13.71 -1.88 9.17
CA GLY A 78 -14.74 -0.98 9.60
C GLY A 78 -14.83 -0.90 11.11
N ASP A 79 -13.89 -1.57 11.78
CA ASP A 79 -13.89 -1.60 13.23
C ASP A 79 -12.68 -0.86 13.78
N GLU A 80 -12.93 0.34 14.28
CA GLU A 80 -11.87 1.14 14.86
C GLU A 80 -11.35 0.56 16.16
N HIS A 81 -12.07 -0.38 16.72
CA HIS A 81 -11.66 -0.97 17.99
C HIS A 81 -10.37 -1.76 17.82
N PHE A 82 -10.40 -2.77 16.95
CA PHE A 82 -9.23 -3.60 16.73
C PHE A 82 -8.19 -2.85 15.91
N TRP A 83 -8.66 -2.01 14.99
CA TRP A 83 -7.76 -1.17 14.19
C TRP A 83 -6.97 -0.23 15.08
N LYS A 84 -7.66 0.53 15.93
CA LYS A 84 -7.01 1.57 16.73
C LYS A 84 -6.01 0.96 17.71
N THR A 85 -6.39 -0.15 18.33
CA THR A 85 -5.54 -0.78 19.32
C THR A 85 -4.30 -1.40 18.69
N SER A 86 -4.48 -2.05 17.55
CA SER A 86 -3.39 -2.71 16.85
C SER A 86 -2.48 -1.71 16.15
N ALA A 87 -3.09 -0.77 15.42
CA ALA A 87 -2.35 0.19 14.61
C ALA A 87 -1.54 1.16 15.47
N ASP A 88 -2.02 1.40 16.68
CA ASP A 88 -1.35 2.31 17.62
C ASP A 88 0.08 1.86 17.90
N ASN A 89 0.33 0.58 17.78
CA ASN A 89 1.65 0.03 18.04
C ASN A 89 2.32 -0.41 16.74
N LEU A 90 1.76 -0.01 15.61
CA LEU A 90 2.30 -0.41 14.32
C LEU A 90 3.34 0.59 13.82
N PRO A 91 4.37 0.08 13.13
CA PRO A 91 5.47 0.89 12.58
C PRO A 91 5.06 1.76 11.40
N TRP A 92 4.43 1.15 10.40
CA TRP A 92 4.15 1.80 9.13
C TRP A 92 2.81 2.55 9.16
N VAL A 93 2.36 2.99 7.99
CA VAL A 93 1.18 3.83 7.87
C VAL A 93 -0.09 3.00 7.94
N CYS A 94 -0.98 3.37 8.83
CA CYS A 94 -2.21 2.65 9.04
C CYS A 94 -3.42 3.58 8.86
N VAL A 95 -4.15 3.39 7.77
CA VAL A 95 -5.30 4.24 7.49
C VAL A 95 -6.56 3.39 7.36
N ARG A 96 -7.72 4.02 7.25
CA ARG A 96 -8.97 3.28 7.10
C ARG A 96 -9.73 3.74 5.87
N ASP A 97 -10.40 2.79 5.22
CA ASP A 97 -11.24 3.10 4.07
C ASP A 97 -12.59 3.61 4.53
N ALA A 98 -13.37 4.14 3.61
CA ALA A 98 -14.69 4.67 3.91
C ALA A 98 -15.72 3.55 3.99
N ASN A 99 -15.61 2.57 3.10
CA ASN A 99 -16.61 1.50 3.02
C ASN A 99 -15.98 0.13 3.21
N GLY A 100 -14.66 0.07 3.17
CA GLY A 100 -13.96 -1.17 3.42
C GLY A 100 -13.98 -2.09 2.22
N ALA A 101 -14.74 -3.18 2.31
CA ALA A 101 -14.82 -4.15 1.23
C ALA A 101 -15.55 -3.56 0.03
N TYR A 102 -16.37 -2.55 0.29
CA TYR A 102 -17.12 -1.89 -0.77
C TYR A 102 -16.41 -0.60 -1.17
N SER A 103 -15.10 -0.60 -1.02
CA SER A 103 -14.29 0.58 -1.31
C SER A 103 -14.41 0.98 -2.77
N SER A 104 -14.47 2.29 -2.99
CA SER A 104 -14.48 2.83 -4.33
C SER A 104 -13.16 2.49 -5.04
N TYR A 105 -12.09 2.40 -4.26
CA TYR A 105 -10.79 2.05 -4.79
C TYR A 105 -10.81 0.60 -5.28
N ILE A 106 -11.30 -0.29 -4.44
CA ILE A 106 -11.46 -1.70 -4.80
C ILE A 106 -12.26 -1.84 -6.09
N SER A 107 -13.26 -0.99 -6.25
CA SER A 107 -14.07 -0.96 -7.46
C SER A 107 -13.24 -0.45 -8.65
N LEU A 108 -12.40 0.54 -8.40
CA LEU A 108 -11.57 1.13 -9.46
C LEU A 108 -10.49 0.17 -9.93
N TYR A 109 -9.90 -0.60 -9.00
CA TYR A 109 -8.89 -1.58 -9.37
C TYR A 109 -9.51 -2.74 -10.12
N ASN A 110 -10.78 -3.03 -9.81
CA ASN A 110 -11.42 -4.28 -10.21
C ASN A 110 -10.67 -5.42 -9.55
N VAL A 111 -10.39 -5.25 -8.25
CA VAL A 111 -9.70 -6.25 -7.47
C VAL A 111 -10.66 -7.36 -7.05
N THR A 112 -11.83 -6.95 -6.54
CA THR A 112 -12.95 -7.87 -6.29
C THR A 112 -12.73 -8.80 -5.09
N ASN A 113 -11.61 -9.53 -5.08
CA ASN A 113 -11.40 -10.60 -4.10
C ASN A 113 -11.23 -10.04 -2.67
N LEU A 114 -10.04 -9.54 -2.37
CA LEU A 114 -9.70 -9.04 -1.03
C LEU A 114 -9.67 -10.17 0.01
N PRO A 115 -8.73 -10.10 0.98
CA PRO A 115 -7.76 -9.01 1.07
C PRO A 115 -6.72 -9.09 -0.05
N SER A 116 -6.03 -7.99 -0.28
CA SER A 116 -5.07 -7.95 -1.38
C SER A 116 -3.91 -7.03 -1.03
N VAL A 117 -2.95 -6.98 -1.93
CA VAL A 117 -1.82 -6.09 -1.81
C VAL A 117 -1.49 -5.58 -3.20
N PHE A 118 -0.87 -4.43 -3.28
CA PHE A 118 -0.45 -3.86 -4.55
C PHE A 118 0.88 -3.16 -4.35
N LEU A 119 1.64 -2.96 -5.41
CA LEU A 119 2.99 -2.42 -5.27
C LEU A 119 3.10 -1.02 -5.87
N VAL A 120 3.90 -0.18 -5.22
CA VAL A 120 4.23 1.14 -5.74
C VAL A 120 5.70 1.46 -5.45
N ASN A 121 6.42 1.93 -6.46
CA ASN A 121 7.81 2.33 -6.27
C ASN A 121 7.93 3.84 -6.05
N ARG A 122 9.17 4.27 -5.81
CA ARG A 122 9.48 5.63 -5.29
C ARG A 122 8.67 6.75 -5.95
N ASN A 123 8.52 6.70 -7.26
CA ASN A 123 7.91 7.82 -7.98
C ASN A 123 6.40 7.78 -7.84
N ASN A 124 5.93 6.95 -6.91
CA ASN A 124 4.54 6.67 -6.73
C ASN A 124 3.97 6.05 -8.00
N GLU A 125 4.73 5.11 -8.54
CA GLU A 125 4.33 4.38 -9.74
C GLU A 125 3.69 3.06 -9.33
N LEU A 126 2.55 2.74 -9.91
CA LEU A 126 1.90 1.47 -9.64
C LEU A 126 2.69 0.36 -10.31
N SER A 127 3.38 -0.42 -9.49
CA SER A 127 4.25 -1.47 -9.96
C SER A 127 3.45 -2.64 -10.53
N ALA A 128 2.55 -3.17 -9.72
CA ALA A 128 1.75 -4.34 -10.10
C ALA A 128 0.83 -4.73 -8.96
N ARG A 129 -0.04 -5.68 -9.23
CA ARG A 129 -0.93 -6.20 -8.21
C ARG A 129 -0.24 -7.27 -7.39
N GLY A 130 -0.75 -7.53 -6.20
CA GLY A 130 -0.23 -8.60 -5.37
C GLY A 130 -0.40 -9.95 -6.02
N GLU A 131 -1.50 -10.11 -6.75
CA GLU A 131 -1.76 -11.34 -7.48
C GLU A 131 -0.70 -11.56 -8.57
N ASN A 132 -0.10 -10.47 -9.02
CA ASN A 132 0.92 -10.52 -10.05
C ASN A 132 2.30 -10.66 -9.41
N ILE A 133 2.42 -10.17 -8.19
CA ILE A 133 3.69 -10.16 -7.51
C ILE A 133 3.81 -11.32 -6.53
N LYS A 134 4.43 -12.39 -7.00
CA LYS A 134 4.74 -13.54 -6.16
C LYS A 134 6.14 -13.37 -5.60
N ASP A 135 6.68 -12.17 -5.77
CA ASP A 135 8.07 -11.90 -5.47
C ASP A 135 8.25 -10.51 -4.87
N LEU A 136 7.35 -10.10 -3.97
CA LEU A 136 7.40 -8.75 -3.40
C LEU A 136 8.76 -8.42 -2.80
N ASP A 137 9.41 -9.42 -2.22
CA ASP A 137 10.76 -9.25 -1.70
C ASP A 137 11.70 -8.72 -2.79
N GLU A 138 11.80 -9.46 -3.88
CA GLU A 138 12.57 -9.02 -5.04
C GLU A 138 11.95 -7.79 -5.70
N ALA A 139 10.63 -7.70 -5.64
CA ALA A 139 9.92 -6.58 -6.25
C ALA A 139 10.31 -5.26 -5.62
N ILE A 140 10.16 -5.15 -4.31
CA ILE A 140 10.53 -3.94 -3.60
C ILE A 140 12.02 -3.67 -3.76
N LYS A 141 12.79 -4.74 -3.81
CA LYS A 141 14.23 -4.65 -4.05
C LYS A 141 14.52 -3.99 -5.39
N LYS A 142 13.92 -4.51 -6.46
CA LYS A 142 14.16 -3.99 -7.80
C LYS A 142 13.60 -2.57 -7.97
N LEU A 143 12.56 -2.23 -7.21
CA LEU A 143 12.04 -0.87 -7.23
C LEU A 143 13.09 0.10 -6.71
N LEU A 144 13.75 -0.32 -5.65
CA LEU A 144 14.81 0.46 -5.03
C LEU A 144 16.05 0.49 -5.92
N GLU A 145 16.26 -0.61 -6.65
CA GLU A 145 17.41 -0.78 -7.52
C GLU A 145 17.45 0.23 -8.67
N GLY A 146 16.40 1.03 -8.82
CA GLY A 146 16.44 2.11 -9.79
C GLY A 146 17.60 3.06 -9.54
N HIS A 147 18.16 3.00 -8.33
CA HIS A 147 19.28 3.85 -7.95
C HIS A 147 20.53 3.56 -8.78
N HIS A 148 20.69 2.34 -9.27
CA HIS A 148 21.89 2.00 -10.03
C HIS A 148 21.70 2.27 -11.52
N HIS A 149 21.38 3.54 -11.83
CA HIS A 149 21.26 4.03 -13.21
C HIS A 149 20.33 3.16 -14.04
N HIS A 150 19.08 3.04 -13.59
CA HIS A 150 18.10 2.18 -14.25
C HIS A 150 16.75 2.34 -13.56
N HIS A 151 15.84 1.41 -13.82
CA HIS A 151 14.60 1.35 -13.05
C HIS A 151 14.64 0.08 -12.20
N HIS A 152 15.72 -0.69 -12.43
CA HIS A 152 16.07 -1.88 -11.66
C HIS A 152 17.15 -2.62 -12.43
N MET A 1 3.96 2.99 -20.49
CA MET A 1 4.71 2.46 -21.65
C MET A 1 4.78 3.51 -22.75
N SER A 2 3.64 4.01 -23.18
CA SER A 2 3.59 5.01 -24.23
C SER A 2 2.35 5.88 -24.06
N LEU A 3 1.19 5.28 -24.25
CA LEU A 3 -0.08 5.98 -24.08
C LEU A 3 -1.17 4.99 -23.73
N GLU A 4 -1.06 4.42 -22.54
CA GLU A 4 -2.08 3.52 -22.04
C GLU A 4 -3.12 4.30 -21.24
N ILE A 5 -4.37 3.89 -21.36
CA ILE A 5 -5.45 4.58 -20.66
C ILE A 5 -5.82 3.83 -19.38
N PRO A 6 -5.56 4.44 -18.22
CA PRO A 6 -5.87 3.86 -16.91
C PRO A 6 -7.36 3.96 -16.55
N GLU A 7 -7.63 4.43 -15.33
CA GLU A 7 -8.99 4.59 -14.83
C GLU A 7 -9.90 5.31 -15.81
N ASP A 8 -11.12 4.81 -15.98
CA ASP A 8 -12.12 5.54 -16.76
C ASP A 8 -12.77 6.59 -15.88
N LYS A 9 -12.02 7.67 -15.65
CA LYS A 9 -12.43 8.75 -14.78
C LYS A 9 -11.28 9.75 -14.68
N ILE A 10 -11.56 11.02 -14.99
CA ILE A 10 -10.55 12.07 -15.01
C ILE A 10 -9.71 12.09 -13.72
N LYS A 11 -8.48 11.57 -13.84
CA LYS A 11 -7.50 11.46 -12.75
C LYS A 11 -6.56 10.30 -13.07
N GLU A 12 -6.75 9.74 -14.24
CA GLU A 12 -6.04 8.54 -14.67
C GLU A 12 -4.60 8.83 -15.01
N ALA A 13 -4.35 10.06 -15.37
CA ALA A 13 -3.04 10.49 -15.81
C ALA A 13 -2.06 10.62 -14.65
N SER A 14 -2.51 10.30 -13.44
CA SER A 14 -1.65 10.37 -12.28
C SER A 14 -2.00 9.29 -11.26
N ILE A 15 -1.59 8.06 -11.57
CA ILE A 15 -1.68 6.89 -10.69
C ILE A 15 -3.01 6.79 -9.94
N ILE A 16 -3.03 6.02 -8.84
CA ILE A 16 -4.20 5.94 -7.97
C ILE A 16 -3.83 6.37 -6.57
N ASP A 17 -4.22 7.58 -6.19
CA ASP A 17 -3.94 8.09 -4.85
C ASP A 17 -5.20 8.05 -4.01
N ILE A 18 -5.09 7.50 -2.81
CA ILE A 18 -6.20 7.44 -1.89
C ILE A 18 -5.88 8.25 -0.63
N GLN A 19 -6.72 9.24 -0.33
CA GLN A 19 -6.52 10.09 0.83
C GLN A 19 -7.38 9.63 2.00
N LEU A 20 -6.76 8.93 2.95
CA LEU A 20 -7.48 8.48 4.15
C LEU A 20 -6.66 8.81 5.39
N LYS A 21 -7.32 8.94 6.53
CA LYS A 21 -6.62 9.24 7.77
C LYS A 21 -6.16 7.96 8.43
N ASP A 22 -5.07 8.07 9.18
CA ASP A 22 -4.56 6.97 9.96
C ASP A 22 -5.27 6.94 11.30
N LEU A 23 -4.86 6.00 12.15
CA LEU A 23 -5.43 5.82 13.48
C LEU A 23 -5.38 7.11 14.29
N LYS A 24 -4.30 7.84 14.09
CA LYS A 24 -4.06 9.10 14.77
C LYS A 24 -4.87 10.25 14.17
N GLY A 25 -5.33 10.05 12.95
CA GLY A 25 -6.13 11.06 12.29
C GLY A 25 -5.39 11.76 11.18
N ASN A 26 -4.22 11.25 10.84
CA ASN A 26 -3.40 11.83 9.78
C ASN A 26 -3.89 11.37 8.41
N THR A 27 -4.50 12.28 7.66
CA THR A 27 -4.91 11.98 6.30
C THR A 27 -3.69 11.81 5.41
N ARG A 28 -3.45 10.58 4.98
CA ARG A 28 -2.31 10.29 4.13
C ARG A 28 -2.74 10.09 2.71
N SER A 29 -2.08 10.75 1.81
CA SER A 29 -2.22 10.50 0.40
C SER A 29 -1.00 9.73 -0.07
N LEU A 30 -1.11 9.04 -1.18
CA LEU A 30 0.03 8.30 -1.69
C LEU A 30 1.10 9.27 -2.20
N THR A 31 0.66 10.45 -2.60
CA THR A 31 1.58 11.52 -3.01
C THR A 31 2.38 12.06 -1.82
N ASP A 32 1.91 11.75 -0.61
CA ASP A 32 2.61 12.13 0.63
C ASP A 32 3.77 11.18 0.86
N LEU A 33 3.62 10.00 0.29
CA LEU A 33 4.60 8.95 0.39
C LEU A 33 5.46 8.91 -0.86
N LYS A 34 5.26 9.89 -1.74
CA LYS A 34 5.96 9.95 -3.02
C LYS A 34 7.44 10.26 -2.81
N GLY A 35 8.29 9.68 -3.63
CA GLY A 35 9.71 9.81 -3.44
C GLY A 35 10.28 8.58 -2.77
N LYS A 36 9.38 7.86 -2.12
CA LYS A 36 9.69 6.63 -1.43
C LYS A 36 8.78 5.52 -1.97
N VAL A 37 9.21 4.28 -1.85
CA VAL A 37 8.45 3.18 -2.41
C VAL A 37 7.33 2.78 -1.44
N VAL A 38 6.17 2.47 -1.98
CA VAL A 38 4.97 2.31 -1.17
C VAL A 38 4.35 0.93 -1.35
N LEU A 39 4.10 0.27 -0.22
CA LEU A 39 3.37 -0.99 -0.21
C LEU A 39 1.89 -0.69 -0.02
N ILE A 40 1.08 -0.97 -1.03
CA ILE A 40 -0.35 -0.69 -0.94
C ILE A 40 -1.08 -1.93 -0.41
N ASP A 41 -1.51 -1.88 0.83
CA ASP A 41 -2.20 -3.02 1.42
C ASP A 41 -3.67 -2.72 1.63
N PHE A 42 -4.51 -3.71 1.36
CA PHE A 42 -5.94 -3.63 1.63
C PHE A 42 -6.35 -4.81 2.49
N THR A 43 -6.55 -4.59 3.78
CA THR A 43 -6.83 -5.68 4.70
C THR A 43 -7.90 -5.30 5.73
N VAL A 44 -8.45 -6.30 6.39
CA VAL A 44 -9.43 -6.09 7.45
C VAL A 44 -8.79 -6.37 8.81
N TYR A 45 -8.88 -5.42 9.71
CA TYR A 45 -8.28 -5.54 11.02
C TYR A 45 -9.22 -6.22 12.00
N ASN A 46 -9.21 -7.54 11.95
CA ASN A 46 -10.09 -8.39 12.76
C ASN A 46 -9.83 -9.84 12.38
N ASN A 47 -9.87 -10.06 11.08
CA ASN A 47 -9.69 -11.36 10.49
C ASN A 47 -8.24 -11.81 10.63
N ALA A 48 -8.06 -13.06 11.06
CA ALA A 48 -6.74 -13.61 11.40
C ALA A 48 -5.76 -13.51 10.23
N MET A 49 -6.28 -13.45 9.01
CA MET A 49 -5.45 -13.29 7.82
C MET A 49 -4.62 -12.01 7.89
N SER A 50 -5.14 -11.02 8.61
CA SER A 50 -4.47 -9.74 8.74
C SER A 50 -3.28 -9.85 9.69
N ALA A 51 -3.47 -10.58 10.79
CA ALA A 51 -2.45 -10.69 11.84
C ALA A 51 -1.12 -11.20 11.30
N ALA A 52 -1.14 -12.39 10.70
CA ALA A 52 0.07 -12.99 10.15
C ALA A 52 0.59 -12.17 8.98
N HIS A 53 -0.34 -11.54 8.26
CA HIS A 53 0.00 -10.71 7.12
C HIS A 53 0.82 -9.49 7.55
N ASN A 54 0.38 -8.83 8.62
CA ASN A 54 1.05 -7.64 9.12
C ASN A 54 2.41 -7.99 9.72
N LEU A 55 2.57 -9.23 10.16
CA LEU A 55 3.84 -9.69 10.69
C LEU A 55 4.84 -9.87 9.56
N ALA A 56 4.37 -10.50 8.47
CA ALA A 56 5.20 -10.65 7.28
C ALA A 56 5.59 -9.28 6.75
N LEU A 57 4.69 -8.32 6.87
CA LEU A 57 4.95 -6.95 6.49
C LEU A 57 6.02 -6.35 7.41
N ARG A 58 5.93 -6.71 8.68
CA ARG A 58 6.90 -6.26 9.70
C ARG A 58 8.30 -6.72 9.34
N GLU A 59 8.37 -7.84 8.63
CA GLU A 59 9.63 -8.45 8.27
C GLU A 59 10.18 -7.68 7.11
N LEU A 60 9.33 -7.59 6.12
CA LEU A 60 9.61 -6.89 4.90
C LEU A 60 10.02 -5.44 5.16
N TYR A 61 9.51 -4.88 6.25
CA TYR A 61 9.83 -3.51 6.60
C TYR A 61 11.23 -3.43 7.16
N ASN A 62 11.55 -4.31 8.10
CA ASN A 62 12.87 -4.36 8.70
C ASN A 62 13.93 -4.67 7.65
N LYS A 63 13.48 -5.27 6.55
CA LYS A 63 14.35 -5.61 5.45
C LYS A 63 14.64 -4.42 4.54
N TYR A 64 13.59 -3.81 3.99
CA TYR A 64 13.76 -2.83 2.91
C TYR A 64 13.50 -1.39 3.33
N ALA A 65 13.06 -1.16 4.55
CA ALA A 65 12.83 0.21 5.02
C ALA A 65 14.16 0.94 5.22
N SER A 66 14.07 2.22 5.61
CA SER A 66 15.24 3.09 5.79
C SER A 66 15.86 3.47 4.44
N GLN A 67 15.84 2.56 3.48
CA GLN A 67 16.37 2.81 2.13
C GLN A 67 15.36 3.60 1.31
N GLY A 68 14.21 3.90 1.90
CA GLY A 68 13.19 4.64 1.20
C GLY A 68 11.98 3.78 0.90
N PHE A 69 11.51 3.05 1.91
CA PHE A 69 10.35 2.18 1.75
C PHE A 69 9.34 2.43 2.86
N GLU A 70 8.06 2.38 2.48
CA GLU A 70 6.98 2.51 3.44
C GLU A 70 5.89 1.50 3.14
N ILE A 71 5.15 1.13 4.17
CA ILE A 71 3.99 0.29 3.99
C ILE A 71 2.73 1.10 4.31
N TYR A 72 1.82 1.14 3.36
CA TYR A 72 0.61 1.92 3.50
C TYR A 72 -0.59 0.99 3.67
N GLN A 73 -1.03 0.84 4.92
CA GLN A 73 -2.14 -0.03 5.25
C GLN A 73 -3.47 0.67 5.04
N ILE A 74 -4.35 0.05 4.27
CA ILE A 74 -5.72 0.50 4.15
C ILE A 74 -6.65 -0.53 4.79
N SER A 75 -7.24 -0.18 5.91
CA SER A 75 -8.15 -1.07 6.60
C SER A 75 -9.59 -0.84 6.15
N LEU A 76 -10.16 -1.84 5.52
CA LEU A 76 -11.55 -1.77 5.09
C LEU A 76 -12.40 -2.70 5.94
N ASP A 77 -11.98 -2.90 7.17
CA ASP A 77 -12.70 -3.75 8.11
C ASP A 77 -13.96 -3.06 8.59
N GLY A 78 -13.77 -2.13 9.52
CA GLY A 78 -14.89 -1.42 10.11
C GLY A 78 -14.72 -1.23 11.60
N ASP A 79 -14.04 -2.18 12.26
CA ASP A 79 -13.89 -2.12 13.71
C ASP A 79 -12.76 -1.19 14.11
N GLU A 80 -13.03 -0.37 15.13
CA GLU A 80 -12.05 0.56 15.66
C GLU A 80 -11.04 -0.12 16.58
N HIS A 81 -11.55 -0.86 17.57
CA HIS A 81 -10.71 -1.30 18.70
C HIS A 81 -9.64 -2.30 18.27
N PHE A 82 -9.93 -3.07 17.24
CA PHE A 82 -8.99 -4.10 16.79
C PHE A 82 -8.03 -3.50 15.79
N TRP A 83 -8.56 -2.65 14.92
CA TRP A 83 -7.72 -1.87 14.00
C TRP A 83 -6.74 -1.05 14.80
N LYS A 84 -7.24 -0.37 15.81
CA LYS A 84 -6.44 0.52 16.61
C LYS A 84 -5.35 -0.20 17.39
N THR A 85 -5.70 -1.28 18.07
CA THR A 85 -4.72 -2.00 18.87
C THR A 85 -3.62 -2.59 18.01
N SER A 86 -4.01 -3.09 16.83
CA SER A 86 -3.09 -3.75 15.93
C SER A 86 -2.25 -2.73 15.14
N ALA A 87 -2.89 -1.67 14.66
CA ALA A 87 -2.25 -0.76 13.71
C ALA A 87 -1.50 0.36 14.40
N ASP A 88 -2.00 0.79 15.54
CA ASP A 88 -1.41 1.94 16.24
C ASP A 88 -0.09 1.54 16.88
N ASN A 89 0.16 0.24 16.92
CA ASN A 89 1.44 -0.30 17.37
C ASN A 89 2.29 -0.71 16.17
N LEU A 90 1.87 -0.28 14.99
CA LEU A 90 2.61 -0.53 13.77
C LEU A 90 3.51 0.66 13.42
N PRO A 91 4.63 0.37 12.76
CA PRO A 91 5.64 1.38 12.40
C PRO A 91 5.20 2.28 11.23
N TRP A 92 4.60 1.67 10.23
CA TRP A 92 4.27 2.34 8.99
C TRP A 92 2.88 2.98 9.04
N VAL A 93 2.39 3.38 7.87
CA VAL A 93 1.14 4.10 7.80
C VAL A 93 -0.04 3.13 7.84
N CYS A 94 -1.00 3.40 8.71
CA CYS A 94 -2.16 2.54 8.83
C CYS A 94 -3.44 3.37 8.85
N VAL A 95 -4.13 3.39 7.72
CA VAL A 95 -5.32 4.22 7.57
C VAL A 95 -6.56 3.35 7.39
N ARG A 96 -7.73 3.97 7.37
CA ARG A 96 -8.97 3.24 7.26
C ARG A 96 -9.81 3.72 6.08
N ASP A 97 -10.37 2.75 5.35
CA ASP A 97 -11.22 3.03 4.21
C ASP A 97 -12.58 3.57 4.66
N ALA A 98 -13.09 4.56 3.93
CA ALA A 98 -14.31 5.25 4.32
C ALA A 98 -15.55 4.47 3.88
N ASN A 99 -15.42 3.66 2.85
CA ASN A 99 -16.58 2.97 2.29
C ASN A 99 -16.70 1.54 2.82
N GLY A 100 -15.64 1.07 3.46
CA GLY A 100 -15.66 -0.27 4.05
C GLY A 100 -15.85 -1.36 3.00
N ALA A 101 -14.86 -1.51 2.12
CA ALA A 101 -14.87 -2.55 1.08
C ALA A 101 -15.77 -2.19 -0.10
N TYR A 102 -16.65 -1.21 0.12
CA TYR A 102 -17.49 -0.70 -0.96
C TYR A 102 -16.80 0.49 -1.62
N SER A 103 -15.49 0.58 -1.43
CA SER A 103 -14.71 1.66 -1.97
C SER A 103 -14.54 1.49 -3.48
N SER A 104 -14.83 2.55 -4.22
CA SER A 104 -14.78 2.52 -5.67
C SER A 104 -13.36 2.23 -6.18
N TYR A 105 -12.37 2.66 -5.41
CA TYR A 105 -10.98 2.45 -5.77
C TYR A 105 -10.63 0.97 -5.86
N ILE A 106 -11.25 0.17 -5.01
CA ILE A 106 -10.98 -1.27 -4.98
C ILE A 106 -11.29 -1.90 -6.34
N SER A 107 -12.37 -1.44 -6.96
CA SER A 107 -12.75 -1.92 -8.28
C SER A 107 -11.82 -1.32 -9.35
N LEU A 108 -11.30 -0.13 -9.09
CA LEU A 108 -10.43 0.55 -10.04
C LEU A 108 -9.07 -0.14 -10.15
N TYR A 109 -8.68 -0.85 -9.09
CA TYR A 109 -7.43 -1.61 -9.10
C TYR A 109 -7.59 -2.91 -9.89
N ASN A 110 -8.83 -3.27 -10.19
CA ASN A 110 -9.15 -4.57 -10.79
C ASN A 110 -8.69 -5.67 -9.82
N VAL A 111 -9.19 -5.58 -8.60
CA VAL A 111 -8.83 -6.53 -7.55
C VAL A 111 -9.47 -7.89 -7.83
N THR A 112 -8.70 -8.95 -7.69
CA THR A 112 -9.22 -10.29 -7.90
C THR A 112 -9.57 -10.95 -6.56
N ASN A 113 -8.82 -10.60 -5.53
CA ASN A 113 -9.03 -11.20 -4.21
C ASN A 113 -8.56 -10.20 -3.14
N LEU A 114 -9.29 -10.14 -2.03
CA LEU A 114 -8.98 -9.20 -0.96
C LEU A 114 -9.30 -9.88 0.38
N PRO A 115 -8.52 -9.62 1.48
CA PRO A 115 -7.39 -8.68 1.50
C PRO A 115 -6.39 -8.88 0.39
N SER A 116 -5.85 -7.78 -0.09
CA SER A 116 -4.97 -7.78 -1.23
C SER A 116 -3.82 -6.83 -1.00
N VAL A 117 -2.90 -6.82 -1.93
CA VAL A 117 -1.77 -5.94 -1.89
C VAL A 117 -1.46 -5.46 -3.29
N PHE A 118 -0.88 -4.29 -3.40
CA PHE A 118 -0.51 -3.73 -4.69
C PHE A 118 0.86 -3.11 -4.57
N LEU A 119 1.53 -2.88 -5.68
CA LEU A 119 2.90 -2.39 -5.65
C LEU A 119 2.96 -0.96 -6.16
N VAL A 120 3.73 -0.12 -5.48
CA VAL A 120 4.00 1.24 -5.94
C VAL A 120 5.48 1.57 -5.70
N ASN A 121 6.21 1.93 -6.76
CA ASN A 121 7.60 2.32 -6.58
C ASN A 121 7.69 3.81 -6.26
N ARG A 122 8.89 4.28 -6.00
CA ARG A 122 9.11 5.59 -5.38
C ARG A 122 8.64 6.77 -6.23
N ASN A 123 8.30 6.54 -7.48
CA ASN A 123 7.73 7.63 -8.29
C ASN A 123 6.22 7.67 -8.11
N ASN A 124 5.74 6.85 -7.16
CA ASN A 124 4.32 6.72 -6.86
C ASN A 124 3.63 5.91 -7.94
N GLU A 125 4.40 5.09 -8.62
CA GLU A 125 3.91 4.38 -9.80
C GLU A 125 3.35 3.02 -9.40
N LEU A 126 2.05 2.85 -9.61
CA LEU A 126 1.42 1.55 -9.38
C LEU A 126 2.08 0.51 -10.29
N SER A 127 2.84 -0.35 -9.66
CA SER A 127 3.66 -1.32 -10.35
C SER A 127 2.84 -2.54 -10.75
N ALA A 128 2.20 -3.16 -9.77
CA ALA A 128 1.52 -4.42 -10.01
C ALA A 128 0.46 -4.68 -8.96
N ARG A 129 -0.32 -5.72 -9.20
CA ARG A 129 -1.38 -6.13 -8.29
C ARG A 129 -0.92 -7.36 -7.51
N GLY A 130 -1.65 -7.72 -6.46
CA GLY A 130 -1.25 -8.81 -5.58
C GLY A 130 -0.95 -10.12 -6.29
N GLU A 131 -1.84 -10.57 -7.16
CA GLU A 131 -1.66 -11.84 -7.85
C GLU A 131 -0.69 -11.67 -9.02
N ASN A 132 -0.55 -10.44 -9.48
CA ASN A 132 0.43 -10.11 -10.50
C ASN A 132 1.83 -10.18 -9.89
N ILE A 133 1.94 -9.77 -8.64
CA ILE A 133 3.20 -9.80 -7.91
C ILE A 133 3.61 -11.24 -7.61
N LYS A 134 4.85 -11.56 -7.92
CA LYS A 134 5.40 -12.86 -7.58
C LYS A 134 6.43 -12.70 -6.48
N ASP A 135 5.97 -12.91 -5.24
CA ASP A 135 6.77 -12.69 -4.03
C ASP A 135 7.04 -11.21 -3.82
N LEU A 136 6.56 -10.69 -2.70
CA LEU A 136 6.70 -9.27 -2.39
C LEU A 136 8.08 -8.92 -1.93
N ASP A 137 8.80 -9.87 -1.37
CA ASP A 137 10.19 -9.61 -0.97
C ASP A 137 10.98 -9.24 -2.22
N GLU A 138 10.70 -9.96 -3.30
CA GLU A 138 11.24 -9.64 -4.60
C GLU A 138 10.63 -8.38 -5.18
N ALA A 139 9.34 -8.16 -4.92
CA ALA A 139 8.64 -7.01 -5.46
C ALA A 139 9.21 -5.71 -4.89
N ILE A 140 9.25 -5.64 -3.57
CA ILE A 140 9.79 -4.51 -2.85
C ILE A 140 11.26 -4.28 -3.21
N LYS A 141 12.02 -5.36 -3.32
CA LYS A 141 13.40 -5.27 -3.74
C LYS A 141 13.48 -4.61 -5.11
N LYS A 142 12.66 -5.10 -6.04
CA LYS A 142 12.63 -4.59 -7.38
C LYS A 142 12.12 -3.15 -7.44
N LEU A 143 11.42 -2.72 -6.40
CA LEU A 143 11.02 -1.33 -6.29
C LEU A 143 12.24 -0.46 -6.08
N LEU A 144 13.16 -0.95 -5.29
CA LEU A 144 14.42 -0.27 -5.04
C LEU A 144 15.35 -0.42 -6.23
N GLU A 145 15.49 -1.66 -6.71
CA GLU A 145 16.41 -1.98 -7.80
C GLU A 145 15.91 -1.40 -9.12
N GLY A 146 14.61 -1.10 -9.18
CA GLY A 146 14.05 -0.44 -10.33
C GLY A 146 14.45 1.02 -10.39
N HIS A 147 15.75 1.24 -10.38
CA HIS A 147 16.32 2.57 -10.35
C HIS A 147 16.21 3.26 -11.71
N HIS A 148 14.98 3.67 -12.05
CA HIS A 148 14.75 4.48 -13.24
C HIS A 148 14.83 5.96 -12.86
N HIS A 149 15.20 6.19 -11.60
CA HIS A 149 15.48 7.50 -11.03
C HIS A 149 15.85 7.32 -9.56
N HIS A 150 16.77 8.14 -9.07
CA HIS A 150 17.32 7.99 -7.71
C HIS A 150 18.15 6.71 -7.63
N HIS A 151 19.46 6.86 -7.47
CA HIS A 151 20.37 5.72 -7.48
C HIS A 151 20.06 4.75 -6.34
N HIS A 152 20.07 3.48 -6.68
CA HIS A 152 20.13 2.40 -5.72
C HIS A 152 20.96 1.30 -6.33
N MET A 1 6.65 -8.03 -19.68
CA MET A 1 5.59 -7.44 -20.54
C MET A 1 4.42 -6.94 -19.70
N SER A 2 4.62 -6.90 -18.39
CA SER A 2 3.60 -6.42 -17.47
C SER A 2 3.35 -4.92 -17.69
N LEU A 3 2.08 -4.56 -17.80
CA LEU A 3 1.69 -3.18 -18.03
C LEU A 3 0.40 -2.87 -17.30
N GLU A 4 0.40 -1.77 -16.56
CA GLU A 4 -0.80 -1.34 -15.84
C GLU A 4 -1.55 -0.32 -16.70
N ILE A 5 -2.88 -0.43 -16.70
CA ILE A 5 -3.70 0.45 -17.52
C ILE A 5 -4.81 1.07 -16.67
N PRO A 6 -4.60 2.31 -16.21
CA PRO A 6 -5.54 3.01 -15.34
C PRO A 6 -6.61 3.79 -16.11
N GLU A 7 -7.31 4.67 -15.39
CA GLU A 7 -8.38 5.47 -15.95
C GLU A 7 -7.86 6.37 -17.07
N ASP A 8 -6.85 7.16 -16.75
CA ASP A 8 -6.29 8.11 -17.71
C ASP A 8 -5.31 7.39 -18.63
N LYS A 9 -4.78 8.11 -19.61
CA LYS A 9 -3.88 7.53 -20.59
C LYS A 9 -2.58 8.33 -20.64
N ILE A 10 -1.88 8.28 -21.78
CA ILE A 10 -0.54 8.83 -21.91
C ILE A 10 0.44 8.10 -21.01
N LYS A 11 0.38 8.42 -19.75
CA LYS A 11 1.17 7.75 -18.73
C LYS A 11 0.53 7.95 -17.37
N GLU A 12 -0.38 8.88 -17.32
CA GLU A 12 -0.89 9.38 -16.06
C GLU A 12 -1.95 8.49 -15.46
N ALA A 13 -2.43 8.90 -14.28
CA ALA A 13 -3.25 8.03 -13.44
C ALA A 13 -2.46 6.80 -13.04
N SER A 14 -1.12 6.96 -13.03
CA SER A 14 -0.20 5.85 -12.75
C SER A 14 -0.45 5.27 -11.35
N ILE A 15 -1.26 5.98 -10.58
CA ILE A 15 -1.67 5.53 -9.27
C ILE A 15 -2.90 6.31 -8.84
N ILE A 16 -3.79 5.66 -8.13
CA ILE A 16 -4.97 6.32 -7.60
C ILE A 16 -4.63 6.91 -6.24
N ASP A 17 -4.61 8.24 -6.15
CA ASP A 17 -4.24 8.91 -4.92
C ASP A 17 -5.34 8.73 -3.88
N ILE A 18 -5.06 7.93 -2.88
CA ILE A 18 -6.03 7.63 -1.84
C ILE A 18 -5.73 8.45 -0.60
N GLN A 19 -6.63 9.35 -0.25
CA GLN A 19 -6.44 10.21 0.90
C GLN A 19 -7.33 9.77 2.05
N LEU A 20 -6.73 9.07 2.99
CA LEU A 20 -7.44 8.61 4.19
C LEU A 20 -6.62 8.96 5.43
N LYS A 21 -7.26 9.02 6.57
CA LYS A 21 -6.58 9.32 7.80
C LYS A 21 -6.06 8.06 8.47
N ASP A 22 -4.91 8.20 9.11
CA ASP A 22 -4.33 7.13 9.91
C ASP A 22 -5.16 6.88 11.16
N LEU A 23 -4.68 5.97 11.98
CA LEU A 23 -5.23 5.78 13.33
C LEU A 23 -5.03 7.07 14.12
N LYS A 24 -3.98 7.78 13.75
CA LYS A 24 -3.65 9.08 14.33
C LYS A 24 -4.51 10.19 13.76
N GLY A 25 -5.30 9.88 12.75
CA GLY A 25 -6.10 10.88 12.09
C GLY A 25 -5.31 11.67 11.07
N ASN A 26 -4.15 11.13 10.69
CA ASN A 26 -3.30 11.77 9.70
C ASN A 26 -3.83 11.46 8.30
N THR A 27 -4.41 12.43 7.63
CA THR A 27 -4.85 12.21 6.26
C THR A 27 -3.64 12.03 5.36
N ARG A 28 -3.41 10.81 4.92
CA ARG A 28 -2.29 10.49 4.07
C ARG A 28 -2.74 10.38 2.63
N SER A 29 -2.02 11.04 1.76
CA SER A 29 -2.22 10.88 0.34
C SER A 29 -1.11 9.98 -0.20
N LEU A 30 -1.29 9.42 -1.37
CA LEU A 30 -0.26 8.58 -1.95
C LEU A 30 0.79 9.45 -2.60
N THR A 31 0.36 10.61 -3.06
CA THR A 31 1.26 11.61 -3.63
C THR A 31 2.20 12.19 -2.57
N ASP A 32 1.94 11.84 -1.31
CA ASP A 32 2.75 12.29 -0.18
C ASP A 32 3.85 11.28 0.04
N LEU A 33 3.43 10.02 0.00
CA LEU A 33 4.29 8.88 0.20
C LEU A 33 5.29 8.73 -0.96
N LYS A 34 5.04 9.49 -2.03
CA LYS A 34 5.91 9.52 -3.20
C LYS A 34 7.34 9.91 -2.81
N GLY A 35 8.19 8.91 -2.73
CA GLY A 35 9.57 9.11 -2.32
C GLY A 35 10.18 7.79 -1.91
N LYS A 36 9.37 6.99 -1.22
CA LYS A 36 9.73 5.62 -0.90
C LYS A 36 9.01 4.69 -1.87
N VAL A 37 9.33 3.42 -1.79
CA VAL A 37 8.54 2.40 -2.46
C VAL A 37 7.36 2.06 -1.57
N VAL A 38 6.16 2.30 -2.08
CA VAL A 38 4.97 2.28 -1.25
C VAL A 38 4.21 0.98 -1.42
N LEU A 39 3.98 0.30 -0.31
CA LEU A 39 3.20 -0.93 -0.31
C LEU A 39 1.74 -0.63 -0.03
N ILE A 40 0.90 -0.75 -1.03
CA ILE A 40 -0.52 -0.47 -0.86
C ILE A 40 -1.23 -1.71 -0.32
N ASP A 41 -1.60 -1.68 0.94
CA ASP A 41 -2.24 -2.83 1.57
C ASP A 41 -3.75 -2.63 1.68
N PHE A 42 -4.50 -3.62 1.23
CA PHE A 42 -5.96 -3.60 1.34
C PHE A 42 -6.44 -4.79 2.14
N THR A 43 -6.70 -4.60 3.43
CA THR A 43 -7.14 -5.69 4.28
C THR A 43 -8.07 -5.20 5.39
N VAL A 44 -8.77 -6.14 6.02
CA VAL A 44 -9.67 -5.85 7.12
C VAL A 44 -8.99 -6.09 8.46
N TYR A 45 -9.30 -5.27 9.46
CA TYR A 45 -8.82 -5.55 10.79
C TYR A 45 -9.95 -6.06 11.66
N ASN A 46 -10.24 -7.33 11.47
CA ASN A 46 -11.25 -8.07 12.23
C ASN A 46 -10.98 -9.55 12.00
N ASN A 47 -9.78 -9.81 11.51
CA ASN A 47 -9.50 -11.05 10.80
C ASN A 47 -8.09 -11.55 11.09
N ALA A 48 -8.00 -12.83 11.42
CA ALA A 48 -6.74 -13.44 11.82
C ALA A 48 -5.71 -13.45 10.70
N MET A 49 -6.19 -13.54 9.46
CA MET A 49 -5.30 -13.58 8.29
C MET A 49 -4.50 -12.29 8.18
N SER A 50 -5.03 -11.22 8.74
CA SER A 50 -4.37 -9.93 8.71
C SER A 50 -3.20 -9.89 9.69
N ALA A 51 -3.28 -10.69 10.75
CA ALA A 51 -2.21 -10.76 11.73
C ALA A 51 -1.01 -11.50 11.16
N ALA A 52 -1.28 -12.54 10.38
CA ALA A 52 -0.22 -13.25 9.67
C ALA A 52 0.28 -12.39 8.51
N HIS A 53 -0.59 -11.52 8.03
CA HIS A 53 -0.29 -10.65 6.92
C HIS A 53 0.63 -9.50 7.35
N ASN A 54 0.29 -8.84 8.46
CA ASN A 54 1.08 -7.72 8.94
C ASN A 54 2.40 -8.19 9.54
N LEU A 55 2.42 -9.46 9.95
CA LEU A 55 3.64 -10.11 10.40
C LEU A 55 4.69 -10.06 9.29
N ALA A 56 4.33 -10.61 8.15
CA ALA A 56 5.22 -10.63 7.00
C ALA A 56 5.57 -9.22 6.56
N LEU A 57 4.61 -8.31 6.70
CA LEU A 57 4.83 -6.91 6.37
C LEU A 57 5.89 -6.32 7.28
N ARG A 58 5.82 -6.70 8.56
CA ARG A 58 6.76 -6.22 9.56
C ARG A 58 8.17 -6.69 9.24
N GLU A 59 8.24 -7.85 8.62
CA GLU A 59 9.50 -8.49 8.31
C GLU A 59 10.13 -7.76 7.15
N LEU A 60 9.32 -7.69 6.12
CA LEU A 60 9.66 -7.01 4.91
C LEU A 60 10.05 -5.55 5.17
N TYR A 61 9.47 -4.97 6.22
CA TYR A 61 9.77 -3.59 6.55
C TYR A 61 11.12 -3.52 7.25
N ASN A 62 11.33 -4.41 8.21
CA ASN A 62 12.58 -4.45 8.95
C ASN A 62 13.75 -4.76 8.02
N LYS A 63 13.44 -5.36 6.89
CA LYS A 63 14.44 -5.69 5.88
C LYS A 63 14.83 -4.47 5.05
N TYR A 64 13.86 -3.91 4.34
CA TYR A 64 14.15 -2.97 3.27
C TYR A 64 13.79 -1.53 3.61
N ALA A 65 13.24 -1.29 4.80
CA ALA A 65 12.96 0.09 5.21
C ALA A 65 14.25 0.85 5.43
N SER A 66 14.13 2.17 5.61
CA SER A 66 15.27 3.08 5.71
C SER A 66 15.95 3.26 4.35
N GLN A 67 16.05 2.17 3.59
CA GLN A 67 16.61 2.20 2.24
C GLN A 67 15.67 2.93 1.28
N GLY A 68 14.47 3.21 1.75
CA GLY A 68 13.49 3.88 0.95
C GLY A 68 12.26 3.04 0.71
N PHE A 69 11.89 2.24 1.71
CA PHE A 69 10.70 1.41 1.62
C PHE A 69 9.64 1.90 2.61
N GLU A 70 8.38 1.84 2.18
CA GLU A 70 7.28 2.26 3.03
C GLU A 70 6.07 1.36 2.82
N ILE A 71 5.21 1.28 3.82
CA ILE A 71 3.97 0.54 3.70
C ILE A 71 2.78 1.45 3.99
N TYR A 72 1.85 1.50 3.06
CA TYR A 72 0.63 2.27 3.24
C TYR A 72 -0.54 1.31 3.35
N GLN A 73 -0.98 1.08 4.57
CA GLN A 73 -2.03 0.10 4.83
C GLN A 73 -3.39 0.76 4.96
N ILE A 74 -4.36 0.24 4.21
CA ILE A 74 -5.74 0.68 4.31
C ILE A 74 -6.59 -0.40 4.95
N SER A 75 -7.21 -0.08 6.08
CA SER A 75 -8.09 -1.03 6.73
C SER A 75 -9.50 -0.89 6.21
N LEU A 76 -10.06 -1.99 5.75
CA LEU A 76 -11.44 -2.05 5.29
C LEU A 76 -12.27 -2.70 6.38
N ASP A 77 -11.87 -2.45 7.62
CA ASP A 77 -12.38 -3.17 8.78
C ASP A 77 -13.81 -2.75 9.14
N GLY A 78 -14.35 -3.39 10.17
CA GLY A 78 -15.66 -3.05 10.66
C GLY A 78 -15.66 -2.82 12.17
N ASP A 79 -14.51 -2.43 12.70
CA ASP A 79 -14.36 -2.16 14.13
C ASP A 79 -13.11 -1.35 14.39
N GLU A 80 -13.29 -0.09 14.75
CA GLU A 80 -12.17 0.81 14.95
C GLU A 80 -11.23 0.29 16.01
N HIS A 81 -11.79 -0.25 17.09
CA HIS A 81 -11.01 -0.74 18.21
C HIS A 81 -10.01 -1.82 17.77
N PHE A 82 -10.46 -2.81 17.01
CA PHE A 82 -9.62 -3.92 16.63
C PHE A 82 -8.47 -3.43 15.75
N TRP A 83 -8.81 -2.62 14.76
CA TRP A 83 -7.80 -2.00 13.91
C TRP A 83 -6.89 -1.10 14.73
N LYS A 84 -7.50 -0.21 15.50
CA LYS A 84 -6.77 0.76 16.32
C LYS A 84 -5.73 0.07 17.20
N THR A 85 -6.21 -0.82 18.05
CA THR A 85 -5.37 -1.46 19.06
C THR A 85 -4.23 -2.26 18.41
N SER A 86 -4.47 -2.81 17.23
CA SER A 86 -3.45 -3.59 16.54
C SER A 86 -2.50 -2.70 15.73
N ALA A 87 -3.02 -1.58 15.24
CA ALA A 87 -2.28 -0.72 14.33
C ALA A 87 -1.48 0.31 15.10
N ASP A 88 -1.87 0.49 16.35
CA ASP A 88 -1.29 1.49 17.22
C ASP A 88 0.18 1.18 17.53
N ASN A 89 0.63 0.00 17.11
CA ASN A 89 2.02 -0.40 17.28
C ASN A 89 2.69 -0.59 15.91
N LEU A 90 2.07 -0.05 14.87
CA LEU A 90 2.59 -0.19 13.53
C LEU A 90 3.60 0.91 13.21
N PRO A 91 4.67 0.53 12.49
CA PRO A 91 5.75 1.44 12.09
C PRO A 91 5.40 2.29 10.87
N TRP A 92 4.56 1.74 10.00
CA TRP A 92 4.26 2.34 8.71
C TRP A 92 2.90 3.04 8.74
N VAL A 93 2.42 3.43 7.57
CA VAL A 93 1.18 4.16 7.45
C VAL A 93 0.00 3.20 7.59
N CYS A 94 -0.96 3.58 8.40
CA CYS A 94 -2.11 2.73 8.68
C CYS A 94 -3.38 3.55 8.75
N VAL A 95 -4.08 3.60 7.63
CA VAL A 95 -5.26 4.42 7.48
C VAL A 95 -6.50 3.54 7.31
N ARG A 96 -7.67 4.15 7.36
CA ARG A 96 -8.91 3.40 7.23
C ARG A 96 -9.79 3.98 6.13
N ASP A 97 -10.40 3.09 5.34
CA ASP A 97 -11.28 3.50 4.25
C ASP A 97 -12.66 3.84 4.80
N ALA A 98 -13.42 4.64 4.05
CA ALA A 98 -14.72 5.12 4.50
C ALA A 98 -15.82 4.09 4.28
N ASN A 99 -15.62 3.17 3.34
CA ASN A 99 -16.64 2.16 3.03
C ASN A 99 -16.10 0.74 3.20
N GLY A 100 -14.79 0.63 3.35
CA GLY A 100 -14.18 -0.67 3.53
C GLY A 100 -14.21 -1.49 2.26
N ALA A 101 -14.84 -2.66 2.33
CA ALA A 101 -14.94 -3.54 1.18
C ALA A 101 -15.89 -2.96 0.12
N TYR A 102 -16.68 -1.98 0.53
CA TYR A 102 -17.64 -1.35 -0.36
C TYR A 102 -17.06 -0.08 -0.96
N SER A 103 -15.74 0.09 -0.81
CA SER A 103 -15.07 1.26 -1.32
C SER A 103 -15.09 1.29 -2.84
N SER A 104 -15.25 2.47 -3.41
CA SER A 104 -15.24 2.64 -4.85
C SER A 104 -13.84 2.42 -5.39
N TYR A 105 -12.84 2.61 -4.54
CA TYR A 105 -11.45 2.41 -4.92
C TYR A 105 -11.21 0.98 -5.36
N ILE A 106 -11.70 0.04 -4.58
CA ILE A 106 -11.49 -1.39 -4.83
C ILE A 106 -12.02 -1.78 -6.21
N SER A 107 -13.14 -1.18 -6.61
CA SER A 107 -13.74 -1.46 -7.91
C SER A 107 -12.88 -0.95 -9.06
N LEU A 108 -12.10 0.09 -8.80
CA LEU A 108 -11.23 0.67 -9.82
C LEU A 108 -10.09 -0.29 -10.16
N TYR A 109 -9.72 -1.13 -9.20
CA TYR A 109 -8.64 -2.09 -9.42
C TYR A 109 -9.18 -3.37 -10.04
N ASN A 110 -10.50 -3.39 -10.30
CA ASN A 110 -11.22 -4.57 -10.84
C ASN A 110 -10.85 -5.83 -10.06
N VAL A 111 -10.52 -5.63 -8.80
CA VAL A 111 -9.99 -6.67 -7.92
C VAL A 111 -10.72 -8.01 -8.06
N THR A 112 -9.95 -9.08 -8.13
CA THR A 112 -10.51 -10.42 -8.20
C THR A 112 -10.75 -11.00 -6.81
N ASN A 113 -9.93 -10.59 -5.84
CA ASN A 113 -10.05 -11.13 -4.48
C ASN A 113 -9.35 -10.24 -3.46
N LEU A 114 -9.89 -10.18 -2.25
CA LEU A 114 -9.26 -9.47 -1.15
C LEU A 114 -9.24 -10.36 0.09
N PRO A 115 -8.37 -10.07 1.10
CA PRO A 115 -7.44 -8.93 1.07
C PRO A 115 -6.30 -9.10 0.08
N SER A 116 -5.73 -8.00 -0.36
CA SER A 116 -4.67 -8.00 -1.35
C SER A 116 -3.68 -6.88 -1.10
N VAL A 117 -2.60 -6.89 -1.87
CA VAL A 117 -1.58 -5.87 -1.78
C VAL A 117 -1.30 -5.33 -3.18
N PHE A 118 -0.70 -4.16 -3.26
CA PHE A 118 -0.27 -3.61 -4.53
C PHE A 118 1.12 -3.00 -4.36
N LEU A 119 1.84 -2.86 -5.45
CA LEU A 119 3.22 -2.38 -5.39
C LEU A 119 3.30 -0.98 -6.00
N VAL A 120 4.07 -0.10 -5.39
CA VAL A 120 4.26 1.25 -5.92
C VAL A 120 5.73 1.65 -5.86
N ASN A 121 6.30 1.96 -7.01
CA ASN A 121 7.69 2.40 -7.06
C ASN A 121 7.81 3.84 -6.59
N ARG A 122 9.05 4.26 -6.28
CA ARG A 122 9.33 5.53 -5.60
C ARG A 122 8.68 6.73 -6.29
N ASN A 123 8.30 6.58 -7.55
CA ASN A 123 7.76 7.68 -8.34
C ASN A 123 6.27 7.81 -8.08
N ASN A 124 5.78 7.02 -7.12
CA ASN A 124 4.37 6.91 -6.83
C ASN A 124 3.65 6.33 -8.04
N GLU A 125 4.16 5.21 -8.52
CA GLU A 125 3.55 4.56 -9.67
C GLU A 125 3.25 3.09 -9.37
N LEU A 126 2.14 2.60 -9.90
CA LEU A 126 1.71 1.22 -9.67
C LEU A 126 2.68 0.26 -10.36
N SER A 127 3.45 -0.44 -9.55
CA SER A 127 4.43 -1.40 -10.03
C SER A 127 3.77 -2.69 -10.49
N ALA A 128 2.98 -3.28 -9.60
CA ALA A 128 2.32 -4.54 -9.88
C ALA A 128 1.18 -4.76 -8.90
N ARG A 129 0.19 -5.53 -9.31
CA ARG A 129 -0.95 -5.83 -8.47
C ARG A 129 -0.68 -7.07 -7.65
N GLY A 130 -1.37 -7.22 -6.52
CA GLY A 130 -1.26 -8.42 -5.72
C GLY A 130 -1.66 -9.66 -6.50
N GLU A 131 -2.50 -9.45 -7.50
CA GLU A 131 -2.94 -10.51 -8.41
C GLU A 131 -1.80 -10.93 -9.33
N ASN A 132 -0.74 -10.14 -9.34
CA ASN A 132 0.40 -10.36 -10.21
C ASN A 132 1.66 -10.67 -9.41
N ILE A 133 1.80 -10.00 -8.27
CA ILE A 133 2.95 -10.20 -7.40
C ILE A 133 2.90 -11.59 -6.77
N LYS A 134 4.07 -12.18 -6.57
CA LYS A 134 4.17 -13.51 -5.99
C LYS A 134 5.15 -13.48 -4.82
N ASP A 135 6.25 -12.79 -5.04
CA ASP A 135 7.21 -12.54 -3.99
C ASP A 135 7.57 -11.06 -3.96
N LEU A 136 7.16 -10.39 -2.91
CA LEU A 136 7.41 -8.96 -2.78
C LEU A 136 8.84 -8.66 -2.36
N ASP A 137 9.43 -9.58 -1.61
CA ASP A 137 10.81 -9.44 -1.14
C ASP A 137 11.73 -9.04 -2.29
N GLU A 138 11.75 -9.88 -3.33
CA GLU A 138 12.51 -9.60 -4.52
C GLU A 138 12.06 -8.30 -5.19
N ALA A 139 10.76 -8.08 -5.24
CA ALA A 139 10.22 -6.91 -5.93
C ALA A 139 10.71 -5.62 -5.29
N ILE A 140 10.72 -5.57 -3.97
CA ILE A 140 11.24 -4.43 -3.24
C ILE A 140 12.68 -4.16 -3.61
N LYS A 141 13.50 -5.22 -3.69
CA LYS A 141 14.87 -5.12 -4.09
C LYS A 141 15.00 -4.37 -5.41
N LYS A 142 14.30 -4.86 -6.41
CA LYS A 142 14.41 -4.34 -7.76
C LYS A 142 13.73 -2.98 -7.92
N LEU A 143 12.85 -2.61 -7.00
CA LEU A 143 12.26 -1.28 -7.00
C LEU A 143 13.16 -0.28 -6.30
N LEU A 144 13.78 -0.70 -5.20
CA LEU A 144 14.75 0.13 -4.49
C LEU A 144 15.88 0.55 -5.42
N GLU A 145 16.44 -0.42 -6.12
CA GLU A 145 17.49 -0.16 -7.10
C GLU A 145 16.91 0.51 -8.34
N GLY A 146 15.92 -0.13 -8.93
CA GLY A 146 15.29 0.41 -10.11
C GLY A 146 16.03 0.06 -11.38
N HIS A 147 15.31 -0.49 -12.36
CA HIS A 147 15.89 -0.81 -13.66
C HIS A 147 16.04 0.48 -14.47
N HIS A 148 16.94 1.34 -14.02
CA HIS A 148 17.16 2.62 -14.67
C HIS A 148 18.55 2.66 -15.30
N HIS A 149 19.57 2.40 -14.49
CA HIS A 149 20.96 2.35 -14.94
C HIS A 149 21.88 1.92 -13.80
N HIS A 150 23.14 1.68 -14.12
CA HIS A 150 24.13 1.26 -13.13
C HIS A 150 24.42 2.39 -12.15
N HIS A 151 23.80 2.32 -10.98
CA HIS A 151 24.06 3.26 -9.89
C HIS A 151 24.73 2.50 -8.76
N HIS A 152 24.91 1.21 -9.00
CA HIS A 152 25.42 0.29 -8.01
C HIS A 152 25.85 -0.99 -8.74
N MET A 1 3.70 15.41 0.50
CA MET A 1 4.99 15.70 -0.17
C MET A 1 4.74 16.50 -1.45
N SER A 2 4.34 15.83 -2.51
CA SER A 2 4.14 16.47 -3.79
C SER A 2 2.76 16.12 -4.37
N LEU A 3 1.88 17.10 -4.40
CA LEU A 3 0.56 16.91 -4.98
C LEU A 3 0.64 17.15 -6.48
N GLU A 4 0.60 16.06 -7.25
CA GLU A 4 0.78 16.13 -8.68
C GLU A 4 -0.55 16.42 -9.38
N ILE A 5 -0.48 17.22 -10.45
CA ILE A 5 -1.67 17.56 -11.20
C ILE A 5 -1.45 17.30 -12.69
N PRO A 6 -1.88 16.12 -13.18
CA PRO A 6 -1.75 15.73 -14.58
C PRO A 6 -2.77 16.43 -15.48
N GLU A 7 -2.92 15.91 -16.69
CA GLU A 7 -3.79 16.54 -17.68
C GLU A 7 -5.16 15.87 -17.75
N ASP A 8 -5.93 16.25 -18.76
CA ASP A 8 -7.22 15.65 -19.07
C ASP A 8 -7.04 14.48 -20.04
N LYS A 9 -5.80 14.10 -20.24
CA LYS A 9 -5.44 13.05 -21.19
C LYS A 9 -5.40 11.70 -20.50
N ILE A 10 -4.91 10.69 -21.21
CA ILE A 10 -4.81 9.33 -20.67
C ILE A 10 -4.06 9.32 -19.35
N LYS A 11 -4.59 8.61 -18.36
CA LYS A 11 -4.11 8.63 -17.01
C LYS A 11 -4.25 10.02 -16.42
N GLU A 12 -5.48 10.38 -16.14
CA GLU A 12 -5.82 11.71 -15.63
C GLU A 12 -5.23 11.95 -14.26
N ALA A 13 -4.77 10.88 -13.66
CA ALA A 13 -4.11 10.91 -12.36
C ALA A 13 -2.78 10.19 -12.42
N SER A 14 -2.47 9.62 -13.58
CA SER A 14 -1.25 8.83 -13.81
C SER A 14 -1.28 7.50 -13.05
N ILE A 15 -1.51 7.59 -11.74
CA ILE A 15 -1.61 6.44 -10.87
C ILE A 15 -2.85 6.59 -10.00
N ILE A 16 -2.95 5.80 -8.94
CA ILE A 16 -4.01 5.95 -7.97
C ILE A 16 -3.45 6.53 -6.67
N ASP A 17 -3.87 7.75 -6.34
CA ASP A 17 -3.45 8.39 -5.10
C ASP A 17 -4.55 8.23 -4.07
N ILE A 18 -4.30 7.38 -3.09
CA ILE A 18 -5.29 7.08 -2.08
C ILE A 18 -5.08 7.99 -0.88
N GLN A 19 -6.10 8.76 -0.54
CA GLN A 19 -6.00 9.71 0.55
C GLN A 19 -7.01 9.38 1.65
N LEU A 20 -6.55 8.74 2.71
CA LEU A 20 -7.39 8.40 3.85
C LEU A 20 -6.65 8.74 5.13
N LYS A 21 -7.39 9.00 6.20
CA LYS A 21 -6.77 9.41 7.45
C LYS A 21 -6.21 8.20 8.19
N ASP A 22 -5.07 8.41 8.81
CA ASP A 22 -4.36 7.36 9.53
C ASP A 22 -4.83 7.29 10.98
N LEU A 23 -4.10 6.52 11.77
CA LEU A 23 -4.36 6.38 13.20
C LEU A 23 -4.45 7.73 13.90
N LYS A 24 -3.59 8.66 13.48
CA LYS A 24 -3.53 9.98 14.09
C LYS A 24 -4.76 10.80 13.74
N GLY A 25 -5.35 10.51 12.59
CA GLY A 25 -6.48 11.28 12.12
C GLY A 25 -6.08 12.25 11.03
N ASN A 26 -4.92 11.98 10.41
CA ASN A 26 -4.43 12.80 9.33
C ASN A 26 -4.54 12.05 8.02
N THR A 27 -5.16 12.68 7.04
CA THR A 27 -5.30 12.07 5.72
C THR A 27 -3.93 11.85 5.08
N ARG A 28 -3.57 10.58 4.96
CA ARG A 28 -2.34 10.19 4.28
C ARG A 28 -2.63 10.05 2.79
N SER A 29 -1.75 10.59 1.98
CA SER A 29 -1.86 10.40 0.55
C SER A 29 -0.63 9.67 0.04
N LEU A 30 -0.76 9.00 -1.08
CA LEU A 30 0.36 8.29 -1.66
C LEU A 30 1.33 9.29 -2.26
N THR A 31 0.80 10.46 -2.58
CA THR A 31 1.60 11.58 -3.06
C THR A 31 2.46 12.19 -1.96
N ASP A 32 2.35 11.64 -0.74
CA ASP A 32 3.15 12.13 0.37
C ASP A 32 4.37 11.24 0.59
N LEU A 33 4.16 9.93 0.60
CA LEU A 33 5.27 9.00 0.69
C LEU A 33 5.73 8.60 -0.71
N LYS A 34 5.44 9.51 -1.65
CA LYS A 34 5.76 9.36 -3.07
C LYS A 34 7.24 9.11 -3.32
N GLY A 35 8.08 9.85 -2.61
CA GLY A 35 9.51 9.76 -2.81
C GLY A 35 10.13 8.49 -2.23
N LYS A 36 9.29 7.62 -1.70
CA LYS A 36 9.74 6.33 -1.20
C LYS A 36 8.96 5.23 -1.87
N VAL A 37 9.42 4.00 -1.68
CA VAL A 37 8.73 2.85 -2.21
C VAL A 37 7.46 2.61 -1.40
N VAL A 38 6.33 2.56 -2.07
CA VAL A 38 5.05 2.57 -1.39
C VAL A 38 4.38 1.21 -1.48
N LEU A 39 4.04 0.66 -0.33
CA LEU A 39 3.23 -0.53 -0.28
C LEU A 39 1.79 -0.13 -0.03
N ILE A 40 0.86 -0.69 -0.78
CA ILE A 40 -0.55 -0.43 -0.53
C ILE A 40 -1.27 -1.70 -0.15
N ASP A 41 -1.62 -1.81 1.12
CA ASP A 41 -2.30 -2.98 1.64
C ASP A 41 -3.79 -2.74 1.73
N PHE A 42 -4.56 -3.70 1.26
CA PHE A 42 -6.00 -3.68 1.41
C PHE A 42 -6.43 -4.87 2.23
N THR A 43 -6.63 -4.63 3.52
CA THR A 43 -6.95 -5.69 4.45
C THR A 43 -7.94 -5.22 5.49
N VAL A 44 -8.32 -6.10 6.40
CA VAL A 44 -9.28 -5.78 7.44
C VAL A 44 -8.71 -6.11 8.80
N TYR A 45 -8.69 -5.12 9.68
CA TYR A 45 -8.22 -5.32 11.03
C TYR A 45 -9.26 -6.07 11.84
N ASN A 46 -9.29 -7.37 11.62
CA ASN A 46 -10.12 -8.31 12.39
C ASN A 46 -10.01 -9.69 11.74
N ASN A 47 -9.83 -9.68 10.44
CA ASN A 47 -9.71 -10.89 9.64
C ASN A 47 -8.45 -11.66 10.01
N ALA A 48 -8.62 -12.96 10.20
CA ALA A 48 -7.52 -13.83 10.57
C ALA A 48 -6.39 -13.80 9.54
N MET A 49 -6.76 -13.59 8.28
CA MET A 49 -5.79 -13.57 7.19
C MET A 49 -4.85 -12.36 7.30
N SER A 50 -5.30 -11.32 8.00
CA SER A 50 -4.50 -10.12 8.12
C SER A 50 -3.29 -10.38 9.03
N ALA A 51 -3.40 -11.37 9.89
CA ALA A 51 -2.32 -11.73 10.80
C ALA A 51 -1.10 -12.20 10.02
N ALA A 52 -1.30 -13.23 9.20
CA ALA A 52 -0.23 -13.78 8.38
C ALA A 52 0.28 -12.75 7.38
N HIS A 53 -0.65 -11.99 6.81
CA HIS A 53 -0.31 -10.97 5.83
C HIS A 53 0.58 -9.89 6.45
N ASN A 54 0.22 -9.44 7.64
CA ASN A 54 0.94 -8.35 8.30
C ASN A 54 2.28 -8.84 8.87
N LEU A 55 2.40 -10.14 9.10
CA LEU A 55 3.65 -10.69 9.57
C LEU A 55 4.69 -10.61 8.46
N ALA A 56 4.28 -10.94 7.24
CA ALA A 56 5.13 -10.78 6.08
C ALA A 56 5.53 -9.33 5.93
N LEU A 57 4.58 -8.43 6.20
CA LEU A 57 4.83 -7.00 6.14
C LEU A 57 5.88 -6.62 7.18
N ARG A 58 5.76 -7.20 8.37
CA ARG A 58 6.73 -7.00 9.44
C ARG A 58 8.14 -7.34 8.97
N GLU A 59 8.22 -8.36 8.12
CA GLU A 59 9.51 -8.87 7.69
C GLU A 59 10.04 -7.97 6.62
N LEU A 60 9.17 -7.73 5.67
CA LEU A 60 9.44 -6.87 4.55
C LEU A 60 9.86 -5.48 5.01
N TYR A 61 9.35 -5.05 6.16
CA TYR A 61 9.65 -3.73 6.69
C TYR A 61 11.07 -3.71 7.20
N ASN A 62 11.41 -4.71 7.99
CA ASN A 62 12.74 -4.83 8.58
C ASN A 62 13.79 -4.99 7.50
N LYS A 63 13.34 -5.44 6.33
CA LYS A 63 14.22 -5.69 5.21
C LYS A 63 14.55 -4.41 4.44
N TYR A 64 13.52 -3.77 3.88
CA TYR A 64 13.75 -2.76 2.85
C TYR A 64 13.37 -1.34 3.28
N ALA A 65 12.77 -1.18 4.46
CA ALA A 65 12.32 0.16 4.90
C ALA A 65 13.49 1.14 5.01
N SER A 66 14.65 0.62 5.41
CA SER A 66 15.84 1.44 5.62
C SER A 66 16.31 2.09 4.32
N GLN A 67 15.93 1.52 3.18
CA GLN A 67 16.37 2.00 1.88
C GLN A 67 15.32 2.90 1.23
N GLY A 68 14.39 3.40 2.03
CA GLY A 68 13.39 4.31 1.50
C GLY A 68 12.12 3.59 1.10
N PHE A 69 11.56 2.83 2.04
CA PHE A 69 10.34 2.08 1.79
C PHE A 69 9.35 2.30 2.91
N GLU A 70 8.14 2.71 2.55
CA GLU A 70 7.09 2.96 3.53
C GLU A 70 5.86 2.14 3.17
N ILE A 71 5.05 1.84 4.17
CA ILE A 71 3.91 0.96 3.98
C ILE A 71 2.63 1.71 4.30
N TYR A 72 1.71 1.69 3.36
CA TYR A 72 0.43 2.35 3.51
C TYR A 72 -0.67 1.28 3.57
N GLN A 73 -1.12 0.98 4.78
CA GLN A 73 -2.10 -0.08 4.98
C GLN A 73 -3.49 0.49 5.21
N ILE A 74 -4.44 0.01 4.42
CA ILE A 74 -5.83 0.44 4.53
C ILE A 74 -6.66 -0.65 5.21
N SER A 75 -7.40 -0.25 6.24
CA SER A 75 -8.27 -1.16 6.95
C SER A 75 -9.70 -1.10 6.41
N LEU A 76 -10.28 -2.26 6.15
CA LEU A 76 -11.64 -2.33 5.61
C LEU A 76 -12.55 -3.03 6.60
N ASP A 77 -12.26 -2.82 7.88
CA ASP A 77 -12.97 -3.50 8.97
C ASP A 77 -14.25 -2.77 9.35
N GLY A 78 -14.79 -3.14 10.49
CA GLY A 78 -15.97 -2.49 11.01
C GLY A 78 -15.85 -2.19 12.50
N ASP A 79 -14.62 -1.96 12.96
CA ASP A 79 -14.37 -1.69 14.36
C ASP A 79 -13.14 -0.81 14.53
N GLU A 80 -13.36 0.48 14.78
CA GLU A 80 -12.28 1.44 14.91
C GLU A 80 -11.43 1.14 16.14
N HIS A 81 -12.07 0.59 17.16
CA HIS A 81 -11.40 0.25 18.41
C HIS A 81 -10.26 -0.77 18.19
N PHE A 82 -10.53 -1.81 17.41
CA PHE A 82 -9.54 -2.85 17.17
C PHE A 82 -8.43 -2.34 16.26
N TRP A 83 -8.82 -1.60 15.23
CA TRP A 83 -7.84 -0.98 14.33
C TRP A 83 -6.94 -0.02 15.09
N LYS A 84 -7.54 0.85 15.89
CA LYS A 84 -6.81 1.88 16.60
C LYS A 84 -5.80 1.29 17.58
N THR A 85 -6.20 0.25 18.29
CA THR A 85 -5.33 -0.37 19.28
C THR A 85 -4.18 -1.13 18.63
N SER A 86 -4.49 -1.81 17.53
CA SER A 86 -3.48 -2.55 16.79
C SER A 86 -2.50 -1.61 16.09
N ALA A 87 -3.05 -0.58 15.43
CA ALA A 87 -2.25 0.36 14.67
C ALA A 87 -1.36 1.20 15.57
N ASP A 88 -1.76 1.38 16.82
CA ASP A 88 -1.00 2.17 17.78
C ASP A 88 0.38 1.59 18.02
N ASN A 89 0.48 0.27 17.93
CA ASN A 89 1.75 -0.42 18.14
C ASN A 89 2.37 -0.84 16.80
N LEU A 90 1.78 -0.39 15.70
CA LEU A 90 2.28 -0.73 14.38
C LEU A 90 3.20 0.35 13.84
N PRO A 91 4.28 -0.07 13.17
CA PRO A 91 5.36 0.82 12.68
C PRO A 91 4.95 1.68 11.48
N TRP A 92 4.36 1.05 10.47
CA TRP A 92 4.05 1.71 9.21
C TRP A 92 2.75 2.51 9.29
N VAL A 93 2.31 3.02 8.15
CA VAL A 93 1.16 3.91 8.09
C VAL A 93 -0.12 3.11 8.02
N CYS A 94 -0.95 3.25 9.03
CA CYS A 94 -2.18 2.52 9.12
C CYS A 94 -3.37 3.47 9.00
N VAL A 95 -4.05 3.41 7.87
CA VAL A 95 -5.21 4.27 7.62
C VAL A 95 -6.46 3.43 7.52
N ARG A 96 -7.61 4.09 7.45
CA ARG A 96 -8.88 3.36 7.42
C ARG A 96 -9.78 3.92 6.33
N ASP A 97 -10.48 3.02 5.64
CA ASP A 97 -11.42 3.42 4.60
C ASP A 97 -12.82 3.55 5.19
N ALA A 98 -13.62 4.43 4.60
CA ALA A 98 -14.95 4.71 5.11
C ALA A 98 -15.98 3.67 4.67
N ASN A 99 -15.66 2.92 3.62
CA ASN A 99 -16.60 1.96 3.05
C ASN A 99 -16.09 0.54 3.20
N GLY A 100 -14.82 0.40 3.57
CA GLY A 100 -14.23 -0.90 3.73
C GLY A 100 -14.13 -1.66 2.42
N ALA A 101 -14.77 -2.82 2.36
CA ALA A 101 -14.73 -3.65 1.16
C ALA A 101 -15.57 -3.05 0.04
N TYR A 102 -16.28 -1.98 0.35
CA TYR A 102 -17.09 -1.29 -0.65
C TYR A 102 -16.37 -0.04 -1.14
N SER A 103 -15.07 0.04 -0.86
CA SER A 103 -14.27 1.17 -1.29
C SER A 103 -14.23 1.24 -2.81
N SER A 104 -14.46 2.43 -3.35
CA SER A 104 -14.49 2.64 -4.79
C SER A 104 -13.17 2.25 -5.43
N TYR A 105 -12.07 2.37 -4.67
CA TYR A 105 -10.75 2.02 -5.17
C TYR A 105 -10.69 0.54 -5.55
N ILE A 106 -11.23 -0.31 -4.68
CA ILE A 106 -11.20 -1.75 -4.90
C ILE A 106 -11.87 -2.12 -6.22
N SER A 107 -12.92 -1.39 -6.54
CA SER A 107 -13.64 -1.59 -7.80
C SER A 107 -12.80 -1.07 -8.97
N LEU A 108 -12.14 0.08 -8.77
CA LEU A 108 -11.34 0.71 -9.81
C LEU A 108 -10.14 -0.17 -10.21
N TYR A 109 -9.62 -0.93 -9.25
CA TYR A 109 -8.52 -1.85 -9.54
C TYR A 109 -9.00 -3.01 -10.39
N ASN A 110 -10.28 -3.35 -10.27
CA ASN A 110 -10.79 -4.61 -10.76
C ASN A 110 -10.00 -5.72 -10.05
N VAL A 111 -10.14 -5.74 -8.74
CA VAL A 111 -9.42 -6.65 -7.87
C VAL A 111 -9.92 -8.08 -8.06
N THR A 112 -9.06 -9.05 -7.80
CA THR A 112 -9.43 -10.44 -7.93
C THR A 112 -9.91 -11.01 -6.60
N ASN A 113 -9.31 -10.53 -5.52
CA ASN A 113 -9.65 -11.02 -4.18
C ASN A 113 -9.11 -10.09 -3.10
N LEU A 114 -9.46 -10.38 -1.85
CA LEU A 114 -9.06 -9.56 -0.72
C LEU A 114 -9.17 -10.40 0.55
N PRO A 115 -8.36 -10.13 1.61
CA PRO A 115 -7.36 -9.05 1.64
C PRO A 115 -6.26 -9.22 0.61
N SER A 116 -5.88 -8.11 0.01
CA SER A 116 -4.88 -8.10 -1.02
C SER A 116 -3.84 -7.02 -0.76
N VAL A 117 -2.85 -6.97 -1.63
CA VAL A 117 -1.81 -5.97 -1.58
C VAL A 117 -1.55 -5.50 -2.99
N PHE A 118 -0.96 -4.32 -3.12
CA PHE A 118 -0.58 -3.82 -4.43
C PHE A 118 0.79 -3.19 -4.33
N LEU A 119 1.45 -2.98 -5.47
CA LEU A 119 2.82 -2.49 -5.47
C LEU A 119 2.88 -1.07 -6.01
N VAL A 120 3.63 -0.20 -5.33
CA VAL A 120 3.89 1.14 -5.84
C VAL A 120 5.38 1.44 -5.75
N ASN A 121 5.99 1.66 -6.91
CA ASN A 121 7.40 2.00 -6.99
C ASN A 121 7.63 3.43 -6.45
N ARG A 122 8.88 3.74 -6.10
CA ARG A 122 9.21 4.98 -5.39
C ARG A 122 9.14 6.24 -6.26
N ASN A 123 8.28 6.21 -7.25
CA ASN A 123 7.96 7.41 -8.01
C ASN A 123 6.48 7.65 -7.89
N ASN A 124 5.84 6.81 -7.10
CA ASN A 124 4.39 6.70 -7.06
C ASN A 124 3.92 6.11 -8.36
N GLU A 125 4.33 4.87 -8.61
CA GLU A 125 3.90 4.14 -9.80
C GLU A 125 3.23 2.85 -9.40
N LEU A 126 1.99 2.64 -9.85
CA LEU A 126 1.34 1.35 -9.66
C LEU A 126 2.15 0.30 -10.41
N SER A 127 2.85 -0.50 -9.64
CA SER A 127 3.79 -1.46 -10.18
C SER A 127 3.10 -2.72 -10.63
N ALA A 128 2.35 -3.33 -9.73
CA ALA A 128 1.62 -4.54 -10.03
C ALA A 128 0.63 -4.82 -8.92
N ARG A 129 -0.23 -5.80 -9.14
CA ARG A 129 -1.16 -6.26 -8.12
C ARG A 129 -0.41 -7.15 -7.14
N GLY A 130 -1.07 -7.58 -6.09
CA GLY A 130 -0.43 -8.47 -5.14
C GLY A 130 -0.44 -9.91 -5.62
N GLU A 131 -1.42 -10.22 -6.45
CA GLU A 131 -1.65 -11.57 -6.94
C GLU A 131 -0.63 -11.98 -8.00
N ASN A 132 -0.34 -11.06 -8.91
CA ASN A 132 0.56 -11.34 -10.03
C ASN A 132 2.02 -11.24 -9.61
N ILE A 133 2.27 -10.80 -8.38
CA ILE A 133 3.62 -10.67 -7.89
C ILE A 133 4.11 -11.99 -7.32
N LYS A 134 5.05 -12.60 -8.03
CA LYS A 134 5.62 -13.91 -7.66
C LYS A 134 6.30 -13.86 -6.31
N ASP A 135 6.75 -12.68 -5.91
CA ASP A 135 7.47 -12.50 -4.67
C ASP A 135 7.69 -11.02 -4.42
N LEU A 136 7.11 -10.49 -3.35
CA LEU A 136 7.19 -9.06 -3.07
C LEU A 136 8.57 -8.69 -2.54
N ASP A 137 9.22 -9.63 -1.89
CA ASP A 137 10.61 -9.45 -1.46
C ASP A 137 11.47 -9.04 -2.66
N GLU A 138 11.42 -9.87 -3.70
CA GLU A 138 12.05 -9.57 -4.97
C GLU A 138 11.62 -8.20 -5.50
N ALA A 139 10.31 -7.97 -5.51
CA ALA A 139 9.73 -6.79 -6.12
C ALA A 139 10.17 -5.50 -5.44
N ILE A 140 10.01 -5.43 -4.13
CA ILE A 140 10.41 -4.24 -3.37
C ILE A 140 11.90 -4.00 -3.52
N LYS A 141 12.65 -5.09 -3.56
CA LYS A 141 14.10 -5.04 -3.70
C LYS A 141 14.51 -4.36 -4.99
N LYS A 142 13.79 -4.64 -6.07
CA LYS A 142 14.08 -4.03 -7.36
C LYS A 142 13.43 -2.65 -7.51
N LEU A 143 12.42 -2.39 -6.68
CA LEU A 143 11.77 -1.08 -6.67
C LEU A 143 12.65 -0.06 -5.97
N LEU A 144 13.39 -0.52 -4.98
CA LEU A 144 14.30 0.32 -4.23
C LEU A 144 15.27 1.05 -5.16
N GLU A 145 15.67 0.38 -6.24
CA GLU A 145 16.53 1.01 -7.22
C GLU A 145 15.70 1.82 -8.21
N GLY A 146 14.54 1.28 -8.60
CA GLY A 146 13.64 2.01 -9.45
C GLY A 146 13.46 1.36 -10.81
N HIS A 147 13.76 2.10 -11.87
CA HIS A 147 13.57 1.62 -13.23
C HIS A 147 14.85 0.92 -13.73
N HIS A 148 15.60 0.35 -12.81
CA HIS A 148 16.84 -0.37 -13.11
C HIS A 148 17.83 0.50 -13.88
N HIS A 149 18.15 1.66 -13.32
CA HIS A 149 19.16 2.53 -13.88
C HIS A 149 19.97 3.18 -12.76
N HIS A 150 19.74 2.72 -11.53
CA HIS A 150 20.43 3.24 -10.37
C HIS A 150 20.05 2.44 -9.13
N HIS A 151 20.87 1.46 -8.78
CA HIS A 151 20.66 0.69 -7.57
C HIS A 151 20.93 1.56 -6.34
N HIS A 152 20.45 1.13 -5.20
CA HIS A 152 20.80 1.78 -3.94
C HIS A 152 22.31 1.71 -3.75
N MET A 1 -6.83 18.15 -18.99
CA MET A 1 -7.73 19.13 -18.36
C MET A 1 -7.62 19.06 -16.84
N SER A 2 -6.96 18.03 -16.35
CA SER A 2 -6.82 17.82 -14.92
C SER A 2 -5.72 18.70 -14.33
N LEU A 3 -5.91 19.13 -13.08
CA LEU A 3 -4.91 19.94 -12.38
C LEU A 3 -3.80 19.05 -11.82
N GLU A 4 -4.13 17.79 -11.65
CA GLU A 4 -3.20 16.76 -11.22
C GLU A 4 -3.80 15.44 -11.69
N ILE A 5 -3.18 14.32 -11.33
CA ILE A 5 -3.57 13.04 -11.86
C ILE A 5 -3.33 13.05 -13.38
N PRO A 6 -2.12 12.69 -13.80
CA PRO A 6 -1.64 12.92 -15.17
C PRO A 6 -2.49 12.28 -16.25
N GLU A 7 -2.25 12.74 -17.46
CA GLU A 7 -2.97 12.32 -18.65
C GLU A 7 -2.05 12.46 -19.85
N ASP A 8 -1.53 11.34 -20.34
CA ASP A 8 -0.49 11.38 -21.35
C ASP A 8 -0.44 10.09 -22.15
N LYS A 9 -1.06 10.12 -23.33
CA LYS A 9 -1.05 9.01 -24.28
C LYS A 9 -1.82 7.81 -23.77
N ILE A 10 -1.21 7.12 -22.85
CA ILE A 10 -1.74 5.89 -22.27
C ILE A 10 -1.29 5.74 -20.82
N LYS A 11 -1.09 6.86 -20.15
CA LYS A 11 -0.59 6.83 -18.78
C LYS A 11 -1.39 7.78 -17.90
N GLU A 12 -2.69 7.76 -18.13
CA GLU A 12 -3.61 8.58 -17.38
C GLU A 12 -3.81 8.01 -15.99
N ALA A 13 -3.77 8.90 -15.00
CA ALA A 13 -3.81 8.53 -13.58
C ALA A 13 -2.52 7.81 -13.19
N SER A 14 -2.38 6.57 -13.67
CA SER A 14 -1.18 5.76 -13.41
C SER A 14 -1.10 5.30 -11.95
N ILE A 15 -1.88 5.95 -11.10
CA ILE A 15 -1.96 5.62 -9.68
C ILE A 15 -3.19 6.25 -9.08
N ILE A 16 -3.81 5.58 -8.12
CA ILE A 16 -4.94 6.13 -7.40
C ILE A 16 -4.46 6.69 -6.08
N ASP A 17 -4.38 8.02 -5.98
CA ASP A 17 -3.97 8.67 -4.74
C ASP A 17 -4.99 8.42 -3.66
N ILE A 18 -4.61 7.64 -2.67
CA ILE A 18 -5.49 7.28 -1.58
C ILE A 18 -5.36 8.29 -0.45
N GLN A 19 -6.37 9.11 -0.27
CA GLN A 19 -6.40 10.05 0.84
C GLN A 19 -7.35 9.58 1.93
N LEU A 20 -6.79 8.97 2.96
CA LEU A 20 -7.54 8.52 4.12
C LEU A 20 -6.74 8.85 5.37
N LYS A 21 -7.38 8.93 6.52
CA LYS A 21 -6.67 9.28 7.71
C LYS A 21 -6.13 8.05 8.41
N ASP A 22 -4.91 8.19 8.88
CA ASP A 22 -4.21 7.17 9.65
C ASP A 22 -4.84 7.06 11.04
N LEU A 23 -4.47 6.03 11.78
CA LEU A 23 -4.91 5.82 13.16
C LEU A 23 -4.65 7.06 14.00
N LYS A 24 -3.57 7.73 13.68
CA LYS A 24 -3.19 8.98 14.35
C LYS A 24 -4.13 10.13 14.01
N GLY A 25 -5.03 9.89 13.08
CA GLY A 25 -6.02 10.88 12.72
C GLY A 25 -5.55 11.77 11.60
N ASN A 26 -4.41 11.43 11.02
CA ASN A 26 -3.80 12.26 10.00
C ASN A 26 -4.05 11.70 8.61
N THR A 27 -4.73 12.49 7.78
CA THR A 27 -4.98 12.12 6.39
C THR A 27 -3.66 11.90 5.65
N ARG A 28 -3.52 10.71 5.07
CA ARG A 28 -2.37 10.37 4.27
C ARG A 28 -2.76 10.33 2.81
N SER A 29 -1.87 10.79 1.95
CA SER A 29 -2.04 10.62 0.52
C SER A 29 -0.88 9.81 -0.03
N LEU A 30 -1.03 9.26 -1.21
CA LEU A 30 0.04 8.50 -1.82
C LEU A 30 1.03 9.45 -2.46
N THR A 31 0.53 10.61 -2.89
CA THR A 31 1.37 11.68 -3.39
C THR A 31 2.35 12.13 -2.30
N ASP A 32 1.99 11.87 -1.05
CA ASP A 32 2.84 12.16 0.11
C ASP A 32 3.80 11.00 0.33
N LEU A 33 3.23 9.80 0.40
CA LEU A 33 3.97 8.57 0.65
C LEU A 33 5.03 8.34 -0.44
N LYS A 34 4.88 9.08 -1.54
CA LYS A 34 5.80 9.05 -2.68
C LYS A 34 7.27 9.29 -2.26
N GLY A 35 7.47 9.78 -1.04
CA GLY A 35 8.82 9.99 -0.55
C GLY A 35 9.61 8.69 -0.42
N LYS A 36 8.90 7.57 -0.43
CA LYS A 36 9.54 6.25 -0.38
C LYS A 36 8.88 5.32 -1.39
N VAL A 37 9.35 4.09 -1.42
CA VAL A 37 8.71 3.04 -2.19
C VAL A 37 7.49 2.54 -1.43
N VAL A 38 6.34 2.60 -2.07
CA VAL A 38 5.08 2.50 -1.34
C VAL A 38 4.44 1.14 -1.49
N LEU A 39 4.21 0.49 -0.37
CA LEU A 39 3.44 -0.74 -0.34
C LEU A 39 1.97 -0.43 -0.09
N ILE A 40 1.10 -0.83 -0.99
CA ILE A 40 -0.33 -0.60 -0.82
C ILE A 40 -1.01 -1.85 -0.28
N ASP A 41 -1.38 -1.84 0.99
CA ASP A 41 -2.00 -3.01 1.59
C ASP A 41 -3.49 -2.76 1.84
N PHE A 42 -4.32 -3.70 1.42
CA PHE A 42 -5.76 -3.62 1.63
C PHE A 42 -6.24 -4.79 2.45
N THR A 43 -6.39 -4.59 3.75
CA THR A 43 -6.75 -5.68 4.63
C THR A 43 -7.81 -5.24 5.65
N VAL A 44 -8.43 -6.21 6.29
CA VAL A 44 -9.42 -5.94 7.31
C VAL A 44 -8.82 -6.14 8.71
N TYR A 45 -8.78 -5.06 9.47
CA TYR A 45 -8.31 -5.12 10.84
C TYR A 45 -9.39 -5.74 11.70
N ASN A 46 -9.39 -7.05 11.70
CA ASN A 46 -10.50 -7.82 12.21
C ASN A 46 -10.23 -9.30 12.04
N ASN A 47 -9.60 -9.59 10.90
CA ASN A 47 -9.44 -10.95 10.44
C ASN A 47 -8.15 -11.56 10.96
N ALA A 48 -8.18 -12.87 11.21
CA ALA A 48 -7.02 -13.60 11.67
C ALA A 48 -5.94 -13.63 10.60
N MET A 49 -6.37 -13.62 9.34
CA MET A 49 -5.45 -13.64 8.21
C MET A 49 -4.59 -12.39 8.19
N SER A 50 -5.12 -11.30 8.74
CA SER A 50 -4.43 -10.02 8.76
C SER A 50 -3.21 -10.07 9.68
N ALA A 51 -3.28 -10.92 10.70
CA ALA A 51 -2.18 -11.05 11.65
C ALA A 51 -0.95 -11.64 10.96
N ALA A 52 -1.11 -12.80 10.34
CA ALA A 52 -0.02 -13.46 9.63
C ALA A 52 0.44 -12.60 8.45
N HIS A 53 -0.51 -11.90 7.84
CA HIS A 53 -0.21 -11.02 6.72
C HIS A 53 0.65 -9.84 7.19
N ASN A 54 0.36 -9.34 8.39
CA ASN A 54 1.10 -8.22 8.95
C ASN A 54 2.54 -8.62 9.25
N LEU A 55 2.70 -9.84 9.75
CA LEU A 55 4.02 -10.39 10.05
C LEU A 55 4.90 -10.38 8.81
N ALA A 56 4.34 -10.91 7.73
CA ALA A 56 5.07 -10.98 6.47
C ALA A 56 5.43 -9.58 5.97
N LEU A 57 4.52 -8.63 6.18
CA LEU A 57 4.77 -7.23 5.85
C LEU A 57 5.92 -6.70 6.68
N ARG A 58 5.91 -7.06 7.95
CA ARG A 58 6.93 -6.66 8.91
C ARG A 58 8.30 -7.18 8.50
N GLU A 59 8.29 -8.31 7.81
CA GLU A 59 9.52 -8.97 7.41
C GLU A 59 10.13 -8.16 6.31
N LEU A 60 9.28 -7.93 5.33
CA LEU A 60 9.60 -7.11 4.20
C LEU A 60 10.04 -5.71 4.64
N TYR A 61 9.46 -5.25 5.73
CA TYR A 61 9.78 -3.93 6.26
C TYR A 61 11.16 -3.91 6.88
N ASN A 62 11.44 -4.91 7.70
CA ASN A 62 12.74 -5.04 8.35
C ASN A 62 13.83 -5.22 7.30
N LYS A 63 13.41 -5.69 6.13
CA LYS A 63 14.33 -5.93 5.02
C LYS A 63 14.70 -4.65 4.27
N TYR A 64 13.70 -3.93 3.77
CA TYR A 64 13.95 -2.87 2.79
C TYR A 64 13.58 -1.46 3.25
N ALA A 65 12.86 -1.34 4.36
CA ALA A 65 12.34 -0.03 4.80
C ALA A 65 13.45 1.00 4.97
N SER A 66 14.56 0.57 5.57
CA SER A 66 15.69 1.44 5.86
C SER A 66 16.19 2.19 4.63
N GLN A 67 16.30 1.48 3.52
CA GLN A 67 16.85 2.05 2.29
C GLN A 67 15.90 3.09 1.69
N GLY A 68 14.60 2.86 1.86
CA GLY A 68 13.64 3.80 1.33
C GLY A 68 12.32 3.14 0.99
N PHE A 69 11.81 2.34 1.90
CA PHE A 69 10.57 1.63 1.69
C PHE A 69 9.60 1.87 2.84
N GLU A 70 8.34 2.06 2.51
CA GLU A 70 7.32 2.32 3.52
C GLU A 70 6.06 1.52 3.19
N ILE A 71 5.26 1.24 4.20
CA ILE A 71 4.06 0.43 4.02
C ILE A 71 2.82 1.25 4.33
N TYR A 72 2.01 1.48 3.32
CA TYR A 72 0.78 2.22 3.49
C TYR A 72 -0.39 1.24 3.56
N GLN A 73 -0.86 1.00 4.77
CA GLN A 73 -1.95 0.05 4.98
C GLN A 73 -3.30 0.73 5.03
N ILE A 74 -4.29 0.06 4.47
CA ILE A 74 -5.67 0.52 4.48
C ILE A 74 -6.58 -0.58 5.04
N SER A 75 -7.34 -0.25 6.07
CA SER A 75 -8.26 -1.20 6.67
C SER A 75 -9.65 -1.10 6.04
N LEU A 76 -10.19 -2.24 5.63
CA LEU A 76 -11.50 -2.30 4.99
C LEU A 76 -12.50 -3.01 5.88
N ASP A 77 -12.12 -3.25 7.12
CA ASP A 77 -13.00 -3.95 8.06
C ASP A 77 -14.19 -3.07 8.44
N GLY A 78 -13.90 -1.84 8.82
CA GLY A 78 -14.95 -0.90 9.12
C GLY A 78 -14.82 -0.28 10.50
N ASP A 79 -14.32 -1.06 11.45
CA ASP A 79 -14.25 -0.60 12.83
C ASP A 79 -12.97 0.17 13.10
N GLU A 80 -13.12 1.27 13.81
CA GLU A 80 -12.00 2.11 14.17
C GLU A 80 -11.25 1.53 15.34
N HIS A 81 -11.96 0.79 16.18
CA HIS A 81 -11.44 0.41 17.48
C HIS A 81 -10.48 -0.78 17.38
N PHE A 82 -10.90 -1.85 16.71
CA PHE A 82 -10.02 -3.01 16.52
C PHE A 82 -8.84 -2.60 15.65
N TRP A 83 -9.12 -1.79 14.64
CA TRP A 83 -8.08 -1.27 13.76
C TRP A 83 -7.08 -0.43 14.53
N LYS A 84 -7.58 0.49 15.34
CA LYS A 84 -6.71 1.40 16.07
C LYS A 84 -5.90 0.65 17.12
N THR A 85 -6.56 -0.15 17.94
CA THR A 85 -5.86 -0.87 19.02
C THR A 85 -4.75 -1.76 18.47
N SER A 86 -4.95 -2.25 17.26
CA SER A 86 -4.00 -3.12 16.61
C SER A 86 -2.87 -2.31 15.92
N ALA A 87 -3.25 -1.27 15.20
CA ALA A 87 -2.31 -0.54 14.35
C ALA A 87 -1.60 0.59 15.09
N ASP A 88 -2.17 1.02 16.21
CA ASP A 88 -1.72 2.22 16.93
C ASP A 88 -0.24 2.15 17.28
N ASN A 89 0.25 0.94 17.55
CA ASN A 89 1.64 0.76 17.97
C ASN A 89 2.47 0.19 16.83
N LEU A 90 1.93 0.20 15.62
CA LEU A 90 2.60 -0.38 14.47
C LEU A 90 3.62 0.59 13.87
N PRO A 91 4.61 0.04 13.14
CA PRO A 91 5.72 0.80 12.55
C PRO A 91 5.30 1.73 11.41
N TRP A 92 4.48 1.22 10.50
CA TRP A 92 4.16 1.93 9.26
C TRP A 92 2.80 2.63 9.34
N VAL A 93 2.35 3.14 8.20
CA VAL A 93 1.11 3.89 8.14
C VAL A 93 -0.10 2.96 8.02
N CYS A 94 -1.13 3.26 8.80
CA CYS A 94 -2.35 2.47 8.78
C CYS A 94 -3.56 3.38 8.77
N VAL A 95 -4.24 3.44 7.65
CA VAL A 95 -5.40 4.30 7.49
C VAL A 95 -6.66 3.46 7.31
N ARG A 96 -7.81 4.06 7.56
CA ARG A 96 -9.07 3.32 7.47
C ARG A 96 -9.98 3.91 6.39
N ASP A 97 -10.56 3.05 5.58
CA ASP A 97 -11.53 3.46 4.58
C ASP A 97 -12.93 3.36 5.16
N ALA A 98 -13.80 4.29 4.80
CA ALA A 98 -15.13 4.38 5.38
C ALA A 98 -16.12 3.42 4.72
N ASN A 99 -15.77 2.88 3.57
CA ASN A 99 -16.72 2.10 2.78
C ASN A 99 -16.52 0.59 2.98
N GLY A 100 -15.38 0.22 3.57
CA GLY A 100 -15.11 -1.17 3.84
C GLY A 100 -14.97 -1.99 2.56
N ALA A 101 -16.04 -2.68 2.18
CA ALA A 101 -16.03 -3.51 1.00
C ALA A 101 -16.81 -2.86 -0.14
N TYR A 102 -17.32 -1.67 0.12
CA TYR A 102 -18.07 -0.94 -0.89
C TYR A 102 -17.22 0.19 -1.47
N SER A 103 -15.95 0.19 -1.11
CA SER A 103 -15.02 1.21 -1.55
C SER A 103 -14.83 1.15 -3.06
N SER A 104 -15.13 2.26 -3.74
CA SER A 104 -14.98 2.35 -5.18
C SER A 104 -13.56 1.98 -5.61
N TYR A 105 -12.60 2.19 -4.71
CA TYR A 105 -11.21 1.85 -4.95
C TYR A 105 -11.08 0.37 -5.32
N ILE A 106 -11.75 -0.47 -4.53
CA ILE A 106 -11.67 -1.92 -4.70
C ILE A 106 -12.08 -2.33 -6.11
N SER A 107 -13.05 -1.61 -6.67
CA SER A 107 -13.51 -1.84 -8.03
C SER A 107 -12.52 -1.27 -9.04
N LEU A 108 -11.94 -0.11 -8.71
CA LEU A 108 -11.00 0.56 -9.60
C LEU A 108 -9.75 -0.27 -9.84
N TYR A 109 -9.28 -0.96 -8.80
CA TYR A 109 -8.08 -1.77 -8.93
C TYR A 109 -8.33 -3.01 -9.77
N ASN A 110 -9.59 -3.43 -9.82
CA ASN A 110 -9.94 -4.76 -10.32
C ASN A 110 -9.25 -5.81 -9.45
N VAL A 111 -9.86 -6.05 -8.31
CA VAL A 111 -9.29 -6.93 -7.29
C VAL A 111 -9.80 -8.35 -7.46
N THR A 112 -8.95 -9.31 -7.16
CA THR A 112 -9.35 -10.71 -7.20
C THR A 112 -9.88 -11.18 -5.85
N ASN A 113 -9.24 -10.76 -4.77
CA ASN A 113 -9.61 -11.24 -3.44
C ASN A 113 -8.92 -10.45 -2.32
N LEU A 114 -9.72 -9.95 -1.38
CA LEU A 114 -9.20 -9.27 -0.19
C LEU A 114 -8.96 -10.31 0.91
N PRO A 115 -7.94 -10.12 1.78
CA PRO A 115 -7.04 -8.95 1.73
C PRO A 115 -6.10 -8.97 0.55
N SER A 116 -5.85 -7.80 -0.01
CA SER A 116 -5.01 -7.66 -1.18
C SER A 116 -3.82 -6.77 -0.89
N VAL A 117 -2.89 -6.73 -1.82
CA VAL A 117 -1.77 -5.84 -1.75
C VAL A 117 -1.46 -5.35 -3.16
N PHE A 118 -0.81 -4.21 -3.28
CA PHE A 118 -0.43 -3.68 -4.57
C PHE A 118 0.96 -3.08 -4.45
N LEU A 119 1.64 -2.91 -5.57
CA LEU A 119 3.01 -2.45 -5.56
C LEU A 119 3.09 -1.04 -6.14
N VAL A 120 3.84 -0.16 -5.48
CA VAL A 120 4.04 1.20 -5.97
C VAL A 120 5.51 1.59 -5.85
N ASN A 121 6.14 1.92 -6.97
CA ASN A 121 7.53 2.34 -6.96
C ASN A 121 7.61 3.80 -6.48
N ARG A 122 8.83 4.24 -6.17
CA ARG A 122 9.06 5.52 -5.47
C ARG A 122 8.67 6.77 -6.29
N ASN A 123 8.10 6.57 -7.47
CA ASN A 123 7.56 7.68 -8.24
C ASN A 123 6.08 7.79 -7.96
N ASN A 124 5.60 6.95 -7.04
CA ASN A 124 4.19 6.80 -6.74
C ASN A 124 3.47 6.22 -7.94
N GLU A 125 4.03 5.16 -8.50
CA GLU A 125 3.44 4.52 -9.68
C GLU A 125 3.07 3.08 -9.37
N LEU A 126 1.90 2.67 -9.81
CA LEU A 126 1.46 1.29 -9.66
C LEU A 126 2.35 0.35 -10.47
N SER A 127 3.00 -0.55 -9.75
CA SER A 127 3.90 -1.53 -10.34
C SER A 127 3.13 -2.77 -10.76
N ALA A 128 2.39 -3.34 -9.83
CA ALA A 128 1.62 -4.55 -10.08
C ALA A 128 0.62 -4.78 -8.97
N ARG A 129 -0.29 -5.71 -9.20
CA ARG A 129 -1.27 -6.07 -8.20
C ARG A 129 -0.76 -7.23 -7.35
N GLY A 130 -1.43 -7.50 -6.25
CA GLY A 130 -1.01 -8.58 -5.36
C GLY A 130 -1.13 -9.93 -6.02
N GLU A 131 -2.16 -10.08 -6.84
CA GLU A 131 -2.37 -11.29 -7.61
C GLU A 131 -1.42 -11.37 -8.81
N ASN A 132 -0.58 -10.34 -8.95
CA ASN A 132 0.42 -10.31 -10.00
C ASN A 132 1.82 -10.48 -9.39
N ILE A 133 1.91 -10.20 -8.10
CA ILE A 133 3.18 -10.26 -7.39
C ILE A 133 3.51 -11.69 -6.99
N LYS A 134 4.49 -12.28 -7.65
CA LYS A 134 4.92 -13.63 -7.36
C LYS A 134 5.90 -13.66 -6.19
N ASP A 135 6.59 -12.56 -5.99
CA ASP A 135 7.54 -12.42 -4.88
C ASP A 135 7.82 -10.94 -4.66
N LEU A 136 7.34 -10.42 -3.55
CA LEU A 136 7.46 -8.99 -3.28
C LEU A 136 8.87 -8.65 -2.85
N ASP A 137 9.50 -9.57 -2.14
CA ASP A 137 10.89 -9.38 -1.70
C ASP A 137 11.77 -9.00 -2.88
N GLU A 138 11.71 -9.80 -3.93
CA GLU A 138 12.40 -9.51 -5.17
C GLU A 138 11.99 -8.15 -5.72
N ALA A 139 10.70 -7.94 -5.86
CA ALA A 139 10.18 -6.75 -6.52
C ALA A 139 10.58 -5.46 -5.79
N ILE A 140 10.35 -5.40 -4.48
CA ILE A 140 10.70 -4.22 -3.69
C ILE A 140 12.19 -3.95 -3.79
N LYS A 141 12.96 -5.03 -3.75
CA LYS A 141 14.41 -4.96 -3.86
C LYS A 141 14.82 -4.27 -5.16
N LYS A 142 14.21 -4.68 -6.27
CA LYS A 142 14.57 -4.15 -7.58
C LYS A 142 13.90 -2.79 -7.84
N LEU A 143 12.83 -2.49 -7.09
CA LEU A 143 12.20 -1.18 -7.16
C LEU A 143 13.09 -0.14 -6.50
N LEU A 144 13.71 -0.53 -5.38
CA LEU A 144 14.65 0.35 -4.69
C LEU A 144 15.78 0.75 -5.62
N GLU A 145 16.22 -0.23 -6.41
CA GLU A 145 17.23 0.01 -7.43
C GLU A 145 16.67 0.92 -8.51
N GLY A 146 15.67 0.43 -9.22
CA GLY A 146 15.08 1.16 -10.31
C GLY A 146 15.61 0.71 -11.64
N HIS A 147 16.94 0.59 -11.73
CA HIS A 147 17.63 0.18 -12.95
C HIS A 147 17.36 1.14 -14.10
N HIS A 148 16.30 0.87 -14.87
CA HIS A 148 15.92 1.70 -16.02
C HIS A 148 17.02 1.70 -17.10
N HIS A 149 18.08 2.48 -16.89
CA HIS A 149 19.16 2.61 -17.88
C HIS A 149 20.49 2.98 -17.23
N HIS A 150 20.67 2.68 -15.96
CA HIS A 150 21.94 2.99 -15.29
C HIS A 150 22.33 1.88 -14.32
N HIS A 151 23.56 1.94 -13.81
CA HIS A 151 24.05 0.94 -12.87
C HIS A 151 23.45 1.16 -11.48
N HIS A 152 22.18 0.82 -11.35
CA HIS A 152 21.45 0.84 -10.09
C HIS A 152 19.96 0.70 -10.40
N MET A 1 9.19 11.66 -18.45
CA MET A 1 9.23 13.07 -17.98
C MET A 1 9.30 13.10 -16.47
N SER A 2 9.27 14.31 -15.88
CA SER A 2 9.22 14.45 -14.44
C SER A 2 7.89 13.89 -13.94
N LEU A 3 6.82 14.27 -14.63
CA LEU A 3 5.53 13.63 -14.44
C LEU A 3 5.38 12.58 -15.53
N GLU A 4 5.76 11.35 -15.20
CA GLU A 4 5.77 10.28 -16.18
C GLU A 4 4.35 9.75 -16.41
N ILE A 5 4.02 9.51 -17.67
CA ILE A 5 2.70 9.02 -18.03
C ILE A 5 2.78 7.56 -18.45
N PRO A 6 2.18 6.66 -17.65
CA PRO A 6 2.14 5.23 -17.96
C PRO A 6 0.97 4.88 -18.87
N GLU A 7 0.87 3.59 -19.20
CA GLU A 7 -0.23 3.02 -20.01
C GLU A 7 -0.49 3.80 -21.31
N ASP A 8 -1.57 3.43 -21.98
CA ASP A 8 -1.95 4.05 -23.25
C ASP A 8 -3.43 3.79 -23.50
N LYS A 9 -4.11 3.37 -22.45
CA LYS A 9 -5.44 2.82 -22.55
C LYS A 9 -6.28 3.37 -21.41
N ILE A 10 -7.20 2.56 -20.91
CA ILE A 10 -7.87 2.87 -19.66
C ILE A 10 -6.93 2.51 -18.52
N LYS A 11 -7.30 2.90 -17.31
CA LYS A 11 -6.45 2.67 -16.14
C LYS A 11 -6.00 1.21 -16.04
N GLU A 12 -4.73 0.98 -16.29
CA GLU A 12 -4.13 -0.34 -16.11
C GLU A 12 -2.86 -0.22 -15.29
N ALA A 13 -2.24 0.94 -15.40
CA ALA A 13 -0.98 1.21 -14.73
C ALA A 13 -1.06 2.49 -13.89
N SER A 14 -1.88 3.45 -14.35
CA SER A 14 -2.10 4.70 -13.65
C SER A 14 -2.38 4.49 -12.19
N ILE A 15 -1.50 5.05 -11.39
CA ILE A 15 -1.61 5.04 -9.94
C ILE A 15 -2.77 5.94 -9.48
N ILE A 16 -3.52 5.46 -8.50
CA ILE A 16 -4.62 6.21 -7.92
C ILE A 16 -4.18 6.81 -6.60
N ASP A 17 -4.32 8.12 -6.44
CA ASP A 17 -3.96 8.77 -5.20
C ASP A 17 -5.07 8.58 -4.18
N ILE A 18 -4.80 7.75 -3.20
CA ILE A 18 -5.79 7.42 -2.19
C ILE A 18 -5.59 8.30 -0.97
N GLN A 19 -6.63 8.99 -0.57
CA GLN A 19 -6.54 9.89 0.56
C GLN A 19 -7.48 9.45 1.67
N LEU A 20 -6.93 8.77 2.67
CA LEU A 20 -7.70 8.31 3.82
C LEU A 20 -6.94 8.64 5.09
N LYS A 21 -7.65 8.75 6.20
CA LYS A 21 -7.05 9.16 7.44
C LYS A 21 -6.48 7.98 8.20
N ASP A 22 -5.32 8.19 8.80
CA ASP A 22 -4.59 7.14 9.51
C ASP A 22 -5.02 7.05 10.96
N LEU A 23 -4.24 6.30 11.75
CA LEU A 23 -4.47 6.08 13.17
C LEU A 23 -4.71 7.40 13.92
N LYS A 24 -4.00 8.44 13.51
CA LYS A 24 -4.07 9.74 14.17
C LYS A 24 -5.23 10.57 13.65
N GLY A 25 -5.91 10.05 12.65
CA GLY A 25 -6.99 10.78 12.02
C GLY A 25 -6.46 11.72 10.96
N ASN A 26 -5.23 11.46 10.54
CA ASN A 26 -4.55 12.30 9.56
C ASN A 26 -4.69 11.70 8.18
N THR A 27 -5.34 12.42 7.28
CA THR A 27 -5.51 11.98 5.91
C THR A 27 -4.16 11.82 5.21
N ARG A 28 -3.88 10.60 4.78
CA ARG A 28 -2.67 10.31 4.03
C ARG A 28 -3.00 10.19 2.56
N SER A 29 -2.14 10.73 1.73
CA SER A 29 -2.27 10.55 0.29
C SER A 29 -1.04 9.82 -0.23
N LEU A 30 -1.14 9.26 -1.42
CA LEU A 30 -0.02 8.55 -2.00
C LEU A 30 0.95 9.54 -2.63
N THR A 31 0.45 10.72 -2.92
CA THR A 31 1.26 11.83 -3.38
C THR A 31 2.14 12.39 -2.25
N ASP A 32 1.91 11.92 -1.03
CA ASP A 32 2.62 12.43 0.14
C ASP A 32 3.89 11.63 0.38
N LEU A 33 3.73 10.32 0.61
CA LEU A 33 4.86 9.45 0.92
C LEU A 33 5.64 9.09 -0.36
N LYS A 34 5.28 9.77 -1.44
CA LYS A 34 6.01 9.70 -2.71
C LYS A 34 7.47 10.05 -2.46
N GLY A 35 8.36 9.35 -3.15
CA GLY A 35 9.77 9.49 -2.89
C GLY A 35 10.35 8.19 -2.41
N LYS A 36 9.49 7.37 -1.82
CA LYS A 36 9.88 6.02 -1.43
C LYS A 36 8.99 5.01 -2.12
N VAL A 37 9.36 3.74 -2.00
CA VAL A 37 8.52 2.68 -2.53
C VAL A 37 7.40 2.42 -1.54
N VAL A 38 6.20 2.29 -2.04
CA VAL A 38 5.03 2.24 -1.18
C VAL A 38 4.32 0.91 -1.33
N LEU A 39 4.02 0.30 -0.19
CA LEU A 39 3.28 -0.95 -0.17
C LEU A 39 1.80 -0.66 0.03
N ILE A 40 1.01 -0.83 -1.01
CA ILE A 40 -0.42 -0.60 -0.90
C ILE A 40 -1.09 -1.86 -0.39
N ASP A 41 -1.50 -1.85 0.87
CA ASP A 41 -2.11 -3.02 1.46
C ASP A 41 -3.60 -2.79 1.65
N PHE A 42 -4.40 -3.77 1.22
CA PHE A 42 -5.84 -3.72 1.41
C PHE A 42 -6.26 -4.86 2.31
N THR A 43 -6.42 -4.57 3.58
CA THR A 43 -6.63 -5.60 4.58
C THR A 43 -7.60 -5.12 5.67
N VAL A 44 -8.37 -6.05 6.22
CA VAL A 44 -9.35 -5.72 7.26
C VAL A 44 -8.77 -5.96 8.65
N TYR A 45 -8.77 -4.93 9.48
CA TYR A 45 -8.34 -5.10 10.85
C TYR A 45 -9.48 -5.65 11.68
N ASN A 46 -9.65 -6.94 11.55
CA ASN A 46 -10.70 -7.68 12.24
C ASN A 46 -10.58 -9.16 11.88
N ASN A 47 -10.20 -9.38 10.63
CA ASN A 47 -10.07 -10.71 10.07
C ASN A 47 -8.86 -11.43 10.67
N ALA A 48 -8.99 -12.72 10.89
CA ALA A 48 -7.95 -13.51 11.54
C ALA A 48 -6.72 -13.66 10.65
N MET A 49 -6.92 -13.64 9.34
CA MET A 49 -5.83 -13.81 8.39
C MET A 49 -4.93 -12.58 8.35
N SER A 50 -5.45 -11.47 8.88
CA SER A 50 -4.73 -10.21 8.87
C SER A 50 -3.55 -10.23 9.83
N ALA A 51 -3.68 -11.00 10.92
CA ALA A 51 -2.64 -11.07 11.94
C ALA A 51 -1.33 -11.60 11.35
N ALA A 52 -1.42 -12.68 10.59
CA ALA A 52 -0.25 -13.27 9.96
C ALA A 52 0.24 -12.39 8.82
N HIS A 53 -0.69 -11.67 8.20
CA HIS A 53 -0.36 -10.79 7.09
C HIS A 53 0.49 -9.61 7.57
N ASN A 54 0.14 -9.05 8.73
CA ASN A 54 0.89 -7.95 9.31
C ASN A 54 2.32 -8.36 9.65
N LEU A 55 2.48 -9.61 10.05
CA LEU A 55 3.78 -10.16 10.41
C LEU A 55 4.72 -10.09 9.21
N ALA A 56 4.28 -10.64 8.11
CA ALA A 56 5.08 -10.68 6.89
C ALA A 56 5.42 -9.27 6.42
N LEU A 57 4.47 -8.35 6.60
CA LEU A 57 4.69 -6.95 6.27
C LEU A 57 5.79 -6.37 7.15
N ARG A 58 5.74 -6.75 8.43
CA ARG A 58 6.70 -6.28 9.42
C ARG A 58 8.11 -6.77 9.11
N GLU A 59 8.16 -7.89 8.42
CA GLU A 59 9.42 -8.56 8.14
C GLU A 59 10.11 -7.79 7.05
N LEU A 60 9.34 -7.68 5.99
CA LEU A 60 9.75 -6.96 4.83
C LEU A 60 10.15 -5.53 5.17
N TYR A 61 9.52 -5.01 6.23
CA TYR A 61 9.79 -3.66 6.69
C TYR A 61 11.20 -3.56 7.23
N ASN A 62 11.57 -4.49 8.10
CA ASN A 62 12.90 -4.50 8.69
C ASN A 62 13.97 -4.63 7.62
N LYS A 63 13.60 -5.24 6.50
CA LYS A 63 14.50 -5.45 5.40
C LYS A 63 14.75 -4.19 4.58
N TYR A 64 13.69 -3.65 3.99
CA TYR A 64 13.85 -2.66 2.93
C TYR A 64 13.46 -1.25 3.33
N ALA A 65 12.79 -1.07 4.46
CA ALA A 65 12.32 0.26 4.87
C ALA A 65 13.48 1.23 5.04
N SER A 66 14.58 0.73 5.57
CA SER A 66 15.77 1.54 5.82
C SER A 66 16.39 2.08 4.52
N GLN A 67 15.98 1.52 3.39
CA GLN A 67 16.51 1.93 2.10
C GLN A 67 15.54 2.86 1.38
N GLY A 68 14.48 3.24 2.07
CA GLY A 68 13.50 4.11 1.47
C GLY A 68 12.25 3.36 1.04
N PHE A 69 11.67 2.63 1.98
CA PHE A 69 10.45 1.87 1.72
C PHE A 69 9.43 2.16 2.80
N GLU A 70 8.21 2.45 2.38
CA GLU A 70 7.14 2.79 3.30
C GLU A 70 5.91 1.96 2.97
N ILE A 71 5.05 1.76 3.95
CA ILE A 71 3.89 0.90 3.77
C ILE A 71 2.62 1.68 4.05
N TYR A 72 1.68 1.60 3.12
CA TYR A 72 0.42 2.29 3.24
C TYR A 72 -0.70 1.26 3.38
N GLN A 73 -1.13 1.06 4.61
CA GLN A 73 -2.15 0.07 4.93
C GLN A 73 -3.54 0.69 4.90
N ILE A 74 -4.51 -0.06 4.39
CA ILE A 74 -5.88 0.38 4.32
C ILE A 74 -6.79 -0.67 4.96
N SER A 75 -7.31 -0.36 6.13
CA SER A 75 -8.18 -1.27 6.84
C SER A 75 -9.59 -1.26 6.25
N LEU A 76 -10.12 -2.44 5.95
CA LEU A 76 -11.45 -2.55 5.38
C LEU A 76 -12.41 -3.16 6.39
N ASP A 77 -12.24 -2.76 7.65
CA ASP A 77 -13.01 -3.32 8.76
C ASP A 77 -14.13 -2.40 9.17
N GLY A 78 -14.86 -2.82 10.18
CA GLY A 78 -15.89 -1.99 10.77
C GLY A 78 -15.52 -1.55 12.17
N ASP A 79 -14.68 -2.35 12.83
CA ASP A 79 -14.28 -2.08 14.21
C ASP A 79 -12.88 -1.50 14.26
N GLU A 80 -12.80 -0.18 14.34
CA GLU A 80 -11.52 0.49 14.40
C GLU A 80 -10.88 0.33 15.76
N HIS A 81 -11.67 -0.13 16.71
CA HIS A 81 -11.16 -0.48 18.03
C HIS A 81 -9.99 -1.44 17.90
N PHE A 82 -10.17 -2.52 17.14
CA PHE A 82 -9.12 -3.52 16.94
C PHE A 82 -7.99 -2.94 16.08
N TRP A 83 -8.38 -2.19 15.07
CA TRP A 83 -7.44 -1.51 14.19
C TRP A 83 -6.56 -0.54 14.97
N LYS A 84 -7.18 0.25 15.83
CA LYS A 84 -6.50 1.32 16.55
C LYS A 84 -5.45 0.74 17.51
N THR A 85 -5.82 -0.30 18.22
CA THR A 85 -4.93 -0.92 19.19
C THR A 85 -3.77 -1.63 18.51
N SER A 86 -4.05 -2.28 17.38
CA SER A 86 -3.02 -2.97 16.63
C SER A 86 -2.11 -1.97 15.92
N ALA A 87 -2.69 -0.89 15.43
CA ALA A 87 -1.94 0.13 14.70
C ALA A 87 -1.04 0.91 15.65
N ASP A 88 -1.39 0.91 16.92
CA ASP A 88 -0.54 1.51 17.96
C ASP A 88 0.81 0.81 18.01
N ASN A 89 0.82 -0.45 17.60
CA ASN A 89 2.02 -1.26 17.60
C ASN A 89 2.59 -1.37 16.17
N LEU A 90 2.08 -0.53 15.27
CA LEU A 90 2.49 -0.58 13.88
C LEU A 90 3.56 0.47 13.56
N PRO A 91 4.45 0.13 12.64
CA PRO A 91 5.59 0.95 12.25
C PRO A 91 5.38 1.74 10.95
N TRP A 92 4.20 1.65 10.36
CA TRP A 92 3.94 2.27 9.06
C TRP A 92 2.59 2.97 9.05
N VAL A 93 2.17 3.40 7.86
CA VAL A 93 0.93 4.14 7.72
C VAL A 93 -0.25 3.19 7.72
N CYS A 94 -1.21 3.46 8.58
CA CYS A 94 -2.39 2.63 8.69
C CYS A 94 -3.65 3.49 8.64
N VAL A 95 -4.30 3.49 7.49
CA VAL A 95 -5.50 4.29 7.30
C VAL A 95 -6.69 3.38 7.09
N ARG A 96 -7.89 3.86 7.37
CA ARG A 96 -9.07 3.02 7.23
C ARG A 96 -10.06 3.61 6.25
N ASP A 97 -10.65 2.74 5.42
CA ASP A 97 -11.66 3.16 4.47
C ASP A 97 -13.04 3.08 5.12
N ALA A 98 -13.94 3.95 4.72
CA ALA A 98 -15.26 4.03 5.32
C ALA A 98 -16.21 2.98 4.77
N ASN A 99 -15.85 2.40 3.63
CA ASN A 99 -16.72 1.46 2.95
C ASN A 99 -16.22 0.03 3.08
N GLY A 100 -14.99 -0.12 3.54
CA GLY A 100 -14.39 -1.43 3.66
C GLY A 100 -14.24 -2.11 2.30
N ALA A 101 -14.87 -3.27 2.15
CA ALA A 101 -14.81 -4.03 0.91
C ALA A 101 -15.69 -3.40 -0.17
N TYR A 102 -16.45 -2.38 0.20
CA TYR A 102 -17.33 -1.70 -0.74
C TYR A 102 -16.69 -0.41 -1.25
N SER A 103 -15.39 -0.27 -0.98
CA SER A 103 -14.66 0.93 -1.38
C SER A 103 -14.61 1.05 -2.90
N SER A 104 -14.90 2.24 -3.41
CA SER A 104 -14.88 2.50 -4.83
C SER A 104 -13.48 2.32 -5.40
N TYR A 105 -12.47 2.48 -4.54
CA TYR A 105 -11.08 2.29 -4.95
C TYR A 105 -10.87 0.86 -5.42
N ILE A 106 -11.42 -0.09 -4.67
CA ILE A 106 -11.29 -1.50 -4.98
C ILE A 106 -11.81 -1.80 -6.39
N SER A 107 -12.93 -1.18 -6.75
CA SER A 107 -13.53 -1.36 -8.06
C SER A 107 -12.62 -0.80 -9.16
N LEU A 108 -11.82 0.20 -8.80
CA LEU A 108 -10.92 0.84 -9.75
C LEU A 108 -9.72 -0.05 -10.08
N TYR A 109 -9.48 -1.04 -9.22
CA TYR A 109 -8.42 -2.00 -9.46
C TYR A 109 -8.98 -3.27 -10.07
N ASN A 110 -10.31 -3.28 -10.28
CA ASN A 110 -11.04 -4.46 -10.81
C ASN A 110 -11.20 -5.52 -9.72
N VAL A 111 -10.58 -5.25 -8.58
CA VAL A 111 -10.46 -6.21 -7.50
C VAL A 111 -11.83 -6.68 -7.00
N THR A 112 -11.97 -7.99 -6.92
CA THR A 112 -13.18 -8.61 -6.39
C THR A 112 -12.80 -9.67 -5.35
N ASN A 113 -11.56 -9.61 -4.88
CA ASN A 113 -11.04 -10.61 -3.96
C ASN A 113 -10.75 -10.00 -2.58
N LEU A 114 -9.47 -9.72 -2.33
CA LEU A 114 -9.01 -9.15 -1.05
C LEU A 114 -9.16 -10.15 0.12
N PRO A 115 -8.33 -9.99 1.18
CA PRO A 115 -7.32 -8.93 1.27
C PRO A 115 -6.20 -9.12 0.26
N SER A 116 -5.58 -8.03 -0.14
CA SER A 116 -4.55 -8.09 -1.17
C SER A 116 -3.54 -6.97 -0.99
N VAL A 117 -2.52 -6.99 -1.82
CA VAL A 117 -1.48 -5.98 -1.79
C VAL A 117 -1.23 -5.49 -3.20
N PHE A 118 -0.61 -4.34 -3.31
CA PHE A 118 -0.22 -3.79 -4.60
C PHE A 118 1.18 -3.20 -4.47
N LEU A 119 1.85 -3.00 -5.59
CA LEU A 119 3.22 -2.52 -5.54
C LEU A 119 3.28 -1.08 -6.03
N VAL A 120 4.03 -0.25 -5.32
CA VAL A 120 4.26 1.11 -5.76
C VAL A 120 5.75 1.43 -5.73
N ASN A 121 6.25 1.89 -6.86
CA ASN A 121 7.64 2.25 -7.02
C ASN A 121 7.86 3.66 -6.46
N ARG A 122 9.14 4.05 -6.29
CA ARG A 122 9.51 5.22 -5.47
C ARG A 122 8.85 6.53 -5.90
N ASN A 123 8.45 6.65 -7.15
CA ASN A 123 7.85 7.89 -7.63
C ASN A 123 6.35 7.83 -7.43
N ASN A 124 5.94 6.85 -6.63
CA ASN A 124 4.56 6.51 -6.42
C ASN A 124 3.91 6.11 -7.74
N GLU A 125 4.49 5.10 -8.36
CA GLU A 125 3.93 4.51 -9.57
C GLU A 125 3.38 3.14 -9.26
N LEU A 126 2.18 2.84 -9.75
CA LEU A 126 1.60 1.52 -9.54
C LEU A 126 2.42 0.50 -10.31
N SER A 127 3.18 -0.28 -9.57
CA SER A 127 4.14 -1.21 -10.13
C SER A 127 3.45 -2.47 -10.64
N ALA A 128 2.63 -3.06 -9.79
CA ALA A 128 1.94 -4.30 -10.13
C ALA A 128 0.88 -4.62 -9.09
N ARG A 129 0.00 -5.56 -9.42
CA ARG A 129 -1.03 -6.00 -8.50
C ARG A 129 -0.55 -7.22 -7.74
N GLY A 130 -1.10 -7.44 -6.54
CA GLY A 130 -0.65 -8.52 -5.66
C GLY A 130 -0.59 -9.87 -6.34
N GLU A 131 -1.60 -10.18 -7.16
CA GLU A 131 -1.66 -11.47 -7.84
C GLU A 131 -0.62 -11.57 -8.93
N ASN A 132 -0.09 -10.43 -9.34
CA ASN A 132 0.87 -10.36 -10.43
C ASN A 132 2.28 -10.20 -9.88
N ILE A 133 2.39 -9.84 -8.61
CA ILE A 133 3.68 -9.64 -7.98
C ILE A 133 4.32 -10.98 -7.64
N LYS A 134 5.24 -11.40 -8.49
CA LYS A 134 6.00 -12.62 -8.25
C LYS A 134 7.04 -12.38 -7.16
N ASP A 135 6.61 -12.58 -5.92
CA ASP A 135 7.41 -12.35 -4.71
C ASP A 135 7.66 -10.86 -4.49
N LEU A 136 7.13 -10.35 -3.38
CA LEU A 136 7.25 -8.94 -3.07
C LEU A 136 8.64 -8.58 -2.57
N ASP A 137 9.27 -9.50 -1.85
CA ASP A 137 10.62 -9.25 -1.32
C ASP A 137 11.56 -8.85 -2.45
N GLU A 138 11.69 -9.74 -3.42
CA GLU A 138 12.43 -9.46 -4.63
C GLU A 138 11.96 -8.16 -5.28
N ALA A 139 10.65 -8.00 -5.38
CA ALA A 139 10.07 -6.85 -6.08
C ALA A 139 10.49 -5.53 -5.45
N ILE A 140 10.31 -5.41 -4.14
CA ILE A 140 10.72 -4.21 -3.42
C ILE A 140 12.21 -3.95 -3.63
N LYS A 141 12.98 -5.02 -3.54
CA LYS A 141 14.43 -4.96 -3.72
C LYS A 141 14.78 -4.43 -5.11
N LYS A 142 14.19 -5.02 -6.15
CA LYS A 142 14.50 -4.64 -7.52
C LYS A 142 13.90 -3.28 -7.89
N LEU A 143 12.93 -2.80 -7.12
CA LEU A 143 12.48 -1.42 -7.27
C LEU A 143 13.56 -0.48 -6.76
N LEU A 144 14.18 -0.87 -5.65
CA LEU A 144 15.30 -0.12 -5.10
C LEU A 144 16.51 -0.23 -6.02
N GLU A 145 16.77 -1.45 -6.49
CA GLU A 145 17.85 -1.72 -7.43
C GLU A 145 17.49 -1.22 -8.83
N GLY A 146 16.28 -0.71 -8.97
CA GLY A 146 15.87 -0.14 -10.24
C GLY A 146 16.57 1.16 -10.51
N HIS A 147 16.39 2.13 -9.61
CA HIS A 147 17.02 3.44 -9.73
C HIS A 147 16.59 4.13 -11.03
N HIS A 148 17.27 5.21 -11.39
CA HIS A 148 17.00 5.87 -12.67
C HIS A 148 18.25 5.86 -13.53
N HIS A 149 19.10 4.88 -13.25
CA HIS A 149 20.34 4.64 -13.99
C HIS A 149 20.90 3.29 -13.55
N HIS A 150 20.67 2.28 -14.35
CA HIS A 150 20.98 0.91 -13.95
C HIS A 150 22.47 0.63 -13.91
N HIS A 151 22.81 -0.23 -12.96
CA HIS A 151 24.17 -0.71 -12.72
C HIS A 151 24.05 -1.69 -11.56
N HIS A 152 23.29 -1.24 -10.59
CA HIS A 152 22.77 -2.06 -9.51
C HIS A 152 21.93 -1.15 -8.63
N MET A 1 -3.06 -3.01 -17.48
CA MET A 1 -3.87 -4.24 -17.27
C MET A 1 -3.43 -4.92 -15.98
N SER A 2 -2.43 -5.81 -16.09
CA SER A 2 -1.78 -6.36 -14.91
C SER A 2 -0.65 -5.43 -14.50
N LEU A 3 -0.15 -4.70 -15.49
CA LEU A 3 0.84 -3.67 -15.30
C LEU A 3 0.61 -2.57 -16.34
N GLU A 4 0.78 -1.32 -15.93
CA GLU A 4 0.68 -0.19 -16.83
C GLU A 4 1.52 0.99 -16.33
N ILE A 5 2.75 1.05 -16.81
CA ILE A 5 3.65 2.13 -16.44
C ILE A 5 3.35 3.36 -17.30
N PRO A 6 3.12 4.52 -16.65
CA PRO A 6 2.84 5.77 -17.35
C PRO A 6 4.06 6.33 -18.06
N GLU A 7 3.94 7.58 -18.51
CA GLU A 7 5.00 8.23 -19.25
C GLU A 7 5.29 9.61 -18.67
N ASP A 8 6.51 10.09 -18.90
CA ASP A 8 6.87 11.45 -18.51
C ASP A 8 6.32 12.44 -19.52
N LYS A 9 5.00 12.56 -19.55
CA LYS A 9 4.30 13.37 -20.52
C LYS A 9 3.14 14.11 -19.84
N ILE A 10 2.02 14.27 -20.54
CA ILE A 10 0.90 15.08 -20.04
C ILE A 10 0.21 14.41 -18.85
N LYS A 11 0.66 13.23 -18.49
CA LYS A 11 0.11 12.52 -17.35
C LYS A 11 1.09 11.47 -16.82
N GLU A 12 1.51 11.65 -15.58
CA GLU A 12 2.24 10.62 -14.87
C GLU A 12 1.27 9.87 -13.96
N ALA A 13 1.82 8.98 -13.12
CA ALA A 13 1.06 8.30 -12.06
C ALA A 13 -0.34 7.87 -12.50
N SER A 14 -0.45 6.69 -13.09
CA SER A 14 -1.74 6.14 -13.45
C SER A 14 -2.31 5.33 -12.28
N ILE A 15 -1.65 5.48 -11.14
CA ILE A 15 -2.09 4.86 -9.91
C ILE A 15 -3.25 5.67 -9.31
N ILE A 16 -4.04 5.02 -8.47
CA ILE A 16 -5.10 5.71 -7.76
C ILE A 16 -4.56 6.26 -6.44
N ASP A 17 -4.52 7.58 -6.30
CA ASP A 17 -4.08 8.21 -5.07
C ASP A 17 -5.12 7.98 -4.00
N ILE A 18 -4.69 7.37 -2.91
CA ILE A 18 -5.61 6.97 -1.86
C ILE A 18 -5.48 7.90 -0.67
N GLN A 19 -6.46 8.76 -0.49
CA GLN A 19 -6.48 9.69 0.63
C GLN A 19 -7.41 9.21 1.72
N LEU A 20 -6.82 8.62 2.75
CA LEU A 20 -7.56 8.17 3.92
C LEU A 20 -6.76 8.51 5.15
N LYS A 21 -7.41 8.63 6.30
CA LYS A 21 -6.75 9.12 7.48
C LYS A 21 -6.33 7.98 8.41
N ASP A 22 -5.29 8.24 9.19
CA ASP A 22 -4.67 7.24 10.05
C ASP A 22 -5.43 7.07 11.35
N LEU A 23 -4.78 6.38 12.30
CA LEU A 23 -5.33 6.15 13.64
C LEU A 23 -5.75 7.46 14.28
N LYS A 24 -4.87 8.46 14.20
CA LYS A 24 -5.11 9.76 14.79
C LYS A 24 -6.22 10.49 14.04
N GLY A 25 -6.15 10.44 12.73
CA GLY A 25 -7.10 11.16 11.92
C GLY A 25 -6.43 12.09 10.95
N ASN A 26 -5.15 11.83 10.69
CA ASN A 26 -4.39 12.58 9.69
C ASN A 26 -4.47 11.87 8.34
N THR A 27 -5.01 12.56 7.36
CA THR A 27 -5.17 11.98 6.02
C THR A 27 -3.81 11.69 5.38
N ARG A 28 -3.64 10.46 4.91
CA ARG A 28 -2.45 10.07 4.18
C ARG A 28 -2.82 9.87 2.71
N SER A 29 -1.97 10.36 1.82
CA SER A 29 -2.16 10.16 0.40
C SER A 29 -0.96 9.41 -0.17
N LEU A 30 -1.11 8.88 -1.38
CA LEU A 30 -0.01 8.20 -2.02
C LEU A 30 0.94 9.21 -2.65
N THR A 31 0.37 10.35 -3.04
CA THR A 31 1.15 11.47 -3.53
C THR A 31 2.08 12.02 -2.44
N ASP A 32 1.74 11.72 -1.19
CA ASP A 32 2.56 12.10 -0.05
C ASP A 32 3.69 11.09 0.10
N LEU A 33 3.31 9.84 -0.03
CA LEU A 33 4.22 8.71 0.12
C LEU A 33 5.04 8.50 -1.15
N LYS A 34 5.04 9.51 -2.01
CA LYS A 34 5.73 9.46 -3.29
C LYS A 34 7.25 9.44 -3.11
N GLY A 35 7.69 9.77 -1.91
CA GLY A 35 9.12 9.79 -1.61
C GLY A 35 9.67 8.44 -1.19
N LYS A 36 8.87 7.40 -1.36
CA LYS A 36 9.30 6.03 -1.04
C LYS A 36 8.68 5.05 -2.02
N VAL A 37 9.04 3.78 -1.85
CA VAL A 37 8.36 2.70 -2.53
C VAL A 37 7.24 2.21 -1.63
N VAL A 38 6.03 2.18 -2.16
CA VAL A 38 4.85 2.03 -1.32
C VAL A 38 4.23 0.65 -1.46
N LEU A 39 3.87 0.07 -0.33
CA LEU A 39 3.08 -1.15 -0.31
C LEU A 39 1.61 -0.79 -0.12
N ILE A 40 0.78 -1.17 -1.08
CA ILE A 40 -0.65 -0.94 -0.95
C ILE A 40 -1.31 -2.18 -0.37
N ASP A 41 -1.68 -2.10 0.91
CA ASP A 41 -2.30 -3.23 1.58
C ASP A 41 -3.78 -2.96 1.85
N PHE A 42 -4.61 -3.95 1.57
CA PHE A 42 -6.03 -3.90 1.85
C PHE A 42 -6.41 -5.07 2.75
N THR A 43 -6.86 -4.77 3.95
CA THR A 43 -7.24 -5.81 4.90
C THR A 43 -8.23 -5.27 5.92
N VAL A 44 -8.75 -6.16 6.76
CA VAL A 44 -9.64 -5.79 7.84
C VAL A 44 -9.01 -6.10 9.18
N TYR A 45 -9.27 -5.26 10.16
CA TYR A 45 -8.72 -5.46 11.49
C TYR A 45 -9.77 -6.03 12.42
N ASN A 46 -9.92 -7.35 12.30
CA ASN A 46 -10.83 -8.16 13.10
C ASN A 46 -10.75 -9.59 12.60
N ASN A 47 -9.63 -9.88 11.95
CA ASN A 47 -9.51 -11.06 11.12
C ASN A 47 -8.13 -11.69 11.28
N ALA A 48 -8.11 -12.99 11.54
CA ALA A 48 -6.88 -13.72 11.84
C ALA A 48 -5.90 -13.70 10.68
N MET A 49 -6.43 -13.74 9.46
CA MET A 49 -5.59 -13.74 8.26
C MET A 49 -4.80 -12.44 8.14
N SER A 50 -5.28 -11.40 8.81
CA SER A 50 -4.62 -10.11 8.76
C SER A 50 -3.35 -10.13 9.61
N ALA A 51 -3.33 -10.98 10.64
CA ALA A 51 -2.19 -11.08 11.53
C ALA A 51 -0.99 -11.69 10.82
N ALA A 52 -1.21 -12.84 10.19
CA ALA A 52 -0.14 -13.52 9.46
C ALA A 52 0.30 -12.67 8.26
N HIS A 53 -0.66 -11.97 7.67
CA HIS A 53 -0.39 -11.09 6.55
C HIS A 53 0.46 -9.90 6.99
N ASN A 54 0.22 -9.43 8.22
CA ASN A 54 0.96 -8.31 8.77
C ASN A 54 2.42 -8.69 9.00
N LEU A 55 2.64 -9.94 9.43
CA LEU A 55 3.99 -10.42 9.71
C LEU A 55 4.83 -10.45 8.44
N ALA A 56 4.22 -10.90 7.34
CA ALA A 56 4.90 -10.92 6.04
C ALA A 56 5.29 -9.50 5.63
N LEU A 57 4.42 -8.56 5.92
CA LEU A 57 4.67 -7.15 5.66
C LEU A 57 5.81 -6.66 6.56
N ARG A 58 5.77 -7.11 7.80
CA ARG A 58 6.77 -6.76 8.79
C ARG A 58 8.16 -7.18 8.34
N GLU A 59 8.21 -8.27 7.60
CA GLU A 59 9.47 -8.89 7.20
C GLU A 59 10.11 -8.01 6.18
N LEU A 60 9.33 -7.78 5.16
CA LEU A 60 9.68 -6.92 4.07
C LEU A 60 10.07 -5.52 4.57
N TYR A 61 9.45 -5.11 5.67
CA TYR A 61 9.69 -3.79 6.24
C TYR A 61 11.02 -3.78 6.97
N ASN A 62 11.28 -4.82 7.74
CA ASN A 62 12.54 -4.97 8.46
C ASN A 62 13.71 -5.03 7.49
N LYS A 63 13.41 -5.39 6.25
CA LYS A 63 14.42 -5.53 5.23
C LYS A 63 14.72 -4.19 4.53
N TYR A 64 13.71 -3.62 3.87
CA TYR A 64 13.96 -2.53 2.93
C TYR A 64 13.50 -1.14 3.43
N ALA A 65 12.79 -1.10 4.55
CA ALA A 65 12.26 0.18 5.03
C ALA A 65 13.37 1.13 5.45
N SER A 66 14.48 0.57 5.92
CA SER A 66 15.61 1.36 6.35
C SER A 66 16.28 2.07 5.18
N GLN A 67 16.00 1.58 3.97
CA GLN A 67 16.57 2.16 2.76
C GLN A 67 15.64 3.25 2.21
N GLY A 68 14.43 2.85 1.83
CA GLY A 68 13.49 3.80 1.27
C GLY A 68 12.16 3.16 0.97
N PHE A 69 11.73 2.26 1.85
CA PHE A 69 10.49 1.52 1.66
C PHE A 69 9.47 1.93 2.71
N GLU A 70 8.20 1.95 2.32
CA GLU A 70 7.13 2.30 3.24
C GLU A 70 5.89 1.47 2.93
N ILE A 71 5.13 1.14 3.97
CA ILE A 71 3.89 0.40 3.78
C ILE A 71 2.69 1.29 4.09
N TYR A 72 1.73 1.28 3.19
CA TYR A 72 0.50 2.04 3.38
C TYR A 72 -0.67 1.07 3.49
N GLN A 73 -1.11 0.84 4.72
CA GLN A 73 -2.18 -0.10 4.98
C GLN A 73 -3.54 0.57 5.00
N ILE A 74 -4.51 -0.06 4.36
CA ILE A 74 -5.88 0.41 4.35
C ILE A 74 -6.79 -0.61 5.01
N SER A 75 -7.35 -0.24 6.15
CA SER A 75 -8.25 -1.11 6.87
C SER A 75 -9.70 -0.86 6.43
N LEU A 76 -10.33 -1.88 5.89
CA LEU A 76 -11.71 -1.75 5.40
C LEU A 76 -12.68 -2.34 6.41
N ASP A 77 -12.22 -2.55 7.64
CA ASP A 77 -13.04 -3.19 8.65
C ASP A 77 -14.14 -2.26 9.12
N GLY A 78 -15.10 -2.81 9.83
CA GLY A 78 -16.18 -2.01 10.36
C GLY A 78 -15.86 -1.49 11.76
N ASP A 79 -14.89 -2.12 12.41
CA ASP A 79 -14.52 -1.72 13.76
C ASP A 79 -13.13 -1.10 13.79
N GLU A 80 -13.08 0.18 14.12
CA GLU A 80 -11.83 0.90 14.19
C GLU A 80 -11.08 0.64 15.48
N HIS A 81 -11.77 0.17 16.50
CA HIS A 81 -11.14 -0.03 17.80
C HIS A 81 -10.09 -1.12 17.73
N PHE A 82 -10.43 -2.24 17.10
CA PHE A 82 -9.49 -3.34 16.97
C PHE A 82 -8.37 -2.95 16.00
N TRP A 83 -8.75 -2.17 15.00
CA TRP A 83 -7.80 -1.58 14.07
C TRP A 83 -6.80 -0.69 14.80
N LYS A 84 -7.31 0.33 15.47
CA LYS A 84 -6.48 1.37 16.08
C LYS A 84 -5.60 0.79 17.17
N THR A 85 -6.16 -0.11 17.96
CA THR A 85 -5.42 -0.71 19.06
C THR A 85 -4.29 -1.61 18.56
N SER A 86 -4.51 -2.27 17.43
CA SER A 86 -3.49 -3.14 16.86
C SER A 86 -2.52 -2.32 16.01
N ALA A 87 -2.98 -1.17 15.54
CA ALA A 87 -2.18 -0.31 14.70
C ALA A 87 -1.23 0.56 15.52
N ASP A 88 -1.51 0.67 16.81
CA ASP A 88 -0.70 1.46 17.73
C ASP A 88 0.78 1.03 17.67
N ASN A 89 0.99 -0.27 17.66
CA ASN A 89 2.35 -0.82 17.64
C ASN A 89 2.85 -1.05 16.21
N LEU A 90 2.20 -0.45 15.24
CA LEU A 90 2.59 -0.64 13.85
C LEU A 90 3.67 0.35 13.43
N PRO A 91 4.64 -0.14 12.66
CA PRO A 91 5.81 0.63 12.21
C PRO A 91 5.51 1.55 11.02
N TRP A 92 4.57 1.14 10.18
CA TRP A 92 4.27 1.85 8.93
C TRP A 92 2.96 2.63 9.04
N VAL A 93 2.41 3.02 7.90
CA VAL A 93 1.20 3.81 7.87
C VAL A 93 -0.01 2.89 7.83
N CYS A 94 -0.94 3.10 8.74
CA CYS A 94 -2.16 2.30 8.78
C CYS A 94 -3.37 3.23 8.85
N VAL A 95 -4.19 3.20 7.82
CA VAL A 95 -5.35 4.07 7.73
C VAL A 95 -6.63 3.25 7.60
N ARG A 96 -7.76 3.94 7.57
CA ARG A 96 -9.05 3.27 7.39
C ARG A 96 -9.85 3.92 6.28
N ASP A 97 -10.50 3.11 5.46
CA ASP A 97 -11.33 3.61 4.37
C ASP A 97 -12.71 3.98 4.90
N ALA A 98 -13.35 4.94 4.26
CA ALA A 98 -14.64 5.45 4.71
C ALA A 98 -15.80 4.56 4.27
N ASN A 99 -15.62 3.84 3.17
CA ASN A 99 -16.71 3.09 2.58
C ASN A 99 -16.58 1.58 2.86
N GLY A 100 -15.42 1.17 3.35
CA GLY A 100 -15.21 -0.23 3.70
C GLY A 100 -15.21 -1.15 2.50
N ALA A 101 -16.39 -1.62 2.11
CA ALA A 101 -16.52 -2.52 0.98
C ALA A 101 -17.14 -1.81 -0.22
N TYR A 102 -17.62 -0.59 0.00
CA TYR A 102 -18.25 0.19 -1.06
C TYR A 102 -17.29 1.27 -1.54
N SER A 103 -16.01 1.04 -1.32
CA SER A 103 -14.97 1.99 -1.67
C SER A 103 -14.82 2.11 -3.19
N SER A 104 -14.77 3.34 -3.68
CA SER A 104 -14.56 3.60 -5.09
C SER A 104 -13.27 2.94 -5.57
N TYR A 105 -12.28 2.88 -4.67
CA TYR A 105 -11.00 2.24 -4.96
C TYR A 105 -11.23 0.79 -5.37
N ILE A 106 -12.04 0.09 -4.59
CA ILE A 106 -12.32 -1.32 -4.81
C ILE A 106 -12.86 -1.57 -6.22
N SER A 107 -13.67 -0.65 -6.71
CA SER A 107 -14.25 -0.78 -8.05
C SER A 107 -13.22 -0.40 -9.12
N LEU A 108 -12.21 0.37 -8.73
CA LEU A 108 -11.20 0.84 -9.68
C LEU A 108 -10.16 -0.23 -9.95
N TYR A 109 -9.89 -1.09 -8.97
CA TYR A 109 -8.92 -2.16 -9.16
C TYR A 109 -9.56 -3.38 -9.78
N ASN A 110 -10.89 -3.46 -9.69
CA ASN A 110 -11.58 -4.73 -9.92
C ASN A 110 -10.96 -5.74 -8.96
N VAL A 111 -11.00 -5.38 -7.69
CA VAL A 111 -10.28 -6.10 -6.65
C VAL A 111 -10.69 -7.57 -6.56
N THR A 112 -11.96 -7.85 -6.86
CA THR A 112 -12.50 -9.20 -6.84
C THR A 112 -12.63 -9.75 -5.41
N ASN A 113 -11.52 -9.76 -4.67
CA ASN A 113 -11.52 -10.30 -3.31
C ASN A 113 -10.41 -9.70 -2.48
N LEU A 114 -10.49 -9.88 -1.16
CA LEU A 114 -9.48 -9.40 -0.24
C LEU A 114 -9.01 -10.58 0.63
N PRO A 115 -7.91 -10.41 1.40
CA PRO A 115 -7.13 -9.16 1.47
C PRO A 115 -6.28 -8.97 0.23
N SER A 116 -5.89 -7.73 -0.02
CA SER A 116 -5.20 -7.39 -1.26
C SER A 116 -3.89 -6.67 -0.97
N VAL A 117 -2.97 -6.78 -1.92
CA VAL A 117 -1.68 -6.08 -1.84
C VAL A 117 -1.26 -5.64 -3.24
N PHE A 118 -0.64 -4.47 -3.34
CA PHE A 118 -0.12 -3.99 -4.60
C PHE A 118 1.27 -3.41 -4.36
N LEU A 119 2.04 -3.26 -5.43
CA LEU A 119 3.38 -2.69 -5.33
C LEU A 119 3.43 -1.31 -5.97
N VAL A 120 4.19 -0.41 -5.37
CA VAL A 120 4.37 0.92 -5.92
C VAL A 120 5.84 1.32 -5.92
N ASN A 121 6.35 1.73 -7.07
CA ASN A 121 7.73 2.17 -7.16
C ASN A 121 7.83 3.63 -6.73
N ARG A 122 9.07 4.10 -6.52
CA ARG A 122 9.35 5.39 -5.87
C ARG A 122 8.85 6.61 -6.64
N ASN A 123 8.20 6.39 -7.77
CA ASN A 123 7.60 7.49 -8.50
C ASN A 123 6.12 7.57 -8.19
N ASN A 124 5.71 6.76 -7.22
CA ASN A 124 4.31 6.55 -6.90
C ASN A 124 3.58 5.97 -8.11
N GLU A 125 4.07 4.84 -8.57
CA GLU A 125 3.46 4.17 -9.72
C GLU A 125 3.20 2.71 -9.39
N LEU A 126 2.10 2.18 -9.92
CA LEU A 126 1.72 0.79 -9.67
C LEU A 126 2.72 -0.17 -10.34
N SER A 127 3.49 -0.85 -9.51
CA SER A 127 4.52 -1.76 -9.96
C SER A 127 3.94 -3.10 -10.37
N ALA A 128 3.09 -3.67 -9.52
CA ALA A 128 2.46 -4.94 -9.81
C ALA A 128 1.35 -5.22 -8.81
N ARG A 129 0.52 -6.19 -9.13
CA ARG A 129 -0.54 -6.61 -8.23
C ARG A 129 -0.03 -7.74 -7.34
N GLY A 130 -0.72 -8.00 -6.23
CA GLY A 130 -0.28 -9.03 -5.29
C GLY A 130 -0.13 -10.39 -5.93
N GLU A 131 -1.11 -10.77 -6.73
CA GLU A 131 -1.11 -12.08 -7.41
C GLU A 131 -0.02 -12.12 -8.48
N ASN A 132 0.38 -10.93 -8.94
CA ASN A 132 1.37 -10.81 -10.00
C ASN A 132 2.77 -10.68 -9.44
N ILE A 133 2.87 -10.66 -8.11
CA ILE A 133 4.15 -10.54 -7.45
C ILE A 133 4.62 -11.92 -6.98
N LYS A 134 5.52 -12.48 -7.76
CA LYS A 134 6.15 -13.76 -7.44
C LYS A 134 6.92 -13.68 -6.12
N ASP A 135 7.53 -12.54 -5.89
CA ASP A 135 8.36 -12.32 -4.73
C ASP A 135 8.62 -10.83 -4.57
N LEU A 136 8.15 -10.27 -3.48
CA LEU A 136 8.26 -8.84 -3.25
C LEU A 136 9.67 -8.46 -2.86
N ASP A 137 10.37 -9.42 -2.26
CA ASP A 137 11.75 -9.20 -1.83
C ASP A 137 12.62 -8.73 -2.99
N GLU A 138 12.60 -9.48 -4.10
CA GLU A 138 13.27 -9.07 -5.32
C GLU A 138 12.76 -7.73 -5.80
N ALA A 139 11.45 -7.63 -5.92
CA ALA A 139 10.81 -6.47 -6.50
C ALA A 139 11.22 -5.18 -5.79
N ILE A 140 11.04 -5.14 -4.48
CA ILE A 140 11.34 -3.95 -3.71
C ILE A 140 12.82 -3.60 -3.78
N LYS A 141 13.67 -4.62 -3.83
CA LYS A 141 15.10 -4.42 -3.93
C LYS A 141 15.44 -3.71 -5.24
N LYS A 142 14.91 -4.23 -6.34
CA LYS A 142 15.18 -3.72 -7.65
C LYS A 142 14.55 -2.35 -7.86
N LEU A 143 13.51 -2.04 -7.09
CA LEU A 143 12.90 -0.72 -7.10
C LEU A 143 13.87 0.30 -6.53
N LEU A 144 14.56 -0.10 -5.47
CA LEU A 144 15.57 0.73 -4.83
C LEU A 144 16.79 0.89 -5.72
N GLU A 145 17.19 -0.20 -6.36
CA GLU A 145 18.29 -0.19 -7.32
C GLU A 145 17.95 0.74 -8.49
N GLY A 146 16.66 0.77 -8.85
CA GLY A 146 16.11 1.80 -9.72
C GLY A 146 16.92 2.09 -10.99
N HIS A 147 17.51 1.05 -11.56
CA HIS A 147 18.22 1.15 -12.85
C HIS A 147 19.53 1.94 -12.78
N HIS A 148 19.84 2.57 -11.65
CA HIS A 148 21.05 3.39 -11.58
C HIS A 148 22.29 2.51 -11.64
N HIS A 149 23.09 2.71 -12.68
CA HIS A 149 24.28 1.89 -12.96
C HIS A 149 23.88 0.48 -13.37
N HIS A 150 22.57 0.28 -13.56
CA HIS A 150 22.00 -1.00 -14.04
C HIS A 150 22.16 -2.12 -13.01
N HIS A 151 22.72 -1.82 -11.85
CA HIS A 151 22.91 -2.83 -10.81
C HIS A 151 23.35 -2.19 -9.50
N HIS A 152 23.52 -3.02 -8.49
CA HIS A 152 24.04 -2.59 -7.20
C HIS A 152 25.26 -3.43 -6.86
N MET A 1 0.79 17.69 -5.03
CA MET A 1 1.37 19.01 -4.71
C MET A 1 1.60 19.82 -5.98
N SER A 2 1.99 19.13 -7.04
CA SER A 2 2.27 19.79 -8.31
C SER A 2 1.21 19.41 -9.34
N LEU A 3 1.39 19.84 -10.57
CA LEU A 3 0.54 19.38 -11.66
C LEU A 3 0.97 17.97 -12.05
N GLU A 4 0.59 17.01 -11.24
CA GLU A 4 1.00 15.63 -11.44
C GLU A 4 -0.23 14.76 -11.68
N ILE A 5 -0.47 14.48 -12.95
CA ILE A 5 -1.63 13.69 -13.36
C ILE A 5 -1.20 12.28 -13.77
N PRO A 6 -1.70 11.25 -13.07
CA PRO A 6 -1.33 9.85 -13.30
C PRO A 6 -2.08 9.21 -14.46
N GLU A 7 -2.60 10.03 -15.36
CA GLU A 7 -3.35 9.55 -16.51
C GLU A 7 -2.47 9.51 -17.74
N ASP A 8 -1.63 8.49 -17.84
CA ASP A 8 -0.74 8.33 -18.98
C ASP A 8 -1.51 7.66 -20.13
N LYS A 9 -0.93 7.65 -21.32
CA LYS A 9 -1.61 7.12 -22.49
C LYS A 9 -0.95 5.84 -22.97
N ILE A 10 0.18 5.55 -22.37
CA ILE A 10 0.90 4.32 -22.62
C ILE A 10 0.99 3.55 -21.31
N LYS A 11 0.15 3.98 -20.38
CA LYS A 11 0.16 3.47 -19.01
C LYS A 11 -1.01 4.09 -18.25
N GLU A 12 -2.22 3.88 -18.78
CA GLU A 12 -3.43 4.42 -18.18
C GLU A 12 -3.54 3.97 -16.73
N ALA A 13 -3.93 4.89 -15.87
CA ALA A 13 -3.98 4.65 -14.43
C ALA A 13 -2.62 4.22 -13.91
N SER A 14 -1.68 5.16 -13.93
CA SER A 14 -0.32 4.89 -13.47
C SER A 14 -0.30 4.69 -11.97
N ILE A 15 -1.17 5.41 -11.27
CA ILE A 15 -1.29 5.27 -9.84
C ILE A 15 -2.62 5.85 -9.36
N ILE A 16 -3.25 5.18 -8.42
CA ILE A 16 -4.48 5.66 -7.81
C ILE A 16 -4.15 6.27 -6.45
N ASP A 17 -4.12 7.59 -6.38
CA ASP A 17 -3.80 8.27 -5.14
C ASP A 17 -4.89 8.05 -4.10
N ILE A 18 -4.56 7.26 -3.10
CA ILE A 18 -5.48 6.95 -2.02
C ILE A 18 -5.36 8.02 -0.94
N GLN A 19 -6.48 8.65 -0.61
CA GLN A 19 -6.49 9.67 0.42
C GLN A 19 -7.44 9.30 1.55
N LEU A 20 -6.87 8.80 2.64
CA LEU A 20 -7.64 8.42 3.82
C LEU A 20 -6.85 8.77 5.08
N LYS A 21 -7.53 9.02 6.18
CA LYS A 21 -6.82 9.34 7.42
C LYS A 21 -6.29 8.08 8.08
N ASP A 22 -5.13 8.22 8.69
CA ASP A 22 -4.51 7.13 9.40
C ASP A 22 -4.95 7.13 10.85
N LEU A 23 -4.29 6.31 11.67
CA LEU A 23 -4.56 6.23 13.09
C LEU A 23 -4.37 7.58 13.78
N LYS A 24 -3.38 8.34 13.33
CA LYS A 24 -3.08 9.65 13.88
C LYS A 24 -4.17 10.66 13.53
N GLY A 25 -4.88 10.40 12.44
CA GLY A 25 -5.92 11.31 12.00
C GLY A 25 -5.50 12.14 10.81
N ASN A 26 -4.43 11.73 10.15
CA ASN A 26 -3.92 12.44 8.99
C ASN A 26 -4.38 11.75 7.73
N THR A 27 -5.07 12.48 6.87
CA THR A 27 -5.40 11.95 5.56
C THR A 27 -4.10 11.79 4.76
N ARG A 28 -3.69 10.55 4.59
CA ARG A 28 -2.49 10.23 3.85
C ARG A 28 -2.83 10.11 2.39
N SER A 29 -1.94 10.57 1.54
CA SER A 29 -2.08 10.35 0.12
C SER A 29 -0.86 9.61 -0.40
N LEU A 30 -1.01 8.93 -1.52
CA LEU A 30 0.12 8.20 -2.08
C LEU A 30 1.09 9.17 -2.73
N THR A 31 0.57 10.31 -3.15
CA THR A 31 1.40 11.38 -3.68
C THR A 31 2.26 12.01 -2.58
N ASP A 32 1.92 11.71 -1.33
CA ASP A 32 2.68 12.19 -0.18
C ASP A 32 3.75 11.17 0.18
N LEU A 33 3.37 9.90 0.11
CA LEU A 33 4.27 8.78 0.39
C LEU A 33 5.21 8.55 -0.78
N LYS A 34 5.09 9.42 -1.79
CA LYS A 34 5.88 9.34 -3.02
C LYS A 34 7.38 9.46 -2.74
N GLY A 35 7.72 9.99 -1.56
CA GLY A 35 9.11 10.12 -1.17
C GLY A 35 9.76 8.78 -0.85
N LYS A 36 8.94 7.75 -0.72
CA LYS A 36 9.43 6.41 -0.47
C LYS A 36 8.92 5.46 -1.54
N VAL A 37 9.26 4.19 -1.40
CA VAL A 37 8.61 3.16 -2.18
C VAL A 37 7.46 2.61 -1.36
N VAL A 38 6.28 2.59 -1.94
CA VAL A 38 5.07 2.38 -1.17
C VAL A 38 4.53 0.98 -1.31
N LEU A 39 4.26 0.35 -0.17
CA LEU A 39 3.57 -0.92 -0.14
C LEU A 39 2.08 -0.68 0.00
N ILE A 40 1.34 -0.95 -1.06
CA ILE A 40 -0.10 -0.77 -1.01
C ILE A 40 -0.78 -1.99 -0.41
N ASP A 41 -1.24 -1.85 0.81
CA ASP A 41 -1.93 -2.93 1.48
C ASP A 41 -3.43 -2.68 1.52
N PHE A 42 -4.18 -3.71 1.21
CA PHE A 42 -5.63 -3.69 1.38
C PHE A 42 -6.03 -4.79 2.34
N THR A 43 -6.44 -4.39 3.54
CA THR A 43 -6.73 -5.35 4.59
C THR A 43 -7.91 -4.87 5.43
N VAL A 44 -8.22 -5.62 6.46
CA VAL A 44 -9.27 -5.26 7.40
C VAL A 44 -8.88 -5.69 8.80
N TYR A 45 -8.95 -4.77 9.74
CA TYR A 45 -8.63 -5.11 11.12
C TYR A 45 -9.79 -5.83 11.75
N ASN A 46 -9.86 -7.12 11.42
CA ASN A 46 -10.85 -8.04 11.94
C ASN A 46 -10.68 -9.40 11.27
N ASN A 47 -10.16 -9.39 10.06
CA ASN A 47 -9.98 -10.59 9.27
C ASN A 47 -8.84 -11.43 9.80
N ALA A 48 -9.07 -12.72 9.91
CA ALA A 48 -8.08 -13.66 10.40
C ALA A 48 -6.83 -13.66 9.53
N MET A 49 -7.00 -13.35 8.25
CA MET A 49 -5.90 -13.35 7.30
C MET A 49 -4.94 -12.19 7.57
N SER A 50 -5.44 -11.13 8.21
CA SER A 50 -4.65 -9.95 8.43
C SER A 50 -3.45 -10.23 9.35
N ALA A 51 -3.60 -11.22 10.22
CA ALA A 51 -2.53 -11.57 11.16
C ALA A 51 -1.28 -12.04 10.43
N ALA A 52 -1.42 -13.11 9.65
CA ALA A 52 -0.29 -13.67 8.90
C ALA A 52 0.17 -12.71 7.81
N HIS A 53 -0.78 -11.97 7.25
CA HIS A 53 -0.49 -11.02 6.19
C HIS A 53 0.45 -9.92 6.68
N ASN A 54 0.20 -9.42 7.88
CA ASN A 54 1.01 -8.34 8.45
C ASN A 54 2.41 -8.81 8.80
N LEU A 55 2.58 -10.11 8.99
CA LEU A 55 3.90 -10.66 9.29
C LEU A 55 4.77 -10.58 8.04
N ALA A 56 4.19 -10.96 6.91
CA ALA A 56 4.89 -10.86 5.63
C ALA A 56 5.29 -9.41 5.36
N LEU A 57 4.42 -8.50 5.77
CA LEU A 57 4.70 -7.06 5.66
C LEU A 57 5.87 -6.70 6.56
N ARG A 58 5.88 -7.27 7.76
CA ARG A 58 6.96 -7.05 8.72
C ARG A 58 8.29 -7.50 8.16
N GLU A 59 8.25 -8.49 7.29
CA GLU A 59 9.45 -9.15 6.81
C GLU A 59 10.11 -8.25 5.82
N LEU A 60 9.33 -7.94 4.83
CA LEU A 60 9.72 -7.05 3.78
C LEU A 60 10.12 -5.67 4.33
N TYR A 61 9.47 -5.27 5.42
CA TYR A 61 9.74 -3.98 6.01
C TYR A 61 11.06 -4.02 6.76
N ASN A 62 11.23 -5.10 7.51
CA ASN A 62 12.44 -5.30 8.32
C ASN A 62 13.67 -5.31 7.43
N LYS A 63 13.44 -5.68 6.19
CA LYS A 63 14.50 -5.74 5.18
C LYS A 63 14.76 -4.38 4.54
N TYR A 64 13.76 -3.82 3.88
CA TYR A 64 14.00 -2.73 2.94
C TYR A 64 13.57 -1.36 3.45
N ALA A 65 12.90 -1.30 4.61
CA ALA A 65 12.41 -0.02 5.13
C ALA A 65 13.55 0.99 5.32
N SER A 66 14.71 0.49 5.71
CA SER A 66 15.86 1.33 6.02
C SER A 66 16.39 2.07 4.78
N GLN A 67 15.94 1.67 3.60
CA GLN A 67 16.40 2.29 2.36
C GLN A 67 15.33 3.20 1.76
N GLY A 68 14.36 3.58 2.58
CA GLY A 68 13.31 4.45 2.10
C GLY A 68 12.10 3.69 1.61
N PHE A 69 11.68 2.72 2.40
CA PHE A 69 10.52 1.91 2.08
C PHE A 69 9.48 2.05 3.19
N GLU A 70 8.22 2.21 2.81
CA GLU A 70 7.18 2.43 3.79
C GLU A 70 5.90 1.72 3.36
N ILE A 71 5.19 1.18 4.33
CA ILE A 71 3.99 0.40 4.06
C ILE A 71 2.76 1.23 4.35
N TYR A 72 1.83 1.21 3.42
CA TYR A 72 0.59 1.94 3.55
C TYR A 72 -0.59 0.97 3.62
N GLN A 73 -1.08 0.73 4.82
CA GLN A 73 -2.18 -0.21 5.02
C GLN A 73 -3.53 0.47 4.94
N ILE A 74 -4.40 -0.07 4.10
CA ILE A 74 -5.77 0.40 3.98
C ILE A 74 -6.73 -0.61 4.58
N SER A 75 -7.31 -0.26 5.72
CA SER A 75 -8.21 -1.16 6.42
C SER A 75 -9.66 -0.88 6.01
N LEU A 76 -10.45 -1.94 5.88
CA LEU A 76 -11.84 -1.80 5.47
C LEU A 76 -12.78 -2.23 6.59
N ASP A 77 -12.33 -2.11 7.82
CA ASP A 77 -13.15 -2.49 8.98
C ASP A 77 -14.08 -1.35 9.37
N GLY A 78 -14.89 -1.59 10.40
CA GLY A 78 -15.81 -0.59 10.88
C GLY A 78 -15.86 -0.53 12.39
N ASP A 79 -14.71 -0.76 13.02
CA ASP A 79 -14.60 -0.70 14.48
C ASP A 79 -13.33 0.01 14.89
N GLU A 80 -13.44 0.91 15.83
CA GLU A 80 -12.30 1.69 16.28
C GLU A 80 -11.41 0.88 17.19
N HIS A 81 -12.01 -0.03 17.93
CA HIS A 81 -11.31 -0.69 19.03
C HIS A 81 -10.21 -1.62 18.52
N PHE A 82 -10.56 -2.50 17.60
CA PHE A 82 -9.60 -3.46 17.08
C PHE A 82 -8.58 -2.76 16.18
N TRP A 83 -9.07 -1.87 15.32
CA TRP A 83 -8.20 -1.14 14.40
C TRP A 83 -7.17 -0.32 15.17
N LYS A 84 -7.65 0.44 16.16
CA LYS A 84 -6.79 1.31 16.93
C LYS A 84 -5.73 0.51 17.66
N THR A 85 -6.18 -0.37 18.55
CA THR A 85 -5.28 -1.12 19.43
C THR A 85 -4.22 -1.90 18.64
N SER A 86 -4.61 -2.45 17.51
CA SER A 86 -3.72 -3.26 16.69
C SER A 86 -2.71 -2.38 15.94
N ALA A 87 -3.17 -1.23 15.44
CA ALA A 87 -2.34 -0.37 14.61
C ALA A 87 -1.52 0.60 15.46
N ASP A 88 -1.98 0.82 16.68
CA ASP A 88 -1.36 1.77 17.60
C ASP A 88 0.07 1.38 17.88
N ASN A 89 0.31 0.07 17.94
CA ASN A 89 1.63 -0.46 18.24
C ASN A 89 2.37 -0.81 16.95
N LEU A 90 1.80 -0.42 15.81
CA LEU A 90 2.39 -0.73 14.52
C LEU A 90 3.28 0.40 14.03
N PRO A 91 4.33 0.04 13.27
CA PRO A 91 5.34 0.98 12.78
C PRO A 91 4.86 1.88 11.63
N TRP A 92 4.40 1.26 10.55
CA TRP A 92 4.12 1.96 9.31
C TRP A 92 2.72 2.60 9.32
N VAL A 93 2.25 3.02 8.15
CA VAL A 93 1.03 3.80 8.06
C VAL A 93 -0.19 2.89 7.96
N CYS A 94 -1.21 3.20 8.75
CA CYS A 94 -2.44 2.43 8.74
C CYS A 94 -3.65 3.35 8.68
N VAL A 95 -4.32 3.34 7.56
CA VAL A 95 -5.50 4.19 7.35
C VAL A 95 -6.73 3.32 7.17
N ARG A 96 -7.91 3.91 7.31
CA ARG A 96 -9.14 3.16 7.09
C ARG A 96 -10.09 3.90 6.15
N ASP A 97 -10.79 3.14 5.33
CA ASP A 97 -11.76 3.69 4.39
C ASP A 97 -13.04 4.07 5.13
N ALA A 98 -13.87 4.90 4.51
CA ALA A 98 -15.10 5.37 5.14
C ALA A 98 -16.17 4.29 5.19
N ASN A 99 -16.22 3.44 4.18
CA ASN A 99 -17.30 2.45 4.11
C ASN A 99 -16.73 1.02 4.04
N GLY A 100 -15.44 0.90 3.82
CA GLY A 100 -14.80 -0.40 3.89
C GLY A 100 -14.89 -1.18 2.59
N ALA A 101 -15.62 -2.29 2.63
CA ALA A 101 -15.71 -3.20 1.49
C ALA A 101 -16.60 -2.64 0.38
N TYR A 102 -17.03 -1.40 0.54
CA TYR A 102 -17.83 -0.73 -0.47
C TYR A 102 -17.02 0.39 -1.12
N SER A 103 -15.73 0.42 -0.81
CA SER A 103 -14.84 1.42 -1.36
C SER A 103 -14.74 1.26 -2.87
N SER A 104 -14.92 2.37 -3.59
CA SER A 104 -14.92 2.37 -5.05
C SER A 104 -13.60 1.84 -5.61
N TYR A 105 -12.51 2.02 -4.86
CA TYR A 105 -11.19 1.60 -5.31
C TYR A 105 -11.14 0.10 -5.53
N ILE A 106 -11.83 -0.65 -4.68
CA ILE A 106 -11.79 -2.11 -4.70
C ILE A 106 -12.25 -2.66 -6.05
N SER A 107 -13.20 -1.98 -6.68
CA SER A 107 -13.71 -2.40 -7.98
C SER A 107 -12.77 -1.96 -9.11
N LEU A 108 -11.91 -0.99 -8.81
CA LEU A 108 -10.98 -0.45 -9.80
C LEU A 108 -9.77 -1.35 -9.96
N TYR A 109 -9.34 -1.99 -8.87
CA TYR A 109 -8.20 -2.90 -8.92
C TYR A 109 -8.64 -4.28 -9.39
N ASN A 110 -9.96 -4.48 -9.45
CA ASN A 110 -10.54 -5.80 -9.64
C ASN A 110 -10.17 -6.65 -8.43
N VAL A 111 -10.86 -6.43 -7.35
CA VAL A 111 -10.57 -7.14 -6.14
C VAL A 111 -11.77 -7.96 -5.71
N THR A 112 -11.83 -9.17 -6.20
CA THR A 112 -12.90 -10.08 -5.83
C THR A 112 -12.50 -10.91 -4.62
N ASN A 113 -11.26 -10.74 -4.17
CA ASN A 113 -10.77 -11.50 -3.04
C ASN A 113 -9.75 -10.71 -2.24
N LEU A 114 -10.25 -9.89 -1.33
CA LEU A 114 -9.42 -9.21 -0.34
C LEU A 114 -9.16 -10.17 0.83
N PRO A 115 -8.09 -9.98 1.63
CA PRO A 115 -7.12 -8.87 1.48
C PRO A 115 -6.23 -9.00 0.27
N SER A 116 -5.61 -7.90 -0.11
CA SER A 116 -4.76 -7.85 -1.28
C SER A 116 -3.58 -6.93 -1.03
N VAL A 117 -2.66 -6.91 -1.98
CA VAL A 117 -1.50 -6.04 -1.91
C VAL A 117 -1.18 -5.51 -3.31
N PHE A 118 -0.50 -4.39 -3.37
CA PHE A 118 -0.06 -3.79 -4.64
C PHE A 118 1.28 -3.11 -4.42
N LEU A 119 2.03 -2.89 -5.49
CA LEU A 119 3.35 -2.27 -5.37
C LEU A 119 3.37 -0.89 -5.99
N VAL A 120 4.14 0.01 -5.40
CA VAL A 120 4.30 1.37 -5.92
C VAL A 120 5.76 1.80 -5.80
N ASN A 121 6.34 2.23 -6.92
CA ASN A 121 7.71 2.74 -6.91
C ASN A 121 7.71 4.19 -6.43
N ARG A 122 8.91 4.71 -6.14
CA ARG A 122 9.06 6.03 -5.51
C ARG A 122 8.85 7.18 -6.49
N ASN A 123 8.26 6.90 -7.63
CA ASN A 123 7.76 7.94 -8.51
C ASN A 123 6.25 7.96 -8.40
N ASN A 124 5.78 7.22 -7.39
CA ASN A 124 4.37 6.96 -7.19
C ASN A 124 3.77 6.32 -8.43
N GLU A 125 4.26 5.14 -8.74
CA GLU A 125 3.73 4.37 -9.88
C GLU A 125 3.34 2.97 -9.44
N LEU A 126 2.22 2.47 -9.96
CA LEU A 126 1.79 1.12 -9.68
C LEU A 126 2.74 0.13 -10.36
N SER A 127 3.54 -0.54 -9.55
CA SER A 127 4.54 -1.47 -10.03
C SER A 127 3.90 -2.77 -10.49
N ALA A 128 3.10 -3.36 -9.61
CA ALA A 128 2.44 -4.63 -9.90
C ALA A 128 1.34 -4.89 -8.90
N ARG A 129 0.46 -5.82 -9.22
CA ARG A 129 -0.64 -6.17 -8.34
C ARG A 129 -0.35 -7.45 -7.59
N GLY A 130 -0.92 -7.59 -6.40
CA GLY A 130 -0.81 -8.82 -5.65
C GLY A 130 -1.28 -10.01 -6.48
N GLU A 131 -0.79 -11.20 -6.15
CA GLU A 131 -1.01 -12.41 -6.94
C GLU A 131 -0.22 -12.36 -8.24
N ASN A 132 -0.19 -11.19 -8.87
CA ASN A 132 0.57 -10.98 -10.10
C ASN A 132 2.05 -10.76 -9.76
N ILE A 133 2.29 -10.18 -8.58
CA ILE A 133 3.64 -9.86 -8.12
C ILE A 133 4.53 -11.10 -8.04
N LYS A 134 3.97 -12.18 -7.49
CA LYS A 134 4.69 -13.46 -7.35
C LYS A 134 5.71 -13.39 -6.22
N ASP A 135 6.65 -12.46 -6.35
CA ASP A 135 7.70 -12.29 -5.34
C ASP A 135 7.96 -10.81 -5.10
N LEU A 136 7.59 -10.34 -3.93
CA LEU A 136 7.76 -8.92 -3.60
C LEU A 136 9.19 -8.57 -3.24
N ASP A 137 9.94 -9.54 -2.72
CA ASP A 137 11.28 -9.28 -2.20
C ASP A 137 12.17 -8.67 -3.27
N GLU A 138 12.23 -9.32 -4.42
CA GLU A 138 13.00 -8.80 -5.55
C GLU A 138 12.39 -7.52 -6.07
N ALA A 139 11.07 -7.44 -6.03
CA ALA A 139 10.37 -6.29 -6.58
C ALA A 139 10.73 -5.03 -5.83
N ILE A 140 10.61 -5.07 -4.50
CA ILE A 140 10.92 -3.92 -3.66
C ILE A 140 12.41 -3.59 -3.73
N LYS A 141 13.24 -4.62 -3.75
CA LYS A 141 14.69 -4.45 -3.81
C LYS A 141 15.09 -3.75 -5.10
N LYS A 142 14.52 -4.18 -6.21
CA LYS A 142 14.84 -3.62 -7.50
C LYS A 142 14.29 -2.21 -7.67
N LEU A 143 13.30 -1.85 -6.86
CA LEU A 143 12.83 -0.47 -6.82
C LEU A 143 13.91 0.41 -6.21
N LEU A 144 14.55 -0.13 -5.19
CA LEU A 144 15.64 0.55 -4.51
C LEU A 144 16.90 0.52 -5.36
N GLU A 145 17.20 -0.64 -5.94
CA GLU A 145 18.34 -0.79 -6.84
C GLU A 145 18.08 -0.08 -8.18
N GLY A 146 16.87 0.47 -8.32
CA GLY A 146 16.56 1.29 -9.50
C GLY A 146 17.33 2.58 -9.51
N HIS A 147 17.90 2.93 -8.37
CA HIS A 147 18.79 4.06 -8.24
C HIS A 147 20.00 3.63 -7.41
N HIS A 148 20.98 3.08 -8.09
CA HIS A 148 22.05 2.35 -7.42
C HIS A 148 23.35 2.50 -8.20
N HIS A 149 24.40 1.84 -7.72
CA HIS A 149 25.61 1.68 -8.49
C HIS A 149 26.10 0.24 -8.35
N HIS A 150 26.41 -0.37 -9.49
CA HIS A 150 26.70 -1.79 -9.57
C HIS A 150 25.38 -2.57 -9.42
N HIS A 151 25.22 -3.65 -10.19
CA HIS A 151 23.91 -4.30 -10.41
C HIS A 151 23.11 -3.44 -11.38
N HIS A 152 22.90 -2.20 -11.00
CA HIS A 152 22.25 -1.21 -11.84
C HIS A 152 22.86 0.15 -11.55
N MET A 1 0.57 19.16 -5.46
CA MET A 1 -0.27 20.26 -6.00
C MET A 1 0.24 20.68 -7.37
N SER A 2 0.18 19.78 -8.33
CA SER A 2 0.70 20.04 -9.67
C SER A 2 -0.19 19.39 -10.71
N LEU A 3 0.00 18.09 -10.90
CA LEU A 3 -0.80 17.31 -11.82
C LEU A 3 -0.62 15.83 -11.45
N GLU A 4 -0.76 15.54 -10.17
CA GLU A 4 -0.62 14.18 -9.67
C GLU A 4 -1.91 13.39 -9.87
N ILE A 5 -2.82 13.99 -10.62
CA ILE A 5 -4.05 13.33 -11.01
C ILE A 5 -3.91 12.78 -12.43
N PRO A 6 -3.67 11.47 -12.56
CA PRO A 6 -3.40 10.85 -13.85
C PRO A 6 -4.66 10.50 -14.63
N GLU A 7 -5.78 10.97 -14.15
CA GLU A 7 -7.06 10.63 -14.73
C GLU A 7 -7.41 11.55 -15.88
N ASP A 8 -8.52 11.22 -16.55
CA ASP A 8 -9.03 11.97 -17.72
C ASP A 8 -7.95 12.15 -18.80
N LYS A 9 -6.95 11.30 -18.75
CA LYS A 9 -5.89 11.29 -19.75
C LYS A 9 -6.03 10.07 -20.65
N ILE A 10 -5.02 9.83 -21.49
CA ILE A 10 -4.98 8.63 -22.31
C ILE A 10 -4.27 7.51 -21.57
N LYS A 11 -3.87 7.83 -20.36
CA LYS A 11 -3.22 6.89 -19.47
C LYS A 11 -3.89 6.97 -18.10
N GLU A 12 -4.99 6.24 -17.98
CA GLU A 12 -5.81 6.27 -16.77
C GLU A 12 -5.25 5.31 -15.73
N ALA A 13 -5.49 5.62 -14.47
CA ALA A 13 -5.13 4.74 -13.35
C ALA A 13 -3.63 4.49 -13.28
N SER A 14 -2.83 5.47 -13.70
CA SER A 14 -1.38 5.39 -13.56
C SER A 14 -1.03 5.14 -12.09
N ILE A 15 -1.70 5.87 -11.22
CA ILE A 15 -1.59 5.68 -9.79
C ILE A 15 -2.81 6.29 -9.11
N ILE A 16 -3.50 5.47 -8.36
CA ILE A 16 -4.68 5.91 -7.63
C ILE A 16 -4.27 6.46 -6.27
N ASP A 17 -4.23 7.78 -6.16
CA ASP A 17 -3.88 8.43 -4.91
C ASP A 17 -4.98 8.22 -3.89
N ILE A 18 -4.68 7.38 -2.90
CA ILE A 18 -5.66 7.04 -1.87
C ILE A 18 -5.59 8.03 -0.73
N GLN A 19 -6.65 8.81 -0.56
CA GLN A 19 -6.70 9.78 0.52
C GLN A 19 -7.69 9.35 1.59
N LEU A 20 -7.14 8.78 2.66
CA LEU A 20 -7.93 8.34 3.80
C LEU A 20 -7.21 8.73 5.07
N LYS A 21 -7.93 8.79 6.19
CA LYS A 21 -7.32 9.21 7.44
C LYS A 21 -6.73 8.03 8.20
N ASP A 22 -5.52 8.24 8.71
CA ASP A 22 -4.83 7.22 9.48
C ASP A 22 -5.32 7.20 10.92
N LEU A 23 -4.58 6.51 11.77
CA LEU A 23 -4.92 6.35 13.18
C LEU A 23 -5.22 7.67 13.87
N LYS A 24 -4.50 8.71 13.48
CA LYS A 24 -4.62 10.02 14.09
C LYS A 24 -5.78 10.82 13.50
N GLY A 25 -6.37 10.26 12.46
CA GLY A 25 -7.39 10.99 11.73
C GLY A 25 -6.76 11.86 10.67
N ASN A 26 -5.48 11.62 10.44
CA ASN A 26 -4.72 12.37 9.45
C ASN A 26 -4.86 11.73 8.08
N THR A 27 -5.52 12.41 7.17
CA THR A 27 -5.67 11.92 5.81
C THR A 27 -4.31 11.76 5.12
N ARG A 28 -3.93 10.51 4.89
CA ARG A 28 -2.74 10.19 4.13
C ARG A 28 -3.08 10.06 2.67
N SER A 29 -2.20 10.51 1.82
CA SER A 29 -2.32 10.28 0.40
C SER A 29 -1.10 9.49 -0.07
N LEU A 30 -1.16 8.93 -1.25
CA LEU A 30 -0.03 8.19 -1.78
C LEU A 30 0.99 9.17 -2.32
N THR A 31 0.51 10.34 -2.70
CA THR A 31 1.37 11.44 -3.09
C THR A 31 2.17 11.97 -1.91
N ASP A 32 1.71 11.65 -0.70
CA ASP A 32 2.40 12.03 0.53
C ASP A 32 3.50 11.03 0.83
N LEU A 33 3.18 9.77 0.61
CA LEU A 33 4.11 8.68 0.83
C LEU A 33 5.14 8.61 -0.29
N LYS A 34 4.92 9.43 -1.32
CA LYS A 34 5.87 9.56 -2.42
C LYS A 34 7.21 10.07 -1.92
N GLY A 35 8.13 9.14 -1.74
CA GLY A 35 9.43 9.43 -1.17
C GLY A 35 10.11 8.14 -0.79
N LYS A 36 9.28 7.17 -0.44
CA LYS A 36 9.69 5.79 -0.30
C LYS A 36 9.01 4.97 -1.39
N VAL A 37 9.29 3.69 -1.47
CA VAL A 37 8.49 2.80 -2.28
C VAL A 37 7.26 2.40 -1.48
N VAL A 38 6.10 2.52 -2.10
CA VAL A 38 4.84 2.43 -1.36
C VAL A 38 4.18 1.07 -1.53
N LEU A 39 3.92 0.42 -0.42
CA LEU A 39 3.19 -0.84 -0.43
C LEU A 39 1.71 -0.58 -0.21
N ILE A 40 0.91 -0.83 -1.22
CA ILE A 40 -0.53 -0.65 -1.08
C ILE A 40 -1.15 -1.90 -0.49
N ASP A 41 -1.52 -1.84 0.77
CA ASP A 41 -2.08 -2.99 1.46
C ASP A 41 -3.57 -2.80 1.69
N PHE A 42 -4.39 -3.58 0.99
CA PHE A 42 -5.82 -3.57 1.24
C PHE A 42 -6.16 -4.69 2.19
N THR A 43 -6.44 -4.35 3.44
CA THR A 43 -6.59 -5.33 4.48
C THR A 43 -7.78 -5.02 5.38
N VAL A 44 -7.92 -5.83 6.42
CA VAL A 44 -8.98 -5.66 7.41
C VAL A 44 -8.46 -6.02 8.78
N TYR A 45 -8.55 -5.08 9.70
CA TYR A 45 -8.11 -5.32 11.07
C TYR A 45 -9.20 -6.07 11.81
N ASN A 46 -9.24 -7.37 11.57
CA ASN A 46 -10.15 -8.29 12.27
C ASN A 46 -10.00 -9.67 11.65
N ASN A 47 -9.68 -9.67 10.36
CA ASN A 47 -9.47 -10.90 9.61
C ASN A 47 -8.25 -11.64 10.10
N ALA A 48 -8.40 -12.94 10.28
CA ALA A 48 -7.32 -13.79 10.77
C ALA A 48 -6.13 -13.77 9.83
N MET A 49 -6.40 -13.59 8.54
CA MET A 49 -5.37 -13.56 7.52
C MET A 49 -4.43 -12.37 7.72
N SER A 50 -4.98 -11.30 8.27
CA SER A 50 -4.23 -10.07 8.46
C SER A 50 -3.12 -10.24 9.50
N ALA A 51 -3.34 -11.14 10.45
CA ALA A 51 -2.37 -11.37 11.52
C ALA A 51 -1.06 -11.91 10.96
N ALA A 52 -1.14 -12.98 10.19
CA ALA A 52 0.03 -13.58 9.58
C ALA A 52 0.56 -12.70 8.45
N HIS A 53 -0.35 -11.94 7.84
CA HIS A 53 0.00 -11.04 6.76
C HIS A 53 0.91 -9.91 7.24
N ASN A 54 0.58 -9.34 8.39
CA ASN A 54 1.36 -8.24 8.96
C ASN A 54 2.77 -8.69 9.36
N LEU A 55 2.90 -9.96 9.69
CA LEU A 55 4.20 -10.53 10.04
C LEU A 55 5.15 -10.41 8.85
N ALA A 56 4.71 -10.94 7.72
CA ALA A 56 5.52 -10.91 6.51
C ALA A 56 5.80 -9.47 6.08
N LEU A 57 4.83 -8.59 6.34
CA LEU A 57 4.99 -7.17 6.05
C LEU A 57 6.09 -6.59 6.92
N ARG A 58 6.14 -7.04 8.17
CA ARG A 58 7.14 -6.59 9.12
C ARG A 58 8.53 -6.97 8.64
N GLU A 59 8.62 -8.09 7.96
CA GLU A 59 9.90 -8.61 7.50
C GLU A 59 10.35 -7.74 6.36
N LEU A 60 9.44 -7.60 5.43
CA LEU A 60 9.62 -6.77 4.28
C LEU A 60 10.04 -5.35 4.67
N TYR A 61 9.53 -4.88 5.79
CA TYR A 61 9.81 -3.53 6.24
C TYR A 61 11.21 -3.47 6.83
N ASN A 62 11.57 -4.50 7.58
CA ASN A 62 12.88 -4.57 8.21
C ASN A 62 13.98 -4.68 7.15
N LYS A 63 13.60 -5.14 5.96
CA LYS A 63 14.54 -5.32 4.88
C LYS A 63 14.86 -4.01 4.17
N TYR A 64 13.83 -3.41 3.58
CA TYR A 64 14.04 -2.35 2.58
C TYR A 64 13.60 -0.97 3.07
N ALA A 65 12.90 -0.89 4.19
CA ALA A 65 12.42 0.40 4.67
C ALA A 65 13.57 1.34 4.98
N SER A 66 14.69 0.78 5.39
CA SER A 66 15.89 1.54 5.70
C SER A 66 16.42 2.24 4.45
N GLN A 67 16.11 1.68 3.29
CA GLN A 67 16.57 2.23 2.01
C GLN A 67 15.50 3.13 1.40
N GLY A 68 14.33 3.15 2.01
CA GLY A 68 13.23 3.96 1.51
C GLY A 68 12.04 3.12 1.09
N PHE A 69 11.43 2.44 2.05
CA PHE A 69 10.23 1.65 1.80
C PHE A 69 9.19 1.92 2.87
N GLU A 70 7.92 1.97 2.47
CA GLU A 70 6.83 2.26 3.40
C GLU A 70 5.63 1.38 3.08
N ILE A 71 4.87 1.03 4.11
CA ILE A 71 3.67 0.25 3.91
C ILE A 71 2.43 1.10 4.24
N TYR A 72 1.53 1.19 3.29
CA TYR A 72 0.30 1.95 3.47
C TYR A 72 -0.87 0.97 3.56
N GLN A 73 -1.32 0.71 4.78
CA GLN A 73 -2.42 -0.22 5.00
C GLN A 73 -3.76 0.49 5.02
N ILE A 74 -4.72 -0.10 4.33
CA ILE A 74 -6.08 0.39 4.30
C ILE A 74 -7.02 -0.67 4.88
N SER A 75 -7.58 -0.40 6.05
CA SER A 75 -8.48 -1.32 6.69
C SER A 75 -9.91 -1.16 6.18
N LEU A 76 -10.59 -2.26 5.93
CA LEU A 76 -11.96 -2.22 5.45
C LEU A 76 -12.94 -2.60 6.56
N ASP A 77 -12.44 -2.63 7.79
CA ASP A 77 -13.27 -2.99 8.94
C ASP A 77 -13.99 -1.77 9.49
N GLY A 78 -15.01 -2.02 10.30
CA GLY A 78 -15.81 -0.95 10.85
C GLY A 78 -15.40 -0.58 12.26
N ASP A 79 -14.88 -1.55 13.01
CA ASP A 79 -14.48 -1.31 14.39
C ASP A 79 -13.17 -0.54 14.44
N GLU A 80 -13.26 0.71 14.86
CA GLU A 80 -12.10 1.57 14.95
C GLU A 80 -11.20 1.12 16.09
N HIS A 81 -11.77 0.37 17.02
CA HIS A 81 -11.05 -0.05 18.22
C HIS A 81 -9.98 -1.11 17.90
N PHE A 82 -10.32 -2.11 17.09
CA PHE A 82 -9.37 -3.16 16.76
C PHE A 82 -8.28 -2.61 15.85
N TRP A 83 -8.70 -1.86 14.84
CA TRP A 83 -7.79 -1.14 13.97
C TRP A 83 -6.87 -0.23 14.79
N LYS A 84 -7.45 0.46 15.77
CA LYS A 84 -6.71 1.36 16.65
C LYS A 84 -5.63 0.59 17.42
N THR A 85 -6.05 -0.40 18.16
CA THR A 85 -5.16 -1.15 19.04
C THR A 85 -4.09 -1.91 18.28
N SER A 86 -4.47 -2.53 17.18
CA SER A 86 -3.55 -3.31 16.38
C SER A 86 -2.49 -2.43 15.71
N ALA A 87 -2.92 -1.24 15.28
CA ALA A 87 -2.02 -0.33 14.58
C ALA A 87 -1.25 0.55 15.56
N ASP A 88 -1.74 0.62 16.79
CA ASP A 88 -1.14 1.44 17.85
C ASP A 88 0.36 1.18 17.99
N ASN A 89 0.76 -0.05 17.77
CA ASN A 89 2.16 -0.43 17.90
C ASN A 89 2.79 -0.74 16.54
N LEU A 90 2.13 -0.31 15.47
CA LEU A 90 2.62 -0.58 14.12
C LEU A 90 3.55 0.53 13.64
N PRO A 91 4.56 0.16 12.83
CA PRO A 91 5.59 1.08 12.33
C PRO A 91 5.15 1.94 11.14
N TRP A 92 4.41 1.33 10.22
CA TRP A 92 4.09 1.97 8.95
C TRP A 92 2.72 2.65 8.98
N VAL A 93 2.23 3.05 7.81
CA VAL A 93 1.04 3.85 7.73
C VAL A 93 -0.21 2.99 7.85
N CYS A 94 -1.01 3.27 8.86
CA CYS A 94 -2.20 2.48 9.14
C CYS A 94 -3.44 3.34 8.97
N VAL A 95 -4.16 3.10 7.89
CA VAL A 95 -5.30 3.92 7.50
C VAL A 95 -6.57 3.09 7.43
N ARG A 96 -7.73 3.74 7.51
CA ARG A 96 -8.99 3.04 7.38
C ARG A 96 -9.79 3.57 6.20
N ASP A 97 -10.47 2.67 5.49
CA ASP A 97 -11.32 3.05 4.37
C ASP A 97 -12.59 3.71 4.86
N ALA A 98 -13.26 4.45 3.99
CA ALA A 98 -14.43 5.22 4.36
C ALA A 98 -15.71 4.38 4.41
N ASN A 99 -15.78 3.31 3.61
CA ASN A 99 -17.03 2.58 3.48
C ASN A 99 -16.87 1.10 3.84
N GLY A 100 -15.64 0.63 3.97
CA GLY A 100 -15.41 -0.74 4.41
C GLY A 100 -15.77 -1.76 3.35
N ALA A 101 -14.82 -2.02 2.44
CA ALA A 101 -14.97 -3.01 1.37
C ALA A 101 -15.88 -2.50 0.25
N TYR A 102 -16.87 -1.70 0.60
CA TYR A 102 -17.76 -1.11 -0.41
C TYR A 102 -17.14 0.19 -0.94
N SER A 103 -15.83 0.19 -1.09
CA SER A 103 -15.10 1.37 -1.51
C SER A 103 -15.05 1.44 -3.03
N SER A 104 -15.28 2.63 -3.57
CA SER A 104 -15.26 2.85 -5.01
C SER A 104 -13.88 2.53 -5.60
N TYR A 105 -12.84 2.71 -4.80
CA TYR A 105 -11.48 2.44 -5.25
C TYR A 105 -11.29 0.97 -5.55
N ILE A 106 -11.84 0.12 -4.70
CA ILE A 106 -11.71 -1.32 -4.84
C ILE A 106 -12.24 -1.80 -6.20
N SER A 107 -13.32 -1.18 -6.65
CA SER A 107 -13.91 -1.52 -7.94
C SER A 107 -13.00 -1.06 -9.09
N LEU A 108 -12.23 -0.01 -8.83
CA LEU A 108 -11.30 0.52 -9.83
C LEU A 108 -10.11 -0.42 -10.00
N TYR A 109 -9.80 -1.17 -8.95
CA TYR A 109 -8.70 -2.13 -9.00
C TYR A 109 -9.16 -3.45 -9.61
N ASN A 110 -10.45 -3.52 -9.97
CA ASN A 110 -11.07 -4.73 -10.52
C ASN A 110 -11.15 -5.82 -9.45
N VAL A 111 -10.77 -5.44 -8.24
CA VAL A 111 -10.68 -6.36 -7.12
C VAL A 111 -12.01 -7.03 -6.83
N THR A 112 -12.01 -8.35 -6.93
CA THR A 112 -13.16 -9.14 -6.56
C THR A 112 -12.86 -9.92 -5.27
N ASN A 113 -11.62 -9.82 -4.81
CA ASN A 113 -11.17 -10.58 -3.64
C ASN A 113 -10.10 -9.82 -2.86
N LEU A 114 -10.43 -9.43 -1.65
CA LEU A 114 -9.46 -8.88 -0.70
C LEU A 114 -9.40 -9.79 0.54
N PRO A 115 -8.39 -9.66 1.40
CA PRO A 115 -7.31 -8.66 1.30
C PRO A 115 -6.34 -8.94 0.15
N SER A 116 -5.64 -7.90 -0.26
CA SER A 116 -4.66 -7.98 -1.34
C SER A 116 -3.62 -6.89 -1.20
N VAL A 117 -2.51 -7.04 -1.90
CA VAL A 117 -1.47 -6.03 -1.88
C VAL A 117 -1.15 -5.60 -3.30
N PHE A 118 -0.65 -4.39 -3.44
CA PHE A 118 -0.22 -3.88 -4.73
C PHE A 118 1.16 -3.25 -4.58
N LEU A 119 1.86 -3.07 -5.69
CA LEU A 119 3.22 -2.55 -5.63
C LEU A 119 3.27 -1.14 -6.20
N VAL A 120 3.90 -0.23 -5.48
CA VAL A 120 4.12 1.12 -5.97
C VAL A 120 5.58 1.49 -5.82
N ASN A 121 6.21 1.94 -6.89
CA ASN A 121 7.60 2.33 -6.83
C ASN A 121 7.71 3.77 -6.34
N ARG A 122 8.94 4.17 -6.05
CA ARG A 122 9.26 5.36 -5.26
C ARG A 122 8.73 6.67 -5.88
N ASN A 123 8.31 6.59 -7.13
CA ASN A 123 7.81 7.78 -7.84
C ASN A 123 6.31 7.84 -7.74
N ASN A 124 5.75 7.02 -6.85
CA ASN A 124 4.32 6.87 -6.71
C ASN A 124 3.73 6.34 -8.00
N GLU A 125 4.26 5.22 -8.46
CA GLU A 125 3.77 4.58 -9.68
C GLU A 125 3.33 3.15 -9.38
N LEU A 126 2.20 2.75 -9.96
CA LEU A 126 1.73 1.39 -9.82
C LEU A 126 2.64 0.43 -10.56
N SER A 127 3.35 -0.39 -9.80
CA SER A 127 4.27 -1.37 -10.35
C SER A 127 3.52 -2.61 -10.82
N ALA A 128 2.76 -3.22 -9.92
CA ALA A 128 2.07 -4.46 -10.22
C ALA A 128 1.04 -4.80 -9.15
N ARG A 129 0.26 -5.83 -9.43
CA ARG A 129 -0.73 -6.34 -8.49
C ARG A 129 -0.10 -7.48 -7.68
N GLY A 130 -0.69 -7.82 -6.54
CA GLY A 130 -0.10 -8.78 -5.61
C GLY A 130 0.40 -10.07 -6.26
N GLU A 131 -0.43 -10.69 -7.08
CA GLU A 131 -0.09 -11.96 -7.69
C GLU A 131 0.93 -11.76 -8.81
N ASN A 132 0.92 -10.57 -9.41
CA ASN A 132 1.90 -10.21 -10.43
C ASN A 132 3.25 -9.97 -9.78
N ILE A 133 3.22 -9.43 -8.57
CA ILE A 133 4.43 -9.16 -7.81
C ILE A 133 5.09 -10.46 -7.36
N LYS A 134 4.24 -11.41 -6.95
CA LYS A 134 4.68 -12.69 -6.34
C LYS A 134 5.71 -12.48 -5.25
N ASP A 135 6.97 -12.42 -5.64
CA ASP A 135 8.07 -12.29 -4.68
C ASP A 135 8.34 -10.82 -4.39
N LEU A 136 7.59 -10.27 -3.44
CA LEU A 136 7.73 -8.86 -3.09
C LEU A 136 9.12 -8.54 -2.57
N ASP A 137 9.75 -9.50 -1.91
CA ASP A 137 11.12 -9.34 -1.46
C ASP A 137 12.03 -8.94 -2.62
N GLU A 138 12.02 -9.74 -3.67
CA GLU A 138 12.79 -9.42 -4.88
C GLU A 138 12.26 -8.18 -5.56
N ALA A 139 10.93 -8.06 -5.64
CA ALA A 139 10.31 -6.93 -6.30
C ALA A 139 10.74 -5.59 -5.70
N ILE A 140 10.57 -5.44 -4.39
CA ILE A 140 10.91 -4.19 -3.71
C ILE A 140 12.41 -3.93 -3.77
N LYS A 141 13.20 -5.01 -3.70
CA LYS A 141 14.64 -4.89 -3.79
C LYS A 141 15.04 -4.26 -5.12
N LYS A 142 14.37 -4.71 -6.18
CA LYS A 142 14.65 -4.25 -7.50
C LYS A 142 13.93 -2.94 -7.81
N LEU A 143 12.92 -2.61 -7.03
CA LEU A 143 12.31 -1.28 -7.09
C LEU A 143 13.35 -0.23 -6.73
N LEU A 144 14.17 -0.57 -5.76
CA LEU A 144 15.22 0.32 -5.30
C LEU A 144 16.47 0.18 -6.17
N GLU A 145 17.02 -1.03 -6.20
CA GLU A 145 18.32 -1.26 -6.83
C GLU A 145 18.22 -2.06 -8.14
N GLY A 146 17.09 -1.98 -8.82
CA GLY A 146 16.91 -2.79 -10.01
C GLY A 146 16.51 -1.98 -11.24
N HIS A 147 17.43 -1.15 -11.73
CA HIS A 147 17.20 -0.42 -12.97
C HIS A 147 18.42 -0.49 -13.87
N HIS A 148 18.24 -1.03 -15.07
CA HIS A 148 19.35 -1.30 -15.96
C HIS A 148 19.68 -0.06 -16.80
N HIS A 149 20.29 0.91 -16.16
CA HIS A 149 20.86 2.06 -16.85
C HIS A 149 22.20 2.39 -16.21
N HIS A 150 22.54 1.57 -15.22
CA HIS A 150 23.73 1.76 -14.41
C HIS A 150 23.82 0.62 -13.40
N HIS A 151 22.83 0.60 -12.51
CA HIS A 151 22.65 -0.42 -11.48
C HIS A 151 21.64 0.15 -10.51
N HIS A 152 21.84 1.42 -10.21
CA HIS A 152 20.90 2.23 -9.49
C HIS A 152 20.86 3.60 -10.14
N MET A 1 -15.58 10.15 -8.86
CA MET A 1 -16.01 8.76 -9.09
C MET A 1 -15.82 8.37 -10.56
N SER A 2 -16.59 9.00 -11.45
CA SER A 2 -16.48 8.71 -12.88
C SER A 2 -15.38 9.56 -13.49
N LEU A 3 -15.56 10.88 -13.48
CA LEU A 3 -14.52 11.79 -13.92
C LEU A 3 -13.50 11.96 -12.80
N GLU A 4 -12.54 11.06 -12.77
CA GLU A 4 -11.48 11.13 -11.79
C GLU A 4 -10.19 11.56 -12.46
N ILE A 5 -9.87 12.84 -12.33
CA ILE A 5 -8.73 13.42 -13.01
C ILE A 5 -7.72 13.96 -12.00
N PRO A 6 -6.66 13.20 -11.72
CA PRO A 6 -5.64 13.57 -10.74
C PRO A 6 -4.73 14.67 -11.25
N GLU A 7 -3.80 15.07 -10.40
CA GLU A 7 -2.87 16.14 -10.72
C GLU A 7 -1.47 15.55 -10.85
N ASP A 8 -1.07 15.26 -12.08
CA ASP A 8 0.21 14.62 -12.32
C ASP A 8 0.86 15.19 -13.59
N LYS A 9 2.08 14.74 -13.89
CA LYS A 9 2.82 15.23 -15.04
C LYS A 9 2.29 14.61 -16.33
N ILE A 10 2.94 14.88 -17.46
CA ILE A 10 2.60 14.23 -18.71
C ILE A 10 2.67 12.72 -18.53
N LYS A 11 1.61 12.03 -18.99
CA LYS A 11 1.42 10.61 -18.74
C LYS A 11 0.96 10.38 -17.29
N GLU A 12 -0.32 10.64 -17.06
CA GLU A 12 -0.91 10.45 -15.75
C GLU A 12 -1.58 9.08 -15.67
N ALA A 13 -2.48 8.94 -14.70
CA ALA A 13 -3.31 7.73 -14.55
C ALA A 13 -2.46 6.48 -14.30
N SER A 14 -1.19 6.68 -13.99
CA SER A 14 -0.28 5.57 -13.73
C SER A 14 -0.36 5.15 -12.27
N ILE A 15 -1.24 5.81 -11.52
CA ILE A 15 -1.41 5.53 -10.11
C ILE A 15 -2.75 6.03 -9.61
N ILE A 16 -3.39 5.25 -8.76
CA ILE A 16 -4.54 5.70 -8.03
C ILE A 16 -4.10 6.21 -6.67
N ASP A 17 -4.03 7.52 -6.52
CA ASP A 17 -3.66 8.10 -5.24
C ASP A 17 -4.80 7.89 -4.27
N ILE A 18 -4.49 7.42 -3.09
CA ILE A 18 -5.51 7.12 -2.11
C ILE A 18 -5.41 8.06 -0.92
N GLN A 19 -6.33 9.01 -0.84
CA GLN A 19 -6.37 9.93 0.27
C GLN A 19 -7.31 9.40 1.34
N LEU A 20 -6.76 8.81 2.38
CA LEU A 20 -7.56 8.33 3.51
C LEU A 20 -6.86 8.68 4.80
N LYS A 21 -7.61 8.78 5.88
CA LYS A 21 -7.05 9.18 7.16
C LYS A 21 -6.55 7.97 7.95
N ASP A 22 -5.38 8.14 8.56
CA ASP A 22 -4.75 7.08 9.32
C ASP A 22 -5.24 7.09 10.76
N LEU A 23 -4.57 6.31 11.60
CA LEU A 23 -4.92 6.16 13.01
C LEU A 23 -5.13 7.49 13.72
N LYS A 24 -4.29 8.48 13.39
CA LYS A 24 -4.35 9.78 14.03
C LYS A 24 -5.53 10.61 13.54
N GLY A 25 -6.12 10.16 12.45
CA GLY A 25 -7.20 10.91 11.83
C GLY A 25 -6.66 11.88 10.81
N ASN A 26 -5.43 11.66 10.40
CA ASN A 26 -4.77 12.50 9.41
C ASN A 26 -4.84 11.84 8.04
N THR A 27 -5.32 12.58 7.05
CA THR A 27 -5.43 12.07 5.70
C THR A 27 -4.06 11.84 5.08
N ARG A 28 -3.74 10.58 4.84
CA ARG A 28 -2.55 10.21 4.11
C ARG A 28 -2.89 10.08 2.64
N SER A 29 -1.98 10.50 1.78
CA SER A 29 -2.16 10.32 0.35
C SER A 29 -0.86 9.79 -0.25
N LEU A 30 -0.93 9.25 -1.46
CA LEU A 30 0.22 8.58 -2.04
C LEU A 30 1.22 9.58 -2.62
N THR A 31 0.73 10.69 -3.14
CA THR A 31 1.59 11.77 -3.60
C THR A 31 2.38 12.37 -2.44
N ASP A 32 1.96 12.06 -1.22
CA ASP A 32 2.64 12.51 -0.01
C ASP A 32 3.81 11.58 0.28
N LEU A 33 3.53 10.29 0.16
CA LEU A 33 4.50 9.24 0.45
C LEU A 33 5.51 9.12 -0.69
N LYS A 34 5.35 9.96 -1.70
CA LYS A 34 6.24 10.00 -2.85
C LYS A 34 7.68 10.28 -2.42
N GLY A 35 8.60 9.51 -2.97
CA GLY A 35 9.99 9.59 -2.55
C GLY A 35 10.45 8.25 -2.07
N LYS A 36 9.52 7.48 -1.52
CA LYS A 36 9.78 6.11 -1.14
C LYS A 36 9.01 5.17 -2.03
N VAL A 37 9.36 3.90 -1.99
CA VAL A 37 8.56 2.89 -2.65
C VAL A 37 7.45 2.49 -1.70
N VAL A 38 6.23 2.59 -2.17
CA VAL A 38 5.09 2.46 -1.30
C VAL A 38 4.45 1.10 -1.44
N LEU A 39 4.18 0.48 -0.32
CA LEU A 39 3.43 -0.75 -0.28
C LEU A 39 1.99 -0.42 -0.04
N ILE A 40 1.16 -0.47 -1.06
CA ILE A 40 -0.25 -0.20 -0.87
C ILE A 40 -0.96 -1.48 -0.49
N ASP A 41 -1.28 -1.58 0.79
CA ASP A 41 -1.87 -2.78 1.32
C ASP A 41 -3.37 -2.58 1.53
N PHE A 42 -4.13 -3.61 1.26
CA PHE A 42 -5.56 -3.60 1.55
C PHE A 42 -5.88 -4.78 2.43
N THR A 43 -5.92 -4.54 3.72
CA THR A 43 -6.11 -5.58 4.70
C THR A 43 -7.31 -5.24 5.56
N VAL A 44 -7.58 -6.05 6.57
CA VAL A 44 -8.68 -5.82 7.46
C VAL A 44 -8.27 -6.08 8.91
N TYR A 45 -8.20 -5.02 9.69
CA TYR A 45 -7.98 -5.17 11.12
C TYR A 45 -9.23 -5.73 11.76
N ASN A 46 -9.40 -7.03 11.64
CA ASN A 46 -10.57 -7.74 12.16
C ASN A 46 -10.54 -9.18 11.67
N ASN A 47 -9.87 -9.38 10.54
CA ASN A 47 -9.76 -10.69 9.91
C ASN A 47 -8.65 -11.49 10.57
N ALA A 48 -8.81 -12.81 10.56
CA ALA A 48 -7.83 -13.71 11.14
C ALA A 48 -6.60 -13.83 10.24
N MET A 49 -6.80 -13.69 8.94
CA MET A 49 -5.72 -13.85 7.97
C MET A 49 -4.74 -12.68 8.02
N SER A 50 -5.18 -11.56 8.56
CA SER A 50 -4.34 -10.37 8.63
C SER A 50 -3.12 -10.61 9.51
N ALA A 51 -3.23 -11.56 10.45
CA ALA A 51 -2.13 -11.88 11.35
C ALA A 51 -0.90 -12.36 10.57
N ALA A 52 -1.10 -13.32 9.68
CA ALA A 52 0.00 -13.88 8.90
C ALA A 52 0.42 -12.92 7.79
N HIS A 53 -0.55 -12.16 7.29
CA HIS A 53 -0.31 -11.19 6.23
C HIS A 53 0.62 -10.08 6.73
N ASN A 54 0.36 -9.59 7.93
CA ASN A 54 1.11 -8.48 8.49
C ASN A 54 2.52 -8.91 8.90
N LEU A 55 2.75 -10.20 9.05
CA LEU A 55 4.07 -10.70 9.41
C LEU A 55 4.99 -10.61 8.19
N ALA A 56 4.47 -11.01 7.04
CA ALA A 56 5.21 -10.89 5.79
C ALA A 56 5.56 -9.42 5.53
N LEU A 57 4.62 -8.55 5.89
CA LEU A 57 4.82 -7.11 5.76
C LEU A 57 5.92 -6.66 6.72
N ARG A 58 5.90 -7.23 7.93
CA ARG A 58 6.92 -6.94 8.93
C ARG A 58 8.32 -7.22 8.39
N GLU A 59 8.41 -8.26 7.58
CA GLU A 59 9.70 -8.74 7.12
C GLU A 59 10.19 -7.82 6.04
N LEU A 60 9.31 -7.62 5.09
CA LEU A 60 9.54 -6.74 3.98
C LEU A 60 9.92 -5.33 4.45
N TYR A 61 9.38 -4.94 5.59
CA TYR A 61 9.64 -3.60 6.13
C TYR A 61 10.95 -3.60 6.88
N ASN A 62 11.15 -4.63 7.68
CA ASN A 62 12.35 -4.80 8.49
C ASN A 62 13.58 -4.87 7.59
N LYS A 63 13.33 -5.28 6.36
CA LYS A 63 14.37 -5.41 5.35
C LYS A 63 14.63 -4.10 4.60
N TYR A 64 13.62 -3.57 3.92
CA TYR A 64 13.85 -2.53 2.92
C TYR A 64 13.46 -1.13 3.37
N ALA A 65 12.74 -0.99 4.47
CA ALA A 65 12.22 0.31 4.89
C ALA A 65 13.34 1.32 5.14
N SER A 66 14.48 0.82 5.60
CA SER A 66 15.60 1.67 5.98
C SER A 66 16.11 2.52 4.79
N GLN A 67 15.95 2.01 3.58
CA GLN A 67 16.50 2.67 2.41
C GLN A 67 15.44 3.32 1.52
N GLY A 68 14.34 3.75 2.12
CA GLY A 68 13.35 4.48 1.35
C GLY A 68 12.19 3.61 0.92
N PHE A 69 11.65 2.86 1.88
CA PHE A 69 10.49 2.03 1.65
C PHE A 69 9.47 2.25 2.76
N GLU A 70 8.20 2.29 2.40
CA GLU A 70 7.15 2.53 3.37
C GLU A 70 5.94 1.65 3.07
N ILE A 71 5.19 1.30 4.11
CA ILE A 71 4.02 0.46 3.94
C ILE A 71 2.76 1.23 4.27
N TYR A 72 1.98 1.51 3.26
CA TYR A 72 0.73 2.21 3.42
C TYR A 72 -0.40 1.19 3.51
N GLN A 73 -0.82 0.89 4.74
CA GLN A 73 -1.76 -0.20 4.96
C GLN A 73 -3.19 0.32 5.16
N ILE A 74 -4.07 -0.01 4.23
CA ILE A 74 -5.46 0.37 4.31
C ILE A 74 -6.29 -0.76 4.90
N SER A 75 -7.00 -0.48 5.97
CA SER A 75 -7.85 -1.47 6.59
C SER A 75 -9.29 -1.31 6.11
N LEU A 76 -9.93 -2.43 5.82
CA LEU A 76 -11.30 -2.44 5.36
C LEU A 76 -12.21 -3.05 6.43
N ASP A 77 -11.86 -2.81 7.68
CA ASP A 77 -12.58 -3.36 8.81
C ASP A 77 -13.82 -2.54 9.15
N GLY A 78 -14.48 -2.94 10.22
CA GLY A 78 -15.63 -2.20 10.70
C GLY A 78 -15.65 -2.13 12.22
N ASP A 79 -14.46 -2.01 12.80
CA ASP A 79 -14.34 -1.95 14.26
C ASP A 79 -13.18 -1.04 14.67
N GLU A 80 -13.53 0.05 15.34
CA GLU A 80 -12.54 1.02 15.78
C GLU A 80 -11.59 0.41 16.81
N HIS A 81 -12.13 -0.46 17.65
CA HIS A 81 -11.39 -0.99 18.80
C HIS A 81 -10.14 -1.74 18.37
N PHE A 82 -10.33 -2.75 17.53
CA PHE A 82 -9.22 -3.60 17.12
C PHE A 82 -8.25 -2.83 16.23
N TRP A 83 -8.79 -2.01 15.33
CA TRP A 83 -7.96 -1.18 14.46
C TRP A 83 -7.11 -0.22 15.27
N LYS A 84 -7.76 0.57 16.12
CA LYS A 84 -7.09 1.59 16.91
C LYS A 84 -5.98 0.99 17.77
N THR A 85 -6.29 -0.10 18.45
CA THR A 85 -5.35 -0.72 19.38
C THR A 85 -4.18 -1.38 18.64
N SER A 86 -4.48 -2.07 17.55
CA SER A 86 -3.44 -2.80 16.82
C SER A 86 -2.58 -1.83 16.00
N ALA A 87 -3.21 -0.86 15.36
CA ALA A 87 -2.51 0.10 14.52
C ALA A 87 -1.57 0.95 15.35
N ASP A 88 -1.96 1.21 16.59
CA ASP A 88 -1.17 2.00 17.54
C ASP A 88 0.18 1.34 17.81
N ASN A 89 0.23 0.03 17.69
CA ASN A 89 1.44 -0.72 18.00
C ASN A 89 2.22 -1.02 16.70
N LEU A 90 1.69 -0.61 15.56
CA LEU A 90 2.32 -0.92 14.30
C LEU A 90 3.20 0.23 13.80
N PRO A 91 4.27 -0.12 13.07
CA PRO A 91 5.30 0.82 12.60
C PRO A 91 4.86 1.70 11.42
N TRP A 92 4.34 1.07 10.38
CA TRP A 92 4.04 1.76 9.12
C TRP A 92 2.67 2.44 9.18
N VAL A 93 2.29 3.08 8.07
CA VAL A 93 1.07 3.87 8.04
C VAL A 93 -0.16 2.99 8.11
N CYS A 94 -1.01 3.27 9.07
CA CYS A 94 -2.20 2.47 9.32
C CYS A 94 -3.46 3.29 9.04
N VAL A 95 -4.09 3.00 7.92
CA VAL A 95 -5.21 3.79 7.42
C VAL A 95 -6.49 2.96 7.42
N ARG A 96 -7.64 3.60 7.37
CA ARG A 96 -8.89 2.88 7.14
C ARG A 96 -9.82 3.65 6.22
N ASP A 97 -10.49 2.92 5.33
CA ASP A 97 -11.49 3.50 4.43
C ASP A 97 -12.87 3.36 5.06
N ALA A 98 -13.75 4.31 4.78
CA ALA A 98 -15.06 4.37 5.42
C ALA A 98 -16.07 3.41 4.77
N ASN A 99 -15.67 2.71 3.73
CA ASN A 99 -16.60 1.84 3.00
C ASN A 99 -16.28 0.37 3.24
N GLY A 100 -15.10 0.08 3.80
CA GLY A 100 -14.70 -1.29 4.02
C GLY A 100 -14.46 -2.03 2.72
N ALA A 101 -15.24 -3.07 2.46
CA ALA A 101 -15.09 -3.85 1.24
C ALA A 101 -15.99 -3.31 0.13
N TYR A 102 -16.31 -2.03 0.21
CA TYR A 102 -17.13 -1.37 -0.79
C TYR A 102 -16.48 -0.07 -1.25
N SER A 103 -15.19 0.07 -0.96
CA SER A 103 -14.44 1.27 -1.30
C SER A 103 -14.42 1.48 -2.81
N SER A 104 -14.67 2.72 -3.22
CA SER A 104 -14.67 3.09 -4.64
C SER A 104 -13.35 2.72 -5.31
N TYR A 105 -12.25 2.85 -4.56
CA TYR A 105 -10.93 2.48 -5.05
C TYR A 105 -10.91 1.02 -5.50
N ILE A 106 -11.44 0.15 -4.65
CA ILE A 106 -11.45 -1.29 -4.90
C ILE A 106 -12.16 -1.61 -6.22
N SER A 107 -13.22 -0.87 -6.50
CA SER A 107 -13.95 -1.02 -7.75
C SER A 107 -13.13 -0.49 -8.93
N LEU A 108 -12.38 0.58 -8.69
CA LEU A 108 -11.56 1.19 -9.74
C LEU A 108 -10.44 0.26 -10.18
N TYR A 109 -9.90 -0.51 -9.24
CA TYR A 109 -8.85 -1.47 -9.58
C TYR A 109 -9.42 -2.64 -10.37
N ASN A 110 -10.69 -2.94 -10.12
CA ASN A 110 -11.27 -4.22 -10.52
C ASN A 110 -10.47 -5.33 -9.87
N VAL A 111 -10.74 -5.53 -8.61
CA VAL A 111 -10.00 -6.46 -7.78
C VAL A 111 -10.65 -7.84 -7.82
N THR A 112 -9.86 -8.89 -7.63
CA THR A 112 -10.42 -10.22 -7.50
C THR A 112 -11.11 -10.35 -6.15
N ASN A 113 -10.45 -9.84 -5.11
CA ASN A 113 -10.99 -9.86 -3.75
C ASN A 113 -9.95 -9.31 -2.78
N LEU A 114 -10.39 -9.08 -1.55
CA LEU A 114 -9.49 -8.63 -0.47
C LEU A 114 -9.50 -9.68 0.65
N PRO A 115 -8.49 -9.67 1.55
CA PRO A 115 -7.39 -8.70 1.54
C PRO A 115 -6.39 -8.95 0.42
N SER A 116 -5.72 -7.88 0.00
CA SER A 116 -4.75 -7.93 -1.08
C SER A 116 -3.70 -6.86 -0.89
N VAL A 117 -2.75 -6.83 -1.80
CA VAL A 117 -1.68 -5.85 -1.76
C VAL A 117 -1.41 -5.35 -3.17
N PHE A 118 -0.74 -4.23 -3.30
CA PHE A 118 -0.31 -3.72 -4.60
C PHE A 118 1.05 -3.04 -4.43
N LEU A 119 1.80 -2.92 -5.52
CA LEU A 119 3.14 -2.34 -5.44
C LEU A 119 3.19 -1.01 -6.18
N VAL A 120 3.99 -0.06 -5.68
CA VAL A 120 4.29 1.16 -6.42
C VAL A 120 5.75 1.58 -6.19
N ASN A 121 6.40 2.04 -7.25
CA ASN A 121 7.78 2.51 -7.15
C ASN A 121 7.79 3.93 -6.59
N ARG A 122 9.00 4.45 -6.32
CA ARG A 122 9.19 5.73 -5.60
C ARG A 122 8.43 6.90 -6.19
N ASN A 123 8.18 6.89 -7.49
CA ASN A 123 7.42 7.95 -8.14
C ASN A 123 5.93 7.76 -7.86
N ASN A 124 5.63 6.77 -7.03
CA ASN A 124 4.28 6.34 -6.75
C ASN A 124 3.58 5.93 -8.02
N GLU A 125 4.13 4.90 -8.64
CA GLU A 125 3.54 4.35 -9.86
C GLU A 125 3.30 2.87 -9.69
N LEU A 126 2.10 2.42 -10.03
CA LEU A 126 1.68 1.05 -9.81
C LEU A 126 2.61 0.07 -10.52
N SER A 127 3.33 -0.69 -9.71
CA SER A 127 4.29 -1.67 -10.19
C SER A 127 3.58 -2.92 -10.68
N ALA A 128 2.78 -3.50 -9.81
CA ALA A 128 1.99 -4.68 -10.13
C ALA A 128 1.04 -4.98 -8.99
N ARG A 129 0.13 -5.92 -9.20
CA ARG A 129 -0.84 -6.26 -8.19
C ARG A 129 -0.33 -7.38 -7.30
N GLY A 130 -0.70 -7.31 -6.03
CA GLY A 130 -0.40 -8.39 -5.11
C GLY A 130 -1.12 -9.67 -5.49
N GLU A 131 -2.14 -9.51 -6.32
CA GLU A 131 -2.90 -10.63 -6.85
C GLU A 131 -2.01 -11.51 -7.73
N ASN A 132 -0.97 -10.90 -8.28
CA ASN A 132 -0.03 -11.61 -9.14
C ASN A 132 1.39 -11.60 -8.55
N ILE A 133 1.69 -10.63 -7.69
CA ILE A 133 2.99 -10.57 -7.03
C ILE A 133 3.05 -11.55 -5.87
N LYS A 134 3.69 -12.68 -6.10
CA LYS A 134 3.85 -13.68 -5.06
C LYS A 134 5.07 -13.36 -4.19
N ASP A 135 6.09 -12.77 -4.81
CA ASP A 135 7.33 -12.47 -4.11
C ASP A 135 7.61 -10.97 -4.18
N LEU A 136 7.18 -10.25 -3.15
CA LEU A 136 7.39 -8.81 -3.09
C LEU A 136 8.82 -8.48 -2.71
N ASP A 137 9.47 -9.39 -2.03
CA ASP A 137 10.87 -9.21 -1.61
C ASP A 137 11.74 -8.76 -2.78
N GLU A 138 11.76 -9.57 -3.84
CA GLU A 138 12.47 -9.21 -5.05
C GLU A 138 11.93 -7.94 -5.68
N ALA A 139 10.61 -7.81 -5.71
CA ALA A 139 9.96 -6.68 -6.34
C ALA A 139 10.42 -5.35 -5.73
N ILE A 140 10.32 -5.26 -4.40
CA ILE A 140 10.70 -4.05 -3.69
C ILE A 140 12.19 -3.78 -3.83
N LYS A 141 12.98 -4.85 -3.75
CA LYS A 141 14.42 -4.72 -3.87
C LYS A 141 14.79 -4.11 -5.22
N LYS A 142 14.18 -4.63 -6.28
CA LYS A 142 14.46 -4.18 -7.62
C LYS A 142 13.97 -2.76 -7.86
N LEU A 143 13.04 -2.31 -7.03
CA LEU A 143 12.60 -0.92 -7.06
C LEU A 143 13.68 -0.02 -6.46
N LEU A 144 14.29 -0.51 -5.38
CA LEU A 144 15.29 0.25 -4.64
C LEU A 144 16.66 0.22 -5.32
N GLU A 145 17.07 -0.96 -5.78
CA GLU A 145 18.36 -1.10 -6.47
C GLU A 145 18.35 -0.30 -7.76
N GLY A 146 17.20 -0.32 -8.44
CA GLY A 146 17.02 0.46 -9.65
C GLY A 146 17.77 -0.12 -10.83
N HIS A 147 17.69 0.56 -11.97
CA HIS A 147 18.45 0.15 -13.14
C HIS A 147 19.91 0.55 -12.95
N HIS A 148 20.14 1.53 -12.10
CA HIS A 148 21.48 1.90 -11.70
C HIS A 148 21.69 1.48 -10.25
N HIS A 149 22.19 0.25 -10.07
CA HIS A 149 22.37 -0.33 -8.74
C HIS A 149 23.15 0.61 -7.82
N HIS A 150 22.44 1.20 -6.87
CA HIS A 150 23.04 2.16 -5.96
C HIS A 150 23.60 1.48 -4.71
N HIS A 151 24.86 1.07 -4.82
CA HIS A 151 25.60 0.45 -3.71
C HIS A 151 25.07 -0.95 -3.39
N HIS A 152 24.19 -1.45 -4.26
CA HIS A 152 23.68 -2.80 -4.14
C HIS A 152 23.00 -3.22 -5.44
N MET A 1 10.89 3.76 -23.63
CA MET A 1 10.82 2.86 -24.82
C MET A 1 9.36 2.70 -25.22
N SER A 2 8.55 2.28 -24.26
CA SER A 2 7.11 2.21 -24.44
C SER A 2 6.48 3.19 -23.46
N LEU A 3 5.28 2.90 -23.00
CA LEU A 3 4.68 3.71 -21.97
C LEU A 3 5.03 3.14 -20.61
N GLU A 4 6.30 3.23 -20.25
CA GLU A 4 6.79 2.72 -18.98
C GLU A 4 6.64 3.79 -17.89
N ILE A 5 6.03 4.89 -18.28
CA ILE A 5 5.79 5.99 -17.38
C ILE A 5 4.32 6.41 -17.41
N PRO A 6 3.55 5.99 -16.39
CA PRO A 6 2.17 6.41 -16.22
C PRO A 6 2.04 7.86 -15.77
N GLU A 7 1.20 8.07 -14.76
CA GLU A 7 0.82 9.40 -14.28
C GLU A 7 0.09 10.13 -15.41
N ASP A 8 -0.63 9.33 -16.19
CA ASP A 8 -1.29 9.76 -17.41
C ASP A 8 -2.70 10.28 -17.12
N LYS A 9 -2.80 11.62 -16.99
CA LYS A 9 -4.05 12.36 -16.72
C LYS A 9 -4.95 11.76 -15.64
N ILE A 10 -5.36 12.64 -14.72
CA ILE A 10 -6.07 12.21 -13.53
C ILE A 10 -5.26 11.13 -12.82
N LYS A 11 -5.76 9.91 -12.90
CA LYS A 11 -5.05 8.72 -12.44
C LYS A 11 -5.57 7.48 -13.15
N GLU A 12 -5.07 7.23 -14.35
CA GLU A 12 -5.53 6.08 -15.14
C GLU A 12 -4.68 4.84 -14.87
N ALA A 13 -3.66 4.68 -15.69
CA ALA A 13 -2.69 3.60 -15.53
C ALA A 13 -1.61 4.04 -14.55
N SER A 14 -1.92 5.11 -13.84
CA SER A 14 -1.00 5.71 -12.92
C SER A 14 -1.19 5.10 -11.53
N ILE A 15 -0.75 5.82 -10.53
CA ILE A 15 -0.96 5.40 -9.16
C ILE A 15 -2.22 6.04 -8.59
N ILE A 16 -3.12 5.22 -8.11
CA ILE A 16 -4.40 5.69 -7.60
C ILE A 16 -4.19 6.53 -6.32
N ASP A 17 -4.61 7.79 -6.37
CA ASP A 17 -4.55 8.65 -5.19
C ASP A 17 -5.58 8.23 -4.18
N ILE A 18 -5.11 7.63 -3.10
CA ILE A 18 -5.98 7.16 -2.04
C ILE A 18 -5.88 8.08 -0.85
N GLN A 19 -6.93 8.83 -0.58
CA GLN A 19 -6.93 9.74 0.56
C GLN A 19 -7.84 9.22 1.68
N LEU A 20 -7.21 8.64 2.69
CA LEU A 20 -7.90 8.20 3.89
C LEU A 20 -7.06 8.58 5.08
N LYS A 21 -7.65 8.70 6.26
CA LYS A 21 -6.90 9.15 7.41
C LYS A 21 -6.36 7.98 8.23
N ASP A 22 -5.35 8.27 9.01
CA ASP A 22 -4.68 7.27 9.83
C ASP A 22 -5.26 7.27 11.24
N LEU A 23 -4.60 6.54 12.14
CA LEU A 23 -5.06 6.38 13.52
C LEU A 23 -5.31 7.72 14.19
N LYS A 24 -4.43 8.67 13.94
CA LYS A 24 -4.48 9.96 14.59
C LYS A 24 -5.48 10.88 13.90
N GLY A 25 -5.86 10.51 12.70
CA GLY A 25 -6.84 11.28 11.96
C GLY A 25 -6.22 12.12 10.86
N ASN A 26 -4.93 11.94 10.62
CA ASN A 26 -4.28 12.65 9.53
C ASN A 26 -4.56 11.93 8.23
N THR A 27 -5.07 12.64 7.24
CA THR A 27 -5.40 12.01 5.98
C THR A 27 -4.14 11.74 5.17
N ARG A 28 -3.83 10.46 4.98
CA ARG A 28 -2.66 10.05 4.24
C ARG A 28 -3.07 9.66 2.83
N SER A 29 -2.23 9.97 1.88
CA SER A 29 -2.42 9.52 0.53
C SER A 29 -1.15 8.84 0.04
N LEU A 30 -1.19 8.30 -1.15
CA LEU A 30 0.00 7.73 -1.73
C LEU A 30 0.87 8.85 -2.30
N THR A 31 0.28 10.03 -2.35
CA THR A 31 1.00 11.25 -2.64
C THR A 31 1.56 11.87 -1.34
N ASP A 32 1.33 11.17 -0.23
CA ASP A 32 1.79 11.62 1.08
C ASP A 32 3.11 10.93 1.40
N LEU A 33 3.22 9.69 0.92
CA LEU A 33 4.47 8.95 1.01
C LEU A 33 5.12 8.75 -0.37
N LYS A 34 4.67 9.57 -1.33
CA LYS A 34 5.18 9.53 -2.71
C LYS A 34 6.61 10.09 -2.76
N GLY A 35 7.50 9.35 -2.13
CA GLY A 35 8.88 9.74 -2.05
C GLY A 35 9.80 8.54 -2.00
N LYS A 36 9.28 7.40 -1.55
CA LYS A 36 10.07 6.19 -1.59
C LYS A 36 9.24 5.00 -2.08
N VAL A 37 9.82 3.81 -2.03
CA VAL A 37 9.17 2.60 -2.54
C VAL A 37 8.06 2.20 -1.59
N VAL A 38 6.83 2.18 -2.07
CA VAL A 38 5.70 2.06 -1.17
C VAL A 38 4.88 0.79 -1.42
N LEU A 39 4.60 0.12 -0.33
CA LEU A 39 3.69 -1.02 -0.30
C LEU A 39 2.25 -0.54 -0.26
N ILE A 40 1.44 -0.95 -1.21
CA ILE A 40 0.01 -0.66 -1.18
C ILE A 40 -0.73 -1.88 -0.65
N ASP A 41 -1.18 -1.82 0.59
CA ASP A 41 -1.83 -2.97 1.21
C ASP A 41 -3.33 -2.76 1.36
N PHE A 42 -4.08 -3.76 0.96
CA PHE A 42 -5.52 -3.77 1.14
C PHE A 42 -5.93 -4.98 1.97
N THR A 43 -6.35 -4.74 3.19
CA THR A 43 -6.69 -5.82 4.09
C THR A 43 -7.77 -5.36 5.07
N VAL A 44 -8.23 -6.28 5.91
CA VAL A 44 -9.17 -5.97 6.94
C VAL A 44 -8.56 -6.29 8.31
N TYR A 45 -8.33 -5.24 9.09
CA TYR A 45 -7.82 -5.39 10.46
C TYR A 45 -8.86 -6.06 11.32
N ASN A 46 -8.89 -7.37 11.28
CA ASN A 46 -9.94 -8.16 11.92
C ASN A 46 -9.76 -9.62 11.57
N ASN A 47 -9.32 -9.84 10.34
CA ASN A 47 -9.26 -11.16 9.76
C ASN A 47 -7.96 -11.86 10.13
N ALA A 48 -8.05 -13.16 10.34
CA ALA A 48 -6.91 -13.98 10.71
C ALA A 48 -5.81 -13.92 9.66
N MET A 49 -6.22 -13.78 8.40
CA MET A 49 -5.28 -13.73 7.29
C MET A 49 -4.38 -12.49 7.37
N SER A 50 -4.87 -11.46 8.05
CA SER A 50 -4.13 -10.21 8.13
C SER A 50 -3.06 -10.30 9.22
N ALA A 51 -3.25 -11.18 10.19
CA ALA A 51 -2.31 -11.34 11.29
C ALA A 51 -0.93 -11.76 10.77
N ALA A 52 -0.90 -12.87 10.06
CA ALA A 52 0.36 -13.37 9.49
C ALA A 52 0.84 -12.44 8.38
N HIS A 53 -0.09 -11.76 7.74
CA HIS A 53 0.22 -10.84 6.65
C HIS A 53 1.01 -9.64 7.18
N ASN A 54 0.55 -9.08 8.29
CA ASN A 54 1.20 -7.91 8.89
C ASN A 54 2.58 -8.28 9.43
N LEU A 55 2.76 -9.53 9.81
CA LEU A 55 4.06 -10.03 10.26
C LEU A 55 5.07 -9.89 9.14
N ALA A 56 4.76 -10.49 8.00
CA ALA A 56 5.65 -10.45 6.84
C ALA A 56 5.90 -9.01 6.40
N LEU A 57 4.90 -8.16 6.57
CA LEU A 57 5.03 -6.74 6.25
C LEU A 57 6.09 -6.10 7.14
N ARG A 58 6.07 -6.48 8.41
CA ARG A 58 7.02 -5.97 9.39
C ARG A 58 8.44 -6.41 9.05
N GLU A 59 8.53 -7.55 8.43
CA GLU A 59 9.81 -8.16 8.10
C GLU A 59 10.38 -7.38 6.98
N LEU A 60 9.54 -7.26 5.98
CA LEU A 60 9.81 -6.54 4.78
C LEU A 60 10.21 -5.10 5.10
N TYR A 61 9.59 -4.54 6.12
CA TYR A 61 9.84 -3.18 6.51
C TYR A 61 11.20 -3.09 7.18
N ASN A 62 11.45 -3.98 8.13
CA ASN A 62 12.73 -4.03 8.82
C ASN A 62 13.86 -4.35 7.84
N LYS A 63 13.51 -4.95 6.72
CA LYS A 63 14.46 -5.28 5.68
C LYS A 63 14.82 -4.08 4.82
N TYR A 64 13.82 -3.46 4.19
CA TYR A 64 14.08 -2.53 3.10
C TYR A 64 13.72 -1.08 3.43
N ALA A 65 13.08 -0.82 4.57
CA ALA A 65 12.60 0.53 4.88
C ALA A 65 13.72 1.57 4.87
N SER A 66 14.86 1.20 5.46
CA SER A 66 15.97 2.13 5.59
C SER A 66 16.60 2.46 4.24
N GLN A 67 16.29 1.66 3.23
CA GLN A 67 16.83 1.89 1.89
C GLN A 67 15.86 2.72 1.05
N GLY A 68 14.73 3.07 1.64
CA GLY A 68 13.76 3.88 0.93
C GLY A 68 12.49 3.11 0.68
N PHE A 69 11.94 2.51 1.72
CA PHE A 69 10.71 1.75 1.60
C PHE A 69 9.71 2.16 2.67
N GLU A 70 8.46 2.32 2.24
CA GLU A 70 7.37 2.74 3.10
C GLU A 70 6.14 1.87 2.82
N ILE A 71 5.22 1.83 3.76
CA ILE A 71 4.06 0.97 3.62
C ILE A 71 2.79 1.76 3.91
N TYR A 72 1.84 1.65 3.01
CA TYR A 72 0.54 2.28 3.18
C TYR A 72 -0.52 1.20 3.24
N GLN A 73 -0.97 0.90 4.44
CA GLN A 73 -1.87 -0.23 4.66
C GLN A 73 -3.29 0.26 4.95
N ILE A 74 -4.23 -0.18 4.12
CA ILE A 74 -5.62 0.23 4.25
C ILE A 74 -6.46 -0.85 4.90
N SER A 75 -7.23 -0.47 5.92
CA SER A 75 -8.19 -1.34 6.54
C SER A 75 -9.60 -1.00 6.07
N LEU A 76 -10.20 -1.90 5.31
CA LEU A 76 -11.55 -1.68 4.82
C LEU A 76 -12.53 -2.66 5.44
N ASP A 77 -12.22 -3.12 6.64
CA ASP A 77 -13.11 -4.02 7.38
C ASP A 77 -14.40 -3.30 7.75
N GLY A 78 -14.29 -2.41 8.72
CA GLY A 78 -15.44 -1.70 9.21
C GLY A 78 -15.32 -1.42 10.69
N ASP A 79 -14.59 -2.29 11.39
CA ASP A 79 -14.37 -2.11 12.82
C ASP A 79 -13.18 -1.19 13.09
N GLU A 80 -13.41 -0.22 13.97
CA GLU A 80 -12.38 0.73 14.35
C GLU A 80 -11.42 0.14 15.37
N HIS A 81 -11.95 -0.65 16.31
CA HIS A 81 -11.20 -1.02 17.51
C HIS A 81 -10.04 -1.96 17.20
N PHE A 82 -10.25 -2.90 16.29
CA PHE A 82 -9.23 -3.88 15.98
C PHE A 82 -8.18 -3.27 15.07
N TRP A 83 -8.60 -2.38 14.18
CA TRP A 83 -7.69 -1.67 13.32
C TRP A 83 -6.74 -0.82 14.15
N LYS A 84 -7.30 0.08 14.95
CA LYS A 84 -6.49 1.07 15.64
C LYS A 84 -5.54 0.43 16.63
N THR A 85 -6.00 -0.60 17.33
CA THR A 85 -5.17 -1.26 18.34
C THR A 85 -3.99 -1.98 17.68
N SER A 86 -4.27 -2.67 16.59
CA SER A 86 -3.24 -3.37 15.84
C SER A 86 -2.33 -2.38 15.13
N ALA A 87 -2.85 -1.19 14.88
CA ALA A 87 -2.13 -0.18 14.10
C ALA A 87 -1.26 0.65 15.01
N ASP A 88 -1.68 0.72 16.27
CA ASP A 88 -1.02 1.50 17.28
C ASP A 88 0.33 0.89 17.65
N ASN A 89 0.54 -0.35 17.21
CA ASN A 89 1.81 -1.04 17.38
C ASN A 89 2.57 -1.05 16.05
N LEU A 90 1.94 -0.53 15.02
CA LEU A 90 2.50 -0.56 13.68
C LEU A 90 3.29 0.71 13.37
N PRO A 91 4.33 0.56 12.54
CA PRO A 91 5.29 1.63 12.23
C PRO A 91 4.90 2.47 11.00
N TRP A 92 4.34 1.81 9.99
CA TRP A 92 4.08 2.43 8.71
C TRP A 92 2.71 3.11 8.69
N VAL A 93 2.28 3.51 7.51
CA VAL A 93 1.06 4.29 7.38
C VAL A 93 -0.15 3.38 7.47
N CYS A 94 -0.75 3.35 8.65
CA CYS A 94 -1.90 2.50 8.90
C CYS A 94 -3.17 3.31 8.75
N VAL A 95 -3.95 2.98 7.73
CA VAL A 95 -5.08 3.78 7.34
C VAL A 95 -6.37 2.98 7.44
N ARG A 96 -7.49 3.65 7.66
CA ARG A 96 -8.77 2.98 7.69
C ARG A 96 -9.71 3.60 6.68
N ASP A 97 -10.48 2.76 6.00
CA ASP A 97 -11.33 3.22 4.90
C ASP A 97 -12.63 3.82 5.43
N ALA A 98 -13.27 4.65 4.62
CA ALA A 98 -14.48 5.34 5.04
C ALA A 98 -15.72 4.47 4.92
N ASN A 99 -15.76 3.60 3.91
CA ASN A 99 -16.95 2.80 3.67
C ASN A 99 -16.66 1.31 3.74
N GLY A 100 -15.37 0.96 3.75
CA GLY A 100 -14.98 -0.42 3.92
C GLY A 100 -15.09 -1.22 2.64
N ALA A 101 -15.91 -2.27 2.67
CA ALA A 101 -16.08 -3.14 1.51
C ALA A 101 -16.83 -2.44 0.38
N TYR A 102 -17.31 -1.24 0.65
CA TYR A 102 -18.00 -0.45 -0.35
C TYR A 102 -17.10 0.65 -0.87
N SER A 103 -15.80 0.51 -0.62
CA SER A 103 -14.82 1.49 -1.04
C SER A 103 -14.76 1.57 -2.56
N SER A 104 -14.78 2.79 -3.08
CA SER A 104 -14.76 3.01 -4.53
C SER A 104 -13.47 2.48 -5.15
N TYR A 105 -12.40 2.43 -4.35
CA TYR A 105 -11.12 1.95 -4.83
C TYR A 105 -11.22 0.47 -5.22
N ILE A 106 -11.91 -0.29 -4.39
CA ILE A 106 -12.17 -1.71 -4.63
C ILE A 106 -12.79 -1.93 -6.01
N SER A 107 -13.73 -1.07 -6.39
CA SER A 107 -14.37 -1.17 -7.69
C SER A 107 -13.42 -0.76 -8.81
N LEU A 108 -12.38 0.00 -8.47
CA LEU A 108 -11.40 0.47 -9.45
C LEU A 108 -10.37 -0.62 -9.77
N TYR A 109 -9.96 -1.37 -8.76
CA TYR A 109 -8.96 -2.41 -8.97
C TYR A 109 -9.61 -3.66 -9.56
N ASN A 110 -10.92 -3.82 -9.30
CA ASN A 110 -11.71 -4.94 -9.82
C ASN A 110 -11.62 -6.05 -8.79
N VAL A 111 -11.32 -5.62 -7.58
CA VAL A 111 -11.25 -6.49 -6.45
C VAL A 111 -12.64 -6.67 -5.85
N THR A 112 -12.90 -7.83 -5.28
CA THR A 112 -14.22 -8.12 -4.74
C THR A 112 -14.14 -9.18 -3.64
N ASN A 113 -12.95 -9.36 -3.07
CA ASN A 113 -12.78 -10.38 -2.04
C ASN A 113 -11.77 -9.94 -1.00
N LEU A 114 -10.53 -9.72 -1.46
CA LEU A 114 -9.42 -9.33 -0.59
C LEU A 114 -9.00 -10.48 0.33
N PRO A 115 -7.85 -10.34 1.04
CA PRO A 115 -6.99 -9.15 0.98
C PRO A 115 -6.24 -9.07 -0.34
N SER A 116 -5.65 -7.92 -0.60
CA SER A 116 -4.95 -7.67 -1.85
C SER A 116 -3.75 -6.78 -1.60
N VAL A 117 -2.78 -6.84 -2.49
CA VAL A 117 -1.61 -5.97 -2.37
C VAL A 117 -1.30 -5.39 -3.73
N PHE A 118 -0.63 -4.27 -3.73
CA PHE A 118 -0.17 -3.61 -4.93
C PHE A 118 1.15 -2.95 -4.61
N LEU A 119 2.00 -2.76 -5.60
CA LEU A 119 3.29 -2.16 -5.29
C LEU A 119 3.53 -0.89 -6.08
N VAL A 120 4.29 0.03 -5.49
CA VAL A 120 4.79 1.21 -6.21
C VAL A 120 6.25 1.44 -5.84
N ASN A 121 7.04 1.88 -6.80
CA ASN A 121 8.47 2.10 -6.56
C ASN A 121 8.83 3.58 -6.56
N ARG A 122 9.91 3.90 -5.84
CA ARG A 122 10.61 5.19 -5.90
C ARG A 122 9.66 6.39 -5.75
N ASN A 123 9.09 6.82 -6.87
CA ASN A 123 8.24 8.00 -6.89
C ASN A 123 6.77 7.61 -6.83
N ASN A 124 6.51 6.48 -6.17
CA ASN A 124 5.17 5.93 -6.04
C ASN A 124 4.57 5.66 -7.42
N GLU A 125 5.29 4.89 -8.21
CA GLU A 125 4.79 4.42 -9.49
C GLU A 125 4.52 2.93 -9.41
N LEU A 126 3.31 2.52 -9.81
CA LEU A 126 2.85 1.16 -9.67
C LEU A 126 3.86 0.17 -10.25
N SER A 127 4.40 -0.68 -9.38
CA SER A 127 5.34 -1.70 -9.77
C SER A 127 4.63 -2.79 -10.52
N ALA A 128 3.69 -3.42 -9.83
CA ALA A 128 2.90 -4.48 -10.41
C ALA A 128 1.72 -4.75 -9.52
N ARG A 129 0.74 -5.44 -10.03
CA ARG A 129 -0.43 -5.80 -9.27
C ARG A 129 -0.07 -6.93 -8.32
N GLY A 130 -0.70 -6.96 -7.15
CA GLY A 130 -0.35 -7.94 -6.15
C GLY A 130 -0.71 -9.35 -6.55
N GLU A 131 -1.64 -9.47 -7.48
CA GLU A 131 -1.97 -10.77 -8.06
C GLU A 131 -0.79 -11.29 -8.88
N ASN A 132 0.17 -10.40 -9.12
CA ASN A 132 1.34 -10.71 -9.90
C ASN A 132 2.62 -10.58 -9.05
N ILE A 133 2.47 -10.18 -7.79
CA ILE A 133 3.62 -10.08 -6.90
C ILE A 133 3.91 -11.44 -6.30
N LYS A 134 4.84 -12.18 -6.92
CA LYS A 134 5.27 -13.48 -6.42
C LYS A 134 5.64 -13.38 -4.95
N ASP A 135 6.50 -12.42 -4.65
CA ASP A 135 6.91 -12.13 -3.30
C ASP A 135 7.10 -10.64 -3.20
N LEU A 136 6.45 -10.00 -2.23
CA LEU A 136 6.64 -8.57 -2.04
C LEU A 136 8.12 -8.30 -1.79
N ASP A 137 8.75 -9.20 -1.03
CA ASP A 137 10.19 -9.14 -0.77
C ASP A 137 10.98 -8.94 -2.06
N GLU A 138 10.80 -9.89 -2.97
CA GLU A 138 11.45 -9.86 -4.28
C GLU A 138 11.17 -8.56 -5.02
N ALA A 139 9.92 -8.11 -4.92
CA ALA A 139 9.48 -6.94 -5.65
C ALA A 139 10.11 -5.65 -5.10
N ILE A 140 10.12 -5.50 -3.77
CA ILE A 140 10.76 -4.36 -3.13
C ILE A 140 12.25 -4.34 -3.45
N LYS A 141 12.84 -5.52 -3.33
CA LYS A 141 14.26 -5.73 -3.51
C LYS A 141 14.72 -5.27 -4.90
N LYS A 142 13.90 -5.52 -5.91
CA LYS A 142 14.22 -5.13 -7.28
C LYS A 142 13.82 -3.67 -7.55
N LEU A 143 12.92 -3.14 -6.73
CA LEU A 143 12.38 -1.80 -6.96
C LEU A 143 13.29 -0.71 -6.44
N LEU A 144 14.05 -1.04 -5.41
CA LEU A 144 15.01 -0.11 -4.85
C LEU A 144 15.93 0.44 -5.95
N GLU A 145 16.35 -0.47 -6.82
CA GLU A 145 17.20 -0.12 -7.96
C GLU A 145 16.41 0.32 -9.19
N GLY A 146 15.13 0.66 -9.01
CA GLY A 146 14.30 1.11 -10.13
C GLY A 146 13.93 -0.02 -11.07
N HIS A 147 14.96 -0.59 -11.70
CA HIS A 147 14.85 -1.80 -12.51
C HIS A 147 14.26 -1.53 -13.90
N HIS A 148 13.79 -0.32 -14.16
CA HIS A 148 13.26 -0.01 -15.48
C HIS A 148 13.91 1.23 -16.09
N HIS A 149 14.79 0.98 -17.06
CA HIS A 149 15.44 2.03 -17.86
C HIS A 149 16.48 2.83 -17.05
N HIS A 150 16.52 2.60 -15.74
CA HIS A 150 17.47 3.27 -14.88
C HIS A 150 17.67 2.44 -13.61
N HIS A 151 18.89 2.44 -13.10
CA HIS A 151 19.20 1.77 -11.84
C HIS A 151 19.05 2.76 -10.70
N HIS A 152 20.15 3.39 -10.33
CA HIS A 152 20.13 4.46 -9.34
C HIS A 152 21.00 5.60 -9.84
N MET A 1 -5.46 20.69 -4.28
CA MET A 1 -5.58 22.12 -4.65
C MET A 1 -6.56 22.29 -5.81
N SER A 2 -6.16 21.86 -7.00
CA SER A 2 -6.98 22.04 -8.19
C SER A 2 -6.56 21.06 -9.29
N LEU A 3 -5.48 21.38 -9.98
CA LEU A 3 -5.06 20.61 -11.14
C LEU A 3 -3.61 20.13 -11.02
N GLU A 4 -3.23 19.67 -9.83
CA GLU A 4 -1.88 19.15 -9.62
C GLU A 4 -1.78 17.69 -10.06
N ILE A 5 -2.73 17.26 -10.87
CA ILE A 5 -2.79 15.88 -11.34
C ILE A 5 -1.62 15.57 -12.29
N PRO A 6 -0.76 14.60 -11.92
CA PRO A 6 0.40 14.23 -12.72
C PRO A 6 0.10 13.26 -13.84
N GLU A 7 -1.17 12.95 -14.04
CA GLU A 7 -1.58 12.07 -15.13
C GLU A 7 -1.78 12.87 -16.41
N ASP A 8 -0.83 13.73 -16.71
CA ASP A 8 -0.92 14.61 -17.87
C ASP A 8 -0.62 13.85 -19.15
N LYS A 9 -1.64 13.12 -19.64
CA LYS A 9 -1.59 12.38 -20.89
C LYS A 9 -0.52 11.27 -20.86
N ILE A 10 -0.31 10.68 -22.04
CA ILE A 10 0.69 9.64 -22.24
C ILE A 10 0.40 8.39 -21.43
N LYS A 11 1.08 8.25 -20.33
CA LYS A 11 0.99 7.06 -19.48
C LYS A 11 1.42 7.43 -18.07
N GLU A 12 1.61 8.71 -17.84
CA GLU A 12 2.26 9.15 -16.62
C GLU A 12 1.28 9.18 -15.46
N ALA A 13 1.79 8.91 -14.27
CA ALA A 13 0.97 8.71 -13.09
C ALA A 13 -0.04 7.60 -13.31
N SER A 14 -1.29 7.96 -13.64
CA SER A 14 -2.35 6.99 -13.92
C SER A 14 -2.62 6.08 -12.73
N ILE A 15 -2.15 6.51 -11.56
CA ILE A 15 -2.30 5.74 -10.35
C ILE A 15 -3.55 6.17 -9.60
N ILE A 16 -3.83 5.51 -8.50
CA ILE A 16 -4.94 5.91 -7.64
C ILE A 16 -4.39 6.45 -6.32
N ASP A 17 -4.42 7.77 -6.17
CA ASP A 17 -3.92 8.38 -4.94
C ASP A 17 -4.93 8.19 -3.83
N ILE A 18 -4.58 7.32 -2.91
CA ILE A 18 -5.44 6.99 -1.79
C ILE A 18 -5.27 8.03 -0.68
N GLN A 19 -6.37 8.62 -0.24
CA GLN A 19 -6.28 9.65 0.79
C GLN A 19 -7.26 9.34 1.90
N LEU A 20 -6.76 8.68 2.94
CA LEU A 20 -7.54 8.34 4.11
C LEU A 20 -6.78 8.78 5.34
N LYS A 21 -7.46 8.93 6.45
CA LYS A 21 -6.79 9.33 7.67
C LYS A 21 -6.23 8.12 8.39
N ASP A 22 -5.08 8.30 9.00
CA ASP A 22 -4.38 7.24 9.71
C ASP A 22 -4.95 7.03 11.10
N LEU A 23 -4.26 6.20 11.87
CA LEU A 23 -4.66 5.87 13.24
C LEU A 23 -4.94 7.12 14.06
N LYS A 24 -4.11 8.14 13.89
CA LYS A 24 -4.26 9.38 14.61
C LYS A 24 -5.40 10.21 14.05
N GLY A 25 -5.49 10.24 12.74
CA GLY A 25 -6.49 11.05 12.07
C GLY A 25 -5.89 11.96 11.03
N ASN A 26 -4.65 11.67 10.65
CA ASN A 26 -3.99 12.42 9.61
C ASN A 26 -4.31 11.82 8.26
N THR A 27 -4.95 12.60 7.40
CA THR A 27 -5.26 12.15 6.06
C THR A 27 -3.96 11.93 5.27
N ARG A 28 -3.63 10.68 5.04
CA ARG A 28 -2.47 10.32 4.26
C ARG A 28 -2.88 10.15 2.82
N SER A 29 -2.10 10.70 1.93
CA SER A 29 -2.24 10.43 0.53
C SER A 29 -1.01 9.66 0.09
N LEU A 30 -1.11 8.94 -1.00
CA LEU A 30 0.03 8.21 -1.51
C LEU A 30 1.07 9.21 -2.00
N THR A 31 0.59 10.36 -2.44
CA THR A 31 1.45 11.47 -2.84
C THR A 31 2.23 12.04 -1.66
N ASP A 32 1.79 11.75 -0.44
CA ASP A 32 2.50 12.19 0.77
C ASP A 32 3.66 11.23 1.04
N LEU A 33 3.51 10.02 0.52
CA LEU A 33 4.51 8.98 0.65
C LEU A 33 5.41 8.96 -0.60
N LYS A 34 5.14 9.89 -1.52
CA LYS A 34 5.90 10.03 -2.76
C LYS A 34 7.38 10.25 -2.44
N GLY A 35 8.20 9.27 -2.79
CA GLY A 35 9.61 9.36 -2.47
C GLY A 35 10.17 8.00 -2.10
N LYS A 36 9.41 7.26 -1.31
CA LYS A 36 9.75 5.88 -1.00
C LYS A 36 8.93 4.94 -1.86
N VAL A 37 9.26 3.66 -1.82
CA VAL A 37 8.43 2.67 -2.45
C VAL A 37 7.28 2.33 -1.51
N VAL A 38 6.07 2.48 -2.01
CA VAL A 38 4.88 2.39 -1.17
C VAL A 38 4.22 1.04 -1.33
N LEU A 39 4.12 0.32 -0.22
CA LEU A 39 3.43 -0.95 -0.22
C LEU A 39 1.94 -0.70 0.01
N ILE A 40 1.14 -0.92 -1.01
CA ILE A 40 -0.29 -0.71 -0.90
C ILE A 40 -0.93 -1.96 -0.30
N ASP A 41 -1.31 -1.88 0.95
CA ASP A 41 -1.88 -3.03 1.61
C ASP A 41 -3.37 -2.83 1.85
N PHE A 42 -4.17 -3.59 1.13
CA PHE A 42 -5.62 -3.57 1.33
C PHE A 42 -6.02 -4.74 2.22
N THR A 43 -6.24 -4.45 3.49
CA THR A 43 -6.56 -5.47 4.46
C THR A 43 -7.70 -4.98 5.35
N VAL A 44 -8.03 -5.75 6.37
CA VAL A 44 -9.07 -5.35 7.30
C VAL A 44 -8.59 -5.57 8.72
N TYR A 45 -8.77 -4.59 9.58
CA TYR A 45 -8.41 -4.75 10.97
C TYR A 45 -9.57 -5.35 11.72
N ASN A 46 -9.72 -6.66 11.55
CA ASN A 46 -10.76 -7.41 12.24
C ASN A 46 -10.62 -8.89 11.93
N ASN A 47 -10.26 -9.17 10.69
CA ASN A 47 -10.20 -10.54 10.19
C ASN A 47 -8.80 -11.12 10.40
N ALA A 48 -8.76 -12.34 10.91
CA ALA A 48 -7.52 -13.02 11.31
C ALA A 48 -6.51 -13.11 10.17
N MET A 49 -6.98 -13.03 8.93
CA MET A 49 -6.10 -13.07 7.77
C MET A 49 -5.05 -11.96 7.85
N SER A 50 -5.43 -10.85 8.48
CA SER A 50 -4.55 -9.69 8.58
C SER A 50 -3.41 -9.96 9.56
N ALA A 51 -3.62 -10.89 10.48
CA ALA A 51 -2.65 -11.16 11.53
C ALA A 51 -1.35 -11.72 10.95
N ALA A 52 -1.45 -12.83 10.24
CA ALA A 52 -0.28 -13.44 9.62
C ALA A 52 0.19 -12.60 8.45
N HIS A 53 -0.76 -11.92 7.79
CA HIS A 53 -0.45 -11.05 6.67
C HIS A 53 0.49 -9.93 7.10
N ASN A 54 0.25 -9.36 8.27
CA ASN A 54 1.08 -8.27 8.78
C ASN A 54 2.46 -8.75 9.20
N LEU A 55 2.60 -10.04 9.45
CA LEU A 55 3.89 -10.58 9.84
C LEU A 55 4.81 -10.62 8.61
N ALA A 56 4.26 -11.04 7.49
CA ALA A 56 5.00 -11.02 6.23
C ALA A 56 5.39 -9.58 5.87
N LEU A 57 4.49 -8.66 6.18
CA LEU A 57 4.74 -7.24 5.98
C LEU A 57 5.86 -6.78 6.89
N ARG A 58 5.84 -7.26 8.13
CA ARG A 58 6.87 -6.97 9.12
C ARG A 58 8.24 -7.38 8.61
N GLU A 59 8.26 -8.43 7.82
CA GLU A 59 9.51 -9.02 7.37
C GLU A 59 10.08 -8.12 6.32
N LEU A 60 9.24 -7.92 5.33
CA LEU A 60 9.55 -7.08 4.21
C LEU A 60 9.93 -5.67 4.68
N TYR A 61 9.34 -5.24 5.78
CA TYR A 61 9.58 -3.91 6.30
C TYR A 61 10.95 -3.86 6.96
N ASN A 62 11.22 -4.85 7.79
CA ASN A 62 12.49 -4.92 8.50
C ASN A 62 13.64 -5.11 7.52
N LYS A 63 13.31 -5.60 6.34
CA LYS A 63 14.30 -5.82 5.29
C LYS A 63 14.68 -4.52 4.59
N TYR A 64 13.70 -3.87 3.96
CA TYR A 64 14.00 -2.82 2.98
C TYR A 64 13.55 -1.42 3.41
N ALA A 65 12.84 -1.31 4.54
CA ALA A 65 12.29 -0.01 4.96
C ALA A 65 13.39 1.06 5.05
N SER A 66 14.56 0.66 5.54
CA SER A 66 15.67 1.58 5.75
C SER A 66 16.20 2.15 4.45
N GLN A 67 15.86 1.52 3.34
CA GLN A 67 16.40 1.89 2.03
C GLN A 67 15.44 2.82 1.30
N GLY A 68 14.36 3.19 1.96
CA GLY A 68 13.35 4.01 1.32
C GLY A 68 12.12 3.20 0.98
N PHE A 69 11.67 2.41 1.94
CA PHE A 69 10.48 1.60 1.77
C PHE A 69 9.49 1.86 2.90
N GLU A 70 8.23 2.02 2.54
CA GLU A 70 7.19 2.28 3.52
C GLU A 70 5.93 1.51 3.16
N ILE A 71 5.19 1.10 4.18
CA ILE A 71 3.96 0.35 3.94
C ILE A 71 2.76 1.22 4.26
N TYR A 72 1.82 1.27 3.33
CA TYR A 72 0.59 2.01 3.52
C TYR A 72 -0.55 1.00 3.65
N GLN A 73 -0.95 0.75 4.89
CA GLN A 73 -1.94 -0.27 5.19
C GLN A 73 -3.31 0.33 5.41
N ILE A 74 -4.28 -0.11 4.63
CA ILE A 74 -5.64 0.37 4.71
C ILE A 74 -6.56 -0.70 5.27
N SER A 75 -7.31 -0.36 6.30
CA SER A 75 -8.35 -1.24 6.83
C SER A 75 -9.64 -1.07 6.05
N LEU A 76 -10.35 -2.16 5.80
CA LEU A 76 -11.59 -2.09 5.05
C LEU A 76 -12.79 -2.02 5.99
N ASP A 77 -12.52 -2.11 7.26
CA ASP A 77 -13.56 -2.18 8.28
C ASP A 77 -13.95 -0.80 8.76
N GLY A 78 -14.75 -0.79 9.81
CA GLY A 78 -15.11 0.44 10.48
C GLY A 78 -15.03 0.25 11.98
N ASP A 79 -14.16 -0.64 12.41
CA ASP A 79 -14.05 -1.00 13.81
C ASP A 79 -12.94 -0.21 14.46
N GLU A 80 -13.27 0.48 15.54
CA GLU A 80 -12.30 1.30 16.22
C GLU A 80 -11.36 0.47 17.10
N HIS A 81 -11.92 -0.49 17.85
CA HIS A 81 -11.17 -1.13 18.92
C HIS A 81 -10.06 -2.02 18.38
N PHE A 82 -10.32 -2.79 17.34
CA PHE A 82 -9.31 -3.69 16.82
C PHE A 82 -8.31 -2.93 15.96
N TRP A 83 -8.82 -1.97 15.19
CA TRP A 83 -7.97 -1.14 14.36
C TRP A 83 -6.99 -0.37 15.21
N LYS A 84 -7.51 0.31 16.22
CA LYS A 84 -6.71 1.17 17.07
C LYS A 84 -5.65 0.38 17.82
N THR A 85 -6.09 -0.66 18.52
CA THR A 85 -5.20 -1.46 19.36
C THR A 85 -4.04 -2.06 18.56
N SER A 86 -4.30 -2.44 17.32
CA SER A 86 -3.26 -3.06 16.50
C SER A 86 -2.40 -2.00 15.80
N ALA A 87 -3.06 -0.97 15.26
CA ALA A 87 -2.37 0.02 14.42
C ALA A 87 -1.62 1.06 15.23
N ASP A 88 -2.06 1.30 16.46
CA ASP A 88 -1.48 2.34 17.32
C ASP A 88 0.02 2.14 17.53
N ASN A 89 0.44 0.88 17.54
CA ASN A 89 1.84 0.56 17.79
C ASN A 89 2.53 0.06 16.51
N LEU A 90 1.90 0.24 15.37
CA LEU A 90 2.46 -0.27 14.12
C LEU A 90 3.61 0.60 13.61
N PRO A 91 4.57 -0.03 12.93
CA PRO A 91 5.74 0.65 12.35
C PRO A 91 5.41 1.49 11.12
N TRP A 92 4.56 0.96 10.24
CA TRP A 92 4.24 1.60 8.98
C TRP A 92 2.97 2.43 9.09
N VAL A 93 2.50 2.93 7.95
CA VAL A 93 1.33 3.81 7.91
C VAL A 93 0.06 2.98 7.94
N CYS A 94 -0.88 3.37 8.78
CA CYS A 94 -2.11 2.62 8.96
C CYS A 94 -3.33 3.55 8.89
N VAL A 95 -4.10 3.41 7.82
CA VAL A 95 -5.29 4.24 7.61
C VAL A 95 -6.52 3.36 7.45
N ARG A 96 -7.70 3.91 7.61
CA ARG A 96 -8.92 3.10 7.48
C ARG A 96 -9.88 3.67 6.45
N ASP A 97 -10.34 2.81 5.54
CA ASP A 97 -11.40 3.17 4.60
C ASP A 97 -12.69 2.47 5.02
N ALA A 98 -13.65 3.25 5.47
CA ALA A 98 -14.90 2.70 5.99
C ALA A 98 -15.76 2.13 4.86
N ASN A 99 -15.27 2.26 3.64
CA ASN A 99 -16.02 1.79 2.47
C ASN A 99 -15.43 0.49 1.96
N GLY A 100 -14.53 -0.10 2.75
CA GLY A 100 -13.79 -1.29 2.32
C GLY A 100 -14.66 -2.52 2.10
N ALA A 101 -15.36 -2.52 0.97
CA ALA A 101 -16.22 -3.61 0.52
C ALA A 101 -17.05 -3.11 -0.64
N TYR A 102 -17.31 -1.81 -0.61
CA TYR A 102 -18.07 -1.14 -1.65
C TYR A 102 -17.26 0.04 -2.17
N SER A 103 -15.98 0.04 -1.84
CA SER A 103 -15.11 1.16 -2.11
C SER A 103 -14.83 1.29 -3.59
N SER A 104 -14.92 2.52 -4.08
CA SER A 104 -14.73 2.82 -5.50
C SER A 104 -13.40 2.28 -6.00
N TYR A 105 -12.40 2.28 -5.13
CA TYR A 105 -11.06 1.87 -5.49
C TYR A 105 -11.00 0.38 -5.79
N ILE A 106 -11.63 -0.42 -4.93
CA ILE A 106 -11.55 -1.88 -5.00
C ILE A 106 -11.91 -2.41 -6.39
N SER A 107 -13.00 -1.91 -6.95
CA SER A 107 -13.44 -2.32 -8.27
C SER A 107 -12.46 -1.85 -9.35
N LEU A 108 -11.82 -0.70 -9.10
CA LEU A 108 -10.85 -0.15 -10.04
C LEU A 108 -9.59 -1.00 -10.08
N TYR A 109 -9.30 -1.70 -8.98
CA TYR A 109 -8.13 -2.56 -8.92
C TYR A 109 -8.42 -3.92 -9.54
N ASN A 110 -9.68 -4.11 -10.01
CA ASN A 110 -10.13 -5.39 -10.59
C ASN A 110 -10.48 -6.37 -9.48
N VAL A 111 -10.14 -5.97 -8.26
CA VAL A 111 -10.23 -6.84 -7.10
C VAL A 111 -11.63 -7.42 -6.91
N THR A 112 -11.70 -8.75 -6.93
CA THR A 112 -12.94 -9.44 -6.65
C THR A 112 -13.07 -9.70 -5.15
N ASN A 113 -11.94 -9.96 -4.50
CA ASN A 113 -11.91 -10.21 -3.07
C ASN A 113 -10.57 -9.81 -2.46
N LEU A 114 -10.64 -9.09 -1.36
CA LEU A 114 -9.47 -8.72 -0.56
C LEU A 114 -9.38 -9.66 0.65
N PRO A 115 -8.32 -9.61 1.50
CA PRO A 115 -7.18 -8.67 1.38
C PRO A 115 -6.25 -8.95 0.22
N SER A 116 -5.55 -7.91 -0.21
CA SER A 116 -4.58 -8.02 -1.29
C SER A 116 -3.56 -6.89 -1.18
N VAL A 117 -2.32 -7.18 -1.57
CA VAL A 117 -1.28 -6.17 -1.57
C VAL A 117 -1.03 -5.70 -2.99
N PHE A 118 -0.49 -4.51 -3.14
CA PHE A 118 -0.15 -3.96 -4.43
C PHE A 118 1.18 -3.20 -4.32
N LEU A 119 1.80 -2.89 -5.43
CA LEU A 119 3.11 -2.25 -5.42
C LEU A 119 3.02 -0.83 -5.95
N VAL A 120 3.72 0.09 -5.30
CA VAL A 120 3.86 1.44 -5.79
C VAL A 120 5.33 1.85 -5.77
N ASN A 121 5.86 2.13 -6.95
CA ASN A 121 7.24 2.61 -7.09
C ASN A 121 7.35 4.03 -6.53
N ARG A 122 8.59 4.46 -6.23
CA ARG A 122 8.86 5.72 -5.52
C ARG A 122 8.21 6.94 -6.17
N ASN A 123 7.86 6.83 -7.44
CA ASN A 123 7.31 7.96 -8.18
C ASN A 123 5.81 8.05 -7.92
N ASN A 124 5.34 7.19 -7.03
CA ASN A 124 3.92 6.96 -6.84
C ASN A 124 3.36 6.37 -8.11
N GLU A 125 3.88 5.21 -8.48
CA GLU A 125 3.44 4.51 -9.67
C GLU A 125 3.04 3.08 -9.33
N LEU A 126 1.77 2.75 -9.55
CA LEU A 126 1.29 1.39 -9.33
C LEU A 126 2.11 0.42 -10.18
N SER A 127 2.92 -0.35 -9.50
CA SER A 127 3.89 -1.23 -10.15
C SER A 127 3.24 -2.54 -10.58
N ALA A 128 2.50 -3.17 -9.68
CA ALA A 128 1.84 -4.44 -9.94
C ALA A 128 0.98 -4.85 -8.76
N ARG A 129 0.22 -5.92 -8.94
CA ARG A 129 -0.58 -6.47 -7.87
C ARG A 129 0.20 -7.52 -7.10
N GLY A 130 -0.18 -7.77 -5.86
CA GLY A 130 0.51 -8.74 -5.03
C GLY A 130 0.49 -10.13 -5.63
N GLU A 131 -0.64 -10.50 -6.23
CA GLU A 131 -0.79 -11.80 -6.87
C GLU A 131 -0.13 -11.80 -8.24
N ASN A 132 0.10 -10.61 -8.78
CA ASN A 132 0.74 -10.46 -10.08
C ASN A 132 2.25 -10.45 -9.91
N ILE A 133 2.67 -10.18 -8.70
CA ILE A 133 4.08 -10.20 -8.33
C ILE A 133 4.44 -11.59 -7.80
N LYS A 134 5.44 -12.22 -8.42
CA LYS A 134 5.89 -13.55 -7.99
C LYS A 134 6.33 -13.51 -6.53
N ASP A 135 7.08 -12.49 -6.18
CA ASP A 135 7.53 -12.27 -4.80
C ASP A 135 7.85 -10.80 -4.64
N LEU A 136 7.28 -10.18 -3.61
CA LEU A 136 7.42 -8.75 -3.42
C LEU A 136 8.80 -8.40 -2.90
N ASP A 137 9.43 -9.34 -2.22
CA ASP A 137 10.82 -9.17 -1.77
C ASP A 137 11.69 -8.73 -2.93
N GLU A 138 11.71 -9.55 -3.97
CA GLU A 138 12.42 -9.25 -5.20
C GLU A 138 11.98 -7.93 -5.81
N ALA A 139 10.68 -7.68 -5.79
CA ALA A 139 10.11 -6.49 -6.42
C ALA A 139 10.57 -5.21 -5.72
N ILE A 140 10.41 -5.14 -4.41
CA ILE A 140 10.84 -3.98 -3.64
C ILE A 140 12.33 -3.77 -3.81
N LYS A 141 13.05 -4.89 -3.75
CA LYS A 141 14.50 -4.91 -3.87
C LYS A 141 14.96 -4.29 -5.18
N LYS A 142 14.24 -4.55 -6.26
CA LYS A 142 14.62 -4.02 -7.57
C LYS A 142 14.08 -2.60 -7.79
N LEU A 143 13.00 -2.24 -7.09
CA LEU A 143 12.47 -0.89 -7.16
C LEU A 143 13.46 0.08 -6.53
N LEU A 144 14.06 -0.34 -5.42
CA LEU A 144 15.03 0.48 -4.71
C LEU A 144 16.23 0.78 -5.60
N GLU A 145 16.71 -0.23 -6.29
CA GLU A 145 17.81 -0.07 -7.23
C GLU A 145 17.39 0.73 -8.45
N GLY A 146 16.50 0.17 -9.25
CA GLY A 146 16.24 0.71 -10.57
C GLY A 146 17.37 0.35 -11.51
N HIS A 147 18.51 1.00 -11.34
CA HIS A 147 19.76 0.62 -11.99
C HIS A 147 19.69 0.79 -13.51
N HIS A 148 18.76 1.62 -13.97
CA HIS A 148 18.64 1.94 -15.39
C HIS A 148 17.71 3.14 -15.62
N HIS A 149 18.22 4.32 -15.26
CA HIS A 149 17.53 5.59 -15.49
C HIS A 149 18.37 6.71 -14.90
N HIS A 150 19.01 6.39 -13.79
CA HIS A 150 20.07 7.21 -13.23
C HIS A 150 21.35 6.42 -13.33
N HIS A 151 22.39 6.83 -12.61
CA HIS A 151 23.54 5.95 -12.43
C HIS A 151 23.15 4.87 -11.44
N HIS A 152 22.10 5.18 -10.68
CA HIS A 152 21.48 4.23 -9.78
C HIS A 152 19.96 4.31 -9.96
N MET A 1 1.79 19.65 -7.57
CA MET A 1 2.84 20.56 -8.09
C MET A 1 2.94 20.46 -9.60
N SER A 2 3.54 19.37 -10.07
CA SER A 2 3.66 19.11 -11.49
C SER A 2 2.52 18.22 -11.96
N LEU A 3 2.19 18.30 -13.25
CA LEU A 3 1.11 17.51 -13.81
C LEU A 3 1.62 16.10 -14.13
N GLU A 4 1.79 15.30 -13.08
CA GLU A 4 2.32 13.96 -13.23
C GLU A 4 1.20 12.95 -13.43
N ILE A 5 0.79 12.80 -14.68
CA ILE A 5 -0.21 11.81 -15.05
C ILE A 5 0.41 10.80 -16.02
N PRO A 6 0.81 9.63 -15.53
CA PRO A 6 1.45 8.59 -16.35
C PRO A 6 0.47 7.86 -17.24
N GLU A 7 -0.80 8.17 -17.06
CA GLU A 7 -1.87 7.51 -17.80
C GLU A 7 -2.01 8.13 -19.18
N ASP A 8 -1.26 7.60 -20.13
CA ASP A 8 -1.27 8.12 -21.50
C ASP A 8 -2.15 7.26 -22.39
N LYS A 9 -2.71 6.23 -21.78
CA LYS A 9 -3.62 5.34 -22.45
C LYS A 9 -4.49 4.64 -21.40
N ILE A 10 -5.47 3.86 -21.85
CA ILE A 10 -6.53 3.34 -20.99
C ILE A 10 -6.07 2.38 -19.90
N LYS A 11 -4.79 2.05 -19.89
CA LYS A 11 -4.27 1.10 -18.89
C LYS A 11 -2.75 1.07 -18.89
N GLU A 12 -2.13 2.17 -19.31
CA GLU A 12 -0.67 2.23 -19.37
C GLU A 12 -0.13 3.12 -18.27
N ALA A 13 0.43 2.51 -17.24
CA ALA A 13 1.01 3.22 -16.10
C ALA A 13 -0.02 4.08 -15.39
N SER A 14 -0.52 3.59 -14.27
CA SER A 14 -1.55 4.28 -13.54
C SER A 14 -1.19 4.31 -12.07
N ILE A 15 -1.42 5.44 -11.46
CA ILE A 15 -1.21 5.59 -10.04
C ILE A 15 -2.43 6.22 -9.38
N ILE A 16 -2.99 5.50 -8.44
CA ILE A 16 -4.13 5.95 -7.68
C ILE A 16 -3.65 6.70 -6.45
N ASP A 17 -4.28 7.82 -6.15
CA ASP A 17 -3.90 8.57 -4.97
C ASP A 17 -4.95 8.38 -3.89
N ILE A 18 -4.59 7.62 -2.87
CA ILE A 18 -5.52 7.26 -1.83
C ILE A 18 -5.43 8.26 -0.69
N GLN A 19 -6.47 9.06 -0.52
CA GLN A 19 -6.48 10.06 0.52
C GLN A 19 -7.46 9.66 1.61
N LEU A 20 -6.93 9.13 2.70
CA LEU A 20 -7.74 8.71 3.83
C LEU A 20 -7.01 9.10 5.11
N LYS A 21 -7.69 9.06 6.26
CA LYS A 21 -7.03 9.36 7.51
C LYS A 21 -6.58 8.10 8.21
N ASP A 22 -5.51 8.22 8.97
CA ASP A 22 -4.98 7.11 9.72
C ASP A 22 -5.74 6.93 11.03
N LEU A 23 -5.23 6.05 11.86
CA LEU A 23 -5.79 5.76 13.19
C LEU A 23 -6.04 7.04 13.98
N LYS A 24 -5.06 7.92 13.93
CA LYS A 24 -5.08 9.16 14.69
C LYS A 24 -5.94 10.23 14.02
N GLY A 25 -6.18 10.06 12.73
CA GLY A 25 -6.98 11.03 12.00
C GLY A 25 -6.14 11.83 11.02
N ASN A 26 -4.89 11.43 10.87
CA ASN A 26 -3.99 12.09 9.96
C ASN A 26 -4.19 11.58 8.55
N THR A 27 -4.67 12.44 7.66
CA THR A 27 -4.92 12.06 6.29
C THR A 27 -3.62 11.82 5.54
N ARG A 28 -3.45 10.60 5.04
CA ARG A 28 -2.30 10.23 4.24
C ARG A 28 -2.72 10.02 2.80
N SER A 29 -1.90 10.50 1.88
CA SER A 29 -2.12 10.25 0.47
C SER A 29 -0.93 9.49 -0.11
N LEU A 30 -1.11 8.92 -1.29
CA LEU A 30 -0.02 8.18 -1.91
C LEU A 30 0.96 9.12 -2.58
N THR A 31 0.43 10.21 -3.12
CA THR A 31 1.27 11.24 -3.74
C THR A 31 2.17 11.91 -2.70
N ASP A 32 1.83 11.73 -1.44
CA ASP A 32 2.62 12.27 -0.32
C ASP A 32 3.83 11.37 -0.10
N LEU A 33 3.59 10.08 -0.26
CA LEU A 33 4.57 9.05 0.05
C LEU A 33 5.59 8.88 -1.09
N LYS A 34 5.50 9.77 -2.09
CA LYS A 34 6.43 9.75 -3.22
C LYS A 34 7.85 10.02 -2.73
N GLY A 35 8.70 9.03 -2.87
CA GLY A 35 10.05 9.12 -2.35
C GLY A 35 10.53 7.76 -1.92
N LYS A 36 9.62 7.01 -1.30
CA LYS A 36 9.87 5.62 -0.98
C LYS A 36 9.13 4.73 -1.95
N VAL A 37 9.41 3.44 -1.90
CA VAL A 37 8.58 2.48 -2.59
C VAL A 37 7.39 2.15 -1.71
N VAL A 38 6.20 2.30 -2.25
CA VAL A 38 4.99 2.26 -1.44
C VAL A 38 4.29 0.92 -1.56
N LEU A 39 4.08 0.28 -0.43
CA LEU A 39 3.29 -0.93 -0.36
C LEU A 39 1.83 -0.56 -0.14
N ILE A 40 0.96 -0.96 -1.05
CA ILE A 40 -0.46 -0.67 -0.87
C ILE A 40 -1.14 -1.90 -0.29
N ASP A 41 -1.46 -1.83 0.99
CA ASP A 41 -2.07 -2.95 1.69
C ASP A 41 -3.56 -2.73 1.87
N PHE A 42 -4.36 -3.70 1.47
CA PHE A 42 -5.80 -3.64 1.64
C PHE A 42 -6.26 -4.82 2.48
N THR A 43 -6.43 -4.60 3.76
CA THR A 43 -6.68 -5.67 4.71
C THR A 43 -7.76 -5.27 5.71
N VAL A 44 -8.54 -6.23 6.19
CA VAL A 44 -9.50 -5.96 7.24
C VAL A 44 -8.90 -6.33 8.60
N TYR A 45 -8.79 -5.36 9.47
CA TYR A 45 -8.28 -5.59 10.81
C TYR A 45 -9.33 -6.31 11.63
N ASN A 46 -9.32 -7.64 11.51
CA ASN A 46 -10.33 -8.49 12.09
C ASN A 46 -10.13 -9.93 11.64
N ASN A 47 -9.68 -10.08 10.39
CA ASN A 47 -9.50 -11.40 9.79
C ASN A 47 -8.26 -12.08 10.37
N ALA A 48 -8.28 -13.41 10.40
CA ALA A 48 -7.22 -14.19 11.04
C ALA A 48 -5.90 -14.10 10.27
N MET A 49 -5.98 -13.93 8.96
CA MET A 49 -4.79 -13.90 8.11
C MET A 49 -3.94 -12.68 8.43
N SER A 50 -4.57 -11.67 9.04
CA SER A 50 -3.90 -10.42 9.37
C SER A 50 -2.69 -10.67 10.28
N ALA A 51 -2.76 -11.73 11.08
CA ALA A 51 -1.67 -12.06 11.99
C ALA A 51 -0.41 -12.44 11.21
N ALA A 52 -0.55 -13.42 10.32
CA ALA A 52 0.58 -13.89 9.55
C ALA A 52 0.97 -12.88 8.47
N HIS A 53 -0.03 -12.13 7.99
CA HIS A 53 0.21 -11.11 6.98
C HIS A 53 0.99 -9.94 7.58
N ASN A 54 0.69 -9.60 8.83
CA ASN A 54 1.40 -8.52 9.52
C ASN A 54 2.87 -8.88 9.68
N LEU A 55 3.13 -10.15 9.97
CA LEU A 55 4.50 -10.66 10.07
C LEU A 55 5.27 -10.38 8.79
N ALA A 56 4.68 -10.77 7.68
CA ALA A 56 5.30 -10.58 6.38
C ALA A 56 5.52 -9.10 6.09
N LEU A 57 4.55 -8.27 6.47
CA LEU A 57 4.68 -6.83 6.31
C LEU A 57 5.84 -6.31 7.16
N ARG A 58 5.94 -6.83 8.37
CA ARG A 58 7.01 -6.49 9.30
C ARG A 58 8.37 -6.85 8.71
N GLU A 59 8.38 -7.90 7.92
CA GLU A 59 9.61 -8.47 7.41
C GLU A 59 10.10 -7.58 6.32
N LEU A 60 9.20 -7.41 5.38
CA LEU A 60 9.42 -6.58 4.23
C LEU A 60 9.81 -5.16 4.64
N TYR A 61 9.29 -4.72 5.78
CA TYR A 61 9.57 -3.38 6.25
C TYR A 61 10.96 -3.33 6.88
N ASN A 62 11.21 -4.25 7.79
CA ASN A 62 12.48 -4.27 8.51
C ASN A 62 13.64 -4.54 7.57
N LYS A 63 13.33 -5.15 6.44
CA LYS A 63 14.32 -5.43 5.41
C LYS A 63 14.68 -4.17 4.59
N TYR A 64 13.66 -3.52 4.02
CA TYR A 64 13.91 -2.54 2.97
C TYR A 64 13.54 -1.10 3.36
N ALA A 65 12.88 -0.91 4.51
CA ALA A 65 12.39 0.42 4.90
C ALA A 65 13.51 1.47 4.90
N SER A 66 14.65 1.10 5.46
CA SER A 66 15.77 2.02 5.61
C SER A 66 16.36 2.44 4.26
N GLN A 67 16.08 1.65 3.23
CA GLN A 67 16.60 1.92 1.89
C GLN A 67 15.58 2.71 1.06
N GLY A 68 14.48 3.09 1.70
CA GLY A 68 13.47 3.86 1.00
C GLY A 68 12.21 3.05 0.72
N PHE A 69 11.68 2.41 1.75
CA PHE A 69 10.46 1.63 1.61
C PHE A 69 9.44 2.05 2.65
N GLU A 70 8.17 2.05 2.26
CA GLU A 70 7.09 2.44 3.15
C GLU A 70 5.87 1.55 2.92
N ILE A 71 5.13 1.29 3.98
CA ILE A 71 3.89 0.54 3.85
C ILE A 71 2.70 1.42 4.14
N TYR A 72 1.86 1.58 3.15
CA TYR A 72 0.62 2.32 3.32
C TYR A 72 -0.51 1.31 3.49
N GLN A 73 -0.90 1.10 4.74
CA GLN A 73 -1.87 0.08 5.08
C GLN A 73 -3.27 0.68 5.06
N ILE A 74 -4.24 -0.11 4.62
CA ILE A 74 -5.62 0.35 4.54
C ILE A 74 -6.56 -0.73 5.05
N SER A 75 -7.34 -0.41 6.06
CA SER A 75 -8.28 -1.35 6.57
C SER A 75 -9.68 -1.07 6.04
N LEU A 76 -10.26 -2.06 5.38
CA LEU A 76 -11.63 -1.98 4.91
C LEU A 76 -12.51 -2.79 5.86
N ASP A 77 -12.23 -2.62 7.14
CA ASP A 77 -12.87 -3.38 8.21
C ASP A 77 -14.29 -2.88 8.49
N GLY A 78 -14.86 -3.37 9.59
CA GLY A 78 -16.17 -2.93 10.01
C GLY A 78 -16.17 -2.53 11.48
N ASP A 79 -14.99 -2.21 12.00
CA ASP A 79 -14.84 -1.86 13.41
C ASP A 79 -13.51 -1.15 13.62
N GLU A 80 -13.60 0.11 14.00
CA GLU A 80 -12.42 0.93 14.16
C GLU A 80 -11.69 0.62 15.47
N HIS A 81 -12.37 -0.10 16.36
CA HIS A 81 -11.81 -0.42 17.66
C HIS A 81 -10.63 -1.38 17.53
N PHE A 82 -10.87 -2.54 16.92
CA PHE A 82 -9.82 -3.54 16.75
C PHE A 82 -8.67 -2.96 15.93
N TRP A 83 -9.03 -2.33 14.82
CA TRP A 83 -8.05 -1.71 13.94
C TRP A 83 -7.17 -0.71 14.69
N LYS A 84 -7.80 0.23 15.40
CA LYS A 84 -7.05 1.30 16.04
C LYS A 84 -6.15 0.77 17.15
N THR A 85 -6.71 -0.07 18.00
CA THR A 85 -5.95 -0.60 19.14
C THR A 85 -4.76 -1.43 18.67
N SER A 86 -4.95 -2.14 17.57
CA SER A 86 -3.92 -3.00 17.01
C SER A 86 -2.86 -2.19 16.25
N ALA A 87 -3.33 -1.30 15.38
CA ALA A 87 -2.46 -0.63 14.41
C ALA A 87 -1.81 0.66 14.93
N ASP A 88 -2.39 1.28 15.95
CA ASP A 88 -1.99 2.65 16.34
C ASP A 88 -0.50 2.74 16.68
N ASN A 89 0.05 1.66 17.19
CA ASN A 89 1.44 1.63 17.63
C ASN A 89 2.33 0.94 16.60
N LEU A 90 1.82 0.78 15.39
CA LEU A 90 2.56 0.10 14.33
C LEU A 90 3.58 1.03 13.67
N PRO A 91 4.61 0.43 13.04
CA PRO A 91 5.70 1.16 12.36
C PRO A 91 5.23 1.98 11.16
N TRP A 92 4.51 1.33 10.25
CA TRP A 92 4.12 1.95 8.99
C TRP A 92 2.79 2.67 9.12
N VAL A 93 2.37 3.27 8.02
CA VAL A 93 1.16 4.07 8.00
C VAL A 93 -0.07 3.16 7.97
N CYS A 94 -0.95 3.33 8.94
CA CYS A 94 -2.13 2.49 9.04
C CYS A 94 -3.38 3.33 8.88
N VAL A 95 -4.04 3.15 7.75
CA VAL A 95 -5.17 3.99 7.35
C VAL A 95 -6.44 3.16 7.30
N ARG A 96 -7.60 3.81 7.39
CA ARG A 96 -8.86 3.10 7.32
C ARG A 96 -9.71 3.61 6.17
N ASP A 97 -10.42 2.70 5.52
CA ASP A 97 -11.32 3.07 4.43
C ASP A 97 -12.67 3.52 4.99
N ALA A 98 -13.26 4.51 4.35
CA ALA A 98 -14.48 5.14 4.87
C ALA A 98 -15.75 4.36 4.50
N ASN A 99 -15.63 3.31 3.70
CA ASN A 99 -16.82 2.60 3.24
C ASN A 99 -16.82 1.13 3.66
N GLY A 100 -15.67 0.62 4.10
CA GLY A 100 -15.60 -0.73 4.62
C GLY A 100 -16.07 -1.79 3.64
N ALA A 101 -15.18 -2.20 2.73
CA ALA A 101 -15.47 -3.20 1.70
C ALA A 101 -16.36 -2.63 0.59
N TYR A 102 -17.19 -1.66 0.94
CA TYR A 102 -17.97 -0.93 -0.06
C TYR A 102 -17.14 0.21 -0.63
N SER A 103 -15.82 0.07 -0.51
CA SER A 103 -14.88 1.11 -0.85
C SER A 103 -14.95 1.46 -2.34
N SER A 104 -14.75 2.73 -2.64
CA SER A 104 -14.73 3.20 -4.01
C SER A 104 -13.44 2.75 -4.69
N TYR A 105 -12.38 2.60 -3.89
CA TYR A 105 -11.08 2.17 -4.41
C TYR A 105 -11.14 0.72 -4.86
N ILE A 106 -11.83 -0.11 -4.08
CA ILE A 106 -12.00 -1.52 -4.41
C ILE A 106 -12.63 -1.69 -5.80
N SER A 107 -13.50 -0.76 -6.16
CA SER A 107 -14.12 -0.78 -7.48
C SER A 107 -13.18 -0.19 -8.53
N LEU A 108 -12.29 0.71 -8.11
CA LEU A 108 -11.35 1.35 -9.01
C LEU A 108 -10.32 0.36 -9.54
N TYR A 109 -9.82 -0.52 -8.67
CA TYR A 109 -8.84 -1.52 -9.09
C TYR A 109 -9.56 -2.70 -9.75
N ASN A 110 -10.84 -2.83 -9.45
CA ASN A 110 -11.60 -4.03 -9.81
C ASN A 110 -10.98 -5.19 -9.07
N VAL A 111 -11.13 -5.14 -7.77
CA VAL A 111 -10.52 -6.13 -6.90
C VAL A 111 -11.33 -7.41 -6.91
N THR A 112 -10.63 -8.52 -7.05
CA THR A 112 -11.27 -9.82 -7.09
C THR A 112 -11.79 -10.20 -5.70
N ASN A 113 -10.94 -10.04 -4.70
CA ASN A 113 -11.30 -10.39 -3.32
C ASN A 113 -10.23 -9.93 -2.34
N LEU A 114 -10.65 -9.24 -1.31
CA LEU A 114 -9.77 -8.81 -0.23
C LEU A 114 -9.53 -9.96 0.75
N PRO A 115 -8.44 -9.90 1.54
CA PRO A 115 -7.45 -8.81 1.49
C PRO A 115 -6.58 -8.89 0.25
N SER A 116 -6.02 -7.75 -0.15
CA SER A 116 -5.22 -7.65 -1.34
C SER A 116 -4.02 -6.73 -1.10
N VAL A 117 -3.10 -6.73 -2.04
CA VAL A 117 -1.92 -5.88 -1.94
C VAL A 117 -1.56 -5.35 -3.33
N PHE A 118 -0.86 -4.22 -3.36
CA PHE A 118 -0.41 -3.63 -4.60
C PHE A 118 1.01 -3.11 -4.43
N LEU A 119 1.73 -2.97 -5.54
CA LEU A 119 3.12 -2.53 -5.48
C LEU A 119 3.25 -1.13 -6.06
N VAL A 120 4.10 -0.30 -5.47
CA VAL A 120 4.39 1.02 -5.99
C VAL A 120 5.88 1.30 -5.86
N ASN A 121 6.52 1.73 -6.94
CA ASN A 121 7.93 2.06 -6.89
C ASN A 121 8.12 3.50 -6.42
N ARG A 122 9.38 3.85 -6.14
CA ARG A 122 9.76 5.11 -5.49
C ARG A 122 9.19 6.36 -6.17
N ASN A 123 8.84 6.26 -7.44
CA ASN A 123 8.35 7.41 -8.19
C ASN A 123 6.88 7.63 -7.91
N ASN A 124 6.34 6.80 -7.01
CA ASN A 124 4.91 6.74 -6.75
C ASN A 124 4.19 6.22 -7.97
N GLU A 125 4.63 5.07 -8.46
CA GLU A 125 4.00 4.44 -9.62
C GLU A 125 3.59 3.02 -9.27
N LEU A 126 2.39 2.62 -9.70
CA LEU A 126 1.91 1.27 -9.44
C LEU A 126 2.73 0.27 -10.23
N SER A 127 3.53 -0.48 -9.50
CA SER A 127 4.42 -1.46 -10.07
C SER A 127 3.66 -2.66 -10.61
N ALA A 128 2.91 -3.30 -9.74
CA ALA A 128 2.20 -4.52 -10.10
C ALA A 128 1.10 -4.82 -9.09
N ARG A 129 0.29 -5.81 -9.41
CA ARG A 129 -0.82 -6.21 -8.56
C ARG A 129 -0.42 -7.41 -7.72
N GLY A 130 -0.93 -7.49 -6.49
CA GLY A 130 -0.65 -8.62 -5.61
C GLY A 130 -0.88 -9.97 -6.27
N GLU A 131 -1.77 -9.97 -7.26
CA GLU A 131 -2.11 -11.17 -8.01
C GLU A 131 -0.92 -11.71 -8.80
N ASN A 132 -0.19 -10.80 -9.45
CA ASN A 132 0.85 -11.20 -10.39
C ASN A 132 2.24 -11.01 -9.82
N ILE A 133 2.33 -10.41 -8.64
CA ILE A 133 3.61 -10.27 -7.97
C ILE A 133 4.01 -11.61 -7.34
N LYS A 134 4.89 -12.32 -8.02
CA LYS A 134 5.40 -13.60 -7.56
C LYS A 134 6.10 -13.45 -6.21
N ASP A 135 7.02 -12.50 -6.12
CA ASP A 135 7.80 -12.29 -4.92
C ASP A 135 7.96 -10.81 -4.65
N LEU A 136 7.29 -10.30 -3.62
CA LEU A 136 7.37 -8.88 -3.28
C LEU A 136 8.75 -8.55 -2.74
N ASP A 137 9.30 -9.47 -1.95
CA ASP A 137 10.65 -9.30 -1.41
C ASP A 137 11.65 -9.01 -2.53
N GLU A 138 11.64 -9.86 -3.54
CA GLU A 138 12.51 -9.67 -4.70
C GLU A 138 12.15 -8.40 -5.46
N ALA A 139 10.86 -8.15 -5.60
CA ALA A 139 10.37 -7.01 -6.37
C ALA A 139 10.80 -5.68 -5.76
N ILE A 140 10.58 -5.51 -4.46
CA ILE A 140 10.95 -4.28 -3.78
C ILE A 140 12.46 -4.08 -3.85
N LYS A 141 13.18 -5.18 -3.76
CA LYS A 141 14.63 -5.17 -3.81
C LYS A 141 15.14 -4.63 -5.16
N LYS A 142 14.49 -5.02 -6.24
CA LYS A 142 14.88 -4.56 -7.58
C LYS A 142 14.32 -3.17 -7.86
N LEU A 143 13.28 -2.78 -7.12
CA LEU A 143 12.70 -1.45 -7.25
C LEU A 143 13.60 -0.40 -6.63
N LEU A 144 14.19 -0.76 -5.49
CA LEU A 144 15.04 0.16 -4.75
C LEU A 144 16.27 0.54 -5.53
N GLU A 145 16.87 -0.43 -6.21
CA GLU A 145 18.05 -0.17 -7.00
C GLU A 145 17.69 0.63 -8.26
N GLY A 146 17.24 -0.06 -9.31
CA GLY A 146 16.89 0.61 -10.54
C GLY A 146 18.06 1.38 -11.13
N HIS A 147 19.26 0.84 -10.96
CA HIS A 147 20.48 1.47 -11.46
C HIS A 147 21.68 0.57 -11.21
N HIS A 148 22.56 0.46 -12.19
CA HIS A 148 23.79 -0.32 -12.03
C HIS A 148 24.97 0.49 -12.54
N HIS A 149 25.73 1.07 -11.62
CA HIS A 149 26.86 1.91 -11.98
C HIS A 149 27.84 2.02 -10.82
N HIS A 150 27.73 1.10 -9.87
CA HIS A 150 28.56 1.14 -8.66
C HIS A 150 28.39 -0.17 -7.87
N HIS A 151 27.25 -0.30 -7.20
CA HIS A 151 26.95 -1.50 -6.42
C HIS A 151 25.47 -1.52 -6.08
N HIS A 152 24.90 -2.70 -5.95
CA HIS A 152 23.51 -2.85 -5.54
C HIS A 152 23.40 -3.96 -4.50
N MET A 1 -8.87 1.44 -14.88
CA MET A 1 -9.22 0.73 -16.14
C MET A 1 -8.06 -0.17 -16.56
N SER A 2 -8.36 -1.14 -17.43
CA SER A 2 -7.37 -2.12 -17.87
C SER A 2 -6.18 -1.45 -18.56
N LEU A 3 -6.46 -0.55 -19.51
CA LEU A 3 -5.40 0.15 -20.24
C LEU A 3 -5.21 1.56 -19.68
N GLU A 4 -5.57 1.74 -18.42
CA GLU A 4 -5.40 3.02 -17.76
C GLU A 4 -3.98 3.15 -17.25
N ILE A 5 -3.12 3.63 -18.11
CA ILE A 5 -1.69 3.70 -17.82
C ILE A 5 -1.26 5.16 -17.62
N PRO A 6 -0.44 5.41 -16.58
CA PRO A 6 0.21 6.73 -16.36
C PRO A 6 1.07 7.17 -17.54
N GLU A 7 2.31 7.56 -17.24
CA GLU A 7 3.22 8.07 -18.27
C GLU A 7 2.63 9.35 -18.87
N ASP A 8 1.87 10.06 -18.04
CA ASP A 8 1.12 11.22 -18.47
C ASP A 8 1.96 12.49 -18.44
N LYS A 9 1.27 13.62 -18.49
CA LYS A 9 1.92 14.93 -18.45
C LYS A 9 1.05 15.92 -17.68
N ILE A 10 0.24 15.39 -16.76
CA ILE A 10 -0.67 16.22 -16.00
C ILE A 10 -0.32 16.19 -14.52
N LYS A 11 0.41 15.17 -14.14
CA LYS A 11 0.75 14.93 -12.75
C LYS A 11 1.95 14.01 -12.61
N GLU A 12 2.32 13.41 -13.72
CA GLU A 12 3.46 12.49 -13.80
C GLU A 12 3.23 11.25 -12.96
N ALA A 13 3.03 10.12 -13.64
CA ALA A 13 2.79 8.84 -12.99
C ALA A 13 1.48 8.87 -12.22
N SER A 14 0.44 9.32 -12.89
CA SER A 14 -0.88 9.41 -12.27
C SER A 14 -1.50 8.05 -12.09
N ILE A 15 -1.33 7.51 -10.90
CA ILE A 15 -2.00 6.29 -10.49
C ILE A 15 -3.21 6.64 -9.64
N ILE A 16 -3.70 5.69 -8.84
CA ILE A 16 -4.78 5.98 -7.92
C ILE A 16 -4.21 6.51 -6.61
N ASP A 17 -4.06 7.83 -6.53
CA ASP A 17 -3.64 8.48 -5.30
C ASP A 17 -4.75 8.41 -4.27
N ILE A 18 -4.47 7.70 -3.19
CA ILE A 18 -5.47 7.50 -2.15
C ILE A 18 -5.18 8.39 -0.95
N GLN A 19 -6.15 9.22 -0.60
CA GLN A 19 -6.01 10.08 0.57
C GLN A 19 -7.00 9.67 1.65
N LEU A 20 -6.52 8.93 2.65
CA LEU A 20 -7.37 8.51 3.77
C LEU A 20 -6.65 8.78 5.08
N LYS A 21 -7.41 8.91 6.16
CA LYS A 21 -6.84 9.26 7.45
C LYS A 21 -6.29 8.03 8.16
N ASP A 22 -5.12 8.20 8.77
CA ASP A 22 -4.45 7.12 9.48
C ASP A 22 -4.90 7.06 10.93
N LEU A 23 -4.17 6.28 11.72
CA LEU A 23 -4.47 6.07 13.14
C LEU A 23 -4.69 7.37 13.90
N LYS A 24 -3.92 8.39 13.56
CA LYS A 24 -4.01 9.68 14.24
C LYS A 24 -5.22 10.49 13.79
N GLY A 25 -5.86 10.02 12.73
CA GLY A 25 -6.95 10.76 12.14
C GLY A 25 -6.44 11.77 11.14
N ASN A 26 -5.21 11.57 10.70
CA ASN A 26 -4.56 12.45 9.75
C ASN A 26 -4.62 11.85 8.36
N THR A 27 -5.19 12.58 7.42
CA THR A 27 -5.29 12.11 6.04
C THR A 27 -3.91 11.93 5.41
N ARG A 28 -3.59 10.68 5.09
CA ARG A 28 -2.40 10.36 4.35
C ARG A 28 -2.71 10.43 2.88
N SER A 29 -1.76 10.90 2.10
CA SER A 29 -1.93 10.95 0.66
C SER A 29 -0.77 10.20 0.01
N LEU A 30 -1.06 9.42 -1.01
CA LEU A 30 -0.01 8.70 -1.72
C LEU A 30 0.93 9.70 -2.39
N THR A 31 0.38 10.83 -2.83
CA THR A 31 1.15 11.89 -3.44
C THR A 31 1.98 12.65 -2.38
N ASP A 32 1.85 12.23 -1.13
CA ASP A 32 2.59 12.83 -0.03
C ASP A 32 3.70 11.89 0.40
N LEU A 33 3.37 10.61 0.45
CA LEU A 33 4.33 9.57 0.80
C LEU A 33 5.22 9.26 -0.42
N LYS A 34 4.94 9.97 -1.52
CA LYS A 34 5.71 9.86 -2.75
C LYS A 34 7.14 10.32 -2.49
N GLY A 35 8.02 9.34 -2.38
CA GLY A 35 9.40 9.59 -2.03
C GLY A 35 10.06 8.30 -1.63
N LYS A 36 9.26 7.42 -1.06
CA LYS A 36 9.65 6.05 -0.86
C LYS A 36 8.78 5.16 -1.73
N VAL A 37 9.07 3.87 -1.76
CA VAL A 37 8.23 2.93 -2.46
C VAL A 37 7.04 2.59 -1.57
N VAL A 38 5.85 2.70 -2.12
CA VAL A 38 4.64 2.56 -1.32
C VAL A 38 4.03 1.18 -1.49
N LEU A 39 4.00 0.43 -0.42
CA LEU A 39 3.32 -0.86 -0.43
C LEU A 39 1.83 -0.65 -0.22
N ILE A 40 1.04 -0.90 -1.23
CA ILE A 40 -0.40 -0.73 -1.13
C ILE A 40 -1.02 -1.96 -0.50
N ASP A 41 -1.40 -1.85 0.74
CA ASP A 41 -1.98 -2.97 1.46
C ASP A 41 -3.46 -2.76 1.68
N PHE A 42 -4.26 -3.75 1.34
CA PHE A 42 -5.68 -3.73 1.61
C PHE A 42 -6.02 -4.88 2.55
N THR A 43 -6.48 -4.56 3.74
CA THR A 43 -6.83 -5.56 4.72
C THR A 43 -7.96 -5.05 5.60
N VAL A 44 -8.34 -5.83 6.59
CA VAL A 44 -9.36 -5.40 7.55
C VAL A 44 -8.89 -5.66 8.96
N TYR A 45 -8.76 -4.59 9.75
CA TYR A 45 -8.39 -4.75 11.13
C TYR A 45 -9.60 -5.20 11.93
N ASN A 46 -9.85 -6.48 11.81
CA ASN A 46 -11.00 -7.14 12.42
C ASN A 46 -10.99 -8.62 12.04
N ASN A 47 -10.41 -8.89 10.88
CA ASN A 47 -10.31 -10.24 10.36
C ASN A 47 -9.07 -10.94 10.89
N ALA A 48 -9.23 -12.22 11.19
CA ALA A 48 -8.14 -13.03 11.73
C ALA A 48 -7.04 -13.21 10.70
N MET A 49 -7.40 -13.12 9.43
CA MET A 49 -6.45 -13.31 8.33
C MET A 49 -5.44 -12.17 8.26
N SER A 50 -5.76 -11.04 8.92
CA SER A 50 -4.87 -9.90 8.90
C SER A 50 -3.63 -10.17 9.73
N ALA A 51 -3.76 -11.01 10.75
CA ALA A 51 -2.65 -11.32 11.65
C ALA A 51 -1.46 -11.87 10.87
N ALA A 52 -1.68 -12.93 10.11
CA ALA A 52 -0.63 -13.54 9.32
C ALA A 52 -0.22 -12.64 8.16
N HIS A 53 -1.15 -11.80 7.73
CA HIS A 53 -0.91 -10.88 6.63
C HIS A 53 0.06 -9.78 7.05
N ASN A 54 -0.16 -9.22 8.23
CA ASN A 54 0.71 -8.17 8.77
C ASN A 54 2.10 -8.72 9.04
N LEU A 55 2.18 -10.02 9.32
CA LEU A 55 3.45 -10.69 9.57
C LEU A 55 4.35 -10.63 8.35
N ALA A 56 3.83 -11.10 7.24
CA ALA A 56 4.58 -11.11 5.99
C ALA A 56 5.00 -9.70 5.61
N LEU A 57 4.12 -8.74 5.89
CA LEU A 57 4.40 -7.33 5.66
C LEU A 57 5.56 -6.87 6.53
N ARG A 58 5.55 -7.36 7.77
CA ARG A 58 6.57 -7.03 8.75
C ARG A 58 7.94 -7.53 8.30
N GLU A 59 7.93 -8.62 7.54
CA GLU A 59 9.16 -9.26 7.14
C GLU A 59 9.77 -8.42 6.06
N LEU A 60 8.94 -8.16 5.09
CA LEU A 60 9.27 -7.32 3.98
C LEU A 60 9.70 -5.92 4.44
N TYR A 61 9.15 -5.49 5.57
CA TYR A 61 9.45 -4.17 6.09
C TYR A 61 10.80 -4.19 6.80
N ASN A 62 10.98 -5.16 7.70
CA ASN A 62 12.23 -5.30 8.44
C ASN A 62 13.40 -5.52 7.50
N LYS A 63 13.08 -6.00 6.30
CA LYS A 63 14.08 -6.22 5.27
C LYS A 63 14.47 -4.93 4.54
N TYR A 64 13.48 -4.25 3.96
CA TYR A 64 13.77 -3.20 2.98
C TYR A 64 13.41 -1.79 3.47
N ALA A 65 12.73 -1.69 4.61
CA ALA A 65 12.33 -0.38 5.12
C ALA A 65 13.53 0.42 5.58
N SER A 66 13.30 1.71 5.87
CA SER A 66 14.36 2.66 6.23
C SER A 66 15.24 2.97 5.02
N GLN A 67 15.44 1.97 4.17
CA GLN A 67 16.22 2.10 2.94
C GLN A 67 15.36 2.70 1.83
N GLY A 68 14.24 3.30 2.20
CA GLY A 68 13.39 3.96 1.22
C GLY A 68 12.14 3.15 0.91
N PHE A 69 11.82 2.21 1.77
CA PHE A 69 10.59 1.44 1.63
C PHE A 69 9.58 1.85 2.68
N GLU A 70 8.30 1.85 2.31
CA GLU A 70 7.23 2.16 3.23
C GLU A 70 6.00 1.33 2.93
N ILE A 71 5.16 1.14 3.94
CA ILE A 71 3.93 0.37 3.76
C ILE A 71 2.73 1.24 4.08
N TYR A 72 1.77 1.26 3.17
CA TYR A 72 0.55 2.03 3.34
C TYR A 72 -0.65 1.08 3.37
N GLN A 73 -1.13 0.80 4.56
CA GLN A 73 -2.26 -0.12 4.73
C GLN A 73 -3.58 0.63 4.75
N ILE A 74 -4.59 0.02 4.18
CA ILE A 74 -5.96 0.50 4.25
C ILE A 74 -6.86 -0.58 4.84
N SER A 75 -7.43 -0.31 5.99
CA SER A 75 -8.30 -1.28 6.65
C SER A 75 -9.76 -1.08 6.24
N LEU A 76 -10.45 -2.17 5.91
CA LEU A 76 -11.85 -2.11 5.52
C LEU A 76 -12.72 -2.61 6.65
N ASP A 77 -12.31 -2.27 7.87
CA ASP A 77 -12.96 -2.78 9.07
C ASP A 77 -14.15 -1.93 9.48
N GLY A 78 -14.87 -2.44 10.46
CA GLY A 78 -15.92 -1.68 11.09
C GLY A 78 -15.71 -1.64 12.59
N ASP A 79 -14.44 -1.61 12.99
CA ASP A 79 -14.08 -1.62 14.39
C ASP A 79 -12.78 -0.86 14.60
N GLU A 80 -12.90 0.36 15.08
CA GLU A 80 -11.76 1.25 15.21
C GLU A 80 -10.89 0.87 16.41
N HIS A 81 -11.47 0.22 17.41
CA HIS A 81 -10.72 -0.03 18.64
C HIS A 81 -9.71 -1.16 18.44
N PHE A 82 -9.99 -2.10 17.55
CA PHE A 82 -9.02 -3.14 17.23
C PHE A 82 -7.95 -2.56 16.31
N TRP A 83 -8.39 -1.86 15.27
CA TRP A 83 -7.50 -1.20 14.34
C TRP A 83 -6.56 -0.23 15.08
N LYS A 84 -7.11 0.50 16.04
CA LYS A 84 -6.35 1.48 16.81
C LYS A 84 -5.31 0.78 17.69
N THR A 85 -5.75 -0.19 18.48
CA THR A 85 -4.89 -0.86 19.43
C THR A 85 -3.83 -1.71 18.74
N SER A 86 -4.10 -2.10 17.50
CA SER A 86 -3.15 -2.88 16.73
C SER A 86 -2.12 -1.97 16.04
N ALA A 87 -2.58 -0.80 15.61
CA ALA A 87 -1.72 0.12 14.87
C ALA A 87 -0.80 0.90 15.80
N ASP A 88 -1.14 0.92 17.08
CA ASP A 88 -0.36 1.63 18.11
C ASP A 88 1.13 1.27 18.04
N ASN A 89 1.41 -0.02 17.93
CA ASN A 89 2.79 -0.50 17.95
C ASN A 89 3.30 -0.78 16.53
N LEU A 90 2.59 -0.27 15.53
CA LEU A 90 2.94 -0.55 14.16
C LEU A 90 3.94 0.46 13.61
N PRO A 91 4.85 -0.02 12.75
CA PRO A 91 5.94 0.79 12.18
C PRO A 91 5.50 1.66 10.99
N TRP A 92 4.64 1.10 10.15
CA TRP A 92 4.28 1.75 8.89
C TRP A 92 2.92 2.45 9.00
N VAL A 93 2.40 2.89 7.87
CA VAL A 93 1.20 3.71 7.86
C VAL A 93 -0.05 2.84 7.72
N CYS A 94 -1.02 3.08 8.58
CA CYS A 94 -2.28 2.35 8.53
C CYS A 94 -3.46 3.32 8.55
N VAL A 95 -4.21 3.35 7.46
CA VAL A 95 -5.38 4.20 7.35
C VAL A 95 -6.63 3.34 7.22
N ARG A 96 -7.80 3.94 7.39
CA ARG A 96 -9.03 3.18 7.30
C ARG A 96 -9.96 3.75 6.22
N ASP A 97 -10.68 2.86 5.54
CA ASP A 97 -11.61 3.26 4.50
C ASP A 97 -13.00 3.52 5.10
N ALA A 98 -13.79 4.32 4.39
CA ALA A 98 -15.10 4.74 4.89
C ALA A 98 -16.19 3.70 4.67
N ASN A 99 -16.10 2.94 3.58
CA ASN A 99 -17.20 2.05 3.19
C ASN A 99 -16.76 0.58 3.19
N GLY A 100 -15.45 0.36 3.26
CA GLY A 100 -14.94 -0.99 3.37
C GLY A 100 -14.81 -1.66 2.02
N ALA A 101 -15.37 -2.86 1.91
CA ALA A 101 -15.22 -3.68 0.70
C ALA A 101 -16.05 -3.14 -0.47
N TYR A 102 -16.69 -2.00 -0.26
CA TYR A 102 -17.48 -1.37 -1.31
C TYR A 102 -16.81 -0.08 -1.76
N SER A 103 -15.56 0.11 -1.35
CA SER A 103 -14.81 1.30 -1.70
C SER A 103 -14.57 1.35 -3.21
N SER A 104 -14.73 2.54 -3.78
CA SER A 104 -14.59 2.72 -5.22
C SER A 104 -13.15 2.44 -5.67
N TYR A 105 -12.22 2.58 -4.72
CA TYR A 105 -10.80 2.33 -5.00
C TYR A 105 -10.58 0.88 -5.43
N ILE A 106 -11.19 -0.03 -4.69
CA ILE A 106 -10.99 -1.46 -4.88
C ILE A 106 -11.44 -1.90 -6.28
N SER A 107 -12.44 -1.21 -6.81
CA SER A 107 -12.97 -1.53 -8.13
C SER A 107 -11.99 -1.13 -9.23
N LEU A 108 -11.10 -0.19 -8.93
CA LEU A 108 -10.14 0.31 -9.90
C LEU A 108 -8.93 -0.62 -10.01
N TYR A 109 -8.76 -1.47 -9.00
CA TYR A 109 -7.65 -2.41 -9.01
C TYR A 109 -8.03 -3.72 -9.69
N ASN A 110 -9.33 -3.96 -9.78
CA ASN A 110 -9.84 -5.27 -10.15
C ASN A 110 -9.29 -6.31 -9.18
N VAL A 111 -9.81 -6.26 -7.98
CA VAL A 111 -9.40 -7.14 -6.92
C VAL A 111 -9.96 -8.54 -7.11
N THR A 112 -9.13 -9.54 -6.90
CA THR A 112 -9.58 -10.90 -6.94
C THR A 112 -10.29 -11.24 -5.63
N ASN A 113 -9.62 -10.95 -4.53
CA ASN A 113 -10.17 -11.20 -3.20
C ASN A 113 -9.30 -10.50 -2.16
N LEU A 114 -9.95 -9.91 -1.17
CA LEU A 114 -9.24 -9.21 -0.13
C LEU A 114 -9.14 -10.10 1.11
N PRO A 115 -8.13 -9.91 1.99
CA PRO A 115 -7.10 -8.87 1.86
C PRO A 115 -6.23 -9.02 0.61
N SER A 116 -5.70 -7.90 0.14
CA SER A 116 -4.91 -7.88 -1.07
C SER A 116 -3.68 -6.99 -0.87
N VAL A 117 -2.78 -7.02 -1.83
CA VAL A 117 -1.63 -6.15 -1.83
C VAL A 117 -1.32 -5.71 -3.25
N PHE A 118 -0.70 -4.54 -3.38
CA PHE A 118 -0.31 -4.02 -4.67
C PHE A 118 1.06 -3.35 -4.53
N LEU A 119 1.72 -3.09 -5.65
CA LEU A 119 3.07 -2.53 -5.61
C LEU A 119 3.05 -1.10 -6.11
N VAL A 120 3.71 -0.20 -5.41
CA VAL A 120 3.92 1.15 -5.91
C VAL A 120 5.39 1.50 -5.90
N ASN A 121 5.91 1.74 -7.09
CA ASN A 121 7.29 2.15 -7.27
C ASN A 121 7.47 3.57 -6.71
N ARG A 122 8.73 3.94 -6.45
CA ARG A 122 9.07 5.17 -5.71
C ARG A 122 8.48 6.44 -6.35
N ASN A 123 8.08 6.35 -7.61
CA ASN A 123 7.52 7.49 -8.31
C ASN A 123 6.01 7.50 -8.14
N ASN A 124 5.54 6.72 -7.18
CA ASN A 124 4.13 6.52 -6.93
C ASN A 124 3.44 5.96 -8.16
N GLU A 125 3.94 4.81 -8.59
CA GLU A 125 3.41 4.14 -9.77
C GLU A 125 2.98 2.72 -9.42
N LEU A 126 1.72 2.38 -9.69
CA LEU A 126 1.26 1.01 -9.53
C LEU A 126 2.12 0.08 -10.37
N SER A 127 2.96 -0.67 -9.68
CA SER A 127 3.91 -1.54 -10.33
C SER A 127 3.24 -2.83 -10.78
N ALA A 128 2.38 -3.37 -9.92
CA ALA A 128 1.66 -4.61 -10.20
C ALA A 128 0.76 -4.97 -9.04
N ARG A 129 -0.05 -5.99 -9.26
CA ARG A 129 -1.00 -6.44 -8.28
C ARG A 129 -0.50 -7.72 -7.61
N GLY A 130 -1.02 -8.02 -6.43
CA GLY A 130 -0.54 -9.15 -5.64
C GLY A 130 -0.38 -10.46 -6.42
N GLU A 131 -1.36 -10.77 -7.27
CA GLU A 131 -1.30 -11.98 -8.08
C GLU A 131 -0.27 -11.86 -9.20
N ASN A 132 -0.07 -10.64 -9.66
CA ASN A 132 0.85 -10.37 -10.76
C ASN A 132 2.28 -10.35 -10.23
N ILE A 133 2.42 -10.02 -8.95
CA ILE A 133 3.72 -9.93 -8.32
C ILE A 133 4.22 -11.31 -7.90
N LYS A 134 5.27 -11.78 -8.55
CA LYS A 134 5.91 -13.02 -8.16
C LYS A 134 7.01 -12.76 -7.15
N ASP A 135 6.66 -12.95 -5.88
CA ASP A 135 7.55 -12.68 -4.75
C ASP A 135 7.86 -11.19 -4.65
N LEU A 136 7.27 -10.55 -3.66
CA LEU A 136 7.44 -9.10 -3.48
C LEU A 136 8.83 -8.76 -3.02
N ASP A 137 9.48 -9.71 -2.37
CA ASP A 137 10.86 -9.54 -1.90
C ASP A 137 11.77 -9.05 -3.02
N GLU A 138 11.76 -9.74 -4.16
CA GLU A 138 12.53 -9.31 -5.31
C GLU A 138 12.03 -7.97 -5.82
N ALA A 139 10.71 -7.82 -5.90
CA ALA A 139 10.09 -6.63 -6.46
C ALA A 139 10.52 -5.36 -5.70
N ILE A 140 10.35 -5.38 -4.39
CA ILE A 140 10.70 -4.24 -3.55
C ILE A 140 12.19 -3.91 -3.66
N LYS A 141 13.00 -4.96 -3.70
CA LYS A 141 14.44 -4.81 -3.78
C LYS A 141 14.85 -4.01 -5.02
N LYS A 142 14.22 -4.35 -6.13
CA LYS A 142 14.54 -3.75 -7.41
C LYS A 142 13.90 -2.37 -7.56
N LEU A 143 12.82 -2.11 -6.83
CA LEU A 143 12.20 -0.79 -6.82
C LEU A 143 13.06 0.19 -6.05
N LEU A 144 13.66 -0.29 -4.97
CA LEU A 144 14.50 0.54 -4.12
C LEU A 144 15.71 1.08 -4.86
N GLU A 145 16.33 0.25 -5.68
CA GLU A 145 17.55 0.65 -6.36
C GLU A 145 17.24 1.68 -7.45
N GLY A 146 16.11 1.52 -8.13
CA GLY A 146 15.66 2.49 -9.11
C GLY A 146 16.72 2.82 -10.15
N HIS A 147 17.27 1.78 -10.78
CA HIS A 147 18.25 1.93 -11.86
C HIS A 147 19.63 2.37 -11.34
N HIS A 148 19.70 3.54 -10.72
CA HIS A 148 20.97 4.17 -10.43
C HIS A 148 21.54 3.77 -9.07
N HIS A 149 20.66 3.43 -8.12
CA HIS A 149 21.06 3.20 -6.72
C HIS A 149 21.43 4.52 -6.04
N HIS A 150 21.12 4.61 -4.75
CA HIS A 150 21.45 5.80 -3.96
C HIS A 150 21.02 5.59 -2.51
N HIS A 151 19.71 5.50 -2.29
CA HIS A 151 19.17 5.20 -0.98
C HIS A 151 19.18 3.69 -0.77
N HIS A 152 19.55 2.99 -1.82
CA HIS A 152 19.68 1.54 -1.80
C HIS A 152 20.27 1.11 -3.14
N MET A 1 -7.14 21.74 -6.20
CA MET A 1 -8.25 20.77 -6.25
C MET A 1 -7.79 19.43 -5.70
N SER A 2 -8.71 18.69 -5.09
CA SER A 2 -8.41 17.36 -4.59
C SER A 2 -8.76 16.32 -5.66
N LEU A 3 -7.75 15.90 -6.40
CA LEU A 3 -7.95 15.00 -7.52
C LEU A 3 -7.15 13.71 -7.30
N GLU A 4 -7.85 12.58 -7.22
CA GLU A 4 -7.22 11.31 -6.94
C GLU A 4 -6.96 10.52 -8.22
N ILE A 5 -7.41 11.10 -9.32
CA ILE A 5 -7.29 10.48 -10.62
C ILE A 5 -6.62 11.43 -11.61
N PRO A 6 -5.49 11.00 -12.21
CA PRO A 6 -4.68 11.83 -13.11
C PRO A 6 -5.42 12.25 -14.39
N GLU A 7 -4.80 13.14 -15.14
CA GLU A 7 -5.37 13.70 -16.36
C GLU A 7 -4.53 13.33 -17.57
N ASP A 8 -4.94 13.80 -18.73
CA ASP A 8 -4.12 13.68 -19.93
C ASP A 8 -3.00 14.71 -19.87
N LYS A 9 -1.98 14.53 -20.72
CA LYS A 9 -0.76 15.35 -20.69
C LYS A 9 0.06 15.00 -19.46
N ILE A 10 -0.39 13.95 -18.79
CA ILE A 10 0.28 13.39 -17.63
C ILE A 10 0.25 11.88 -17.77
N LYS A 11 0.83 11.16 -16.82
CA LYS A 11 0.77 9.71 -16.84
C LYS A 11 -0.54 9.24 -16.23
N GLU A 12 -1.52 9.05 -17.09
CA GLU A 12 -2.86 8.71 -16.66
C GLU A 12 -2.99 7.23 -16.34
N ALA A 13 -3.73 6.94 -15.26
CA ALA A 13 -4.08 5.58 -14.86
C ALA A 13 -2.84 4.74 -14.53
N SER A 14 -1.76 5.39 -14.14
CA SER A 14 -0.57 4.67 -13.72
C SER A 14 -0.70 4.26 -12.25
N ILE A 15 -1.48 5.05 -11.51
CA ILE A 15 -1.72 4.79 -10.10
C ILE A 15 -2.81 5.72 -9.58
N ILE A 16 -3.59 5.24 -8.62
CA ILE A 16 -4.63 6.04 -7.98
C ILE A 16 -4.09 6.61 -6.67
N ASP A 17 -4.40 7.86 -6.40
CA ASP A 17 -3.94 8.50 -5.16
C ASP A 17 -5.02 8.35 -4.09
N ILE A 18 -4.75 7.51 -3.11
CA ILE A 18 -5.71 7.24 -2.06
C ILE A 18 -5.53 8.21 -0.93
N GLN A 19 -6.55 9.03 -0.70
CA GLN A 19 -6.48 10.03 0.34
C GLN A 19 -7.45 9.71 1.47
N LEU A 20 -6.93 9.14 2.54
CA LEU A 20 -7.71 8.79 3.72
C LEU A 20 -6.92 9.21 4.94
N LYS A 21 -7.56 9.32 6.10
CA LYS A 21 -6.84 9.67 7.30
C LYS A 21 -6.35 8.44 8.03
N ASP A 22 -5.21 8.60 8.67
CA ASP A 22 -4.53 7.50 9.31
C ASP A 22 -5.10 7.26 10.71
N LEU A 23 -4.44 6.37 11.42
CA LEU A 23 -4.80 6.02 12.78
C LEU A 23 -4.86 7.27 13.67
N LYS A 24 -3.88 8.14 13.51
CA LYS A 24 -3.82 9.37 14.26
C LYS A 24 -4.94 10.32 13.84
N GLY A 25 -5.22 10.35 12.54
CA GLY A 25 -6.24 11.22 12.03
C GLY A 25 -5.72 12.14 10.95
N ASN A 26 -4.53 11.85 10.44
CA ASN A 26 -3.92 12.64 9.40
C ASN A 26 -4.19 12.03 8.04
N THR A 27 -4.75 12.81 7.13
CA THR A 27 -4.99 12.34 5.77
C THR A 27 -3.67 12.02 5.07
N ARG A 28 -3.48 10.74 4.78
CA ARG A 28 -2.31 10.28 4.07
C ARG A 28 -2.69 10.01 2.62
N SER A 29 -1.93 10.59 1.72
CA SER A 29 -2.11 10.33 0.31
C SER A 29 -0.85 9.65 -0.23
N LEU A 30 -1.00 8.97 -1.33
CA LEU A 30 0.13 8.26 -1.93
C LEU A 30 1.06 9.27 -2.59
N THR A 31 0.48 10.38 -3.03
CA THR A 31 1.23 11.48 -3.59
C THR A 31 2.18 12.11 -2.55
N ASP A 32 1.85 11.92 -1.27
CA ASP A 32 2.67 12.45 -0.19
C ASP A 32 3.71 11.42 0.23
N LEU A 33 3.32 10.16 0.15
CA LEU A 33 4.15 9.05 0.55
C LEU A 33 5.14 8.67 -0.56
N LYS A 34 5.20 9.53 -1.58
CA LYS A 34 6.07 9.33 -2.74
C LYS A 34 7.55 9.33 -2.36
N GLY A 35 7.83 9.74 -1.13
CA GLY A 35 9.21 9.78 -0.64
C GLY A 35 9.83 8.40 -0.54
N LYS A 36 8.99 7.37 -0.52
CA LYS A 36 9.46 6.00 -0.47
C LYS A 36 8.75 5.16 -1.52
N VAL A 37 9.06 3.88 -1.56
CA VAL A 37 8.28 2.95 -2.33
C VAL A 37 7.11 2.48 -1.49
N VAL A 38 5.91 2.61 -2.03
CA VAL A 38 4.71 2.47 -1.23
C VAL A 38 4.07 1.09 -1.41
N LEU A 39 3.79 0.44 -0.29
CA LEU A 39 3.07 -0.81 -0.32
C LEU A 39 1.60 -0.55 -0.07
N ILE A 40 0.78 -0.75 -1.09
CA ILE A 40 -0.65 -0.53 -0.96
C ILE A 40 -1.31 -1.77 -0.39
N ASP A 41 -1.70 -1.72 0.87
CA ASP A 41 -2.25 -2.88 1.52
C ASP A 41 -3.72 -2.66 1.89
N PHE A 42 -4.56 -3.61 1.51
CA PHE A 42 -5.99 -3.55 1.80
C PHE A 42 -6.36 -4.71 2.72
N THR A 43 -6.44 -4.43 4.01
CA THR A 43 -6.58 -5.48 4.98
C THR A 43 -7.60 -5.10 6.07
N VAL A 44 -8.38 -6.08 6.50
CA VAL A 44 -9.43 -5.85 7.49
C VAL A 44 -8.93 -6.19 8.89
N TYR A 45 -8.91 -5.19 9.76
CA TYR A 45 -8.57 -5.43 11.15
C TYR A 45 -9.76 -6.04 11.86
N ASN A 46 -9.88 -7.34 11.67
CA ASN A 46 -10.98 -8.13 12.19
C ASN A 46 -10.85 -9.55 11.64
N ASN A 47 -10.34 -9.61 10.42
CA ASN A 47 -10.20 -10.86 9.69
C ASN A 47 -9.06 -11.71 10.25
N ALA A 48 -9.21 -13.01 10.16
CA ALA A 48 -8.22 -13.95 10.68
C ALA A 48 -6.93 -13.93 9.86
N MET A 49 -7.07 -13.72 8.55
CA MET A 49 -5.93 -13.75 7.63
C MET A 49 -4.98 -12.58 7.90
N SER A 50 -5.53 -11.50 8.44
CA SER A 50 -4.78 -10.28 8.65
C SER A 50 -3.61 -10.48 9.61
N ALA A 51 -3.78 -11.39 10.57
CA ALA A 51 -2.73 -11.66 11.55
C ALA A 51 -1.47 -12.21 10.89
N ALA A 52 -1.65 -13.15 9.97
CA ALA A 52 -0.54 -13.75 9.26
C ALA A 52 -0.04 -12.82 8.16
N HIS A 53 -0.96 -12.03 7.62
CA HIS A 53 -0.64 -11.10 6.54
C HIS A 53 0.32 -10.02 7.02
N ASN A 54 0.06 -9.50 8.22
CA ASN A 54 0.89 -8.45 8.79
C ASN A 54 2.31 -8.94 9.10
N LEU A 55 2.46 -10.25 9.23
CA LEU A 55 3.78 -10.85 9.45
C LEU A 55 4.66 -10.60 8.24
N ALA A 56 4.17 -11.01 7.08
CA ALA A 56 4.92 -10.87 5.86
C ALA A 56 5.21 -9.40 5.56
N LEU A 57 4.28 -8.53 5.95
CA LEU A 57 4.46 -7.10 5.81
C LEU A 57 5.61 -6.63 6.69
N ARG A 58 5.67 -7.19 7.89
CA ARG A 58 6.74 -6.89 8.84
C ARG A 58 8.10 -7.25 8.24
N GLU A 59 8.13 -8.28 7.44
CA GLU A 59 9.36 -8.82 6.93
C GLU A 59 9.89 -7.89 5.87
N LEU A 60 9.01 -7.67 4.92
CA LEU A 60 9.26 -6.80 3.81
C LEU A 60 9.65 -5.40 4.29
N TYR A 61 9.11 -4.99 5.42
CA TYR A 61 9.40 -3.67 5.95
C TYR A 61 10.76 -3.65 6.61
N ASN A 62 11.01 -4.64 7.45
CA ASN A 62 12.26 -4.72 8.20
C ASN A 62 13.43 -4.91 7.24
N LYS A 63 13.13 -5.40 6.05
CA LYS A 63 14.13 -5.60 5.02
C LYS A 63 14.49 -4.29 4.32
N TYR A 64 13.50 -3.62 3.73
CA TYR A 64 13.78 -2.55 2.80
C TYR A 64 13.45 -1.16 3.32
N ALA A 65 12.76 -1.06 4.46
CA ALA A 65 12.34 0.25 4.98
C ALA A 65 13.53 1.21 5.12
N SER A 66 14.67 0.67 5.53
CA SER A 66 15.87 1.46 5.74
C SER A 66 16.43 2.03 4.44
N GLN A 67 15.96 1.49 3.31
CA GLN A 67 16.45 1.93 2.01
C GLN A 67 15.39 2.74 1.27
N GLY A 68 14.32 3.09 1.98
CA GLY A 68 13.29 3.92 1.39
C GLY A 68 12.03 3.14 1.03
N PHE A 69 11.54 2.34 1.96
CA PHE A 69 10.33 1.56 1.75
C PHE A 69 9.29 1.91 2.80
N GLU A 70 8.04 2.03 2.38
CA GLU A 70 6.96 2.40 3.28
C GLU A 70 5.72 1.56 2.99
N ILE A 71 4.96 1.23 4.02
CA ILE A 71 3.73 0.47 3.86
C ILE A 71 2.53 1.34 4.19
N TYR A 72 1.62 1.43 3.24
CA TYR A 72 0.40 2.21 3.43
C TYR A 72 -0.76 1.25 3.66
N GLN A 73 -1.11 1.08 4.92
CA GLN A 73 -2.17 0.16 5.32
C GLN A 73 -3.53 0.80 5.17
N ILE A 74 -4.48 0.05 4.63
CA ILE A 74 -5.86 0.50 4.55
C ILE A 74 -6.75 -0.56 5.19
N SER A 75 -7.29 -0.24 6.35
CA SER A 75 -8.08 -1.21 7.08
C SER A 75 -9.52 -1.25 6.58
N LEU A 76 -9.97 -2.44 6.22
CA LEU A 76 -11.35 -2.63 5.79
C LEU A 76 -12.12 -3.27 6.95
N ASP A 77 -11.80 -2.80 8.14
CA ASP A 77 -12.26 -3.39 9.40
C ASP A 77 -13.79 -3.37 9.54
N GLY A 78 -14.34 -2.19 9.77
CA GLY A 78 -15.74 -2.08 10.12
C GLY A 78 -15.88 -1.90 11.63
N ASP A 79 -14.74 -1.64 12.25
CA ASP A 79 -14.64 -1.46 13.69
C ASP A 79 -13.33 -0.77 14.01
N GLU A 80 -13.41 0.53 14.26
CA GLU A 80 -12.22 1.34 14.38
C GLU A 80 -11.49 1.07 15.69
N HIS A 81 -12.20 0.63 16.71
CA HIS A 81 -11.56 0.48 18.02
C HIS A 81 -10.64 -0.73 18.05
N PHE A 82 -10.96 -1.76 17.25
CA PHE A 82 -10.09 -2.91 17.13
C PHE A 82 -8.83 -2.52 16.35
N TRP A 83 -9.03 -1.87 15.22
CA TRP A 83 -7.93 -1.39 14.38
C TRP A 83 -7.07 -0.39 15.13
N LYS A 84 -7.69 0.57 15.80
CA LYS A 84 -6.96 1.64 16.47
C LYS A 84 -6.05 1.09 17.57
N THR A 85 -6.59 0.20 18.37
CA THR A 85 -5.86 -0.35 19.50
C THR A 85 -4.69 -1.24 19.03
N SER A 86 -4.86 -1.89 17.88
CA SER A 86 -3.85 -2.80 17.36
C SER A 86 -2.79 -2.05 16.55
N ALA A 87 -3.21 -1.00 15.87
CA ALA A 87 -2.35 -0.29 14.91
C ALA A 87 -1.50 0.77 15.58
N ASP A 88 -1.88 1.22 16.77
CA ASP A 88 -1.19 2.35 17.41
C ASP A 88 0.26 2.00 17.73
N ASN A 89 0.55 0.72 17.93
CA ASN A 89 1.89 0.27 18.24
C ASN A 89 2.60 -0.22 16.96
N LEU A 90 1.97 0.00 15.82
CA LEU A 90 2.53 -0.46 14.55
C LEU A 90 3.50 0.54 13.95
N PRO A 91 4.46 0.04 13.16
CA PRO A 91 5.53 0.86 12.56
C PRO A 91 5.05 1.74 11.40
N TRP A 92 4.49 1.12 10.37
CA TRP A 92 4.18 1.82 9.12
C TRP A 92 2.84 2.56 9.18
N VAL A 93 2.45 3.10 8.03
CA VAL A 93 1.28 3.96 7.96
C VAL A 93 0.02 3.12 8.05
N CYS A 94 -0.85 3.44 9.00
CA CYS A 94 -2.07 2.69 9.19
C CYS A 94 -3.27 3.60 8.96
N VAL A 95 -3.98 3.37 7.88
CA VAL A 95 -5.11 4.20 7.47
C VAL A 95 -6.39 3.39 7.51
N ARG A 96 -7.54 4.06 7.65
CA ARG A 96 -8.81 3.35 7.69
C ARG A 96 -9.65 3.69 6.46
N ASP A 97 -10.31 2.69 5.89
CA ASP A 97 -11.22 2.92 4.77
C ASP A 97 -12.59 3.31 5.28
N ALA A 98 -13.36 3.99 4.45
CA ALA A 98 -14.66 4.50 4.84
C ALA A 98 -15.76 3.45 4.76
N ASN A 99 -15.62 2.48 3.85
CA ASN A 99 -16.71 1.54 3.60
C ASN A 99 -16.37 0.11 4.01
N GLY A 100 -15.09 -0.17 4.25
CA GLY A 100 -14.69 -1.49 4.68
C GLY A 100 -14.88 -2.53 3.60
N ALA A 101 -13.95 -2.56 2.65
CA ALA A 101 -13.93 -3.52 1.54
C ALA A 101 -14.88 -3.11 0.41
N TYR A 102 -15.98 -2.46 0.77
CA TYR A 102 -16.94 -1.98 -0.23
C TYR A 102 -16.50 -0.61 -0.76
N SER A 103 -15.19 -0.45 -0.92
CA SER A 103 -14.60 0.82 -1.26
C SER A 103 -14.51 0.99 -2.77
N SER A 104 -14.76 2.21 -3.23
CA SER A 104 -14.69 2.56 -4.64
C SER A 104 -13.28 2.34 -5.19
N TYR A 105 -12.28 2.66 -4.36
CA TYR A 105 -10.88 2.49 -4.75
C TYR A 105 -10.59 1.05 -5.16
N ILE A 106 -11.10 0.12 -4.38
CA ILE A 106 -10.85 -1.30 -4.61
C ILE A 106 -11.45 -1.76 -5.94
N SER A 107 -12.52 -1.09 -6.36
CA SER A 107 -13.17 -1.41 -7.61
C SER A 107 -12.38 -0.84 -8.80
N LEU A 108 -11.61 0.22 -8.52
CA LEU A 108 -10.83 0.87 -9.56
C LEU A 108 -9.64 0.01 -9.99
N TYR A 109 -9.05 -0.70 -9.03
CA TYR A 109 -7.91 -1.57 -9.30
C TYR A 109 -8.34 -2.79 -10.11
N ASN A 110 -9.62 -3.13 -10.02
CA ASN A 110 -10.12 -4.41 -10.50
C ASN A 110 -9.41 -5.53 -9.77
N VAL A 111 -9.72 -5.62 -8.49
CA VAL A 111 -9.11 -6.58 -7.60
C VAL A 111 -9.74 -7.95 -7.77
N THR A 112 -8.97 -8.99 -7.46
CA THR A 112 -9.46 -10.35 -7.55
C THR A 112 -9.80 -10.91 -6.15
N ASN A 113 -9.07 -10.47 -5.13
CA ASN A 113 -9.27 -11.02 -3.79
C ASN A 113 -8.80 -10.07 -2.69
N LEU A 114 -9.71 -9.75 -1.76
CA LEU A 114 -9.37 -9.01 -0.54
C LEU A 114 -9.20 -10.01 0.61
N PRO A 115 -8.25 -9.81 1.55
CA PRO A 115 -7.34 -8.65 1.56
C PRO A 115 -6.38 -8.64 0.38
N SER A 116 -5.96 -7.46 -0.01
CA SER A 116 -5.12 -7.31 -1.20
C SER A 116 -3.86 -6.52 -0.88
N VAL A 117 -2.91 -6.57 -1.79
CA VAL A 117 -1.74 -5.73 -1.72
C VAL A 117 -1.37 -5.31 -3.14
N PHE A 118 -0.70 -4.19 -3.27
CA PHE A 118 -0.21 -3.73 -4.56
C PHE A 118 1.19 -3.17 -4.39
N LEU A 119 1.90 -3.02 -5.48
CA LEU A 119 3.26 -2.52 -5.43
C LEU A 119 3.33 -1.12 -6.01
N VAL A 120 4.03 -0.23 -5.33
CA VAL A 120 4.23 1.13 -5.83
C VAL A 120 5.71 1.53 -5.69
N ASN A 121 6.30 1.95 -6.80
CA ASN A 121 7.67 2.44 -6.76
C ASN A 121 7.67 3.90 -6.35
N ARG A 122 8.84 4.43 -6.00
CA ARG A 122 8.95 5.74 -5.36
C ARG A 122 8.73 6.91 -6.33
N ASN A 123 8.12 6.63 -7.48
CA ASN A 123 7.61 7.68 -8.34
C ASN A 123 6.14 7.88 -8.02
N ASN A 124 5.69 7.06 -7.07
CA ASN A 124 4.29 6.85 -6.81
C ASN A 124 3.64 6.31 -8.07
N GLU A 125 4.02 5.09 -8.42
CA GLU A 125 3.49 4.42 -9.60
C GLU A 125 3.19 2.95 -9.28
N LEU A 126 2.10 2.43 -9.83
CA LEU A 126 1.76 1.02 -9.64
C LEU A 126 2.75 0.12 -10.36
N SER A 127 3.24 -0.86 -9.63
CA SER A 127 4.22 -1.79 -10.13
C SER A 127 3.58 -3.12 -10.51
N ALA A 128 2.78 -3.65 -9.58
CA ALA A 128 2.10 -4.91 -9.80
C ALA A 128 0.99 -5.09 -8.77
N ARG A 129 0.09 -6.02 -9.03
CA ARG A 129 -0.98 -6.31 -8.11
C ARG A 129 -0.60 -7.51 -7.24
N GLY A 130 -1.29 -7.68 -6.12
CA GLY A 130 -0.99 -8.76 -5.21
C GLY A 130 -1.14 -10.12 -5.85
N GLU A 131 -2.16 -10.23 -6.70
CA GLU A 131 -2.44 -11.47 -7.42
C GLU A 131 -1.44 -11.67 -8.57
N ASN A 132 -0.54 -10.71 -8.74
CA ASN A 132 0.46 -10.78 -9.79
C ASN A 132 1.85 -10.93 -9.19
N ILE A 133 1.97 -10.61 -7.91
CA ILE A 133 3.26 -10.62 -7.24
C ILE A 133 3.57 -11.99 -6.65
N LYS A 134 4.54 -12.65 -7.25
CA LYS A 134 5.05 -13.93 -6.75
C LYS A 134 5.89 -13.69 -5.49
N ASP A 135 6.95 -12.91 -5.64
CA ASP A 135 7.82 -12.56 -4.54
C ASP A 135 7.99 -11.05 -4.50
N LEU A 136 7.54 -10.45 -3.42
CA LEU A 136 7.64 -9.01 -3.30
C LEU A 136 9.08 -8.63 -2.98
N ASP A 137 9.77 -9.55 -2.35
CA ASP A 137 11.18 -9.37 -1.98
C ASP A 137 12.03 -8.95 -3.19
N GLU A 138 11.99 -9.75 -4.24
CA GLU A 138 12.75 -9.48 -5.46
C GLU A 138 12.30 -8.18 -6.12
N ALA A 139 10.99 -8.04 -6.26
CA ALA A 139 10.37 -6.87 -6.87
C ALA A 139 10.78 -5.57 -6.19
N ILE A 140 10.58 -5.50 -4.87
CA ILE A 140 10.87 -4.27 -4.13
C ILE A 140 12.36 -3.94 -4.17
N LYS A 141 13.20 -4.96 -4.27
CA LYS A 141 14.62 -4.76 -4.38
C LYS A 141 14.95 -3.96 -5.65
N LYS A 142 14.29 -4.34 -6.74
CA LYS A 142 14.50 -3.72 -8.02
C LYS A 142 13.84 -2.35 -8.10
N LEU A 143 12.88 -2.09 -7.23
CA LEU A 143 12.25 -0.79 -7.17
C LEU A 143 13.21 0.25 -6.58
N LEU A 144 13.94 -0.18 -5.57
CA LEU A 144 14.88 0.69 -4.87
C LEU A 144 16.10 1.00 -5.73
N GLU A 145 16.63 -0.01 -6.39
CA GLU A 145 17.78 0.17 -7.27
C GLU A 145 17.35 0.73 -8.63
N GLY A 146 16.38 0.08 -9.24
CA GLY A 146 15.89 0.50 -10.54
C GLY A 146 16.97 0.39 -11.61
N HIS A 147 17.08 1.44 -12.40
CA HIS A 147 18.13 1.52 -13.41
C HIS A 147 18.34 2.97 -13.81
N HIS A 148 18.78 3.77 -12.85
CA HIS A 148 19.03 5.19 -13.07
C HIS A 148 20.23 5.66 -12.26
N HIS A 149 21.08 4.72 -11.88
CA HIS A 149 22.28 5.04 -11.12
C HIS A 149 23.52 4.65 -11.93
N HIS A 150 23.29 4.34 -13.21
CA HIS A 150 24.35 3.91 -14.13
C HIS A 150 24.81 2.49 -13.82
N HIS A 151 25.31 2.26 -12.62
CA HIS A 151 25.64 0.91 -12.18
C HIS A 151 24.37 0.20 -11.72
N HIS A 152 23.39 1.01 -11.33
CA HIS A 152 22.04 0.53 -11.07
C HIS A 152 21.05 1.58 -11.56
N MET A 1 8.04 14.47 -11.42
CA MET A 1 8.32 14.75 -10.00
C MET A 1 7.04 15.13 -9.26
N SER A 2 6.26 16.02 -9.85
CA SER A 2 5.01 16.45 -9.26
C SER A 2 3.89 15.45 -9.58
N LEU A 3 3.55 15.35 -10.86
CA LEU A 3 2.49 14.46 -11.30
C LEU A 3 3.03 13.37 -12.21
N GLU A 4 2.96 12.14 -11.72
CA GLU A 4 3.39 10.98 -12.49
C GLU A 4 2.19 10.29 -13.12
N ILE A 5 2.30 9.95 -14.40
CA ILE A 5 1.20 9.31 -15.11
C ILE A 5 1.65 7.97 -15.73
N PRO A 6 1.51 6.87 -14.97
CA PRO A 6 1.72 5.52 -15.51
C PRO A 6 0.50 5.00 -16.24
N GLU A 7 0.73 3.96 -17.01
CA GLU A 7 -0.26 3.48 -17.94
C GLU A 7 0.09 2.06 -18.38
N ASP A 8 -0.94 1.28 -18.70
CA ASP A 8 -0.78 -0.10 -19.13
C ASP A 8 -2.04 -0.58 -19.81
N LYS A 9 -2.06 -0.48 -21.13
CA LYS A 9 -3.09 -1.10 -21.97
C LYS A 9 -4.46 -0.48 -21.77
N ILE A 10 -5.10 -0.87 -20.70
CA ILE A 10 -6.45 -0.39 -20.38
C ILE A 10 -6.41 0.49 -19.12
N LYS A 11 -5.45 1.42 -19.08
CA LYS A 11 -5.31 2.33 -17.96
C LYS A 11 -5.12 1.55 -16.65
N GLU A 12 -4.40 0.44 -16.76
CA GLU A 12 -4.30 -0.50 -15.66
C GLU A 12 -3.20 -0.12 -14.67
N ALA A 13 -2.22 0.57 -15.17
CA ALA A 13 -1.05 0.93 -14.35
C ALA A 13 -1.22 2.32 -13.75
N SER A 14 -2.27 3.01 -14.16
CA SER A 14 -2.55 4.34 -13.68
C SER A 14 -2.93 4.29 -12.20
N ILE A 15 -1.97 4.65 -11.39
CA ILE A 15 -2.12 4.61 -9.93
C ILE A 15 -3.16 5.63 -9.45
N ILE A 16 -3.91 5.24 -8.44
CA ILE A 16 -4.87 6.12 -7.81
C ILE A 16 -4.25 6.70 -6.53
N ASP A 17 -4.33 8.01 -6.36
CA ASP A 17 -3.85 8.65 -5.14
C ASP A 17 -4.86 8.40 -4.05
N ILE A 18 -4.49 7.54 -3.11
CA ILE A 18 -5.42 7.09 -2.10
C ILE A 18 -5.38 8.02 -0.89
N GLN A 19 -6.40 8.83 -0.76
CA GLN A 19 -6.49 9.75 0.36
C GLN A 19 -7.42 9.19 1.41
N LEU A 20 -6.84 8.62 2.44
CA LEU A 20 -7.57 8.10 3.58
C LEU A 20 -6.85 8.49 4.85
N LYS A 21 -7.57 8.61 5.93
CA LYS A 21 -6.99 9.12 7.16
C LYS A 21 -6.37 8.01 7.99
N ASP A 22 -5.18 8.32 8.49
CA ASP A 22 -4.46 7.50 9.44
C ASP A 22 -5.30 7.37 10.72
N LEU A 23 -4.95 6.44 11.60
CA LEU A 23 -5.69 6.27 12.85
C LEU A 23 -5.65 7.55 13.66
N LYS A 24 -4.56 8.28 13.49
CA LYS A 24 -4.36 9.58 14.12
C LYS A 24 -5.31 10.64 13.55
N GLY A 25 -6.01 10.29 12.49
CA GLY A 25 -6.97 11.18 11.89
C GLY A 25 -6.38 12.01 10.77
N ASN A 26 -5.15 11.69 10.38
CA ASN A 26 -4.44 12.45 9.37
C ASN A 26 -4.57 11.80 7.99
N THR A 27 -5.29 12.45 7.10
CA THR A 27 -5.47 11.98 5.73
C THR A 27 -4.12 11.81 5.03
N ARG A 28 -3.84 10.57 4.63
CA ARG A 28 -2.64 10.25 3.89
C ARG A 28 -2.95 10.28 2.40
N SER A 29 -1.99 10.73 1.62
CA SER A 29 -2.08 10.62 0.18
C SER A 29 -0.87 9.84 -0.33
N LEU A 30 -1.02 9.14 -1.43
CA LEU A 30 0.09 8.37 -1.99
C LEU A 30 1.13 9.29 -2.56
N THR A 31 0.66 10.45 -3.04
CA THR A 31 1.54 11.49 -3.54
C THR A 31 2.48 12.01 -2.43
N ASP A 32 2.10 11.77 -1.17
CA ASP A 32 2.89 12.18 -0.03
C ASP A 32 3.92 11.12 0.30
N LEU A 33 3.50 9.87 0.17
CA LEU A 33 4.33 8.73 0.49
C LEU A 33 5.33 8.46 -0.63
N LYS A 34 5.26 9.26 -1.69
CA LYS A 34 6.15 9.14 -2.84
C LYS A 34 7.60 9.44 -2.45
N GLY A 35 7.77 9.96 -1.24
CA GLY A 35 9.11 10.13 -0.69
C GLY A 35 9.80 8.79 -0.46
N LYS A 36 9.01 7.72 -0.47
CA LYS A 36 9.54 6.38 -0.36
C LYS A 36 8.95 5.48 -1.44
N VAL A 37 9.36 4.22 -1.41
CA VAL A 37 8.75 3.20 -2.24
C VAL A 37 7.51 2.67 -1.50
N VAL A 38 6.38 2.62 -2.18
CA VAL A 38 5.10 2.51 -1.51
C VAL A 38 4.49 1.12 -1.66
N LEU A 39 4.22 0.49 -0.53
CA LEU A 39 3.50 -0.77 -0.52
C LEU A 39 2.01 -0.52 -0.28
N ILE A 40 1.18 -0.86 -1.26
CA ILE A 40 -0.25 -0.67 -1.10
C ILE A 40 -0.89 -1.93 -0.52
N ASP A 41 -1.30 -1.87 0.74
CA ASP A 41 -1.89 -3.03 1.39
C ASP A 41 -3.39 -2.83 1.59
N PHE A 42 -4.14 -3.90 1.40
CA PHE A 42 -5.58 -3.90 1.67
C PHE A 42 -5.94 -5.07 2.56
N THR A 43 -6.34 -4.80 3.79
CA THR A 43 -6.71 -5.86 4.70
C THR A 43 -7.69 -5.36 5.78
N VAL A 44 -8.17 -6.27 6.60
CA VAL A 44 -9.11 -5.93 7.66
C VAL A 44 -8.48 -6.12 9.04
N TYR A 45 -8.42 -5.07 9.83
CA TYR A 45 -7.97 -5.18 11.20
C TYR A 45 -9.06 -5.81 12.03
N ASN A 46 -9.11 -7.13 11.99
CA ASN A 46 -10.24 -7.87 12.50
C ASN A 46 -9.99 -9.36 12.33
N ASN A 47 -9.41 -9.68 11.18
CA ASN A 47 -9.31 -11.04 10.72
C ASN A 47 -8.04 -11.72 11.24
N ALA A 48 -8.13 -13.03 11.43
CA ALA A 48 -6.99 -13.82 11.86
C ALA A 48 -5.93 -13.87 10.77
N MET A 49 -6.38 -13.80 9.52
CA MET A 49 -5.48 -13.85 8.38
C MET A 49 -4.61 -12.60 8.31
N SER A 50 -5.12 -11.52 8.88
CA SER A 50 -4.41 -10.25 8.88
C SER A 50 -3.17 -10.33 9.75
N ALA A 51 -3.20 -11.20 10.76
CA ALA A 51 -2.06 -11.37 11.66
C ALA A 51 -0.83 -11.86 10.89
N ALA A 52 -1.00 -12.97 10.17
CA ALA A 52 0.08 -13.52 9.37
C ALA A 52 0.42 -12.59 8.21
N HIS A 53 -0.60 -11.98 7.64
CA HIS A 53 -0.43 -11.04 6.53
C HIS A 53 0.41 -9.84 6.97
N ASN A 54 0.15 -9.36 8.18
CA ASN A 54 0.87 -8.20 8.72
C ASN A 54 2.31 -8.55 9.06
N LEU A 55 2.53 -9.78 9.51
CA LEU A 55 3.87 -10.26 9.83
C LEU A 55 4.72 -10.32 8.57
N ALA A 56 4.12 -10.81 7.49
CA ALA A 56 4.79 -10.85 6.18
C ALA A 56 5.20 -9.44 5.76
N LEU A 57 4.34 -8.48 6.04
CA LEU A 57 4.62 -7.08 5.77
C LEU A 57 5.75 -6.60 6.65
N ARG A 58 5.72 -7.04 7.91
CA ARG A 58 6.76 -6.73 8.88
C ARG A 58 8.12 -7.27 8.43
N GLU A 59 8.09 -8.29 7.60
CA GLU A 59 9.31 -8.94 7.15
C GLU A 59 9.94 -8.03 6.16
N LEU A 60 9.13 -7.75 5.17
CA LEU A 60 9.47 -6.85 4.11
C LEU A 60 9.88 -5.47 4.66
N TYR A 61 9.31 -5.13 5.81
CA TYR A 61 9.58 -3.84 6.44
C TYR A 61 10.95 -3.85 7.11
N ASN A 62 11.18 -4.85 7.95
CA ASN A 62 12.45 -4.94 8.68
C ASN A 62 13.60 -5.12 7.71
N LYS A 63 13.28 -5.61 6.52
CA LYS A 63 14.26 -5.77 5.47
C LYS A 63 14.53 -4.46 4.72
N TYR A 64 13.49 -3.92 4.09
CA TYR A 64 13.69 -2.89 3.08
C TYR A 64 13.27 -1.49 3.51
N ALA A 65 12.63 -1.34 4.66
CA ALA A 65 12.18 -0.02 5.09
C ALA A 65 13.35 0.89 5.42
N SER A 66 14.52 0.29 5.61
CA SER A 66 15.73 1.05 5.89
C SER A 66 16.39 1.51 4.60
N GLN A 67 15.72 1.28 3.48
CA GLN A 67 16.27 1.63 2.18
C GLN A 67 15.39 2.64 1.46
N GLY A 68 14.48 3.27 2.20
CA GLY A 68 13.57 4.23 1.60
C GLY A 68 12.26 3.58 1.20
N PHE A 69 11.75 2.74 2.08
CA PHE A 69 10.53 2.02 1.82
C PHE A 69 9.54 2.22 2.97
N GLU A 70 8.28 2.40 2.65
CA GLU A 70 7.25 2.57 3.67
C GLU A 70 5.94 1.93 3.21
N ILE A 71 5.25 1.31 4.14
CA ILE A 71 4.05 0.55 3.81
C ILE A 71 2.80 1.37 4.10
N TYR A 72 1.89 1.37 3.14
CA TYR A 72 0.62 2.06 3.28
C TYR A 72 -0.50 1.04 3.37
N GLN A 73 -0.97 0.79 4.58
CA GLN A 73 -1.95 -0.26 4.82
C GLN A 73 -3.35 0.31 4.99
N ILE A 74 -4.24 -0.10 4.10
CA ILE A 74 -5.63 0.34 4.12
C ILE A 74 -6.50 -0.69 4.83
N SER A 75 -7.27 -0.22 5.80
CA SER A 75 -8.16 -1.06 6.57
C SER A 75 -9.59 -0.92 6.06
N LEU A 76 -10.23 -2.06 5.80
CA LEU A 76 -11.62 -2.06 5.35
C LEU A 76 -12.47 -2.90 6.29
N ASP A 77 -11.98 -3.09 7.50
CA ASP A 77 -12.67 -3.90 8.51
C ASP A 77 -13.81 -3.13 9.16
N GLY A 78 -14.51 -3.78 10.06
CA GLY A 78 -15.58 -3.14 10.78
C GLY A 78 -15.35 -3.10 12.27
N ASP A 79 -14.09 -3.04 12.69
CA ASP A 79 -13.77 -2.94 14.11
C ASP A 79 -12.70 -1.90 14.36
N GLU A 80 -13.12 -0.74 14.82
CA GLU A 80 -12.22 0.38 15.06
C GLU A 80 -11.30 0.09 16.24
N HIS A 81 -11.69 -0.88 17.06
CA HIS A 81 -10.94 -1.20 18.27
C HIS A 81 -9.61 -1.85 17.93
N PHE A 82 -9.66 -2.98 17.25
CA PHE A 82 -8.44 -3.71 16.91
C PHE A 82 -7.59 -2.91 15.94
N TRP A 83 -8.24 -2.18 15.04
CA TRP A 83 -7.56 -1.30 14.10
C TRP A 83 -6.73 -0.27 14.86
N LYS A 84 -7.40 0.54 15.67
CA LYS A 84 -6.76 1.65 16.37
C LYS A 84 -5.66 1.15 17.29
N THR A 85 -5.94 0.09 18.03
CA THR A 85 -5.01 -0.47 18.99
C THR A 85 -3.73 -0.96 18.30
N SER A 86 -3.90 -1.74 17.25
CA SER A 86 -2.77 -2.32 16.54
C SER A 86 -2.01 -1.23 15.77
N ALA A 87 -2.75 -0.39 15.06
CA ALA A 87 -2.16 0.63 14.20
C ALA A 87 -1.25 1.58 14.98
N ASP A 88 -1.68 1.96 16.18
CA ASP A 88 -0.89 2.85 17.03
C ASP A 88 0.44 2.20 17.41
N ASN A 89 0.43 0.87 17.48
CA ASN A 89 1.61 0.11 17.85
C ASN A 89 2.34 -0.40 16.62
N LEU A 90 1.91 0.04 15.44
CA LEU A 90 2.51 -0.43 14.20
C LEU A 90 3.50 0.59 13.65
N PRO A 91 4.48 0.09 12.87
CA PRO A 91 5.57 0.90 12.31
C PRO A 91 5.15 1.77 11.12
N TRP A 92 4.39 1.21 10.19
CA TRP A 92 4.08 1.87 8.93
C TRP A 92 2.74 2.60 8.98
N VAL A 93 2.29 3.07 7.83
CA VAL A 93 1.09 3.88 7.73
C VAL A 93 -0.15 3.02 7.77
N CYS A 94 -1.04 3.31 8.70
CA CYS A 94 -2.27 2.54 8.86
C CYS A 94 -3.48 3.46 8.76
N VAL A 95 -4.21 3.33 7.67
CA VAL A 95 -5.37 4.17 7.41
C VAL A 95 -6.61 3.31 7.23
N ARG A 96 -7.79 3.91 7.37
CA ARG A 96 -9.01 3.16 7.15
C ARG A 96 -9.89 3.82 6.10
N ASP A 97 -10.57 3.01 5.31
CA ASP A 97 -11.47 3.49 4.27
C ASP A 97 -12.82 3.89 4.89
N ALA A 98 -13.60 4.66 4.14
CA ALA A 98 -14.89 5.14 4.64
C ALA A 98 -15.99 4.09 4.49
N ASN A 99 -15.90 3.27 3.45
CA ASN A 99 -16.97 2.34 3.12
C ASN A 99 -16.52 0.89 3.30
N GLY A 100 -15.22 0.69 3.46
CA GLY A 100 -14.68 -0.64 3.65
C GLY A 100 -14.72 -1.46 2.38
N ALA A 101 -15.49 -2.54 2.39
CA ALA A 101 -15.63 -3.40 1.22
C ALA A 101 -16.41 -2.72 0.12
N TYR A 102 -17.08 -1.63 0.48
CA TYR A 102 -17.83 -0.83 -0.48
C TYR A 102 -17.01 0.35 -0.98
N SER A 103 -15.70 0.23 -0.81
CA SER A 103 -14.79 1.30 -1.21
C SER A 103 -14.76 1.45 -2.73
N SER A 104 -14.74 2.70 -3.18
CA SER A 104 -14.67 3.00 -4.60
C SER A 104 -13.33 2.57 -5.16
N TYR A 105 -12.31 2.53 -4.30
CA TYR A 105 -10.97 2.10 -4.71
C TYR A 105 -11.00 0.66 -5.20
N ILE A 106 -11.74 -0.17 -4.48
CA ILE A 106 -11.89 -1.59 -4.82
C ILE A 106 -12.49 -1.76 -6.21
N SER A 107 -13.36 -0.83 -6.59
CA SER A 107 -13.93 -0.83 -7.93
C SER A 107 -12.92 -0.29 -8.95
N LEU A 108 -12.08 0.66 -8.52
CA LEU A 108 -11.11 1.28 -9.40
C LEU A 108 -10.08 0.27 -9.91
N TYR A 109 -9.65 -0.65 -9.06
CA TYR A 109 -8.69 -1.68 -9.46
C TYR A 109 -9.40 -2.81 -10.18
N ASN A 110 -10.71 -2.90 -9.97
CA ASN A 110 -11.48 -4.08 -10.33
C ASN A 110 -10.96 -5.22 -9.50
N VAL A 111 -11.33 -5.23 -8.25
CA VAL A 111 -10.87 -6.24 -7.35
C VAL A 111 -11.93 -7.32 -7.19
N THR A 112 -11.50 -8.56 -7.29
CA THR A 112 -12.40 -9.68 -7.13
C THR A 112 -12.75 -9.88 -5.66
N ASN A 113 -11.74 -9.80 -4.81
CA ASN A 113 -11.92 -9.97 -3.38
C ASN A 113 -10.64 -9.61 -2.62
N LEU A 114 -10.80 -8.82 -1.57
CA LEU A 114 -9.70 -8.54 -0.65
C LEU A 114 -9.64 -9.64 0.40
N PRO A 115 -8.58 -9.71 1.26
CA PRO A 115 -7.45 -8.77 1.28
C PRO A 115 -6.53 -8.93 0.07
N SER A 116 -5.85 -7.84 -0.27
CA SER A 116 -4.96 -7.80 -1.43
C SER A 116 -3.76 -6.92 -1.14
N VAL A 117 -2.80 -6.91 -2.07
CA VAL A 117 -1.67 -6.01 -1.98
C VAL A 117 -1.31 -5.54 -3.38
N PHE A 118 -0.62 -4.43 -3.48
CA PHE A 118 -0.17 -3.91 -4.76
C PHE A 118 1.23 -3.34 -4.60
N LEU A 119 1.94 -3.17 -5.70
CA LEU A 119 3.29 -2.64 -5.66
C LEU A 119 3.33 -1.24 -6.26
N VAL A 120 4.01 -0.32 -5.58
CA VAL A 120 4.19 1.02 -6.11
C VAL A 120 5.65 1.43 -6.00
N ASN A 121 6.27 1.69 -7.14
CA ASN A 121 7.65 2.13 -7.14
C ASN A 121 7.72 3.58 -6.66
N ARG A 122 8.92 4.02 -6.31
CA ARG A 122 9.18 5.31 -5.66
C ARG A 122 8.57 6.50 -6.42
N ASN A 123 8.26 6.33 -7.69
CA ASN A 123 7.70 7.41 -8.50
C ASN A 123 6.20 7.47 -8.29
N ASN A 124 5.73 6.73 -7.28
CA ASN A 124 4.33 6.60 -6.98
C ASN A 124 3.59 6.05 -8.19
N GLU A 125 4.04 4.90 -8.67
CA GLU A 125 3.38 4.25 -9.80
C GLU A 125 3.09 2.79 -9.49
N LEU A 126 2.00 2.28 -10.03
CA LEU A 126 1.64 0.87 -9.85
C LEU A 126 2.56 -0.04 -10.65
N SER A 127 3.37 -0.79 -9.92
CA SER A 127 4.27 -1.76 -10.52
C SER A 127 3.50 -2.98 -11.00
N ALA A 128 2.78 -3.61 -10.09
CA ALA A 128 1.99 -4.79 -10.40
C ALA A 128 1.03 -5.09 -9.27
N ARG A 129 0.12 -6.03 -9.49
CA ARG A 129 -0.81 -6.44 -8.45
C ARG A 129 -0.14 -7.46 -7.55
N GLY A 130 -0.56 -7.54 -6.30
CA GLY A 130 -0.02 -8.51 -5.36
C GLY A 130 -0.29 -9.92 -5.82
N GLU A 131 -1.43 -10.09 -6.45
CA GLU A 131 -1.87 -11.37 -6.99
C GLU A 131 -0.93 -11.82 -8.10
N ASN A 132 -0.34 -10.83 -8.76
CA ASN A 132 0.44 -11.06 -9.96
C ASN A 132 1.93 -11.09 -9.65
N ILE A 133 2.27 -10.78 -8.41
CA ILE A 133 3.65 -10.76 -7.96
C ILE A 133 3.96 -12.02 -7.16
N LYS A 134 4.74 -12.90 -7.76
CA LYS A 134 5.15 -14.14 -7.13
C LYS A 134 6.01 -13.88 -5.90
N ASP A 135 7.01 -13.01 -6.05
CA ASP A 135 7.90 -12.66 -4.97
C ASP A 135 7.96 -11.15 -4.85
N LEU A 136 7.35 -10.61 -3.81
CA LEU A 136 7.32 -9.17 -3.63
C LEU A 136 8.68 -8.69 -3.15
N ASP A 137 9.31 -9.52 -2.35
CA ASP A 137 10.62 -9.25 -1.77
C ASP A 137 11.60 -8.72 -2.83
N GLU A 138 11.83 -9.52 -3.87
CA GLU A 138 12.74 -9.16 -4.94
C GLU A 138 12.29 -7.90 -5.67
N ALA A 139 11.00 -7.86 -6.00
CA ALA A 139 10.40 -6.73 -6.69
C ALA A 139 10.64 -5.41 -5.93
N ILE A 140 10.30 -5.40 -4.64
CA ILE A 140 10.53 -4.22 -3.80
C ILE A 140 12.00 -3.85 -3.79
N LYS A 141 12.84 -4.86 -3.63
CA LYS A 141 14.28 -4.68 -3.60
C LYS A 141 14.75 -3.91 -4.82
N LYS A 142 14.27 -4.31 -5.99
CA LYS A 142 14.70 -3.74 -7.24
C LYS A 142 14.18 -2.32 -7.44
N LEU A 143 13.03 -2.02 -6.86
CA LEU A 143 12.51 -0.67 -6.88
C LEU A 143 13.44 0.24 -6.08
N LEU A 144 13.88 -0.28 -4.95
CA LEU A 144 14.74 0.44 -4.03
C LEU A 144 16.16 0.58 -4.59
N GLU A 145 16.75 -0.54 -4.99
CA GLU A 145 18.16 -0.59 -5.40
C GLU A 145 18.39 0.14 -6.72
N GLY A 146 17.30 0.52 -7.39
CA GLY A 146 17.44 1.23 -8.66
C GLY A 146 17.91 2.66 -8.51
N HIS A 147 18.64 2.94 -7.43
CA HIS A 147 19.16 4.27 -7.16
C HIS A 147 20.69 4.21 -7.04
N HIS A 148 21.21 3.00 -7.19
CA HIS A 148 22.64 2.73 -7.05
C HIS A 148 22.88 1.37 -7.71
N HIS A 149 24.12 0.92 -7.86
CA HIS A 149 24.33 -0.40 -8.45
C HIS A 149 25.63 -1.06 -8.02
N HIS A 150 25.61 -1.67 -6.83
CA HIS A 150 26.72 -2.51 -6.36
C HIS A 150 26.20 -3.56 -5.39
N HIS A 151 25.80 -3.12 -4.22
CA HIS A 151 25.18 -4.00 -3.23
C HIS A 151 23.76 -3.50 -2.95
N HIS A 152 23.66 -2.18 -2.93
CA HIS A 152 22.39 -1.48 -2.78
C HIS A 152 22.61 -0.01 -3.09
N MET A 1 -9.70 18.47 -9.79
CA MET A 1 -10.05 19.30 -8.62
C MET A 1 -9.37 18.72 -7.38
N SER A 2 -9.92 19.00 -6.19
CA SER A 2 -9.45 18.34 -4.98
C SER A 2 -9.52 16.83 -5.17
N LEU A 3 -10.60 16.38 -5.77
CA LEU A 3 -10.67 15.04 -6.32
C LEU A 3 -10.22 15.08 -7.77
N GLU A 4 -9.28 14.23 -8.11
CA GLU A 4 -8.73 14.21 -9.46
C GLU A 4 -8.47 12.78 -9.91
N ILE A 5 -8.83 12.49 -11.15
CA ILE A 5 -8.65 11.16 -11.71
C ILE A 5 -7.70 11.22 -12.91
N PRO A 6 -6.51 10.63 -12.77
CA PRO A 6 -5.53 10.54 -13.86
C PRO A 6 -6.03 9.79 -15.08
N GLU A 7 -6.13 10.53 -16.17
CA GLU A 7 -6.46 9.97 -17.48
C GLU A 7 -5.95 10.85 -18.62
N ASP A 8 -6.77 11.80 -19.06
CA ASP A 8 -6.42 12.66 -20.19
C ASP A 8 -5.65 13.88 -19.73
N LYS A 9 -4.65 13.67 -18.90
CA LYS A 9 -3.86 14.75 -18.33
C LYS A 9 -2.38 14.38 -18.33
N ILE A 10 -1.57 15.12 -17.57
CA ILE A 10 -0.12 14.90 -17.55
C ILE A 10 0.23 13.59 -16.82
N LYS A 11 -0.80 12.87 -16.44
CA LYS A 11 -0.67 11.57 -15.83
C LYS A 11 -1.95 10.78 -16.03
N GLU A 12 -1.81 9.57 -16.54
CA GLU A 12 -2.94 8.66 -16.69
C GLU A 12 -2.93 7.65 -15.55
N ALA A 13 -3.62 6.53 -15.72
CA ALA A 13 -3.76 5.55 -14.66
C ALA A 13 -2.46 4.79 -14.40
N SER A 14 -1.46 5.50 -13.87
CA SER A 14 -0.22 4.88 -13.45
C SER A 14 -0.19 4.77 -11.93
N ILE A 15 -1.05 5.53 -11.29
CA ILE A 15 -1.20 5.50 -9.85
C ILE A 15 -2.55 6.05 -9.42
N ILE A 16 -3.15 5.42 -8.42
CA ILE A 16 -4.35 5.95 -7.80
C ILE A 16 -3.98 6.49 -6.41
N ASP A 17 -4.10 7.79 -6.24
CA ASP A 17 -3.71 8.42 -4.98
C ASP A 17 -4.81 8.23 -3.94
N ILE A 18 -4.55 7.39 -2.97
CA ILE A 18 -5.50 7.09 -1.94
C ILE A 18 -5.24 7.97 -0.73
N GLN A 19 -6.25 8.70 -0.30
CA GLN A 19 -6.08 9.61 0.82
C GLN A 19 -7.03 9.26 1.95
N LEU A 20 -6.51 8.55 2.95
CA LEU A 20 -7.28 8.19 4.13
C LEU A 20 -6.48 8.55 5.37
N LYS A 21 -7.13 8.68 6.50
CA LYS A 21 -6.44 9.05 7.72
C LYS A 21 -5.95 7.83 8.49
N ASP A 22 -4.77 7.98 9.09
CA ASP A 22 -4.14 6.93 9.89
C ASP A 22 -4.82 6.83 11.26
N LEU A 23 -4.39 5.87 12.07
CA LEU A 23 -4.87 5.69 13.44
C LEU A 23 -4.91 7.01 14.19
N LYS A 24 -3.88 7.81 13.96
CA LYS A 24 -3.72 9.10 14.63
C LYS A 24 -4.90 10.02 14.34
N GLY A 25 -5.23 10.13 13.07
CA GLY A 25 -6.28 11.05 12.65
C GLY A 25 -5.79 11.96 11.55
N ASN A 26 -4.61 11.64 11.05
CA ASN A 26 -3.97 12.40 10.00
C ASN A 26 -4.09 11.70 8.66
N THR A 27 -4.53 12.44 7.65
CA THR A 27 -4.72 11.90 6.32
C THR A 27 -3.38 11.56 5.65
N ARG A 28 -3.27 10.35 5.16
CA ARG A 28 -2.11 9.92 4.41
C ARG A 28 -2.47 9.70 2.96
N SER A 29 -1.66 10.23 2.07
CA SER A 29 -1.85 10.01 0.65
C SER A 29 -0.61 9.36 0.06
N LEU A 30 -0.73 8.80 -1.14
CA LEU A 30 0.40 8.21 -1.81
C LEU A 30 1.28 9.30 -2.39
N THR A 31 0.64 10.42 -2.72
CA THR A 31 1.36 11.60 -3.20
C THR A 31 2.22 12.21 -2.09
N ASP A 32 1.96 11.79 -0.86
CA ASP A 32 2.72 12.25 0.30
C ASP A 32 3.93 11.35 0.46
N LEU A 33 3.72 10.11 0.09
CA LEU A 33 4.70 9.05 0.23
C LEU A 33 5.58 8.95 -1.02
N LYS A 34 5.45 9.93 -1.91
CA LYS A 34 6.17 9.89 -3.18
C LYS A 34 7.66 10.16 -2.95
N GLY A 35 8.49 9.28 -3.49
CA GLY A 35 9.91 9.32 -3.22
C GLY A 35 10.36 8.04 -2.56
N LYS A 36 9.39 7.34 -1.98
CA LYS A 36 9.63 6.06 -1.34
C LYS A 36 9.02 4.93 -2.17
N VAL A 37 9.37 3.71 -1.82
CA VAL A 37 8.70 2.53 -2.34
C VAL A 37 7.58 2.19 -1.39
N VAL A 38 6.35 2.21 -1.89
CA VAL A 38 5.21 2.10 -1.02
C VAL A 38 4.47 0.79 -1.21
N LEU A 39 4.19 0.15 -0.09
CA LEU A 39 3.40 -1.06 -0.06
C LEU A 39 1.93 -0.72 0.17
N ILE A 40 1.10 -0.90 -0.86
CA ILE A 40 -0.33 -0.70 -0.72
C ILE A 40 -0.99 -1.95 -0.16
N ASP A 41 -1.40 -1.91 1.09
CA ASP A 41 -2.06 -3.08 1.66
C ASP A 41 -3.56 -2.89 1.64
N PHE A 42 -4.29 -3.98 1.42
CA PHE A 42 -5.74 -3.99 1.48
C PHE A 42 -6.23 -5.17 2.30
N THR A 43 -6.70 -4.90 3.51
CA THR A 43 -7.08 -5.97 4.43
C THR A 43 -8.12 -5.48 5.43
N VAL A 44 -8.90 -6.40 5.97
CA VAL A 44 -9.82 -6.09 7.05
C VAL A 44 -9.20 -6.43 8.39
N TYR A 45 -9.04 -5.43 9.24
CA TYR A 45 -8.65 -5.67 10.61
C TYR A 45 -9.76 -6.40 11.32
N ASN A 46 -9.70 -7.71 11.21
CA ASN A 46 -10.79 -8.59 11.60
C ASN A 46 -10.42 -10.02 11.29
N ASN A 47 -9.69 -10.20 10.19
CA ASN A 47 -9.24 -11.51 9.76
C ASN A 47 -7.90 -11.86 10.40
N ALA A 48 -7.73 -13.12 10.77
CA ALA A 48 -6.54 -13.57 11.48
C ALA A 48 -5.31 -13.60 10.57
N MET A 49 -5.53 -13.85 9.29
CA MET A 49 -4.43 -13.95 8.33
C MET A 49 -3.70 -12.61 8.20
N SER A 50 -4.35 -11.52 8.59
CA SER A 50 -3.75 -10.21 8.53
C SER A 50 -2.57 -10.12 9.51
N ALA A 51 -2.61 -10.93 10.56
CA ALA A 51 -1.53 -10.95 11.54
C ALA A 51 -0.27 -11.53 10.93
N ALA A 52 -0.40 -12.68 10.28
CA ALA A 52 0.73 -13.31 9.59
C ALA A 52 1.18 -12.47 8.41
N HIS A 53 0.23 -11.74 7.84
CA HIS A 53 0.51 -10.82 6.75
C HIS A 53 1.36 -9.64 7.24
N ASN A 54 0.96 -9.05 8.36
CA ASN A 54 1.69 -7.94 8.96
C ASN A 54 3.07 -8.39 9.44
N LEU A 55 3.19 -9.67 9.77
CA LEU A 55 4.48 -10.24 10.13
C LEU A 55 5.44 -10.13 8.97
N ALA A 56 5.01 -10.62 7.83
CA ALA A 56 5.81 -10.58 6.62
C ALA A 56 6.12 -9.14 6.22
N LEU A 57 5.16 -8.26 6.48
CA LEU A 57 5.35 -6.82 6.26
C LEU A 57 6.45 -6.30 7.17
N ARG A 58 6.45 -6.79 8.41
CA ARG A 58 7.45 -6.41 9.40
C ARG A 58 8.84 -6.86 8.97
N GLU A 59 8.87 -7.91 8.15
CA GLU A 59 10.13 -8.48 7.70
C GLU A 59 10.64 -7.58 6.63
N LEU A 60 9.74 -7.33 5.70
CA LEU A 60 9.96 -6.43 4.60
C LEU A 60 10.41 -5.06 5.09
N TYR A 61 9.89 -4.66 6.24
CA TYR A 61 10.22 -3.39 6.85
C TYR A 61 11.68 -3.36 7.29
N ASN A 62 12.09 -4.44 7.95
CA ASN A 62 13.44 -4.56 8.46
C ASN A 62 14.44 -4.68 7.31
N LYS A 63 13.95 -5.09 6.16
CA LYS A 63 14.79 -5.26 4.99
C LYS A 63 14.96 -3.96 4.22
N TYR A 64 13.85 -3.40 3.74
CA TYR A 64 13.90 -2.37 2.71
C TYR A 64 13.59 -0.98 3.23
N ALA A 65 13.03 -0.87 4.43
CA ALA A 65 12.65 0.44 4.95
C ALA A 65 13.88 1.27 5.28
N SER A 66 13.66 2.55 5.57
CA SER A 66 14.73 3.52 5.83
C SER A 66 15.49 3.89 4.56
N GLN A 67 15.65 2.92 3.66
CA GLN A 67 16.33 3.14 2.39
C GLN A 67 15.38 3.76 1.36
N GLY A 68 14.22 4.21 1.82
CA GLY A 68 13.23 4.75 0.93
C GLY A 68 12.11 3.77 0.67
N PHE A 69 11.60 3.19 1.74
CA PHE A 69 10.50 2.24 1.66
C PHE A 69 9.56 2.46 2.84
N GLU A 70 8.27 2.48 2.55
CA GLU A 70 7.26 2.69 3.57
C GLU A 70 6.04 1.84 3.27
N ILE A 71 5.33 1.43 4.30
CA ILE A 71 4.17 0.56 4.13
C ILE A 71 2.89 1.32 4.44
N TYR A 72 1.96 1.28 3.50
CA TYR A 72 0.71 2.02 3.61
C TYR A 72 -0.46 1.05 3.60
N GLN A 73 -0.99 0.75 4.78
CA GLN A 73 -2.06 -0.23 4.90
C GLN A 73 -3.45 0.40 4.85
N ILE A 74 -4.20 0.03 3.82
CA ILE A 74 -5.61 0.40 3.73
C ILE A 74 -6.46 -0.62 4.46
N SER A 75 -7.11 -0.18 5.53
CA SER A 75 -7.95 -1.07 6.29
C SER A 75 -9.42 -0.77 6.02
N LEU A 76 -10.08 -1.70 5.36
CA LEU A 76 -11.51 -1.60 5.08
C LEU A 76 -12.28 -2.49 6.04
N ASP A 77 -11.81 -2.51 7.28
CA ASP A 77 -12.31 -3.38 8.34
C ASP A 77 -13.84 -3.36 8.49
N GLY A 78 -14.35 -2.28 9.05
CA GLY A 78 -15.76 -2.21 9.38
C GLY A 78 -15.95 -1.86 10.85
N ASP A 79 -14.84 -1.83 11.59
CA ASP A 79 -14.86 -1.53 13.02
C ASP A 79 -13.64 -0.69 13.37
N GLU A 80 -13.87 0.51 13.88
CA GLU A 80 -12.80 1.45 14.12
C GLU A 80 -11.89 1.00 15.26
N HIS A 81 -12.48 0.47 16.33
CA HIS A 81 -11.72 0.24 17.56
C HIS A 81 -10.88 -1.04 17.49
N PHE A 82 -11.27 -2.00 16.65
CA PHE A 82 -10.46 -3.19 16.45
C PHE A 82 -9.22 -2.79 15.66
N TRP A 83 -9.44 -2.08 14.57
CA TRP A 83 -8.36 -1.54 13.74
C TRP A 83 -7.48 -0.58 14.53
N LYS A 84 -8.12 0.34 15.25
CA LYS A 84 -7.39 1.40 15.93
C LYS A 84 -6.42 0.87 16.97
N THR A 85 -6.86 -0.09 17.77
CA THR A 85 -6.03 -0.64 18.84
C THR A 85 -4.88 -1.45 18.27
N SER A 86 -5.15 -2.24 17.24
CA SER A 86 -4.15 -3.12 16.66
C SER A 86 -3.15 -2.34 15.78
N ALA A 87 -3.67 -1.42 14.98
CA ALA A 87 -2.87 -0.75 13.96
C ALA A 87 -2.02 0.37 14.53
N ASP A 88 -2.42 0.93 15.65
CA ASP A 88 -1.66 2.04 16.23
C ASP A 88 -0.35 1.52 16.81
N ASN A 89 -0.21 0.21 16.86
CA ASN A 89 0.99 -0.43 17.38
C ASN A 89 1.91 -0.92 16.27
N LEU A 90 1.64 -0.55 15.02
CA LEU A 90 2.53 -0.94 13.92
C LEU A 90 3.49 0.21 13.57
N PRO A 91 4.63 -0.14 12.92
CA PRO A 91 5.73 0.79 12.65
C PRO A 91 5.57 1.63 11.38
N TRP A 92 4.51 1.38 10.63
CA TRP A 92 4.31 2.06 9.35
C TRP A 92 2.98 2.82 9.34
N VAL A 93 2.39 3.02 8.18
CA VAL A 93 1.16 3.79 8.07
C VAL A 93 -0.02 2.84 7.87
N CYS A 94 -1.09 3.08 8.61
CA CYS A 94 -2.30 2.28 8.45
C CYS A 94 -3.51 3.20 8.51
N VAL A 95 -4.18 3.32 7.39
CA VAL A 95 -5.30 4.23 7.26
C VAL A 95 -6.58 3.45 7.04
N ARG A 96 -7.68 3.99 7.54
CA ARG A 96 -8.95 3.27 7.49
C ARG A 96 -9.82 3.77 6.35
N ASP A 97 -10.45 2.82 5.66
CA ASP A 97 -11.35 3.12 4.56
C ASP A 97 -12.77 3.37 5.08
N ALA A 98 -13.49 4.27 4.44
CA ALA A 98 -14.81 4.65 4.90
C ALA A 98 -15.90 3.68 4.44
N ASN A 99 -15.68 3.02 3.30
CA ASN A 99 -16.73 2.22 2.69
C ASN A 99 -16.70 0.77 3.15
N GLY A 100 -15.60 0.38 3.79
CA GLY A 100 -15.48 -0.97 4.34
C GLY A 100 -15.73 -2.06 3.31
N ALA A 101 -14.76 -2.25 2.41
CA ALA A 101 -14.79 -3.30 1.39
C ALA A 101 -15.71 -2.92 0.21
N TYR A 102 -16.56 -1.94 0.43
CA TYR A 102 -17.37 -1.38 -0.66
C TYR A 102 -16.69 -0.14 -1.20
N SER A 103 -15.38 -0.09 -1.01
CA SER A 103 -14.57 1.04 -1.38
C SER A 103 -14.53 1.22 -2.89
N SER A 104 -14.69 2.47 -3.34
CA SER A 104 -14.61 2.79 -4.76
C SER A 104 -13.27 2.32 -5.33
N TYR A 105 -12.21 2.43 -4.52
CA TYR A 105 -10.87 2.00 -4.93
C TYR A 105 -10.87 0.53 -5.33
N ILE A 106 -11.50 -0.31 -4.52
CA ILE A 106 -11.56 -1.75 -4.78
C ILE A 106 -12.21 -2.02 -6.15
N SER A 107 -13.29 -1.31 -6.44
CA SER A 107 -13.94 -1.42 -7.73
C SER A 107 -13.06 -0.87 -8.85
N LEU A 108 -12.27 0.14 -8.53
CA LEU A 108 -11.38 0.76 -9.52
C LEU A 108 -10.31 -0.20 -9.99
N TYR A 109 -9.76 -1.00 -9.07
CA TYR A 109 -8.80 -2.01 -9.47
C TYR A 109 -9.52 -3.19 -10.09
N ASN A 110 -10.53 -3.68 -9.36
CA ASN A 110 -11.36 -4.86 -9.68
C ASN A 110 -11.44 -5.73 -8.45
N VAL A 111 -10.28 -5.87 -7.80
CA VAL A 111 -10.03 -6.74 -6.65
C VAL A 111 -11.13 -7.77 -6.39
N THR A 112 -12.15 -7.32 -5.64
CA THR A 112 -13.23 -8.19 -5.18
C THR A 112 -12.73 -9.16 -4.12
N ASN A 113 -11.67 -9.89 -4.42
CA ASN A 113 -11.16 -10.90 -3.51
C ASN A 113 -10.05 -10.38 -2.63
N LEU A 114 -10.41 -9.61 -1.62
CA LEU A 114 -9.49 -9.25 -0.56
C LEU A 114 -9.24 -10.43 0.38
N PRO A 115 -8.16 -10.39 1.19
CA PRO A 115 -7.23 -9.27 1.21
C PRO A 115 -6.33 -9.25 -0.02
N SER A 116 -5.76 -8.09 -0.31
CA SER A 116 -4.90 -7.92 -1.46
C SER A 116 -3.80 -6.93 -1.16
N VAL A 117 -2.89 -6.77 -2.11
CA VAL A 117 -1.81 -5.81 -1.97
C VAL A 117 -1.54 -5.18 -3.34
N PHE A 118 -0.97 -3.99 -3.32
CA PHE A 118 -0.55 -3.33 -4.54
C PHE A 118 0.84 -2.77 -4.34
N LEU A 119 1.56 -2.58 -5.43
CA LEU A 119 2.95 -2.16 -5.36
C LEU A 119 3.12 -0.81 -6.05
N VAL A 120 3.99 0.04 -5.50
CA VAL A 120 4.43 1.24 -6.21
C VAL A 120 5.93 1.44 -6.00
N ASN A 121 6.61 1.86 -7.05
CA ASN A 121 8.06 2.05 -7.03
C ASN A 121 8.42 3.46 -6.60
N ARG A 122 9.74 3.72 -6.51
CA ARG A 122 10.31 4.96 -5.94
C ARG A 122 9.51 6.22 -6.26
N ASN A 123 9.17 6.39 -7.52
CA ASN A 123 8.47 7.59 -7.98
C ASN A 123 7.01 7.60 -7.52
N ASN A 124 6.67 6.67 -6.64
CA ASN A 124 5.30 6.42 -6.24
C ASN A 124 4.42 6.17 -7.44
N GLU A 125 4.80 5.17 -8.21
CA GLU A 125 4.03 4.78 -9.39
C GLU A 125 3.74 3.29 -9.31
N LEU A 126 2.54 2.89 -9.70
CA LEU A 126 2.06 1.52 -9.49
C LEU A 126 2.93 0.52 -10.23
N SER A 127 3.49 -0.39 -9.45
CA SER A 127 4.37 -1.43 -9.96
C SER A 127 3.59 -2.64 -10.45
N ALA A 128 2.74 -3.17 -9.58
CA ALA A 128 2.01 -4.40 -9.86
C ALA A 128 0.92 -4.64 -8.83
N ARG A 129 0.12 -5.66 -9.06
CA ARG A 129 -0.98 -5.99 -8.17
C ARG A 129 -0.71 -7.29 -7.44
N GLY A 130 -1.38 -7.50 -6.31
CA GLY A 130 -1.31 -8.77 -5.61
C GLY A 130 -1.78 -9.93 -6.47
N GLU A 131 -2.46 -9.60 -7.57
CA GLU A 131 -2.92 -10.60 -8.53
C GLU A 131 -1.75 -11.16 -9.34
N ASN A 132 -0.71 -10.36 -9.51
CA ASN A 132 0.38 -10.73 -10.41
C ASN A 132 1.75 -10.66 -9.74
N ILE A 133 1.82 -10.15 -8.52
CA ILE A 133 3.07 -10.13 -7.77
C ILE A 133 3.33 -11.50 -7.18
N LYS A 134 4.33 -12.19 -7.74
CA LYS A 134 4.74 -13.51 -7.26
C LYS A 134 5.15 -13.43 -5.81
N ASP A 135 6.02 -12.48 -5.55
CA ASP A 135 6.63 -12.31 -4.24
C ASP A 135 7.05 -10.86 -4.07
N LEU A 136 6.58 -10.22 -3.01
CA LEU A 136 6.84 -8.81 -2.83
C LEU A 136 8.25 -8.55 -2.34
N ASP A 137 8.79 -9.45 -1.56
CA ASP A 137 10.18 -9.39 -1.12
C ASP A 137 11.13 -9.11 -2.30
N GLU A 138 11.02 -9.94 -3.35
CA GLU A 138 11.87 -9.79 -4.53
C GLU A 138 11.53 -8.54 -5.32
N ALA A 139 10.25 -8.26 -5.40
CA ALA A 139 9.75 -7.09 -6.11
C ALA A 139 10.25 -5.79 -5.48
N ILE A 140 10.04 -5.62 -4.19
CA ILE A 140 10.47 -4.42 -3.50
C ILE A 140 11.99 -4.28 -3.56
N LYS A 141 12.66 -5.42 -3.58
CA LYS A 141 14.11 -5.48 -3.71
C LYS A 141 14.56 -4.80 -5.00
N LYS A 142 13.83 -5.08 -6.09
CA LYS A 142 14.15 -4.49 -7.39
C LYS A 142 13.53 -3.10 -7.53
N LEU A 143 12.53 -2.81 -6.71
CA LEU A 143 11.88 -1.50 -6.74
C LEU A 143 12.77 -0.43 -6.13
N LEU A 144 13.43 -0.76 -5.03
CA LEU A 144 14.37 0.16 -4.40
C LEU A 144 15.44 0.56 -5.40
N GLU A 145 16.01 -0.47 -6.03
CA GLU A 145 17.05 -0.30 -7.03
C GLU A 145 16.53 0.45 -8.25
N GLY A 146 15.44 -0.05 -8.81
CA GLY A 146 14.94 0.48 -10.05
C GLY A 146 15.63 -0.20 -11.22
N HIS A 147 14.97 -1.21 -11.80
CA HIS A 147 15.57 -2.01 -12.86
C HIS A 147 15.81 -1.18 -14.13
N HIS A 148 15.14 -0.03 -14.23
CA HIS A 148 15.39 0.89 -15.33
C HIS A 148 16.08 2.15 -14.80
N HIS A 149 16.38 2.14 -13.51
CA HIS A 149 17.12 3.21 -12.87
C HIS A 149 18.60 2.86 -12.90
N HIS A 150 18.85 1.56 -12.87
CA HIS A 150 20.16 0.99 -13.15
C HIS A 150 19.99 -0.52 -13.28
N HIS A 151 20.56 -1.10 -14.33
CA HIS A 151 20.32 -2.51 -14.63
C HIS A 151 20.71 -3.42 -13.47
N HIS A 152 19.70 -4.10 -12.93
CA HIS A 152 19.92 -5.10 -11.89
C HIS A 152 18.82 -6.14 -11.99
N MET A 1 -15.24 12.09 -20.97
CA MET A 1 -16.29 12.22 -19.94
C MET A 1 -16.33 10.98 -19.06
N SER A 2 -16.51 11.20 -17.76
CA SER A 2 -16.68 10.11 -16.79
C SER A 2 -15.41 9.26 -16.67
N LEU A 3 -14.29 9.80 -17.13
CA LEU A 3 -13.02 9.10 -17.08
C LEU A 3 -11.89 10.06 -16.73
N GLU A 4 -11.05 9.63 -15.81
CA GLU A 4 -9.85 10.37 -15.47
C GLU A 4 -8.74 9.38 -15.11
N ILE A 5 -7.94 9.03 -16.11
CA ILE A 5 -6.93 8.03 -15.95
C ILE A 5 -5.52 8.61 -16.10
N PRO A 6 -4.60 8.26 -15.19
CA PRO A 6 -3.22 8.73 -15.26
C PRO A 6 -2.36 7.84 -16.15
N GLU A 7 -3.00 7.18 -17.08
CA GLU A 7 -2.31 6.38 -18.07
C GLU A 7 -2.64 6.92 -19.46
N ASP A 8 -1.96 7.99 -19.84
CA ASP A 8 -2.23 8.67 -21.11
C ASP A 8 -2.01 7.74 -22.28
N LYS A 9 -0.77 7.66 -22.69
CA LYS A 9 -0.38 6.76 -23.75
C LYS A 9 0.86 5.99 -23.34
N ILE A 10 1.50 6.51 -22.31
CA ILE A 10 2.72 5.95 -21.75
C ILE A 10 2.58 5.83 -20.23
N LYS A 11 3.35 4.94 -19.63
CA LYS A 11 3.40 4.83 -18.17
C LYS A 11 3.96 6.11 -17.56
N GLU A 12 3.09 6.92 -16.98
CA GLU A 12 3.50 8.15 -16.31
C GLU A 12 2.52 8.52 -15.21
N ALA A 13 2.92 8.28 -13.97
CA ALA A 13 2.11 8.62 -12.79
C ALA A 13 0.82 7.82 -12.75
N SER A 14 0.85 6.65 -13.37
CA SER A 14 -0.31 5.79 -13.42
C SER A 14 -0.51 5.11 -12.07
N ILE A 15 -1.37 5.71 -11.28
CA ILE A 15 -1.69 5.22 -9.94
C ILE A 15 -2.94 5.92 -9.42
N ILE A 16 -3.62 5.29 -8.47
CA ILE A 16 -4.72 5.93 -7.78
C ILE A 16 -4.25 6.40 -6.41
N ASP A 17 -4.11 7.71 -6.24
CA ASP A 17 -3.70 8.27 -4.96
C ASP A 17 -4.85 8.15 -3.98
N ILE A 18 -4.57 7.66 -2.80
CA ILE A 18 -5.60 7.41 -1.82
C ILE A 18 -5.43 8.34 -0.63
N GLN A 19 -6.37 9.27 -0.46
CA GLN A 19 -6.31 10.19 0.65
C GLN A 19 -7.23 9.72 1.76
N LEU A 20 -6.67 9.07 2.77
CA LEU A 20 -7.44 8.63 3.93
C LEU A 20 -6.69 8.95 5.20
N LYS A 21 -7.42 9.09 6.29
CA LYS A 21 -6.83 9.49 7.55
C LYS A 21 -6.29 8.27 8.30
N ASP A 22 -5.17 8.47 8.97
CA ASP A 22 -4.53 7.40 9.71
C ASP A 22 -5.25 7.14 11.02
N LEU A 23 -4.59 6.38 11.89
CA LEU A 23 -5.12 6.06 13.21
C LEU A 23 -5.43 7.33 14.01
N LYS A 24 -4.60 8.35 13.83
CA LYS A 24 -4.75 9.61 14.53
C LYS A 24 -5.82 10.48 13.89
N GLY A 25 -5.93 10.39 12.58
CA GLY A 25 -6.89 11.22 11.87
C GLY A 25 -6.21 12.17 10.90
N ASN A 26 -4.98 11.85 10.55
CA ASN A 26 -4.25 12.61 9.55
C ASN A 26 -4.38 11.96 8.18
N THR A 27 -5.03 12.67 7.26
CA THR A 27 -5.19 12.18 5.90
C THR A 27 -3.84 12.01 5.21
N ARG A 28 -3.53 10.77 4.89
CA ARG A 28 -2.32 10.43 4.14
C ARG A 28 -2.64 10.41 2.66
N SER A 29 -1.71 10.88 1.85
CA SER A 29 -1.82 10.75 0.41
C SER A 29 -0.63 9.96 -0.10
N LEU A 30 -0.76 9.39 -1.29
CA LEU A 30 0.32 8.57 -1.85
C LEU A 30 1.40 9.44 -2.48
N THR A 31 1.01 10.61 -2.97
CA THR A 31 1.96 11.56 -3.51
C THR A 31 2.80 12.21 -2.40
N ASP A 32 2.53 11.80 -1.16
CA ASP A 32 3.27 12.28 0.00
C ASP A 32 4.55 11.48 0.16
N LEU A 33 4.41 10.17 0.13
CA LEU A 33 5.54 9.27 0.34
C LEU A 33 6.07 8.77 -1.01
N LYS A 34 5.84 9.60 -2.03
CA LYS A 34 6.25 9.34 -3.41
C LYS A 34 7.77 9.19 -3.55
N GLY A 35 8.50 9.81 -2.64
CA GLY A 35 9.96 9.80 -2.72
C GLY A 35 10.56 8.43 -2.74
N LYS A 36 9.83 7.44 -2.28
CA LYS A 36 10.30 6.09 -2.30
C LYS A 36 9.19 5.15 -2.73
N VAL A 37 9.42 3.84 -2.59
CA VAL A 37 8.46 2.85 -3.02
C VAL A 37 7.39 2.66 -1.96
N VAL A 38 6.16 2.44 -2.39
CA VAL A 38 5.03 2.39 -1.49
C VAL A 38 4.33 1.03 -1.57
N LEU A 39 3.96 0.50 -0.43
CA LEU A 39 3.23 -0.75 -0.37
C LEU A 39 1.76 -0.47 -0.09
N ILE A 40 0.92 -0.63 -1.11
CA ILE A 40 -0.50 -0.37 -0.94
C ILE A 40 -1.18 -1.62 -0.39
N ASP A 41 -1.56 -1.58 0.87
CA ASP A 41 -2.13 -2.75 1.52
C ASP A 41 -3.63 -2.55 1.77
N PHE A 42 -4.42 -3.57 1.47
CA PHE A 42 -5.86 -3.55 1.69
C PHE A 42 -6.25 -4.72 2.58
N THR A 43 -6.44 -4.45 3.85
CA THR A 43 -6.61 -5.51 4.83
C THR A 43 -7.70 -5.17 5.85
N VAL A 44 -8.37 -6.20 6.36
CA VAL A 44 -9.39 -6.03 7.38
C VAL A 44 -8.80 -6.25 8.78
N TYR A 45 -8.79 -5.21 9.58
CA TYR A 45 -8.35 -5.31 10.96
C TYR A 45 -9.44 -5.92 11.81
N ASN A 46 -9.47 -7.24 11.82
CA ASN A 46 -10.57 -7.98 12.40
C ASN A 46 -10.32 -9.47 12.23
N ASN A 47 -9.72 -9.78 11.09
CA ASN A 47 -9.56 -11.15 10.64
C ASN A 47 -8.33 -11.81 11.27
N ALA A 48 -8.29 -13.14 11.19
CA ALA A 48 -7.14 -13.90 11.69
C ALA A 48 -6.02 -13.87 10.66
N MET A 49 -6.39 -13.78 9.39
CA MET A 49 -5.43 -13.70 8.29
C MET A 49 -4.56 -12.45 8.41
N SER A 50 -5.12 -11.43 9.05
CA SER A 50 -4.43 -10.17 9.24
C SER A 50 -3.15 -10.36 10.05
N ALA A 51 -3.18 -11.29 10.99
CA ALA A 51 -2.03 -11.56 11.84
C ALA A 51 -0.85 -12.04 11.00
N ALA A 52 -1.08 -13.04 10.17
CA ALA A 52 -0.03 -13.58 9.30
C ALA A 52 0.34 -12.57 8.22
N HIS A 53 -0.66 -11.87 7.70
CA HIS A 53 -0.44 -10.87 6.66
C HIS A 53 0.45 -9.75 7.18
N ASN A 54 0.09 -9.18 8.32
CA ASN A 54 0.83 -8.05 8.88
C ASN A 54 2.16 -8.50 9.49
N LEU A 55 2.28 -9.79 9.77
CA LEU A 55 3.55 -10.35 10.21
C LEU A 55 4.54 -10.33 9.06
N ALA A 56 4.11 -10.85 7.92
CA ALA A 56 4.95 -10.85 6.74
C ALA A 56 5.30 -9.42 6.33
N LEU A 57 4.34 -8.52 6.47
CA LEU A 57 4.58 -7.09 6.24
C LEU A 57 5.64 -6.58 7.20
N ARG A 58 5.56 -7.06 8.44
CA ARG A 58 6.51 -6.69 9.48
C ARG A 58 7.91 -7.13 9.11
N GLU A 59 7.99 -8.19 8.32
CA GLU A 59 9.26 -8.78 7.94
C GLU A 59 9.85 -7.92 6.86
N LEU A 60 9.01 -7.68 5.87
CA LEU A 60 9.33 -6.84 4.76
C LEU A 60 9.77 -5.45 5.21
N TYR A 61 9.19 -5.01 6.32
CA TYR A 61 9.50 -3.69 6.86
C TYR A 61 10.92 -3.69 7.43
N ASN A 62 11.22 -4.69 8.24
CA ASN A 62 12.53 -4.82 8.86
C ASN A 62 13.61 -5.03 7.81
N LYS A 63 13.18 -5.49 6.63
CA LYS A 63 14.09 -5.79 5.54
C LYS A 63 14.42 -4.54 4.72
N TYR A 64 13.42 -3.95 4.11
CA TYR A 64 13.66 -2.95 3.07
C TYR A 64 13.21 -1.55 3.47
N ALA A 65 12.36 -1.44 4.47
CA ALA A 65 11.82 -0.13 4.85
C ALA A 65 12.89 0.75 5.47
N SER A 66 12.64 2.06 5.50
CA SER A 66 13.59 3.05 6.00
C SER A 66 14.70 3.35 4.98
N GLN A 67 15.12 2.35 4.23
CA GLN A 67 16.14 2.54 3.19
C GLN A 67 15.51 3.02 1.88
N GLY A 68 14.24 3.39 1.94
CA GLY A 68 13.54 3.85 0.76
C GLY A 68 12.32 3.02 0.45
N PHE A 69 11.74 2.42 1.48
CA PHE A 69 10.51 1.67 1.33
C PHE A 69 9.55 2.02 2.45
N GLU A 70 8.32 2.32 2.08
CA GLU A 70 7.30 2.66 3.06
C GLU A 70 6.01 1.91 2.75
N ILE A 71 5.19 1.73 3.77
CA ILE A 71 4.00 0.90 3.66
C ILE A 71 2.76 1.72 3.97
N TYR A 72 1.78 1.62 3.11
CA TYR A 72 0.52 2.34 3.26
C TYR A 72 -0.63 1.32 3.32
N GLN A 73 -1.11 1.04 4.53
CA GLN A 73 -2.14 0.02 4.71
C GLN A 73 -3.48 0.67 5.01
N ILE A 74 -4.54 0.04 4.52
CA ILE A 74 -5.90 0.55 4.67
C ILE A 74 -6.79 -0.52 5.29
N SER A 75 -7.48 -0.18 6.36
CA SER A 75 -8.40 -1.09 7.01
C SER A 75 -9.78 -1.04 6.34
N LEU A 76 -10.23 -2.19 5.84
CA LEU A 76 -11.51 -2.28 5.15
C LEU A 76 -12.52 -3.04 5.99
N ASP A 77 -12.13 -3.32 7.22
CA ASP A 77 -12.92 -4.13 8.15
C ASP A 77 -14.21 -3.42 8.58
N GLY A 78 -14.05 -2.36 9.35
CA GLY A 78 -15.17 -1.67 9.93
C GLY A 78 -15.22 -1.88 11.43
N ASP A 79 -14.08 -2.19 12.02
CA ASP A 79 -13.98 -2.41 13.45
C ASP A 79 -12.76 -1.68 14.00
N GLU A 80 -12.99 -0.52 14.57
CA GLU A 80 -11.90 0.30 15.04
C GLU A 80 -11.32 -0.22 16.34
N HIS A 81 -12.02 -1.13 16.99
CA HIS A 81 -11.52 -1.72 18.22
C HIS A 81 -10.24 -2.51 17.94
N PHE A 82 -10.30 -3.40 16.95
CA PHE A 82 -9.15 -4.24 16.62
C PHE A 82 -8.16 -3.47 15.75
N TRP A 83 -8.68 -2.55 14.95
CA TRP A 83 -7.84 -1.68 14.14
C TRP A 83 -7.01 -0.75 15.01
N LYS A 84 -7.68 -0.04 15.92
CA LYS A 84 -7.02 0.99 16.71
C LYS A 84 -5.95 0.40 17.61
N THR A 85 -6.27 -0.74 18.23
CA THR A 85 -5.33 -1.39 19.14
C THR A 85 -4.09 -1.89 18.40
N SER A 86 -4.30 -2.50 17.24
CA SER A 86 -3.20 -3.05 16.46
C SER A 86 -2.39 -1.94 15.78
N ALA A 87 -3.07 -0.90 15.32
CA ALA A 87 -2.43 0.16 14.55
C ALA A 87 -1.50 1.01 15.41
N ASP A 88 -1.82 1.11 16.70
CA ASP A 88 -1.01 1.90 17.62
C ASP A 88 0.37 1.28 17.80
N ASN A 89 0.47 -0.01 17.53
CA ASN A 89 1.72 -0.73 17.63
C ASN A 89 2.45 -0.75 16.29
N LEU A 90 1.78 -0.29 15.24
CA LEU A 90 2.29 -0.43 13.89
C LEU A 90 3.41 0.56 13.58
N PRO A 91 4.35 0.10 12.74
CA PRO A 91 5.53 0.88 12.32
C PRO A 91 5.30 1.67 11.02
N TRP A 92 4.26 1.32 10.27
CA TRP A 92 4.00 1.93 8.98
C TRP A 92 2.69 2.70 8.99
N VAL A 93 2.25 3.14 7.81
CA VAL A 93 1.06 3.94 7.71
C VAL A 93 -0.18 3.06 7.74
N CYS A 94 -1.06 3.31 8.70
CA CYS A 94 -2.29 2.56 8.82
C CYS A 94 -3.48 3.50 8.82
N VAL A 95 -4.24 3.48 7.75
CA VAL A 95 -5.38 4.37 7.61
C VAL A 95 -6.66 3.54 7.49
N ARG A 96 -7.80 4.15 7.79
CA ARG A 96 -9.07 3.45 7.71
C ARG A 96 -9.87 3.94 6.50
N ASP A 97 -10.46 3.03 5.76
CA ASP A 97 -11.28 3.41 4.62
C ASP A 97 -12.68 3.81 5.09
N ALA A 98 -13.36 4.62 4.30
CA ALA A 98 -14.68 5.11 4.67
C ALA A 98 -15.77 4.10 4.32
N ASN A 99 -15.47 3.17 3.42
CA ASN A 99 -16.46 2.25 2.91
C ASN A 99 -16.06 0.80 3.15
N GLY A 100 -14.81 0.58 3.51
CA GLY A 100 -14.34 -0.76 3.78
C GLY A 100 -14.23 -1.59 2.52
N ALA A 101 -14.81 -2.79 2.53
CA ALA A 101 -14.79 -3.67 1.38
C ALA A 101 -15.67 -3.13 0.26
N TYR A 102 -16.40 -2.05 0.54
CA TYR A 102 -17.26 -1.43 -0.45
C TYR A 102 -16.58 -0.17 -1.01
N SER A 103 -15.30 0.00 -0.72
CA SER A 103 -14.55 1.17 -1.15
C SER A 103 -14.49 1.26 -2.67
N SER A 104 -14.74 2.46 -3.18
CA SER A 104 -14.70 2.72 -4.62
C SER A 104 -13.30 2.45 -5.17
N TYR A 105 -12.29 2.59 -4.31
CA TYR A 105 -10.91 2.32 -4.70
C TYR A 105 -10.75 0.87 -5.15
N ILE A 106 -11.32 -0.03 -4.38
CA ILE A 106 -11.21 -1.46 -4.64
C ILE A 106 -11.81 -1.80 -6.00
N SER A 107 -12.89 -1.11 -6.35
CA SER A 107 -13.55 -1.29 -7.64
C SER A 107 -12.65 -0.80 -8.78
N LEU A 108 -11.91 0.28 -8.52
CA LEU A 108 -11.03 0.88 -9.53
C LEU A 108 -9.91 -0.07 -9.93
N TYR A 109 -9.42 -0.84 -8.97
CA TYR A 109 -8.34 -1.79 -9.24
C TYR A 109 -8.85 -2.99 -10.02
N ASN A 110 -10.16 -3.22 -9.95
CA ASN A 110 -10.75 -4.47 -10.40
C ASN A 110 -10.02 -5.61 -9.70
N VAL A 111 -10.08 -5.56 -8.38
CA VAL A 111 -9.40 -6.51 -7.54
C VAL A 111 -9.97 -7.92 -7.72
N THR A 112 -9.13 -8.93 -7.58
CA THR A 112 -9.58 -10.30 -7.70
C THR A 112 -10.10 -10.82 -6.35
N ASN A 113 -9.47 -10.37 -5.27
CA ASN A 113 -9.85 -10.83 -3.93
C ASN A 113 -9.14 -9.98 -2.89
N LEU A 114 -9.57 -10.06 -1.64
CA LEU A 114 -8.95 -9.35 -0.53
C LEU A 114 -8.95 -10.23 0.72
N PRO A 115 -8.07 -9.97 1.71
CA PRO A 115 -7.10 -8.87 1.70
C PRO A 115 -6.01 -9.05 0.65
N SER A 116 -5.55 -7.92 0.11
CA SER A 116 -4.52 -7.94 -0.93
C SER A 116 -3.55 -6.80 -0.76
N VAL A 117 -2.56 -6.77 -1.65
CA VAL A 117 -1.54 -5.74 -1.66
C VAL A 117 -1.32 -5.28 -3.09
N PHE A 118 -0.70 -4.13 -3.26
CA PHE A 118 -0.35 -3.62 -4.58
C PHE A 118 1.03 -3.00 -4.50
N LEU A 119 1.69 -2.85 -5.65
CA LEU A 119 3.08 -2.38 -5.64
C LEU A 119 3.17 -0.98 -6.21
N VAL A 120 3.99 -0.15 -5.60
CA VAL A 120 4.22 1.21 -6.10
C VAL A 120 5.70 1.49 -6.25
N ASN A 121 6.12 1.77 -7.48
CA ASN A 121 7.51 2.13 -7.75
C ASN A 121 7.77 3.57 -7.32
N ARG A 122 9.05 3.90 -7.17
CA ARG A 122 9.50 5.13 -6.50
C ARG A 122 9.19 6.42 -7.29
N ASN A 123 8.15 6.37 -8.10
CA ASN A 123 7.67 7.53 -8.81
C ASN A 123 6.20 7.73 -8.47
N ASN A 124 5.78 7.04 -7.40
CA ASN A 124 4.39 6.92 -7.03
C ASN A 124 3.58 6.40 -8.20
N GLU A 125 3.92 5.20 -8.65
CA GLU A 125 3.17 4.56 -9.73
C GLU A 125 2.81 3.14 -9.35
N LEU A 126 1.71 2.64 -9.88
CA LEU A 126 1.35 1.26 -9.68
C LEU A 126 2.26 0.36 -10.50
N SER A 127 2.98 -0.51 -9.81
CA SER A 127 3.85 -1.47 -10.45
C SER A 127 3.06 -2.70 -10.88
N ALA A 128 2.29 -3.25 -9.95
CA ALA A 128 1.48 -4.43 -10.21
C ALA A 128 0.55 -4.67 -9.05
N ARG A 129 -0.34 -5.62 -9.23
CA ARG A 129 -1.36 -5.92 -8.26
C ARG A 129 -1.00 -7.19 -7.49
N GLY A 130 -1.56 -7.35 -6.31
CA GLY A 130 -1.22 -8.47 -5.44
C GLY A 130 -1.45 -9.82 -6.11
N GLU A 131 -2.50 -9.90 -6.93
CA GLU A 131 -2.80 -11.13 -7.65
C GLU A 131 -1.89 -11.30 -8.86
N ASN A 132 -1.09 -10.27 -9.14
CA ASN A 132 -0.16 -10.31 -10.25
C ASN A 132 1.27 -10.50 -9.74
N ILE A 133 1.47 -10.19 -8.46
CA ILE A 133 2.78 -10.25 -7.84
C ILE A 133 2.94 -11.56 -7.08
N LYS A 134 4.12 -12.18 -7.19
CA LYS A 134 4.41 -13.41 -6.45
C LYS A 134 5.72 -13.28 -5.71
N ASP A 135 6.34 -12.12 -5.83
CA ASP A 135 7.71 -11.93 -5.38
C ASP A 135 7.94 -10.54 -4.81
N LEU A 136 7.06 -10.10 -3.91
CA LEU A 136 7.16 -8.75 -3.36
C LEU A 136 8.51 -8.48 -2.70
N ASP A 137 9.05 -9.48 -2.02
CA ASP A 137 10.38 -9.34 -1.42
C ASP A 137 11.40 -8.95 -2.48
N GLU A 138 11.45 -9.74 -3.55
CA GLU A 138 12.30 -9.44 -4.69
C GLU A 138 11.91 -8.11 -5.34
N ALA A 139 10.59 -7.89 -5.43
CA ALA A 139 10.05 -6.70 -6.07
C ALA A 139 10.54 -5.43 -5.41
N ILE A 140 10.29 -5.30 -4.11
CA ILE A 140 10.74 -4.15 -3.34
C ILE A 140 12.26 -3.99 -3.47
N LYS A 141 12.95 -5.11 -3.39
CA LYS A 141 14.40 -5.15 -3.47
C LYS A 141 14.91 -4.60 -4.82
N LYS A 142 14.24 -4.97 -5.90
CA LYS A 142 14.64 -4.50 -7.24
C LYS A 142 14.13 -3.08 -7.49
N LEU A 143 13.08 -2.69 -6.79
CA LEU A 143 12.54 -1.33 -6.88
C LEU A 143 13.49 -0.33 -6.23
N LEU A 144 14.06 -0.73 -5.10
CA LEU A 144 15.00 0.12 -4.37
C LEU A 144 16.16 0.53 -5.25
N GLU A 145 16.82 -0.46 -5.84
CA GLU A 145 17.93 -0.21 -6.73
C GLU A 145 17.49 0.51 -8.00
N GLY A 146 16.52 -0.08 -8.71
CA GLY A 146 16.07 0.50 -9.95
C GLY A 146 17.20 0.59 -10.96
N HIS A 147 17.63 -0.58 -11.43
CA HIS A 147 18.78 -0.70 -12.35
C HIS A 147 20.10 -0.53 -11.61
N HIS A 148 20.28 0.62 -10.95
CA HIS A 148 21.49 0.88 -10.20
C HIS A 148 21.40 2.20 -9.44
N HIS A 149 21.30 3.30 -10.19
CA HIS A 149 21.45 4.63 -9.61
C HIS A 149 20.22 5.09 -8.83
N HIS A 150 20.50 5.67 -7.68
CA HIS A 150 19.53 6.31 -6.80
C HIS A 150 20.29 6.91 -5.64
N HIS A 151 21.39 7.58 -5.99
CA HIS A 151 22.45 7.95 -5.05
C HIS A 151 23.04 6.65 -4.49
N HIS A 152 23.47 5.81 -5.42
CA HIS A 152 23.92 4.46 -5.12
C HIS A 152 24.60 3.87 -6.36
N MET A 1 -5.80 -8.76 -23.20
CA MET A 1 -5.27 -8.15 -21.96
C MET A 1 -3.81 -8.52 -21.79
N SER A 2 -3.05 -7.60 -21.20
CA SER A 2 -1.65 -7.84 -20.91
C SER A 2 -1.24 -7.05 -19.67
N LEU A 3 -1.11 -5.75 -19.85
CA LEU A 3 -0.83 -4.84 -18.75
C LEU A 3 -1.80 -3.68 -18.81
N GLU A 4 -2.24 -3.21 -17.66
CA GLU A 4 -3.12 -2.05 -17.60
C GLU A 4 -2.27 -0.78 -17.57
N ILE A 5 -2.24 -0.09 -18.70
CA ILE A 5 -1.42 1.10 -18.85
C ILE A 5 -2.31 2.29 -19.20
N PRO A 6 -2.11 3.44 -18.54
CA PRO A 6 -2.83 4.69 -18.84
C PRO A 6 -2.82 5.02 -20.32
N GLU A 7 -3.76 5.85 -20.71
CA GLU A 7 -4.01 6.10 -22.11
C GLU A 7 -3.47 7.47 -22.54
N ASP A 8 -3.66 8.49 -21.70
CA ASP A 8 -3.16 9.82 -22.01
C ASP A 8 -3.12 10.73 -20.80
N LYS A 9 -3.28 10.17 -19.62
CA LYS A 9 -3.23 10.94 -18.39
C LYS A 9 -2.32 10.27 -17.37
N ILE A 10 -1.93 11.03 -16.36
CA ILE A 10 -1.23 10.46 -15.23
C ILE A 10 -2.21 10.29 -14.08
N LYS A 11 -1.99 9.25 -13.27
CA LYS A 11 -2.82 9.00 -12.10
C LYS A 11 -4.24 8.56 -12.51
N GLU A 12 -4.39 8.19 -13.78
CA GLU A 12 -5.66 7.66 -14.27
C GLU A 12 -5.63 6.14 -14.23
N ALA A 13 -4.46 5.63 -13.91
CA ALA A 13 -4.19 4.19 -13.88
C ALA A 13 -2.76 3.95 -13.42
N SER A 14 -1.91 4.94 -13.64
CA SER A 14 -0.52 4.91 -13.19
C SER A 14 -0.46 4.68 -11.69
N ILE A 15 -1.36 5.35 -11.00
CA ILE A 15 -1.48 5.26 -9.56
C ILE A 15 -2.77 5.95 -9.12
N ILE A 16 -3.47 5.34 -8.19
CA ILE A 16 -4.68 5.93 -7.65
C ILE A 16 -4.38 6.54 -6.29
N ASP A 17 -4.30 7.87 -6.26
CA ASP A 17 -3.99 8.58 -5.03
C ASP A 17 -5.21 8.61 -4.12
N ILE A 18 -5.11 7.89 -3.01
CA ILE A 18 -6.21 7.78 -2.07
C ILE A 18 -5.88 8.55 -0.80
N GLN A 19 -6.80 9.40 -0.37
CA GLN A 19 -6.58 10.21 0.83
C GLN A 19 -7.50 9.76 1.96
N LEU A 20 -6.94 9.00 2.89
CA LEU A 20 -7.68 8.55 4.06
C LEU A 20 -6.89 8.83 5.31
N LYS A 21 -7.57 8.98 6.43
CA LYS A 21 -6.90 9.33 7.67
C LYS A 21 -6.44 8.09 8.41
N ASP A 22 -5.32 8.21 9.10
CA ASP A 22 -4.77 7.10 9.86
C ASP A 22 -5.40 7.04 11.24
N LEU A 23 -4.86 6.16 12.08
CA LEU A 23 -5.29 6.01 13.46
C LEU A 23 -5.33 7.36 14.20
N LYS A 24 -4.37 8.22 13.91
CA LYS A 24 -4.30 9.53 14.54
C LYS A 24 -5.40 10.43 14.00
N GLY A 25 -5.58 10.37 12.69
CA GLY A 25 -6.54 11.23 12.03
C GLY A 25 -5.90 12.02 10.91
N ASN A 26 -4.68 11.66 10.56
CA ASN A 26 -3.97 12.31 9.46
C ASN A 26 -4.38 11.72 8.13
N THR A 27 -5.05 12.51 7.30
CA THR A 27 -5.37 12.08 5.95
C THR A 27 -4.09 11.89 5.14
N ARG A 28 -3.76 10.65 4.87
CA ARG A 28 -2.57 10.31 4.11
C ARG A 28 -2.94 10.16 2.64
N SER A 29 -2.09 10.68 1.78
CA SER A 29 -2.23 10.49 0.36
C SER A 29 -1.02 9.73 -0.18
N LEU A 30 -1.20 9.04 -1.28
CA LEU A 30 -0.14 8.21 -1.85
C LEU A 30 0.87 9.07 -2.59
N THR A 31 0.40 10.18 -3.15
CA THR A 31 1.28 11.09 -3.86
C THR A 31 2.13 11.90 -2.87
N ASP A 32 1.93 11.65 -1.58
CA ASP A 32 2.65 12.38 -0.54
C ASP A 32 3.97 11.69 -0.22
N LEU A 33 3.92 10.39 0.04
CA LEU A 33 5.11 9.64 0.43
C LEU A 33 5.89 9.18 -0.81
N LYS A 34 5.51 9.75 -1.95
CA LYS A 34 6.26 9.62 -3.18
C LYS A 34 7.68 10.09 -2.97
N GLY A 35 8.62 9.22 -3.25
CA GLY A 35 10.01 9.47 -2.94
C GLY A 35 10.67 8.19 -2.56
N LYS A 36 9.96 7.38 -1.79
CA LYS A 36 10.42 6.06 -1.49
C LYS A 36 9.42 5.05 -2.03
N VAL A 37 9.72 3.76 -1.95
CA VAL A 37 8.82 2.75 -2.46
C VAL A 37 7.66 2.57 -1.49
N VAL A 38 6.46 2.49 -2.04
CA VAL A 38 5.25 2.49 -1.23
C VAL A 38 4.50 1.17 -1.38
N LEU A 39 4.25 0.51 -0.26
CA LEU A 39 3.45 -0.69 -0.26
C LEU A 39 1.99 -0.34 -0.12
N ILE A 40 1.22 -0.59 -1.17
CA ILE A 40 -0.21 -0.32 -1.13
C ILE A 40 -0.93 -1.54 -0.56
N ASP A 41 -1.37 -1.44 0.68
CA ASP A 41 -1.99 -2.57 1.34
C ASP A 41 -3.49 -2.34 1.52
N PHE A 42 -4.27 -3.36 1.22
CA PHE A 42 -5.71 -3.31 1.42
C PHE A 42 -6.12 -4.45 2.33
N THR A 43 -6.32 -4.14 3.60
CA THR A 43 -6.50 -5.15 4.61
C THR A 43 -7.58 -4.75 5.62
N VAL A 44 -8.35 -5.72 6.07
CA VAL A 44 -9.35 -5.46 7.11
C VAL A 44 -8.80 -5.82 8.48
N TYR A 45 -8.75 -4.84 9.37
CA TYR A 45 -8.30 -5.11 10.73
C TYR A 45 -9.41 -5.79 11.50
N ASN A 46 -9.52 -7.09 11.25
CA ASN A 46 -10.48 -7.95 11.92
C ASN A 46 -10.30 -9.38 11.41
N ASN A 47 -9.98 -9.45 10.12
CA ASN A 47 -9.78 -10.72 9.44
C ASN A 47 -8.57 -11.45 10.00
N ALA A 48 -8.69 -12.76 10.13
CA ALA A 48 -7.64 -13.59 10.69
C ALA A 48 -6.38 -13.56 9.82
N MET A 49 -6.58 -13.49 8.51
CA MET A 49 -5.47 -13.51 7.57
C MET A 49 -4.63 -12.24 7.68
N SER A 50 -5.22 -11.19 8.26
CA SER A 50 -4.55 -9.92 8.41
C SER A 50 -3.40 -10.01 9.41
N ALA A 51 -3.52 -10.92 10.37
CA ALA A 51 -2.51 -11.09 11.40
C ALA A 51 -1.20 -11.60 10.79
N ALA A 52 -1.28 -12.72 10.09
CA ALA A 52 -0.13 -13.30 9.42
C ALA A 52 0.38 -12.37 8.32
N HIS A 53 -0.56 -11.73 7.63
CA HIS A 53 -0.23 -10.80 6.56
C HIS A 53 0.60 -9.63 7.08
N ASN A 54 0.27 -9.14 8.28
CA ASN A 54 0.98 -8.01 8.87
C ASN A 54 2.40 -8.41 9.24
N LEU A 55 2.59 -9.68 9.59
CA LEU A 55 3.92 -10.17 9.95
C LEU A 55 4.81 -10.22 8.72
N ALA A 56 4.23 -10.66 7.60
CA ALA A 56 4.95 -10.67 6.34
C ALA A 56 5.34 -9.26 5.93
N LEU A 57 4.46 -8.31 6.22
CA LEU A 57 4.71 -6.90 5.96
C LEU A 57 5.82 -6.41 6.88
N ARG A 58 5.78 -6.88 8.11
CA ARG A 58 6.75 -6.53 9.13
C ARG A 58 8.16 -6.96 8.71
N GLU A 59 8.22 -8.06 7.99
CA GLU A 59 9.48 -8.69 7.61
C GLU A 59 10.11 -7.84 6.55
N LEU A 60 9.30 -7.62 5.55
CA LEU A 60 9.65 -6.81 4.42
C LEU A 60 10.09 -5.42 4.86
N TYR A 61 9.51 -4.96 5.95
CA TYR A 61 9.83 -3.65 6.48
C TYR A 61 11.19 -3.68 7.17
N ASN A 62 11.36 -4.66 8.04
CA ASN A 62 12.61 -4.81 8.79
C ASN A 62 13.77 -5.03 7.83
N LYS A 63 13.45 -5.50 6.64
CA LYS A 63 14.43 -5.75 5.61
C LYS A 63 14.81 -4.47 4.85
N TYR A 64 13.82 -3.84 4.20
CA TYR A 64 14.11 -2.80 3.22
C TYR A 64 13.83 -1.38 3.72
N ALA A 65 13.23 -1.24 4.90
CA ALA A 65 12.93 0.10 5.42
C ALA A 65 14.21 0.84 5.79
N SER A 66 14.07 2.16 5.99
CA SER A 66 15.19 3.05 6.28
C SER A 66 16.07 3.26 5.05
N GLN A 67 15.86 2.47 4.00
CA GLN A 67 16.63 2.59 2.77
C GLN A 67 15.80 3.24 1.67
N GLY A 68 14.58 3.64 2.03
CA GLY A 68 13.67 4.21 1.06
C GLY A 68 12.47 3.32 0.85
N PHE A 69 11.89 2.85 1.95
CA PHE A 69 10.74 1.96 1.89
C PHE A 69 9.71 2.33 2.95
N GLU A 70 8.46 2.45 2.53
CA GLU A 70 7.37 2.81 3.42
C GLU A 70 6.09 2.07 3.01
N ILE A 71 5.18 1.92 3.94
CA ILE A 71 3.99 1.09 3.73
C ILE A 71 2.74 1.89 4.06
N TYR A 72 1.74 1.75 3.20
CA TYR A 72 0.48 2.45 3.36
C TYR A 72 -0.66 1.44 3.40
N GLN A 73 -1.18 1.16 4.60
CA GLN A 73 -2.27 0.21 4.76
C GLN A 73 -3.62 0.90 4.77
N ILE A 74 -4.59 0.26 4.15
CA ILE A 74 -5.97 0.73 4.13
C ILE A 74 -6.87 -0.35 4.72
N SER A 75 -7.60 -0.01 5.76
CA SER A 75 -8.42 -0.99 6.46
C SER A 75 -9.88 -0.92 6.05
N LEU A 76 -10.52 -2.08 5.94
CA LEU A 76 -11.96 -2.13 5.70
C LEU A 76 -12.67 -2.64 6.94
N ASP A 77 -12.09 -2.34 8.09
CA ASP A 77 -12.56 -2.88 9.36
C ASP A 77 -13.86 -2.26 9.80
N GLY A 78 -14.69 -3.08 10.42
CA GLY A 78 -15.81 -2.59 11.19
C GLY A 78 -15.53 -2.78 12.65
N ASP A 79 -14.25 -3.01 12.93
CA ASP A 79 -13.77 -3.33 14.26
C ASP A 79 -12.67 -2.36 14.65
N GLU A 80 -13.05 -1.30 15.35
CA GLU A 80 -12.12 -0.26 15.69
C GLU A 80 -11.15 -0.72 16.77
N HIS A 81 -11.57 -1.65 17.60
CA HIS A 81 -10.73 -2.04 18.72
C HIS A 81 -9.54 -2.86 18.25
N PHE A 82 -9.73 -3.64 17.19
CA PHE A 82 -8.64 -4.41 16.62
C PHE A 82 -7.75 -3.51 15.75
N TRP A 83 -8.39 -2.62 14.99
CA TRP A 83 -7.66 -1.64 14.18
C TRP A 83 -6.81 -0.73 15.06
N LYS A 84 -7.43 -0.20 16.11
CA LYS A 84 -6.79 0.75 17.01
C LYS A 84 -5.59 0.15 17.72
N THR A 85 -5.74 -1.07 18.22
CA THR A 85 -4.68 -1.73 18.96
C THR A 85 -3.56 -2.22 18.04
N SER A 86 -3.93 -2.66 16.85
CA SER A 86 -2.95 -3.13 15.88
C SER A 86 -2.16 -1.94 15.31
N ALA A 87 -2.88 -0.88 14.95
CA ALA A 87 -2.27 0.31 14.36
C ALA A 87 -1.39 1.03 15.37
N ASP A 88 -1.69 0.83 16.65
CA ASP A 88 -0.89 1.41 17.73
C ASP A 88 0.52 0.83 17.68
N ASN A 89 0.59 -0.46 17.37
CA ASN A 89 1.85 -1.18 17.32
C ASN A 89 2.43 -1.19 15.91
N LEU A 90 1.86 -0.38 15.03
CA LEU A 90 2.30 -0.34 13.66
C LEU A 90 3.26 0.82 13.40
N PRO A 91 4.37 0.51 12.71
CA PRO A 91 5.43 1.46 12.36
C PRO A 91 5.08 2.32 11.14
N TRP A 92 4.32 1.75 10.22
CA TRP A 92 4.01 2.39 8.95
C TRP A 92 2.62 3.01 8.97
N VAL A 93 2.13 3.39 7.80
CA VAL A 93 0.86 4.08 7.69
C VAL A 93 -0.31 3.10 7.74
N CYS A 94 -1.29 3.40 8.55
CA CYS A 94 -2.48 2.57 8.69
C CYS A 94 -3.73 3.43 8.72
N VAL A 95 -4.41 3.51 7.57
CA VAL A 95 -5.57 4.39 7.42
C VAL A 95 -6.83 3.55 7.20
N ARG A 96 -7.98 4.07 7.62
CA ARG A 96 -9.23 3.34 7.48
C ARG A 96 -10.12 3.92 6.40
N ASP A 97 -10.72 3.04 5.60
CA ASP A 97 -11.70 3.45 4.60
C ASP A 97 -13.10 3.40 5.18
N ALA A 98 -13.89 4.43 4.91
CA ALA A 98 -15.22 4.54 5.48
C ALA A 98 -16.27 3.75 4.70
N ASN A 99 -15.86 3.14 3.58
CA ASN A 99 -16.84 2.48 2.71
C ASN A 99 -16.92 0.99 3.02
N GLY A 100 -15.95 0.46 3.76
CA GLY A 100 -16.01 -0.92 4.22
C GLY A 100 -16.31 -1.92 3.12
N ALA A 101 -15.38 -2.05 2.17
CA ALA A 101 -15.46 -3.04 1.09
C ALA A 101 -16.43 -2.62 -0.03
N TYR A 102 -17.14 -1.52 0.16
CA TYR A 102 -17.96 -0.96 -0.91
C TYR A 102 -17.22 0.21 -1.56
N SER A 103 -15.94 0.32 -1.24
CA SER A 103 -15.11 1.42 -1.69
C SER A 103 -15.02 1.44 -3.22
N SER A 104 -15.34 2.59 -3.82
CA SER A 104 -15.31 2.76 -5.27
C SER A 104 -13.93 2.40 -5.84
N TYR A 105 -12.89 2.59 -5.03
CA TYR A 105 -11.53 2.26 -5.43
C TYR A 105 -11.40 0.77 -5.74
N ILE A 106 -12.06 -0.06 -4.94
CA ILE A 106 -12.02 -1.51 -5.09
C ILE A 106 -12.52 -1.93 -6.47
N SER A 107 -13.51 -1.20 -6.98
CA SER A 107 -14.05 -1.47 -8.30
C SER A 107 -13.08 -1.02 -9.39
N LEU A 108 -12.27 -0.01 -9.07
CA LEU A 108 -11.31 0.54 -10.03
C LEU A 108 -10.14 -0.42 -10.25
N TYR A 109 -9.71 -1.09 -9.18
CA TYR A 109 -8.62 -2.06 -9.30
C TYR A 109 -9.13 -3.36 -9.89
N ASN A 110 -10.45 -3.47 -10.04
CA ASN A 110 -11.09 -4.73 -10.39
C ASN A 110 -10.67 -5.77 -9.38
N VAL A 111 -10.84 -5.42 -8.12
CA VAL A 111 -10.46 -6.29 -7.04
C VAL A 111 -11.38 -7.49 -6.97
N THR A 112 -10.78 -8.68 -6.93
CA THR A 112 -11.53 -9.90 -6.83
C THR A 112 -12.10 -10.06 -5.42
N ASN A 113 -11.23 -9.87 -4.43
CA ASN A 113 -11.63 -9.91 -3.02
C ASN A 113 -10.44 -9.57 -2.14
N LEU A 114 -10.67 -8.73 -1.15
CA LEU A 114 -9.62 -8.33 -0.23
C LEU A 114 -9.55 -9.30 0.96
N PRO A 115 -8.48 -9.26 1.77
CA PRO A 115 -7.35 -8.33 1.64
C PRO A 115 -6.47 -8.60 0.41
N SER A 116 -5.74 -7.58 0.01
CA SER A 116 -4.83 -7.66 -1.13
C SER A 116 -3.69 -6.66 -0.96
N VAL A 117 -2.73 -6.70 -1.87
CA VAL A 117 -1.62 -5.76 -1.82
C VAL A 117 -1.25 -5.36 -3.23
N PHE A 118 -0.64 -4.20 -3.37
CA PHE A 118 -0.16 -3.71 -4.64
C PHE A 118 1.24 -3.14 -4.46
N LEU A 119 1.97 -2.99 -5.54
CA LEU A 119 3.34 -2.52 -5.46
C LEU A 119 3.45 -1.13 -6.08
N VAL A 120 4.11 -0.22 -5.39
CA VAL A 120 4.38 1.10 -5.93
C VAL A 120 5.86 1.46 -5.74
N ASN A 121 6.51 1.87 -6.82
CA ASN A 121 7.90 2.25 -6.74
C ASN A 121 8.03 3.74 -6.46
N ARG A 122 9.27 4.18 -6.26
CA ARG A 122 9.58 5.50 -5.70
C ARG A 122 8.93 6.66 -6.44
N ASN A 123 8.58 6.46 -7.70
CA ASN A 123 7.99 7.52 -8.50
C ASN A 123 6.48 7.59 -8.26
N ASN A 124 6.02 6.87 -7.25
CA ASN A 124 4.61 6.73 -6.94
C ASN A 124 3.90 6.02 -8.08
N GLU A 125 4.58 5.05 -8.69
CA GLU A 125 4.04 4.35 -9.84
C GLU A 125 3.68 2.91 -9.48
N LEU A 126 2.53 2.46 -9.95
CA LEU A 126 2.10 1.08 -9.75
C LEU A 126 3.07 0.11 -10.44
N SER A 127 3.76 -0.64 -9.63
CA SER A 127 4.71 -1.63 -10.10
C SER A 127 3.98 -2.89 -10.56
N ALA A 128 3.18 -3.45 -9.68
CA ALA A 128 2.47 -4.68 -9.97
C ALA A 128 1.32 -4.90 -8.98
N ARG A 129 0.52 -5.91 -9.25
CA ARG A 129 -0.60 -6.27 -8.40
C ARG A 129 -0.19 -7.45 -7.50
N GLY A 130 -0.89 -7.64 -6.40
CA GLY A 130 -0.53 -8.68 -5.43
C GLY A 130 -0.43 -10.07 -6.03
N GLU A 131 -1.41 -10.44 -6.83
CA GLU A 131 -1.44 -11.75 -7.48
C GLU A 131 -0.39 -11.80 -8.58
N ASN A 132 -0.11 -10.65 -9.18
CA ASN A 132 0.90 -10.54 -10.20
C ASN A 132 2.28 -10.76 -9.58
N ILE A 133 2.45 -10.21 -8.39
CA ILE A 133 3.69 -10.35 -7.64
C ILE A 133 3.85 -11.80 -7.14
N LYS A 134 5.09 -12.23 -7.06
CA LYS A 134 5.42 -13.51 -6.44
C LYS A 134 6.70 -13.35 -5.66
N ASP A 135 6.57 -13.36 -4.34
CA ASP A 135 7.63 -12.98 -3.41
C ASP A 135 7.91 -11.48 -3.55
N LEU A 136 7.41 -10.71 -2.59
CA LEU A 136 7.57 -9.27 -2.63
C LEU A 136 8.99 -8.85 -2.24
N ASP A 137 9.67 -9.72 -1.53
CA ASP A 137 11.07 -9.49 -1.17
C ASP A 137 11.88 -9.17 -2.42
N GLU A 138 11.80 -10.06 -3.42
CA GLU A 138 12.41 -9.81 -4.70
C GLU A 138 11.90 -8.52 -5.32
N ALA A 139 10.58 -8.38 -5.37
CA ALA A 139 9.94 -7.23 -6.00
C ALA A 139 10.48 -5.90 -5.47
N ILE A 140 10.43 -5.72 -4.15
CA ILE A 140 10.86 -4.48 -3.53
C ILE A 140 12.36 -4.28 -3.69
N LYS A 141 13.10 -5.38 -3.67
CA LYS A 141 14.55 -5.33 -3.83
C LYS A 141 14.92 -4.82 -5.23
N LYS A 142 14.08 -5.15 -6.21
CA LYS A 142 14.26 -4.70 -7.56
C LYS A 142 13.77 -3.27 -7.74
N LEU A 143 12.90 -2.83 -6.82
CA LEU A 143 12.39 -1.46 -6.86
C LEU A 143 13.46 -0.47 -6.42
N LEU A 144 14.18 -0.83 -5.35
CA LEU A 144 15.25 0.01 -4.84
C LEU A 144 16.36 0.14 -5.87
N GLU A 145 16.69 -0.98 -6.51
CA GLU A 145 17.70 -0.99 -7.56
C GLU A 145 17.15 -0.42 -8.86
N GLY A 146 15.83 -0.30 -8.93
CA GLY A 146 15.18 0.24 -10.11
C GLY A 146 15.28 1.74 -10.16
N HIS A 147 16.51 2.24 -10.22
CA HIS A 147 16.76 3.67 -10.30
C HIS A 147 16.30 4.21 -11.66
N HIS A 148 15.09 4.75 -11.69
CA HIS A 148 14.48 5.20 -12.93
C HIS A 148 15.26 6.35 -13.56
N HIS A 149 15.82 7.22 -12.73
CA HIS A 149 16.64 8.32 -13.22
C HIS A 149 17.47 8.94 -12.07
N HIS A 150 17.64 8.17 -11.01
CA HIS A 150 18.40 8.64 -9.84
C HIS A 150 19.33 7.52 -9.38
N HIS A 151 19.77 7.60 -8.14
CA HIS A 151 20.49 6.51 -7.50
C HIS A 151 19.57 5.80 -6.51
N HIS A 152 20.10 4.83 -5.76
CA HIS A 152 19.26 4.12 -4.79
C HIS A 152 19.36 4.77 -3.40
N MET A 1 -0.25 -9.23 -21.99
CA MET A 1 1.08 -8.58 -22.16
C MET A 1 1.26 -7.51 -21.10
N SER A 2 2.51 -7.16 -20.80
CA SER A 2 2.80 -6.16 -19.80
C SER A 2 3.11 -4.83 -20.45
N LEU A 3 2.96 -3.76 -19.69
CA LEU A 3 3.18 -2.39 -20.17
C LEU A 3 2.96 -1.42 -19.02
N GLU A 4 2.08 -1.85 -18.13
CA GLU A 4 1.81 -1.15 -16.87
C GLU A 4 1.38 0.29 -17.08
N ILE A 5 0.41 0.46 -17.95
CA ILE A 5 -0.26 1.75 -18.08
C ILE A 5 -1.66 1.64 -17.49
N PRO A 6 -1.80 1.87 -16.18
CA PRO A 6 -3.09 1.82 -15.48
C PRO A 6 -4.13 2.76 -16.07
N GLU A 7 -5.37 2.53 -15.69
CA GLU A 7 -6.48 3.32 -16.20
C GLU A 7 -7.43 3.66 -15.06
N ASP A 8 -6.88 3.70 -13.86
CA ASP A 8 -7.65 3.92 -12.63
C ASP A 8 -8.19 5.35 -12.55
N LYS A 9 -8.36 5.98 -13.71
CA LYS A 9 -8.95 7.31 -13.83
C LYS A 9 -8.06 8.35 -13.17
N ILE A 10 -8.64 9.48 -12.78
CA ILE A 10 -7.88 10.63 -12.31
C ILE A 10 -7.17 11.29 -13.48
N LYS A 11 -6.18 10.61 -13.96
CA LYS A 11 -5.48 11.00 -15.18
C LYS A 11 -5.23 9.79 -16.08
N GLU A 12 -5.67 8.63 -15.59
CA GLU A 12 -5.57 7.36 -16.31
C GLU A 12 -4.15 7.09 -16.84
N ALA A 13 -3.16 7.57 -16.10
CA ALA A 13 -1.76 7.34 -16.44
C ALA A 13 -0.90 7.62 -15.22
N SER A 14 -1.46 7.42 -14.04
CA SER A 14 -0.79 7.71 -12.80
C SER A 14 -1.38 6.83 -11.71
N ILE A 15 -0.59 6.60 -10.68
CA ILE A 15 -1.01 5.86 -9.49
C ILE A 15 -2.31 6.42 -8.90
N ILE A 16 -3.07 5.56 -8.23
CA ILE A 16 -4.26 5.99 -7.51
C ILE A 16 -3.85 6.71 -6.23
N ASP A 17 -3.94 8.04 -6.22
CA ASP A 17 -3.62 8.80 -5.02
C ASP A 17 -4.76 8.69 -4.04
N ILE A 18 -4.53 7.95 -2.97
CA ILE A 18 -5.57 7.70 -1.99
C ILE A 18 -5.37 8.60 -0.78
N GLN A 19 -6.34 9.48 -0.55
CA GLN A 19 -6.27 10.39 0.59
C GLN A 19 -7.25 9.98 1.67
N LEU A 20 -6.73 9.35 2.70
CA LEU A 20 -7.54 8.93 3.84
C LEU A 20 -6.76 9.20 5.12
N LYS A 21 -7.45 9.22 6.24
CA LYS A 21 -6.80 9.45 7.52
C LYS A 21 -6.44 8.14 8.20
N ASP A 22 -5.37 8.19 8.97
CA ASP A 22 -4.94 7.02 9.74
C ASP A 22 -5.75 6.93 11.02
N LEU A 23 -5.33 6.05 11.91
CA LEU A 23 -5.97 5.89 13.20
C LEU A 23 -6.03 7.20 13.97
N LYS A 24 -4.96 7.98 13.88
CA LYS A 24 -4.85 9.23 14.62
C LYS A 24 -5.64 10.34 13.97
N GLY A 25 -5.85 10.23 12.67
CA GLY A 25 -6.58 11.25 11.95
C GLY A 25 -5.70 11.99 10.95
N ASN A 26 -4.52 11.46 10.71
CA ASN A 26 -3.61 12.04 9.75
C ASN A 26 -3.96 11.59 8.35
N THR A 27 -4.46 12.50 7.53
CA THR A 27 -4.76 12.18 6.15
C THR A 27 -3.45 11.95 5.39
N ARG A 28 -3.25 10.73 4.95
CA ARG A 28 -2.07 10.37 4.19
C ARG A 28 -2.45 10.24 2.72
N SER A 29 -1.60 10.74 1.85
CA SER A 29 -1.79 10.57 0.43
C SER A 29 -0.60 9.83 -0.14
N LEU A 30 -0.76 9.25 -1.32
CA LEU A 30 0.34 8.55 -1.94
C LEU A 30 1.26 9.54 -2.63
N THR A 31 0.70 10.68 -3.00
CA THR A 31 1.49 11.78 -3.54
C THR A 31 2.43 12.36 -2.48
N ASP A 32 2.10 12.10 -1.22
CA ASP A 32 2.94 12.50 -0.08
C ASP A 32 4.08 11.51 0.04
N LEU A 33 3.72 10.26 -0.15
CA LEU A 33 4.62 9.13 -0.02
C LEU A 33 5.52 9.01 -1.27
N LYS A 34 5.41 9.98 -2.16
CA LYS A 34 6.14 9.96 -3.42
C LYS A 34 7.61 10.26 -3.18
N GLY A 35 8.44 9.28 -3.45
CA GLY A 35 9.85 9.36 -3.13
C GLY A 35 10.36 8.03 -2.66
N LYS A 36 9.45 7.22 -2.13
CA LYS A 36 9.77 5.87 -1.71
C LYS A 36 8.97 4.86 -2.51
N VAL A 37 9.34 3.60 -2.39
CA VAL A 37 8.57 2.53 -2.99
C VAL A 37 7.44 2.18 -2.03
N VAL A 38 6.21 2.22 -2.51
CA VAL A 38 5.07 2.15 -1.60
C VAL A 38 4.29 0.87 -1.78
N LEU A 39 3.91 0.28 -0.67
CA LEU A 39 3.09 -0.91 -0.66
C LEU A 39 1.65 -0.55 -0.41
N ILE A 40 0.77 -0.85 -1.34
CA ILE A 40 -0.64 -0.58 -1.13
C ILE A 40 -1.32 -1.85 -0.65
N ASP A 41 -1.63 -1.90 0.63
CA ASP A 41 -2.26 -3.07 1.20
C ASP A 41 -3.71 -2.78 1.52
N PHE A 42 -4.58 -3.70 1.17
CA PHE A 42 -6.00 -3.56 1.48
C PHE A 42 -6.44 -4.71 2.36
N THR A 43 -6.56 -4.45 3.65
CA THR A 43 -6.81 -5.49 4.62
C THR A 43 -8.01 -5.15 5.51
N VAL A 44 -8.30 -6.04 6.46
CA VAL A 44 -9.38 -5.82 7.41
C VAL A 44 -8.93 -6.18 8.82
N TYR A 45 -8.91 -5.20 9.69
CA TYR A 45 -8.52 -5.45 11.06
C TYR A 45 -9.64 -6.09 11.85
N ASN A 46 -9.77 -7.39 11.64
CA ASN A 46 -10.69 -8.24 12.38
C ASN A 46 -10.55 -9.66 11.88
N ASN A 47 -10.29 -9.77 10.58
CA ASN A 47 -10.11 -11.03 9.90
C ASN A 47 -8.72 -11.62 10.19
N ALA A 48 -8.69 -12.91 10.54
CA ALA A 48 -7.46 -13.56 10.98
C ALA A 48 -6.41 -13.65 9.88
N MET A 49 -6.86 -13.65 8.62
CA MET A 49 -5.94 -13.73 7.48
C MET A 49 -5.02 -12.51 7.48
N SER A 50 -5.55 -11.39 7.96
CA SER A 50 -4.81 -10.14 8.00
C SER A 50 -3.67 -10.19 9.01
N ALA A 51 -3.83 -11.01 10.05
CA ALA A 51 -2.83 -11.11 11.11
C ALA A 51 -1.51 -11.64 10.55
N ALA A 52 -1.56 -12.78 9.89
CA ALA A 52 -0.37 -13.38 9.31
C ALA A 52 0.16 -12.53 8.16
N HIS A 53 -0.75 -11.91 7.43
CA HIS A 53 -0.39 -11.07 6.30
C HIS A 53 0.41 -9.85 6.76
N ASN A 54 0.03 -9.30 7.90
CA ASN A 54 0.71 -8.12 8.44
C ASN A 54 2.11 -8.46 8.96
N LEU A 55 2.34 -9.75 9.21
CA LEU A 55 3.66 -10.19 9.68
C LEU A 55 4.63 -10.23 8.50
N ALA A 56 4.14 -10.72 7.36
CA ALA A 56 4.93 -10.72 6.14
C ALA A 56 5.31 -9.29 5.75
N LEU A 57 4.36 -8.39 5.97
CA LEU A 57 4.58 -6.96 5.75
C LEU A 57 5.64 -6.44 6.70
N ARG A 58 5.57 -6.94 7.94
CA ARG A 58 6.50 -6.56 8.99
C ARG A 58 7.93 -6.93 8.63
N GLU A 59 8.06 -7.99 7.85
CA GLU A 59 9.37 -8.53 7.52
C GLU A 59 9.97 -7.65 6.46
N LEU A 60 9.16 -7.47 5.45
CA LEU A 60 9.51 -6.65 4.31
C LEU A 60 9.88 -5.24 4.73
N TYR A 61 9.30 -4.78 5.83
CA TYR A 61 9.55 -3.42 6.30
C TYR A 61 10.89 -3.35 7.02
N ASN A 62 11.13 -4.31 7.90
CA ASN A 62 12.38 -4.37 8.66
C ASN A 62 13.57 -4.55 7.71
N LYS A 63 13.28 -5.06 6.54
CA LYS A 63 14.29 -5.32 5.54
C LYS A 63 14.63 -4.07 4.71
N TYR A 64 13.63 -3.53 4.02
CA TYR A 64 13.90 -2.59 2.93
C TYR A 64 13.43 -1.16 3.22
N ALA A 65 12.75 -0.93 4.34
CA ALA A 65 12.18 0.38 4.63
C ALA A 65 13.25 1.48 4.68
N SER A 66 14.42 1.13 5.21
CA SER A 66 15.49 2.09 5.44
C SER A 66 16.12 2.58 4.13
N GLN A 67 15.71 1.99 3.01
CA GLN A 67 16.27 2.36 1.72
C GLN A 67 15.24 3.09 0.86
N GLY A 68 14.16 3.51 1.48
CA GLY A 68 13.12 4.21 0.76
C GLY A 68 11.97 3.31 0.42
N PHE A 69 11.44 2.65 1.43
CA PHE A 69 10.29 1.78 1.27
C PHE A 69 9.25 2.10 2.35
N GLU A 70 7.99 2.20 1.94
CA GLU A 70 6.93 2.54 2.87
C GLU A 70 5.70 1.68 2.61
N ILE A 71 4.99 1.32 3.66
CA ILE A 71 3.76 0.56 3.52
C ILE A 71 2.55 1.43 3.86
N TYR A 72 1.62 1.48 2.92
CA TYR A 72 0.38 2.23 3.12
C TYR A 72 -0.78 1.25 3.23
N GLN A 73 -1.22 1.03 4.47
CA GLN A 73 -2.25 0.03 4.76
C GLN A 73 -3.63 0.67 4.81
N ILE A 74 -4.60 0.03 4.17
CA ILE A 74 -6.00 0.46 4.23
C ILE A 74 -6.87 -0.64 4.82
N SER A 75 -7.39 -0.40 6.01
CA SER A 75 -8.25 -1.36 6.67
C SER A 75 -9.71 -1.11 6.32
N LEU A 76 -10.47 -2.20 6.14
CA LEU A 76 -11.91 -2.08 5.93
C LEU A 76 -12.62 -2.22 7.26
N ASP A 77 -11.82 -2.14 8.34
CA ASP A 77 -12.28 -2.21 9.73
C ASP A 77 -13.29 -3.33 9.97
N GLY A 78 -14.54 -2.99 10.25
CA GLY A 78 -15.51 -3.97 10.69
C GLY A 78 -15.54 -4.04 12.20
N ASP A 79 -14.41 -3.75 12.81
CA ASP A 79 -14.27 -3.69 14.25
C ASP A 79 -13.34 -2.56 14.63
N GLU A 80 -13.87 -1.61 15.39
CA GLU A 80 -13.12 -0.41 15.76
C GLU A 80 -12.05 -0.75 16.80
N HIS A 81 -12.34 -1.77 17.61
CA HIS A 81 -11.48 -2.13 18.72
C HIS A 81 -10.14 -2.68 18.25
N PHE A 82 -10.19 -3.74 17.43
CA PHE A 82 -8.98 -4.43 17.00
C PHE A 82 -8.12 -3.53 16.10
N TRP A 83 -8.76 -2.74 15.25
CA TRP A 83 -8.04 -1.82 14.38
C TRP A 83 -7.27 -0.80 15.22
N LYS A 84 -7.97 -0.20 16.18
CA LYS A 84 -7.41 0.87 16.98
C LYS A 84 -6.14 0.44 17.70
N THR A 85 -6.23 -0.65 18.45
CA THR A 85 -5.13 -1.11 19.28
C THR A 85 -3.94 -1.57 18.45
N SER A 86 -4.21 -2.15 17.29
CA SER A 86 -3.15 -2.68 16.45
C SER A 86 -2.52 -1.59 15.59
N ALA A 87 -3.32 -0.61 15.18
CA ALA A 87 -2.87 0.40 14.22
C ALA A 87 -1.94 1.43 14.85
N ASP A 88 -2.18 1.78 16.11
CA ASP A 88 -1.38 2.82 16.76
C ASP A 88 0.04 2.34 17.02
N ASN A 89 0.18 1.03 17.21
CA ASN A 89 1.47 0.44 17.52
C ASN A 89 2.17 -0.03 16.24
N LEU A 90 1.71 0.45 15.10
CA LEU A 90 2.28 0.06 13.82
C LEU A 90 3.43 0.94 13.41
N PRO A 91 4.40 0.35 12.68
CA PRO A 91 5.58 1.05 12.14
C PRO A 91 5.25 1.91 10.91
N TRP A 92 4.37 1.40 10.06
CA TRP A 92 4.04 2.06 8.80
C TRP A 92 2.67 2.74 8.89
N VAL A 93 2.16 3.18 7.74
CA VAL A 93 0.91 3.92 7.70
C VAL A 93 -0.28 2.98 7.76
N CYS A 94 -1.17 3.21 8.72
CA CYS A 94 -2.36 2.39 8.87
C CYS A 94 -3.60 3.26 8.77
N VAL A 95 -4.31 3.12 7.68
CA VAL A 95 -5.43 3.99 7.34
C VAL A 95 -6.73 3.19 7.34
N ARG A 96 -7.85 3.89 7.43
CA ARG A 96 -9.15 3.23 7.31
C ARG A 96 -10.03 3.91 6.26
N ASP A 97 -10.71 3.11 5.45
CA ASP A 97 -11.68 3.61 4.50
C ASP A 97 -13.04 3.69 5.18
N ALA A 98 -13.84 4.69 4.81
CA ALA A 98 -15.13 4.91 5.45
C ALA A 98 -16.17 3.93 4.93
N ASN A 99 -15.96 3.45 3.73
CA ASN A 99 -16.91 2.57 3.07
C ASN A 99 -16.23 1.26 2.68
N GLY A 100 -15.26 0.84 3.51
CA GLY A 100 -14.42 -0.31 3.19
C GLY A 100 -15.18 -1.60 2.97
N ALA A 101 -15.69 -1.75 1.76
CA ALA A 101 -16.45 -2.92 1.31
C ALA A 101 -17.12 -2.59 0.00
N TYR A 102 -17.50 -1.32 -0.15
CA TYR A 102 -18.17 -0.84 -1.36
C TYR A 102 -17.50 0.43 -1.85
N SER A 103 -16.34 0.74 -1.29
CA SER A 103 -15.63 1.96 -1.63
C SER A 103 -15.22 1.95 -3.10
N SER A 104 -15.41 3.08 -3.76
CA SER A 104 -15.15 3.22 -5.19
C SER A 104 -13.72 2.82 -5.52
N TYR A 105 -12.79 3.16 -4.62
CA TYR A 105 -11.40 2.77 -4.78
C TYR A 105 -11.27 1.26 -4.91
N ILE A 106 -11.79 0.57 -3.90
CA ILE A 106 -11.68 -0.88 -3.82
C ILE A 106 -12.31 -1.55 -5.04
N SER A 107 -13.36 -0.94 -5.58
CA SER A 107 -14.03 -1.46 -6.75
C SER A 107 -13.18 -1.29 -8.01
N LEU A 108 -12.38 -0.24 -8.06
CA LEU A 108 -11.53 0.04 -9.21
C LEU A 108 -10.48 -1.05 -9.38
N TYR A 109 -9.99 -1.58 -8.26
CA TYR A 109 -8.99 -2.63 -8.30
C TYR A 109 -9.60 -3.98 -8.65
N ASN A 110 -10.93 -4.00 -8.77
CA ASN A 110 -11.69 -5.23 -8.98
C ASN A 110 -11.40 -6.21 -7.86
N VAL A 111 -11.80 -5.85 -6.67
CA VAL A 111 -11.59 -6.69 -5.50
C VAL A 111 -12.52 -7.90 -5.51
N THR A 112 -11.93 -9.08 -5.46
CA THR A 112 -12.68 -10.31 -5.31
C THR A 112 -12.16 -11.10 -4.12
N ASN A 113 -11.14 -10.54 -3.46
CA ASN A 113 -10.50 -11.18 -2.33
C ASN A 113 -9.55 -10.21 -1.64
N LEU A 114 -9.81 -9.94 -0.37
CA LEU A 114 -8.88 -9.18 0.46
C LEU A 114 -8.57 -10.00 1.71
N PRO A 115 -7.43 -9.74 2.38
CA PRO A 115 -6.48 -8.68 2.00
C PRO A 115 -5.73 -8.96 0.69
N SER A 116 -5.38 -7.87 0.01
CA SER A 116 -4.57 -7.92 -1.19
C SER A 116 -3.52 -6.83 -1.13
N VAL A 117 -2.51 -6.92 -1.97
CA VAL A 117 -1.42 -5.97 -1.95
C VAL A 117 -1.09 -5.50 -3.36
N PHE A 118 -0.57 -4.29 -3.46
CA PHE A 118 -0.17 -3.70 -4.71
C PHE A 118 1.21 -3.08 -4.56
N LEU A 119 1.96 -3.00 -5.65
CA LEU A 119 3.31 -2.46 -5.61
C LEU A 119 3.37 -1.16 -6.36
N VAL A 120 4.15 -0.20 -5.86
CA VAL A 120 4.47 0.99 -6.61
C VAL A 120 5.95 1.30 -6.48
N ASN A 121 6.54 1.86 -7.52
CA ASN A 121 7.96 2.16 -7.51
C ASN A 121 8.19 3.49 -6.84
N ARG A 122 9.47 3.84 -6.60
CA ARG A 122 9.81 4.98 -5.75
C ARG A 122 9.38 6.32 -6.32
N ASN A 123 8.96 6.33 -7.58
CA ASN A 123 8.38 7.53 -8.16
C ASN A 123 6.91 7.62 -7.74
N ASN A 124 6.53 6.70 -6.85
CA ASN A 124 5.17 6.51 -6.41
C ASN A 124 4.25 6.26 -7.58
N GLU A 125 4.61 5.27 -8.38
CA GLU A 125 3.77 4.90 -9.51
C GLU A 125 3.54 3.40 -9.51
N LEU A 126 2.35 2.99 -9.91
CA LEU A 126 1.93 1.60 -9.80
C LEU A 126 2.90 0.67 -10.52
N SER A 127 3.51 -0.22 -9.77
CA SER A 127 4.47 -1.17 -10.29
C SER A 127 3.80 -2.45 -10.77
N ALA A 128 2.98 -3.04 -9.90
CA ALA A 128 2.34 -4.30 -10.20
C ALA A 128 1.27 -4.63 -9.16
N ARG A 129 0.50 -5.67 -9.44
CA ARG A 129 -0.51 -6.15 -8.52
C ARG A 129 0.04 -7.35 -7.75
N GLY A 130 -0.60 -7.71 -6.64
CA GLY A 130 -0.11 -8.78 -5.76
C GLY A 130 0.40 -10.03 -6.48
N GLU A 131 -0.33 -10.48 -7.50
CA GLU A 131 0.03 -11.69 -8.22
C GLU A 131 1.17 -11.43 -9.21
N ASN A 132 1.09 -10.29 -9.89
CA ASN A 132 2.12 -9.87 -10.84
C ASN A 132 3.45 -9.64 -10.16
N ILE A 133 3.39 -9.28 -8.88
CA ILE A 133 4.59 -9.06 -8.07
C ILE A 133 5.32 -10.38 -7.84
N LYS A 134 4.55 -11.47 -7.73
CA LYS A 134 5.08 -12.82 -7.48
C LYS A 134 5.58 -12.93 -6.05
N ASP A 135 6.48 -12.03 -5.69
CA ASP A 135 7.06 -11.96 -4.36
C ASP A 135 7.50 -10.54 -4.10
N LEU A 136 7.02 -9.95 -3.02
CA LEU A 136 7.28 -8.54 -2.75
C LEU A 136 8.76 -8.31 -2.46
N ASP A 137 9.35 -9.20 -1.67
CA ASP A 137 10.77 -9.08 -1.32
C ASP A 137 11.62 -8.93 -2.57
N GLU A 138 11.40 -9.84 -3.51
CA GLU A 138 12.02 -9.81 -4.82
C GLU A 138 11.90 -8.44 -5.50
N ALA A 139 10.67 -7.94 -5.54
CA ALA A 139 10.39 -6.72 -6.28
C ALA A 139 10.96 -5.49 -5.59
N ILE A 140 10.76 -5.37 -4.28
CA ILE A 140 11.29 -4.23 -3.52
C ILE A 140 12.81 -4.18 -3.65
N LYS A 141 13.42 -5.36 -3.68
CA LYS A 141 14.86 -5.47 -3.79
C LYS A 141 15.35 -4.81 -5.08
N LYS A 142 14.71 -5.14 -6.20
CA LYS A 142 15.09 -4.60 -7.50
C LYS A 142 14.64 -3.14 -7.66
N LEU A 143 13.63 -2.74 -6.90
CA LEU A 143 13.17 -1.35 -6.90
C LEU A 143 14.21 -0.44 -6.27
N LEU A 144 14.81 -0.93 -5.19
CA LEU A 144 15.84 -0.19 -4.47
C LEU A 144 17.20 -0.33 -5.14
N GLU A 145 17.63 -1.58 -5.31
CA GLU A 145 18.94 -1.87 -5.85
C GLU A 145 19.00 -1.69 -7.37
N GLY A 146 17.89 -1.28 -7.95
CA GLY A 146 17.88 -0.92 -9.35
C GLY A 146 18.73 0.31 -9.60
N HIS A 147 18.57 1.32 -8.75
CA HIS A 147 19.40 2.54 -8.75
C HIS A 147 19.30 3.36 -10.05
N HIS A 148 18.50 2.88 -10.99
CA HIS A 148 18.15 3.62 -12.22
C HIS A 148 19.35 3.78 -13.17
N HIS A 149 20.29 4.66 -12.83
CA HIS A 149 21.40 4.98 -13.73
C HIS A 149 22.70 4.33 -13.24
N HIS A 150 22.57 3.54 -12.19
CA HIS A 150 23.67 2.73 -11.68
C HIS A 150 23.09 1.44 -11.15
N HIS A 151 23.91 0.52 -10.70
CA HIS A 151 23.42 -0.74 -10.16
C HIS A 151 24.14 -1.09 -8.87
N HIS A 152 23.73 -2.19 -8.26
CA HIS A 152 24.40 -2.69 -7.07
C HIS A 152 25.41 -3.75 -7.48
#